data_7ORC
#
_entry.id   7ORC
#
_cell.length_a   149.033
_cell.length_b   149.033
_cell.length_c   268.734
_cell.angle_alpha   90.000
_cell.angle_beta   90.000
_cell.angle_gamma   90.000
#
_symmetry.space_group_name_H-M   'P 43 21 2'
#
loop_
_entity.id
_entity.type
_entity.pdbx_description
1 polymer 'Aldehyde oxidase'
2 non-polymer 'FE2/S2 (INORGANIC) CLUSTER'
3 non-polymer 'PHOSPHONIC ACIDMONO-(2-AMINO-5,6-DIMERCAPTO-4-OXO-3,7,8A,9,10,10A-HEXAHYDRO-4H-8-OXA-1,3,9,10-TETRAAZA-ANTHRACEN-7-YLMETHYL)ESTER'
4 non-polymer 'DIOXOTHIOMOLYBDENUM(VI) ION'
5 non-polymer 'FLAVIN-ADENINE DINUCLEOTIDE'
6 non-polymer 'MALONATE ION'
7 non-polymer RALOXIFENE
8 water water
#
_entity_poly.entity_id   1
_entity_poly.type   'polypeptide(L)'
_entity_poly.pdbx_seq_one_letter_code
;MDRASELLFYVNGRKVIEKNVDPETMLLPYLRKKLRLTGTKYGCGGGGCGACTVMISRYNPITKRIRHHPANACLIPICS
LYGAAVTTVEGIGSTHTRIHPVQERIAKCHGTQCGFCTPGMVMSIYTLLRNHPEPTLDQLTDALGGNLCRCTGYRPIIDA
CKTFCKTSGCCQSKENGVCCLDQGINGLPEFEEGSKTSPKLFAEEEFLPLDPTQELIFPPELMIMAEKQSQRTRVFGSER
MMWFSPVTLKELLEFKFKYPQAPVIMGNTSVGPEVKFKGVFHPVIISPDRIEELSVVNHAYNGLTLGAGLSLAQVKDILA
DVVQKLPEEKTQMYHALLKHLGTLAGSQIRNMASLGGHIISRHPDSDLNPILAVGNCTLNLLSKEGKRQIPLNEQFLSKC
PNADLKPQEILVSVNIPYSRKWEFVSAFRQAQRQENALAIVNSGMRVFFGEGDGIIRELCISYGGVGPATICAKNSCQKL
IGRHWNEQMLDIACRLILNEVSLLGSAPGGKVEFKRTLIISFLFKFYLEVSQILKKMDPVHYPSLADKYESALEDLHSKH
HCSTLKYQNIGPKQHPEDPIGHPIMHLSGVKHATGEAIYCDDMPLVDQELFLTFVTSSRAHAKIVSIDLSEALSMPGVVD
IMTAEHLSDVNSFCFFTEAEKFLATDKVFCVGQLVCAVLADSEVQAKRAAKRVKIVYQDLEPLILTIEESIQHNSSFKPE
RKLEYGNVDEAFKVVDQILEGEIHMGGQEHFYMETQSMLVVPKGEDQEMDVYVSTQFPKYIQDIVASTLKLPANKVMCHV
RRVGGAFGGKVLKTGIIAAVTAFAANKHGRAVRCVLERGEDMLITGGRHPYLGKYKAGFMNDGRILALDMEHYSNAGASL
DESLFVIEMGLLKMDNAYKFPNLRCRGWACRTNLPSNTAFRGFGFPQAALITESCITEVAAKCGLSPEKVRIINMYKEID
QTPYKQEINAKNLIQCWRECMAMSSYSLRKVAVEKFNAENYWKKKGLAMVPLKFPVGLGSRAAGQAAALVHIYLDGSVLV
THGGIEMGQGVHTKMIQVVSRELRMPMSNVHLRGTSTETVPNANISGGSVVADLNGLAVKDACQTLLKRLEPIISKNPKG
TWKDWAQTAFDESINLSAVGYFRGYESDMNWEKGEGQPFEYFVYGAACSEVEIDCLTGDHKNIRTDIVMDVGCSINPAID
IGQIEGAFIQGMGLYTIEELNYSPQGILHTRGPDQYKIPAICDMPTELHIALLPPSQNSNTLYSSKGLGESGVFLGCSVF
FAIHDAVSAARQERGLHGPLTLNSPLTPEKIRMACEDKFTKMIPRDEPGSYVPWNVPI
;
_entity_poly.pdbx_strand_id   A,B
#
loop_
_chem_comp.id
_chem_comp.type
_chem_comp.name
_chem_comp.formula
FAD non-polymer 'FLAVIN-ADENINE DINUCLEOTIDE' 'C27 H33 N9 O15 P2'
FES non-polymer 'FE2/S2 (INORGANIC) CLUSTER' 'Fe2 S2'
MLI non-polymer 'MALONATE ION' 'C3 H2 O4 -2'
MOS non-polymer 'DIOXOTHIOMOLYBDENUM(VI) ION' 'H Mo O2 S'
MTE non-polymer 'PHOSPHONIC ACIDMONO-(2-AMINO-5,6-DIMERCAPTO-4-OXO-3,7,8A,9,10,10A-HEXAHYDRO-4H-8-OXA-1,3,9,10-TETRAAZA-ANTHRACEN-7-YLMETHYL)ESTER' 'C10 H14 N5 O6 P S2'
RAL non-polymer RALOXIFENE 'C28 H27 N O4 S'
#
# COMPACT_ATOMS: atom_id res chain seq x y z
N ALA A 4 -26.35 -16.21 22.37
CA ALA A 4 -27.57 -16.13 21.56
C ALA A 4 -27.83 -14.69 21.12
N SER A 5 -27.60 -13.75 22.02
CA SER A 5 -27.93 -12.36 21.76
C SER A 5 -26.99 -11.75 20.71
N GLU A 6 -27.46 -10.68 20.08
CA GLU A 6 -26.66 -9.87 19.18
C GLU A 6 -26.35 -8.53 19.82
N LEU A 7 -25.23 -7.94 19.44
CA LEU A 7 -24.82 -6.64 19.96
C LEU A 7 -25.19 -5.57 18.95
N LEU A 8 -26.08 -4.66 19.36
CA LEU A 8 -26.56 -3.58 18.50
C LEU A 8 -26.25 -2.25 19.17
N PHE A 9 -25.49 -1.41 18.48
CA PHE A 9 -25.25 -0.04 18.93
C PHE A 9 -24.89 0.80 17.72
N TYR A 10 -24.85 2.11 17.93
CA TYR A 10 -24.60 3.07 16.86
C TYR A 10 -23.27 3.76 17.06
N VAL A 11 -22.56 4.00 15.96
CA VAL A 11 -21.32 4.78 15.95
C VAL A 11 -21.45 5.83 14.86
N ASN A 12 -21.38 7.10 15.25
CA ASN A 12 -21.45 8.23 14.31
C ASN A 12 -22.71 8.19 13.47
N GLY A 13 -23.82 7.77 14.09
CA GLY A 13 -25.11 7.76 13.44
C GLY A 13 -25.43 6.49 12.66
N ARG A 14 -24.44 5.62 12.42
CA ARG A 14 -24.65 4.40 11.66
C ARG A 14 -24.81 3.22 12.61
N LYS A 15 -25.68 2.29 12.23
CA LYS A 15 -25.97 1.12 13.05
C LYS A 15 -24.84 0.10 12.96
N VAL A 16 -24.53 -0.54 14.08
CA VAL A 16 -23.52 -1.58 14.16
C VAL A 16 -24.16 -2.82 14.78
N ILE A 17 -24.14 -3.93 14.05
CA ILE A 17 -24.63 -5.21 14.55
C ILE A 17 -23.47 -6.20 14.52
N GLU A 18 -23.24 -6.85 15.66
CA GLU A 18 -22.22 -7.89 15.78
C GLU A 18 -22.88 -9.15 16.32
N LYS A 19 -22.74 -10.26 15.59
CA LYS A 19 -23.27 -11.55 16.00
C LYS A 19 -22.14 -12.43 16.49
N ASN A 20 -22.38 -13.15 17.59
CA ASN A 20 -21.37 -13.96 18.25
C ASN A 20 -20.16 -13.12 18.63
N VAL A 21 -20.42 -12.08 19.42
CA VAL A 21 -19.38 -11.12 19.78
C VAL A 21 -18.41 -11.74 20.76
N ASP A 22 -17.15 -11.34 20.66
CA ASP A 22 -16.16 -11.65 21.69
C ASP A 22 -16.32 -10.63 22.80
N PRO A 23 -16.78 -11.04 24.00
CA PRO A 23 -17.02 -10.06 25.06
C PRO A 23 -15.79 -9.29 25.50
N GLU A 24 -14.59 -9.80 25.24
CA GLU A 24 -13.36 -9.11 25.59
C GLU A 24 -13.03 -7.98 24.64
N THR A 25 -13.81 -7.77 23.58
CA THR A 25 -13.51 -6.72 22.62
C THR A 25 -13.73 -5.35 23.24
N MET A 26 -12.76 -4.47 23.05
CA MET A 26 -12.80 -3.11 23.58
C MET A 26 -13.11 -2.12 22.47
N LEU A 27 -13.63 -0.96 22.86
CA LEU A 27 -14.13 0.01 21.89
C LEU A 27 -13.00 0.62 21.08
N LEU A 28 -11.87 0.94 21.71
CA LEU A 28 -10.78 1.59 20.99
C LEU A 28 -10.21 0.74 19.87
N PRO A 29 -9.82 -0.53 20.08
CA PRO A 29 -9.38 -1.33 18.93
C PRO A 29 -10.51 -1.64 17.97
N TYR A 30 -11.75 -1.69 18.44
CA TYR A 30 -12.88 -1.95 17.54
C TYR A 30 -13.08 -0.80 16.56
N LEU A 31 -13.06 0.44 17.06
CA LEU A 31 -13.23 1.59 16.19
C LEU A 31 -12.14 1.66 15.13
N ARG A 32 -10.89 1.40 15.53
CA ARG A 32 -9.76 1.62 14.64
C ARG A 32 -9.61 0.50 13.60
N LYS A 33 -9.79 -0.75 14.02
CA LYS A 33 -9.50 -1.89 13.17
C LYS A 33 -10.73 -2.52 12.54
N LYS A 34 -11.86 -2.53 13.24
CA LYS A 34 -13.08 -3.10 12.66
C LYS A 34 -13.85 -2.08 11.84
N LEU A 35 -14.11 -0.90 12.41
CA LEU A 35 -14.86 0.15 11.73
C LEU A 35 -13.97 1.08 10.92
N ARG A 36 -12.65 0.96 11.04
CA ARG A 36 -11.70 1.77 10.26
C ARG A 36 -11.86 3.26 10.56
N LEU A 37 -12.11 3.58 11.84
CA LEU A 37 -12.22 4.96 12.30
C LEU A 37 -11.03 5.24 13.21
N THR A 38 -9.91 5.61 12.59
CA THR A 38 -8.63 5.76 13.29
C THR A 38 -8.44 7.14 13.89
N GLY A 39 -9.48 7.98 13.93
CA GLY A 39 -9.37 9.25 14.60
C GLY A 39 -9.14 9.11 16.09
N THR A 40 -9.80 8.14 16.70
CA THR A 40 -9.58 7.84 18.12
C THR A 40 -8.23 7.17 18.29
N LYS A 41 -7.41 7.70 19.20
CA LYS A 41 -6.02 7.30 19.32
C LYS A 41 -5.79 6.49 20.59
N TYR A 42 -4.64 5.81 20.63
CA TYR A 42 -4.14 5.16 21.82
C TYR A 42 -3.02 5.99 22.42
N GLY A 43 -3.12 6.27 23.71
CA GLY A 43 -2.12 7.08 24.38
C GLY A 43 -1.44 6.37 25.54
N CYS A 44 -2.23 5.64 26.33
CA CYS A 44 -1.70 4.94 27.49
C CYS A 44 -2.56 3.74 27.87
N GLY A 45 -3.84 3.80 27.51
CA GLY A 45 -4.74 2.69 27.81
C GLY A 45 -5.08 2.52 29.27
N GLY A 46 -4.98 3.58 30.06
CA GLY A 46 -5.29 3.49 31.48
C GLY A 46 -6.31 4.52 31.92
N GLY A 47 -6.81 5.32 30.99
CA GLY A 47 -7.79 6.33 31.27
C GLY A 47 -7.23 7.67 31.73
N GLY A 48 -5.94 7.91 31.55
CA GLY A 48 -5.32 9.10 32.09
C GLY A 48 -5.01 10.19 31.07
N CYS A 49 -4.75 9.82 29.83
CA CYS A 49 -4.32 10.80 28.83
C CYS A 49 -5.47 11.42 28.07
N GLY A 50 -6.53 10.67 27.81
CA GLY A 50 -7.70 11.22 27.14
C GLY A 50 -7.61 11.28 25.63
N ALA A 51 -6.61 10.65 25.02
CA ALA A 51 -6.51 10.65 23.56
C ALA A 51 -7.60 9.79 22.92
N CYS A 52 -8.22 8.90 23.69
CA CYS A 52 -9.29 8.04 23.20
C CYS A 52 -10.68 8.55 23.59
N THR A 53 -10.82 9.86 23.82
CA THR A 53 -12.08 10.40 24.30
C THR A 53 -13.15 10.32 23.21
N VAL A 54 -14.28 9.70 23.57
CA VAL A 54 -15.45 9.64 22.70
C VAL A 54 -16.65 10.07 23.53
N MET A 55 -17.79 10.21 22.85
CA MET A 55 -19.04 10.59 23.48
C MET A 55 -20.00 9.42 23.48
N ILE A 56 -20.64 9.17 24.62
CA ILE A 56 -21.63 8.12 24.76
C ILE A 56 -22.99 8.78 24.97
N SER A 57 -23.98 8.34 24.21
CA SER A 57 -25.34 8.87 24.29
C SER A 57 -26.30 7.74 24.63
N ARG A 58 -27.20 8.00 25.58
CA ARG A 58 -28.23 7.05 25.96
C ARG A 58 -29.54 7.79 26.15
N TYR A 59 -30.64 7.09 25.89
CA TYR A 59 -31.98 7.64 26.04
C TYR A 59 -32.66 6.97 27.23
N ASN A 60 -33.01 7.78 28.24
CA ASN A 60 -33.70 7.29 29.41
C ASN A 60 -35.20 7.29 29.12
N PRO A 61 -35.84 6.12 28.98
CA PRO A 61 -37.27 6.12 28.65
C PRO A 61 -38.16 6.59 29.80
N ILE A 62 -37.65 6.59 31.04
CA ILE A 62 -38.45 7.05 32.17
C ILE A 62 -38.51 8.58 32.19
N THR A 63 -37.36 9.23 32.04
CA THR A 63 -37.30 10.69 32.01
C THR A 63 -37.39 11.25 30.59
N LYS A 64 -37.55 10.40 29.59
CA LYS A 64 -37.63 10.77 28.17
C LYS A 64 -36.64 11.87 27.81
N ARG A 65 -35.40 11.69 28.28
CA ARG A 65 -34.33 12.65 28.03
C ARG A 65 -33.09 11.93 27.52
N ILE A 66 -32.38 12.58 26.61
CA ILE A 66 -31.14 12.05 26.06
C ILE A 66 -29.97 12.59 26.87
N ARG A 67 -29.10 11.70 27.32
CA ARG A 67 -27.94 12.06 28.13
C ARG A 67 -26.67 11.86 27.33
N HIS A 68 -25.82 12.88 27.30
CA HIS A 68 -24.52 12.82 26.66
C HIS A 68 -23.44 12.96 27.73
N HIS A 69 -22.42 12.11 27.65
CA HIS A 69 -21.32 12.15 28.61
C HIS A 69 -20.06 11.61 27.94
N PRO A 70 -18.89 12.15 28.28
CA PRO A 70 -17.65 11.67 27.67
C PRO A 70 -17.16 10.39 28.35
N ALA A 71 -16.30 9.68 27.64
CA ALA A 71 -15.75 8.43 28.14
C ALA A 71 -14.46 8.10 27.38
N ASN A 72 -13.61 7.31 28.03
CA ASN A 72 -12.36 6.85 27.42
C ASN A 72 -12.62 5.51 26.75
N ALA A 73 -12.44 5.47 25.42
CA ALA A 73 -12.77 4.28 24.65
C ALA A 73 -11.88 3.08 24.98
N CYS A 74 -10.68 3.33 25.52
CA CYS A 74 -9.76 2.23 25.80
C CYS A 74 -10.22 1.35 26.95
N LEU A 75 -11.17 1.82 27.76
CA LEU A 75 -11.66 1.08 28.92
C LEU A 75 -13.09 0.60 28.75
N ILE A 76 -13.69 0.79 27.57
CA ILE A 76 -15.09 0.48 27.33
C ILE A 76 -15.16 -0.88 26.61
N PRO A 77 -15.71 -1.92 27.23
CA PRO A 77 -16.05 -3.13 26.46
C PRO A 77 -17.30 -2.87 25.64
N ILE A 78 -17.25 -3.27 24.36
CA ILE A 78 -18.34 -2.95 23.44
C ILE A 78 -19.64 -3.65 23.84
N CYS A 79 -19.57 -4.72 24.64
CA CYS A 79 -20.79 -5.39 25.07
C CYS A 79 -21.62 -4.53 26.02
N SER A 80 -21.03 -3.50 26.61
CA SER A 80 -21.74 -2.58 27.49
C SER A 80 -22.35 -1.40 26.75
N LEU A 81 -22.35 -1.42 25.41
CA LEU A 81 -22.85 -0.33 24.61
C LEU A 81 -24.19 -0.63 23.95
N TYR A 82 -24.83 -1.74 24.31
CA TYR A 82 -26.09 -2.13 23.68
C TYR A 82 -27.13 -1.02 23.82
N GLY A 83 -27.69 -0.60 22.69
CA GLY A 83 -28.69 0.43 22.70
C GLY A 83 -28.18 1.84 22.91
N ALA A 84 -26.88 2.05 22.81
CA ALA A 84 -26.27 3.35 22.99
C ALA A 84 -25.67 3.85 21.68
N ALA A 85 -25.22 5.10 21.70
CA ALA A 85 -24.69 5.76 20.51
C ALA A 85 -23.33 6.35 20.84
N VAL A 86 -22.30 5.93 20.10
CA VAL A 86 -20.95 6.44 20.24
C VAL A 86 -20.72 7.52 19.19
N THR A 87 -19.96 8.54 19.55
CA THR A 87 -19.58 9.60 18.63
C THR A 87 -18.07 9.82 18.72
N THR A 88 -17.39 9.73 17.59
CA THR A 88 -15.96 9.97 17.51
C THR A 88 -15.71 11.32 16.84
N VAL A 89 -14.43 11.60 16.58
CA VAL A 89 -14.06 12.83 15.89
C VAL A 89 -14.69 12.87 14.50
N GLU A 90 -14.63 11.74 13.79
CA GLU A 90 -15.16 11.67 12.43
C GLU A 90 -16.66 11.90 12.39
N GLY A 91 -17.36 11.69 13.52
CA GLY A 91 -18.80 11.82 13.51
C GLY A 91 -19.29 13.26 13.48
N ILE A 92 -18.52 14.18 14.07
CA ILE A 92 -18.99 15.56 14.19
C ILE A 92 -18.57 16.44 13.02
N GLY A 93 -17.63 15.98 12.19
CA GLY A 93 -17.20 16.79 11.06
C GLY A 93 -16.05 16.16 10.33
N SER A 94 -15.84 16.62 9.10
CA SER A 94 -14.77 16.15 8.24
C SER A 94 -14.54 17.16 7.14
N THR A 95 -13.42 17.00 6.44
CA THR A 95 -13.09 17.90 5.33
C THR A 95 -13.88 17.58 4.07
N HIS A 96 -14.47 16.39 3.97
CA HIS A 96 -15.29 16.02 2.83
C HIS A 96 -16.78 16.10 3.13
N THR A 97 -17.16 16.68 4.27
CA THR A 97 -18.55 16.94 4.59
C THR A 97 -18.72 18.37 5.07
N ARG A 98 -18.46 18.60 6.35
CA ARG A 98 -18.56 19.93 6.95
C ARG A 98 -17.73 19.96 8.22
N ILE A 99 -16.94 21.01 8.39
CA ILE A 99 -16.09 21.14 9.57
C ILE A 99 -16.94 21.65 10.73
N HIS A 100 -16.87 20.96 11.86
CA HIS A 100 -17.55 21.43 13.06
C HIS A 100 -16.77 22.61 13.65
N PRO A 101 -17.48 23.58 14.25
CA PRO A 101 -16.79 24.72 14.87
C PRO A 101 -15.69 24.32 15.85
N VAL A 102 -15.89 23.26 16.62
CA VAL A 102 -14.86 22.81 17.55
C VAL A 102 -13.60 22.41 16.77
N GLN A 103 -13.77 21.70 15.66
CA GLN A 103 -12.63 21.29 14.86
C GLN A 103 -11.95 22.49 14.21
N GLU A 104 -12.76 23.44 13.70
CA GLU A 104 -12.20 24.59 13.02
C GLU A 104 -11.39 25.46 13.96
N ARG A 105 -11.89 25.70 15.18
CA ARG A 105 -11.26 26.68 16.06
C ARG A 105 -10.02 26.12 16.74
N ILE A 106 -10.05 24.87 17.19
CA ILE A 106 -8.85 24.30 17.82
C ILE A 106 -7.71 24.21 16.82
N ALA A 107 -8.02 24.12 15.53
CA ALA A 107 -6.98 24.13 14.51
C ALA A 107 -6.55 25.55 14.19
N LYS A 108 -7.50 26.45 13.98
CA LYS A 108 -7.16 27.81 13.54
C LYS A 108 -6.54 28.62 14.67
N CYS A 109 -6.83 28.27 15.93
CA CYS A 109 -6.17 28.91 17.07
C CYS A 109 -4.80 28.32 17.36
N HIS A 110 -4.31 27.42 16.49
CA HIS A 110 -3.01 26.76 16.65
C HIS A 110 -2.96 25.91 17.92
N GLY A 111 -4.10 25.28 18.24
CA GLY A 111 -4.16 24.34 19.33
C GLY A 111 -3.67 22.95 19.01
N THR A 112 -3.10 22.76 17.82
CA THR A 112 -2.54 21.49 17.40
C THR A 112 -1.10 21.71 16.94
N GLN A 113 -0.23 20.76 17.28
CA GLN A 113 1.14 20.76 16.75
C GLN A 113 1.41 19.42 16.09
N CYS A 114 1.66 18.39 16.89
CA CYS A 114 1.72 17.04 16.33
C CYS A 114 0.33 16.50 16.03
N GLY A 115 -0.68 16.97 16.75
CA GLY A 115 -2.06 16.65 16.46
C GLY A 115 -2.56 15.32 16.97
N PHE A 116 -1.73 14.57 17.70
CA PHE A 116 -2.17 13.26 18.16
C PHE A 116 -3.22 13.36 19.26
N CYS A 117 -3.12 14.37 20.12
CA CYS A 117 -4.08 14.57 21.20
C CYS A 117 -5.29 15.38 20.77
N THR A 118 -5.29 15.93 19.55
CA THR A 118 -6.40 16.78 19.13
C THR A 118 -7.74 16.06 19.06
N PRO A 119 -7.85 14.83 18.52
CA PRO A 119 -9.16 14.15 18.55
C PRO A 119 -9.75 14.03 19.94
N GLY A 120 -8.92 13.74 20.95
CA GLY A 120 -9.43 13.68 22.32
C GLY A 120 -9.83 15.06 22.83
N MET A 121 -9.06 16.09 22.46
CA MET A 121 -9.42 17.45 22.85
C MET A 121 -10.74 17.86 22.22
N VAL A 122 -10.94 17.51 20.95
CA VAL A 122 -12.16 17.89 20.24
C VAL A 122 -13.38 17.26 20.88
N MET A 123 -13.31 15.97 21.19
CA MET A 123 -14.46 15.27 21.72
C MET A 123 -14.79 15.71 23.14
N SER A 124 -13.77 16.07 23.93
CA SER A 124 -14.04 16.59 25.27
C SER A 124 -14.73 17.94 25.20
N ILE A 125 -14.29 18.81 24.29
CA ILE A 125 -14.94 20.10 24.12
C ILE A 125 -16.33 19.93 23.51
N TYR A 126 -16.43 19.07 22.49
CA TYR A 126 -17.72 18.88 21.82
C TYR A 126 -18.76 18.30 22.77
N THR A 127 -18.36 17.35 23.61
CA THR A 127 -19.31 16.75 24.54
C THR A 127 -19.83 17.76 25.55
N LEU A 128 -18.97 18.68 25.99
CA LEU A 128 -19.42 19.71 26.92
C LEU A 128 -20.39 20.68 26.25
N LEU A 129 -20.10 21.06 25.01
CA LEU A 129 -20.95 22.02 24.30
C LEU A 129 -22.35 21.45 24.06
N ARG A 130 -22.46 20.12 23.95
CA ARG A 130 -23.77 19.51 23.78
C ARG A 130 -24.59 19.60 25.07
N ASN A 131 -23.94 19.43 26.22
CA ASN A 131 -24.63 19.61 27.49
C ASN A 131 -24.77 21.07 27.87
N HIS A 132 -23.79 21.90 27.52
CA HIS A 132 -23.79 23.33 27.86
C HIS A 132 -23.43 24.12 26.62
N PRO A 133 -24.42 24.53 25.82
CA PRO A 133 -24.11 25.30 24.60
C PRO A 133 -23.62 26.71 24.88
N GLU A 134 -23.95 27.29 26.02
CA GLU A 134 -23.46 28.60 26.43
C GLU A 134 -22.68 28.42 27.73
N PRO A 135 -21.46 27.89 27.65
CA PRO A 135 -20.73 27.52 28.86
C PRO A 135 -19.81 28.62 29.36
N THR A 136 -19.30 28.41 30.56
CA THR A 136 -18.23 29.22 31.12
C THR A 136 -16.89 28.57 30.80
N LEU A 137 -15.82 29.35 30.93
CA LEU A 137 -14.49 28.80 30.72
C LEU A 137 -14.16 27.73 31.76
N ASP A 138 -14.72 27.86 32.97
CA ASP A 138 -14.48 26.88 34.02
C ASP A 138 -14.99 25.50 33.59
N GLN A 139 -16.16 25.46 32.95
CA GLN A 139 -16.71 24.19 32.50
C GLN A 139 -15.84 23.57 31.40
N LEU A 140 -15.30 24.39 30.51
CA LEU A 140 -14.47 23.87 29.42
C LEU A 140 -13.13 23.36 29.93
N THR A 141 -12.48 24.10 30.83
CA THR A 141 -11.21 23.64 31.38
C THR A 141 -11.39 22.39 32.25
N ASP A 142 -12.54 22.27 32.93
CA ASP A 142 -12.79 21.06 33.70
C ASP A 142 -12.98 19.86 32.78
N ALA A 143 -13.61 20.06 31.62
CA ALA A 143 -13.80 18.96 30.68
C ALA A 143 -12.47 18.47 30.12
N LEU A 144 -11.49 19.34 30.01
CA LEU A 144 -10.17 18.98 29.50
C LEU A 144 -9.19 18.59 30.61
N GLY A 145 -9.67 18.45 31.85
CA GLY A 145 -8.78 18.10 32.94
C GLY A 145 -8.13 16.74 32.77
N GLY A 146 -8.80 15.82 32.06
CA GLY A 146 -8.25 14.51 31.82
C GLY A 146 -7.70 14.36 30.41
N ASN A 147 -7.35 15.47 29.78
CA ASN A 147 -6.76 15.47 28.44
C ASN A 147 -5.34 16.00 28.51
N LEU A 148 -4.41 15.26 27.94
CA LEU A 148 -2.98 15.58 28.03
C LEU A 148 -2.44 15.97 26.66
N CYS A 149 -1.56 16.98 26.66
CA CYS A 149 -0.88 17.41 25.45
C CYS A 149 0.59 17.69 25.79
N ARG A 150 1.49 17.19 24.95
CA ARG A 150 2.93 17.33 25.14
C ARG A 150 3.54 18.43 24.28
N CYS A 151 2.76 19.03 23.39
CA CYS A 151 3.30 19.91 22.35
C CYS A 151 2.96 21.38 22.56
N THR A 152 1.72 21.70 22.89
CA THR A 152 1.23 23.07 22.77
C THR A 152 1.38 23.89 24.04
N GLY A 153 1.41 23.27 25.21
CA GLY A 153 1.36 24.03 26.44
C GLY A 153 -0.03 24.48 26.83
N TYR A 154 -1.06 24.02 26.11
CA TYR A 154 -2.47 24.18 26.46
C TYR A 154 -3.01 25.59 26.22
N ARG A 155 -2.12 26.58 26.13
CA ARG A 155 -2.58 27.96 25.94
C ARG A 155 -3.45 28.14 24.70
N PRO A 156 -3.05 27.69 23.51
CA PRO A 156 -3.92 27.90 22.34
C PRO A 156 -5.22 27.12 22.40
N ILE A 157 -5.23 25.95 23.04
CA ILE A 157 -6.47 25.20 23.19
C ILE A 157 -7.46 25.95 24.07
N ILE A 158 -6.95 26.62 25.11
CA ILE A 158 -7.82 27.44 25.95
C ILE A 158 -8.32 28.67 25.19
N ASP A 159 -7.48 29.22 24.32
CA ASP A 159 -7.93 30.33 23.47
C ASP A 159 -9.10 29.90 22.58
N ALA A 160 -9.06 28.67 22.08
CA ALA A 160 -10.18 28.15 21.29
C ALA A 160 -11.40 27.93 22.17
N CYS A 161 -11.20 27.50 23.42
CA CYS A 161 -12.32 27.32 24.34
C CYS A 161 -12.96 28.66 24.68
N LYS A 162 -12.15 29.72 24.79
CA LYS A 162 -12.68 31.02 25.18
C LYS A 162 -13.65 31.57 24.14
N THR A 163 -13.45 31.22 22.86
CA THR A 163 -14.32 31.73 21.81
C THR A 163 -15.75 31.22 21.94
N PHE A 164 -15.96 30.12 22.66
CA PHE A 164 -17.30 29.59 22.88
C PHE A 164 -17.98 30.19 24.10
N CYS A 165 -17.35 31.16 24.76
CA CYS A 165 -17.95 31.82 25.90
C CYS A 165 -18.20 33.30 25.61
N LYS A 200 -3.15 39.58 17.03
CA LYS A 200 -3.55 38.22 17.38
C LYS A 200 -3.14 37.22 16.31
N LEU A 201 -3.10 35.94 16.68
CA LEU A 201 -2.63 34.90 15.78
C LEU A 201 -3.75 34.27 14.95
N PHE A 202 -5.01 34.64 15.19
CA PHE A 202 -6.13 34.03 14.47
C PHE A 202 -7.26 35.05 14.38
N ALA A 203 -8.05 34.92 13.31
CA ALA A 203 -9.20 35.80 13.07
C ALA A 203 -10.43 35.13 13.68
N GLU A 204 -10.72 35.50 14.93
CA GLU A 204 -11.85 34.90 15.63
C GLU A 204 -13.18 35.27 14.97
N GLU A 205 -13.27 36.49 14.43
CA GLU A 205 -14.51 36.95 13.80
C GLU A 205 -14.86 36.17 12.53
N GLU A 206 -13.94 35.39 12.00
CA GLU A 206 -14.19 34.59 10.80
C GLU A 206 -14.60 33.16 11.11
N PHE A 207 -14.63 32.78 12.39
CA PHE A 207 -14.97 31.42 12.75
C PHE A 207 -16.44 31.12 12.47
N LEU A 208 -16.71 29.87 12.12
CA LEU A 208 -18.09 29.46 11.87
C LEU A 208 -18.88 29.54 13.17
N PRO A 209 -20.07 30.14 13.15
CA PRO A 209 -20.87 30.21 14.38
C PRO A 209 -21.41 28.85 14.77
N LEU A 210 -21.44 28.61 16.08
CA LEU A 210 -22.04 27.40 16.61
C LEU A 210 -23.56 27.49 16.52
N ASP A 211 -24.18 26.47 15.95
CA ASP A 211 -25.64 26.37 15.90
C ASP A 211 -26.05 25.17 16.74
N PRO A 212 -26.70 25.35 17.89
CA PRO A 212 -27.11 24.20 18.70
C PRO A 212 -28.16 23.32 18.05
N THR A 213 -28.87 23.82 17.05
CA THR A 213 -29.72 22.98 16.23
C THR A 213 -28.87 22.37 15.12
N GLN A 214 -29.50 21.56 14.28
CA GLN A 214 -28.84 20.76 13.25
C GLN A 214 -27.53 20.13 13.74
N GLU A 215 -27.45 19.83 15.02
CA GLU A 215 -26.36 19.03 15.55
C GLU A 215 -26.65 17.57 15.21
N LEU A 216 -25.86 16.65 15.74
CA LEU A 216 -26.10 15.24 15.47
C LEU A 216 -27.39 14.79 16.13
N ILE A 217 -28.25 14.13 15.37
CA ILE A 217 -29.52 13.63 15.89
C ILE A 217 -29.27 12.27 16.54
N PHE A 218 -29.76 12.12 17.77
CA PHE A 218 -29.71 10.82 18.43
C PHE A 218 -30.48 9.80 17.59
N PRO A 219 -29.90 8.63 17.31
CA PRO A 219 -30.53 7.67 16.39
C PRO A 219 -31.95 7.33 16.83
N PRO A 220 -32.95 7.59 15.98
CA PRO A 220 -34.35 7.33 16.38
C PRO A 220 -34.60 5.89 16.79
N GLU A 221 -33.92 4.93 16.17
CA GLU A 221 -34.16 3.51 16.49
C GLU A 221 -33.85 3.22 17.95
N LEU A 222 -32.75 3.77 18.47
CA LEU A 222 -32.38 3.55 19.86
C LEU A 222 -33.48 4.05 20.80
N MET A 223 -34.12 5.17 20.46
CA MET A 223 -35.25 5.65 21.24
C MET A 223 -36.38 4.63 21.26
N ILE A 224 -36.57 3.92 20.15
CA ILE A 224 -37.70 3.00 20.04
C ILE A 224 -37.48 1.76 20.91
N MET A 225 -36.29 1.16 20.80
CA MET A 225 -36.01 -0.03 21.62
C MET A 225 -35.84 0.32 23.09
N ALA A 226 -35.54 1.58 23.41
CA ALA A 226 -35.55 2.01 24.80
C ALA A 226 -36.97 2.16 25.32
N GLU A 227 -37.89 2.60 24.46
CA GLU A 227 -39.29 2.69 24.85
C GLU A 227 -39.89 1.30 25.10
N LYS A 228 -39.50 0.32 24.28
CA LYS A 228 -39.86 -1.07 24.53
C LYS A 228 -38.90 -1.57 25.62
N GLN A 229 -39.27 -1.31 26.87
CA GLN A 229 -38.43 -1.65 28.02
C GLN A 229 -38.37 -3.17 28.16
N SER A 230 -37.49 -3.79 27.38
CA SER A 230 -37.35 -5.23 27.39
C SER A 230 -36.74 -5.70 28.71
N GLN A 231 -37.26 -6.81 29.23
CA GLN A 231 -36.78 -7.40 30.47
C GLN A 231 -35.82 -8.55 30.25
N ARG A 232 -35.45 -8.83 29.01
CA ARG A 232 -34.61 -9.98 28.69
C ARG A 232 -33.15 -9.68 29.02
N THR A 233 -32.52 -10.60 29.74
CA THR A 233 -31.09 -10.51 30.02
C THR A 233 -30.30 -10.91 28.78
N ARG A 234 -29.35 -10.06 28.39
CA ARG A 234 -28.56 -10.30 27.18
C ARG A 234 -27.31 -11.10 27.51
N VAL A 235 -26.96 -12.03 26.63
CA VAL A 235 -25.89 -12.98 26.87
C VAL A 235 -24.91 -12.93 25.70
N PHE A 236 -23.62 -12.81 26.02
CA PHE A 236 -22.55 -12.93 25.05
C PHE A 236 -21.50 -13.89 25.60
N GLY A 237 -20.74 -14.51 24.70
CA GLY A 237 -19.78 -15.49 25.17
C GLY A 237 -18.73 -15.82 24.13
N SER A 238 -17.72 -16.54 24.60
CA SER A 238 -16.63 -17.03 23.76
C SER A 238 -16.02 -18.23 24.46
N GLU A 239 -14.91 -18.74 23.92
CA GLU A 239 -14.23 -19.86 24.56
C GLU A 239 -13.64 -19.44 25.90
N ARG A 240 -13.31 -18.16 26.06
CA ARG A 240 -12.64 -17.67 27.26
C ARG A 240 -13.57 -17.01 28.26
N MET A 241 -14.61 -16.31 27.78
CA MET A 241 -15.39 -15.44 28.64
C MET A 241 -16.88 -15.63 28.37
N MET A 242 -17.68 -15.45 29.43
CA MET A 242 -19.13 -15.36 29.33
C MET A 242 -19.57 -14.03 29.92
N TRP A 243 -20.46 -13.33 29.21
CA TRP A 243 -20.89 -11.99 29.58
C TRP A 243 -22.41 -11.99 29.75
N PHE A 244 -22.86 -11.59 30.94
CA PHE A 244 -24.28 -11.51 31.25
C PHE A 244 -24.65 -10.06 31.55
N SER A 245 -25.68 -9.56 30.87
CA SER A 245 -26.15 -8.19 31.04
C SER A 245 -27.60 -8.22 31.50
N PRO A 246 -27.85 -8.33 32.80
CA PRO A 246 -29.23 -8.29 33.29
C PRO A 246 -29.78 -6.88 33.27
N VAL A 247 -31.07 -6.76 32.96
CA VAL A 247 -31.73 -5.46 32.89
C VAL A 247 -32.74 -5.25 33.99
N THR A 248 -33.08 -6.28 34.76
CA THR A 248 -33.93 -6.15 35.93
C THR A 248 -33.11 -6.42 37.18
N LEU A 249 -33.59 -5.89 38.31
CA LEU A 249 -32.93 -6.15 39.59
C LEU A 249 -33.01 -7.63 39.96
N LYS A 250 -34.14 -8.27 39.66
CA LYS A 250 -34.30 -9.69 40.00
C LYS A 250 -33.29 -10.54 39.25
N GLU A 251 -33.05 -10.24 37.97
CA GLU A 251 -32.07 -10.99 37.20
C GLU A 251 -30.65 -10.71 37.67
N LEU A 252 -30.37 -9.49 38.11
CA LEU A 252 -29.04 -9.17 38.63
C LEU A 252 -28.75 -9.96 39.90
N LEU A 253 -29.75 -10.10 40.78
CA LEU A 253 -29.56 -10.89 41.99
C LEU A 253 -29.39 -12.37 41.67
N GLU A 254 -30.07 -12.86 40.62
CA GLU A 254 -29.97 -14.26 40.26
C GLU A 254 -28.57 -14.60 39.73
N PHE A 255 -27.99 -13.69 38.95
CA PHE A 255 -26.65 -13.92 38.41
C PHE A 255 -25.58 -13.70 39.46
N LYS A 256 -25.82 -12.79 40.41
CA LYS A 256 -24.90 -12.65 41.55
C LYS A 256 -24.87 -13.92 42.38
N PHE A 257 -25.96 -14.68 42.39
CA PHE A 257 -26.01 -15.91 43.17
C PHE A 257 -25.38 -17.08 42.40
N LYS A 258 -25.72 -17.23 41.12
CA LYS A 258 -25.19 -18.36 40.35
C LYS A 258 -23.69 -18.23 40.12
N TYR A 259 -23.19 -17.01 39.97
CA TYR A 259 -21.76 -16.75 39.76
C TYR A 259 -21.29 -15.77 40.83
N PRO A 260 -21.06 -16.27 42.05
CA PRO A 260 -20.69 -15.34 43.15
C PRO A 260 -19.35 -14.66 42.92
N GLN A 261 -18.38 -15.35 42.33
CA GLN A 261 -17.06 -14.80 42.13
C GLN A 261 -16.95 -13.88 40.91
N ALA A 262 -18.04 -13.69 40.18
CA ALA A 262 -17.99 -12.85 38.99
C ALA A 262 -18.09 -11.37 39.36
N PRO A 263 -17.28 -10.51 38.75
CA PRO A 263 -17.35 -9.09 39.07
C PRO A 263 -18.55 -8.42 38.43
N VAL A 264 -19.06 -7.39 39.11
CA VAL A 264 -20.19 -6.60 38.61
C VAL A 264 -19.59 -5.37 37.95
N ILE A 265 -19.39 -5.45 36.64
CA ILE A 265 -18.77 -4.35 35.90
C ILE A 265 -19.76 -3.20 35.76
N MET A 266 -19.30 -1.99 36.06
CA MET A 266 -20.09 -0.79 35.83
C MET A 266 -19.32 0.17 34.92
N GLY A 267 -18.25 0.78 35.40
CA GLY A 267 -17.47 1.69 34.56
C GLY A 267 -16.18 1.07 34.06
N ASN A 268 -15.82 -0.09 34.62
CA ASN A 268 -14.60 -0.82 34.24
C ASN A 268 -13.34 -0.01 34.46
N THR A 269 -13.41 1.05 35.27
CA THR A 269 -12.23 1.87 35.53
C THR A 269 -11.35 1.32 36.65
N SER A 270 -11.81 0.29 37.35
CA SER A 270 -10.99 -0.42 38.33
C SER A 270 -10.64 -1.83 37.87
N VAL A 271 -11.61 -2.57 37.35
CA VAL A 271 -11.35 -3.93 36.86
C VAL A 271 -10.60 -3.88 35.53
N GLY A 272 -10.89 -2.87 34.70
CA GLY A 272 -10.23 -2.71 33.42
C GLY A 272 -8.72 -2.62 33.53
N PRO A 273 -8.22 -1.63 34.27
CA PRO A 273 -6.76 -1.49 34.41
C PRO A 273 -6.09 -2.70 35.05
N GLU A 274 -6.70 -3.32 36.07
CA GLU A 274 -6.05 -4.45 36.71
C GLU A 274 -6.03 -5.67 35.80
N VAL A 275 -6.99 -5.78 34.87
CA VAL A 275 -6.95 -6.86 33.88
C VAL A 275 -5.83 -6.60 32.88
N LYS A 276 -5.65 -5.34 32.46
CA LYS A 276 -4.70 -5.02 31.42
C LYS A 276 -3.26 -5.06 31.92
N PHE A 277 -3.01 -4.56 33.13
CA PHE A 277 -1.64 -4.39 33.62
C PHE A 277 -1.22 -5.41 34.67
N LYS A 278 -2.16 -6.01 35.40
CA LYS A 278 -1.82 -6.91 36.49
C LYS A 278 -2.28 -8.35 36.26
N GLY A 279 -2.53 -8.71 35.01
CA GLY A 279 -2.78 -10.10 34.66
C GLY A 279 -4.01 -10.73 35.28
N VAL A 280 -4.99 -9.93 35.66
CA VAL A 280 -6.23 -10.44 36.23
C VAL A 280 -7.16 -10.88 35.11
N PHE A 281 -7.80 -12.04 35.29
CA PHE A 281 -8.72 -12.57 34.29
C PHE A 281 -9.97 -13.10 34.98
N HIS A 282 -11.13 -12.78 34.41
CA HIS A 282 -12.41 -13.24 34.92
C HIS A 282 -13.14 -14.03 33.84
N PRO A 283 -13.48 -15.30 34.07
CA PRO A 283 -14.19 -16.07 33.03
C PRO A 283 -15.65 -15.68 32.87
N VAL A 284 -16.28 -15.13 33.90
CA VAL A 284 -17.68 -14.72 33.85
C VAL A 284 -17.76 -13.27 34.32
N ILE A 285 -18.49 -12.44 33.58
CA ILE A 285 -18.68 -11.04 33.89
C ILE A 285 -20.17 -10.73 33.96
N ILE A 286 -20.60 -10.04 35.01
CA ILE A 286 -21.96 -9.52 35.13
C ILE A 286 -21.89 -8.01 34.95
N SER A 287 -22.69 -7.49 34.03
CA SER A 287 -22.71 -6.06 33.73
C SER A 287 -24.15 -5.60 33.56
N PRO A 288 -24.77 -5.10 34.62
CA PRO A 288 -26.16 -4.66 34.53
C PRO A 288 -26.31 -3.43 33.65
N ASP A 289 -27.54 -3.20 33.20
CA ASP A 289 -27.87 -2.10 32.32
C ASP A 289 -29.01 -1.28 32.91
N ARG A 290 -28.71 -0.03 33.25
CA ARG A 290 -29.68 0.97 33.73
C ARG A 290 -30.78 0.39 34.59
N ILE A 291 -30.43 -0.18 35.73
CA ILE A 291 -31.41 -0.65 36.70
C ILE A 291 -31.78 0.50 37.62
N GLU A 292 -33.08 0.78 37.75
CA GLU A 292 -33.52 1.98 38.44
C GLU A 292 -33.13 1.96 39.91
N GLU A 293 -33.21 0.78 40.55
CA GLU A 293 -32.93 0.71 41.98
C GLU A 293 -31.50 1.10 42.30
N LEU A 294 -30.57 0.93 41.36
CA LEU A 294 -29.18 1.27 41.56
C LEU A 294 -28.85 2.73 41.26
N SER A 295 -29.83 3.51 40.81
CA SER A 295 -29.63 4.92 40.49
C SER A 295 -30.58 5.82 41.27
N VAL A 296 -30.96 5.39 42.47
CA VAL A 296 -31.92 6.14 43.29
C VAL A 296 -31.23 7.33 43.93
N VAL A 297 -31.97 8.43 44.06
CA VAL A 297 -31.50 9.63 44.73
C VAL A 297 -32.60 10.05 45.69
N ASN A 298 -32.51 9.60 46.95
CA ASN A 298 -33.55 9.83 47.95
C ASN A 298 -33.11 10.92 48.92
N HIS A 299 -33.89 11.99 49.02
CA HIS A 299 -33.63 13.08 49.95
C HIS A 299 -34.40 12.78 51.23
N ALA A 300 -33.75 12.08 52.16
CA ALA A 300 -34.39 11.67 53.39
C ALA A 300 -34.39 12.80 54.41
N TYR A 301 -34.92 12.52 55.61
CA TYR A 301 -34.98 13.50 56.67
C TYR A 301 -33.67 13.56 57.45
N ASN A 302 -33.11 12.40 57.78
CA ASN A 302 -31.85 12.31 58.50
C ASN A 302 -30.65 12.38 57.58
N GLY A 303 -30.75 11.80 56.38
CA GLY A 303 -29.65 11.75 55.44
C GLY A 303 -30.10 11.80 54.00
N LEU A 304 -29.25 11.34 53.09
CA LEU A 304 -29.66 11.17 51.69
C LEU A 304 -28.99 9.92 51.17
N THR A 305 -29.67 9.23 50.27
CA THR A 305 -29.26 7.92 49.79
C THR A 305 -28.96 7.99 48.30
N LEU A 306 -27.77 7.55 47.93
CA LEU A 306 -27.30 7.57 46.54
C LEU A 306 -27.12 6.14 46.04
N GLY A 307 -27.68 5.85 44.88
CA GLY A 307 -27.58 4.51 44.33
C GLY A 307 -26.15 4.20 43.89
N ALA A 308 -25.82 2.90 43.90
CA ALA A 308 -24.48 2.48 43.55
C ALA A 308 -24.19 2.62 42.05
N GLY A 309 -25.24 2.62 41.21
CA GLY A 309 -25.05 2.78 39.78
C GLY A 309 -24.83 4.20 39.31
N LEU A 310 -24.95 5.17 40.21
CA LEU A 310 -24.70 6.56 39.85
C LEU A 310 -23.22 6.75 39.54
N SER A 311 -22.94 7.57 38.51
CA SER A 311 -21.56 7.90 38.22
C SER A 311 -21.07 8.98 39.17
N LEU A 312 -19.74 9.09 39.27
CA LEU A 312 -19.15 10.11 40.13
C LEU A 312 -19.47 11.51 39.64
N ALA A 313 -19.67 11.68 38.33
CA ALA A 313 -20.07 12.98 37.80
C ALA A 313 -21.51 13.30 38.19
N GLN A 314 -22.39 12.29 38.21
CA GLN A 314 -23.75 12.51 38.67
C GLN A 314 -23.78 12.82 40.16
N VAL A 315 -23.01 12.09 40.95
CA VAL A 315 -22.93 12.36 42.39
C VAL A 315 -22.39 13.76 42.64
N LYS A 316 -21.41 14.18 41.83
CA LYS A 316 -20.86 15.52 41.96
C LYS A 316 -21.94 16.57 41.71
N ASP A 317 -22.83 16.33 40.74
CA ASP A 317 -23.89 17.29 40.45
C ASP A 317 -25.01 17.24 41.48
N ILE A 318 -25.29 16.06 42.03
CA ILE A 318 -26.32 15.96 43.07
C ILE A 318 -25.86 16.68 44.33
N LEU A 319 -24.63 16.41 44.77
CA LEU A 319 -24.11 17.06 45.98
C LEU A 319 -23.93 18.56 45.79
N ALA A 320 -23.56 18.99 44.58
CA ALA A 320 -23.41 20.42 44.33
C ALA A 320 -24.74 21.15 44.43
N ASP A 321 -25.85 20.45 44.15
CA ASP A 321 -27.17 21.07 44.27
C ASP A 321 -27.67 21.04 45.71
N VAL A 322 -27.35 19.98 46.45
CA VAL A 322 -27.86 19.83 47.81
C VAL A 322 -27.21 20.86 48.73
N VAL A 323 -25.91 21.12 48.55
CA VAL A 323 -25.21 22.09 49.39
C VAL A 323 -25.71 23.51 49.18
N GLN A 324 -26.54 23.74 48.15
CA GLN A 324 -27.16 25.05 47.94
C GLN A 324 -28.57 25.14 48.49
N LYS A 325 -29.31 24.03 48.52
CA LYS A 325 -30.69 24.01 48.96
C LYS A 325 -30.85 23.73 50.45
N LEU A 326 -29.78 23.33 51.13
CA LEU A 326 -29.82 22.95 52.53
C LEU A 326 -28.93 23.88 53.35
N PRO A 327 -29.20 24.00 54.66
CA PRO A 327 -28.33 24.82 55.51
C PRO A 327 -26.93 24.24 55.60
N GLU A 328 -25.98 25.11 55.96
CA GLU A 328 -24.57 24.73 55.91
C GLU A 328 -24.20 23.75 57.01
N GLU A 329 -24.87 23.81 58.17
CA GLU A 329 -24.54 22.89 59.25
C GLU A 329 -24.97 21.47 58.93
N LYS A 330 -25.83 21.27 57.93
CA LYS A 330 -26.30 19.95 57.55
C LYS A 330 -25.51 19.35 56.39
N THR A 331 -24.86 20.19 55.57
CA THR A 331 -24.16 19.74 54.37
C THR A 331 -22.67 19.60 54.59
N GLN A 332 -22.25 19.17 55.79
CA GLN A 332 -20.83 19.05 56.07
C GLN A 332 -20.22 17.86 55.33
N MET A 333 -20.90 16.71 55.36
CA MET A 333 -20.37 15.53 54.70
C MET A 333 -20.29 15.73 53.19
N TYR A 334 -21.27 16.42 52.61
CA TYR A 334 -21.34 16.58 51.17
C TYR A 334 -20.31 17.58 50.66
N HIS A 335 -20.01 18.62 51.45
CA HIS A 335 -18.96 19.56 51.04
C HIS A 335 -17.61 18.87 50.94
N ALA A 336 -17.32 17.95 51.87
CA ALA A 336 -16.04 17.23 51.82
C ALA A 336 -15.98 16.32 50.60
N LEU A 337 -17.07 15.60 50.31
CA LEU A 337 -17.11 14.79 49.11
C LEU A 337 -17.10 15.66 47.85
N LEU A 338 -17.78 16.80 47.89
CA LEU A 338 -17.77 17.71 46.76
C LEU A 338 -16.39 18.29 46.51
N LYS A 339 -15.54 18.32 47.54
CA LYS A 339 -14.20 18.86 47.38
C LYS A 339 -13.28 17.88 46.64
N HIS A 340 -13.24 16.62 47.11
CA HIS A 340 -12.37 15.64 46.48
C HIS A 340 -12.91 15.17 45.15
N LEU A 341 -14.23 15.22 44.96
CA LEU A 341 -14.78 15.18 43.60
C LEU A 341 -14.44 16.50 42.91
N GLY A 342 -13.97 16.42 41.67
CA GLY A 342 -13.49 17.57 40.95
C GLY A 342 -11.98 17.63 40.85
N THR A 343 -11.27 17.05 41.82
CA THR A 343 -9.87 16.71 41.66
C THR A 343 -9.69 15.23 41.32
N LEU A 344 -10.77 14.45 41.35
CA LEU A 344 -10.71 13.03 41.10
C LEU A 344 -10.65 12.79 39.59
N ALA A 345 -9.46 12.43 39.10
CA ALA A 345 -9.24 12.05 37.70
C ALA A 345 -9.70 13.20 36.81
N GLY A 346 -10.21 12.86 35.61
CA GLY A 346 -10.77 13.84 34.70
C GLY A 346 -12.28 13.66 34.55
N SER A 347 -12.83 14.41 33.59
CA SER A 347 -14.26 14.35 33.34
C SER A 347 -14.67 13.01 32.74
N GLN A 348 -13.78 12.38 31.96
CA GLN A 348 -14.12 11.11 31.33
C GLN A 348 -14.28 10.00 32.36
N ILE A 349 -13.33 9.89 33.29
CA ILE A 349 -13.38 8.82 34.29
C ILE A 349 -14.51 9.07 35.27
N ARG A 350 -14.75 10.33 35.65
CA ARG A 350 -15.85 10.64 36.56
C ARG A 350 -17.20 10.25 35.98
N ASN A 351 -17.35 10.36 34.66
CA ASN A 351 -18.60 9.97 34.01
C ASN A 351 -18.70 8.47 33.75
N MET A 352 -17.59 7.75 33.86
CA MET A 352 -17.58 6.30 33.70
C MET A 352 -17.70 5.59 35.04
N ALA A 353 -16.90 6.02 36.02
CA ALA A 353 -16.84 5.33 37.29
C ALA A 353 -18.14 5.46 38.06
N SER A 354 -18.54 4.38 38.74
CA SER A 354 -19.74 4.36 39.54
C SER A 354 -19.42 4.56 41.02
N LEU A 355 -20.42 5.04 41.76
CA LEU A 355 -20.23 5.25 43.19
C LEU A 355 -20.04 3.92 43.92
N GLY A 356 -20.89 2.93 43.61
CA GLY A 356 -20.73 1.63 44.23
C GLY A 356 -19.42 0.96 43.84
N GLY A 357 -19.01 1.10 42.58
CA GLY A 357 -17.73 0.57 42.17
C GLY A 357 -16.57 1.20 42.92
N HIS A 358 -16.68 2.50 43.23
CA HIS A 358 -15.63 3.17 44.01
C HIS A 358 -15.51 2.57 45.41
N ILE A 359 -16.64 2.29 46.05
CA ILE A 359 -16.61 1.82 47.43
C ILE A 359 -16.17 0.36 47.50
N ILE A 360 -16.64 -0.47 46.56
CA ILE A 360 -16.28 -1.88 46.57
C ILE A 360 -14.81 -2.06 46.14
N SER A 361 -14.34 -1.21 45.21
CA SER A 361 -12.97 -1.33 44.74
C SER A 361 -11.98 -1.22 45.88
N ARG A 362 -12.24 -0.31 46.83
CA ARG A 362 -11.42 -0.15 48.02
C ARG A 362 -9.95 0.12 47.68
N HIS A 363 -9.75 1.06 46.77
CA HIS A 363 -8.39 1.49 46.47
C HIS A 363 -7.76 2.15 47.69
N PRO A 364 -6.51 1.86 48.01
CA PRO A 364 -5.88 2.55 49.16
C PRO A 364 -5.75 4.04 48.94
N ASP A 365 -5.58 4.48 47.70
CA ASP A 365 -5.49 5.90 47.36
C ASP A 365 -6.85 6.53 47.10
N SER A 366 -7.94 5.89 47.52
CA SER A 366 -9.27 6.43 47.28
C SER A 366 -9.44 7.77 47.98
N ASP A 367 -10.03 8.73 47.27
CA ASP A 367 -10.25 10.05 47.82
C ASP A 367 -11.62 10.20 48.50
N LEU A 368 -12.54 9.26 48.26
CA LEU A 368 -13.88 9.33 48.80
C LEU A 368 -14.10 8.40 49.99
N ASN A 369 -13.49 7.21 49.96
CA ASN A 369 -13.67 6.27 51.07
C ASN A 369 -13.21 6.80 52.41
N PRO A 370 -12.09 7.52 52.54
CA PRO A 370 -11.75 8.10 53.86
C PRO A 370 -12.77 9.10 54.34
N ILE A 371 -13.42 9.84 53.45
CA ILE A 371 -14.47 10.77 53.87
C ILE A 371 -15.70 10.01 54.34
N LEU A 372 -16.10 8.99 53.57
CA LEU A 372 -17.25 8.18 53.95
C LEU A 372 -16.96 7.38 55.22
N ALA A 373 -15.70 7.03 55.48
CA ALA A 373 -15.37 6.23 56.65
C ALA A 373 -15.63 6.97 57.95
N VAL A 374 -15.55 8.31 57.93
CA VAL A 374 -15.69 9.10 59.14
C VAL A 374 -17.09 9.73 59.24
N GLY A 375 -18.01 9.37 58.35
CA GLY A 375 -19.31 10.00 58.30
C GLY A 375 -20.49 9.16 58.70
N ASN A 376 -20.30 8.01 59.35
CA ASN A 376 -21.40 7.14 59.77
C ASN A 376 -22.27 6.73 58.59
N CYS A 377 -21.63 6.29 57.51
CA CYS A 377 -22.32 5.86 56.32
C CYS A 377 -22.64 4.37 56.38
N THR A 378 -23.79 3.99 55.86
CA THR A 378 -24.22 2.60 55.82
C THR A 378 -24.47 2.18 54.38
N LEU A 379 -24.23 0.90 54.11
CA LEU A 379 -24.37 0.34 52.78
C LEU A 379 -25.65 -0.48 52.71
N ASN A 380 -26.52 -0.15 51.76
CA ASN A 380 -27.76 -0.90 51.54
C ASN A 380 -27.46 -2.06 50.61
N LEU A 381 -27.45 -3.27 51.15
CA LEU A 381 -27.17 -4.47 50.38
C LEU A 381 -28.46 -5.19 50.01
N LEU A 382 -28.33 -6.13 49.08
CA LEU A 382 -29.49 -6.89 48.61
C LEU A 382 -29.01 -8.20 48.01
N SER A 383 -29.84 -9.23 48.17
CA SER A 383 -29.55 -10.54 47.61
C SER A 383 -30.88 -11.25 47.36
N LYS A 384 -30.79 -12.44 46.75
CA LYS A 384 -31.96 -13.28 46.61
C LYS A 384 -32.58 -13.60 47.97
N GLU A 385 -31.74 -13.68 49.00
CA GLU A 385 -32.24 -13.83 50.37
C GLU A 385 -33.11 -12.65 50.77
N GLY A 386 -32.55 -11.45 50.75
CA GLY A 386 -33.33 -10.27 51.11
C GLY A 386 -32.43 -9.07 51.31
N LYS A 387 -32.94 -8.10 52.05
CA LYS A 387 -32.21 -6.87 52.33
C LYS A 387 -31.23 -7.07 53.48
N ARG A 388 -30.24 -6.18 53.55
CA ARG A 388 -29.23 -6.20 54.59
C ARG A 388 -28.50 -4.86 54.60
N GLN A 389 -28.18 -4.38 55.80
CA GLN A 389 -27.57 -3.06 55.97
C GLN A 389 -26.35 -3.20 56.86
N ILE A 390 -25.20 -2.75 56.36
CA ILE A 390 -23.94 -2.83 57.12
C ILE A 390 -23.29 -1.45 57.16
N PRO A 391 -22.49 -1.15 58.18
CA PRO A 391 -21.80 0.14 58.22
C PRO A 391 -20.56 0.16 57.34
N LEU A 392 -20.29 1.33 56.77
CA LEU A 392 -19.08 1.58 55.99
C LEU A 392 -18.01 2.04 56.96
N ASN A 393 -17.31 1.07 57.57
CA ASN A 393 -16.36 1.35 58.64
C ASN A 393 -14.96 0.89 58.22
N GLU A 394 -14.06 0.84 59.21
CA GLU A 394 -12.68 0.44 58.95
C GLU A 394 -12.58 -1.03 58.58
N GLN A 395 -13.37 -1.88 59.25
CA GLN A 395 -13.31 -3.31 58.97
C GLN A 395 -13.75 -3.61 57.53
N PHE A 396 -14.77 -2.92 57.05
CA PHE A 396 -15.22 -3.13 55.68
C PHE A 396 -14.13 -2.74 54.68
N LEU A 397 -13.51 -1.58 54.88
CA LEU A 397 -12.47 -1.12 53.97
C LEU A 397 -11.24 -2.01 54.02
N SER A 398 -11.05 -2.78 55.09
CA SER A 398 -9.96 -3.73 55.21
C SER A 398 -10.32 -5.10 54.67
N LYS A 399 -11.53 -5.26 54.11
CA LYS A 399 -11.99 -6.51 53.50
C LYS A 399 -12.08 -7.65 54.50
N CYS A 400 -12.42 -7.35 55.75
CA CYS A 400 -12.69 -8.41 56.71
C CYS A 400 -14.00 -9.10 56.35
N PRO A 401 -14.01 -10.42 56.19
CA PRO A 401 -15.24 -11.10 55.75
C PRO A 401 -16.43 -10.88 56.68
N ASN A 402 -16.18 -10.69 57.98
CA ASN A 402 -17.28 -10.46 58.92
C ASN A 402 -17.93 -9.10 58.73
N ALA A 403 -17.25 -8.17 58.07
CA ALA A 403 -17.80 -6.84 57.79
C ALA A 403 -17.93 -6.56 56.30
N ASP A 404 -17.68 -7.56 55.45
CA ASP A 404 -17.72 -7.39 54.01
C ASP A 404 -19.08 -7.81 53.47
N LEU A 405 -19.26 -7.63 52.16
CA LEU A 405 -20.45 -8.15 51.50
C LEU A 405 -20.38 -9.67 51.38
N LYS A 406 -21.54 -10.30 51.41
CA LYS A 406 -21.56 -11.72 51.11
C LYS A 406 -21.39 -11.94 49.61
N PRO A 407 -20.78 -13.06 49.21
CA PRO A 407 -20.52 -13.30 47.79
C PRO A 407 -21.72 -13.14 46.88
N GLN A 408 -22.93 -13.38 47.38
CA GLN A 408 -24.14 -13.32 46.57
C GLN A 408 -24.88 -12.00 46.70
N GLU A 409 -24.27 -10.99 47.34
CA GLU A 409 -24.93 -9.71 47.55
C GLU A 409 -24.39 -8.65 46.60
N ILE A 410 -25.21 -7.62 46.40
CA ILE A 410 -24.82 -6.44 45.64
C ILE A 410 -25.01 -5.20 46.51
N LEU A 411 -24.24 -4.16 46.20
CA LEU A 411 -24.44 -2.86 46.82
C LEU A 411 -25.49 -2.10 46.03
N VAL A 412 -26.60 -1.77 46.69
CA VAL A 412 -27.69 -1.06 46.02
C VAL A 412 -27.51 0.45 46.13
N SER A 413 -27.30 0.95 47.34
CA SER A 413 -27.20 2.39 47.57
C SER A 413 -26.45 2.62 48.87
N VAL A 414 -26.09 3.87 49.10
CA VAL A 414 -25.28 4.27 50.25
C VAL A 414 -25.98 5.43 50.95
N ASN A 415 -26.07 5.36 52.27
CA ASN A 415 -26.68 6.40 53.08
C ASN A 415 -25.58 7.32 53.62
N ILE A 416 -25.70 8.61 53.34
CA ILE A 416 -24.77 9.61 53.86
C ILE A 416 -25.57 10.61 54.69
N PRO A 417 -25.44 10.61 56.01
CA PRO A 417 -26.35 11.39 56.86
C PRO A 417 -26.04 12.87 56.83
N TYR A 418 -27.07 13.66 57.17
CA TYR A 418 -26.88 15.08 57.46
C TYR A 418 -25.99 15.24 58.69
N SER A 419 -25.28 16.36 58.75
CA SER A 419 -24.46 16.66 59.91
C SER A 419 -25.28 17.44 60.93
N ARG A 420 -24.90 17.30 62.20
CA ARG A 420 -25.55 18.03 63.27
C ARG A 420 -24.84 19.37 63.49
N LYS A 421 -25.45 20.22 64.31
CA LYS A 421 -24.75 21.40 64.79
C LYS A 421 -23.59 20.99 65.69
N TRP A 422 -22.51 21.75 65.62
CA TRP A 422 -21.24 21.46 66.30
C TRP A 422 -20.56 20.22 65.73
N GLU A 423 -20.92 19.81 64.52
CA GLU A 423 -20.28 18.69 63.84
C GLU A 423 -19.62 19.21 62.57
N PHE A 424 -18.34 18.93 62.41
CA PHE A 424 -17.55 19.46 61.31
C PHE A 424 -16.75 18.34 60.65
N VAL A 425 -16.60 18.44 59.33
CA VAL A 425 -15.92 17.43 58.52
C VAL A 425 -15.01 18.14 57.54
N SER A 426 -13.80 17.61 57.37
CA SER A 426 -12.83 18.17 56.43
C SER A 426 -12.19 17.03 55.65
N ALA A 427 -11.69 17.38 54.46
CA ALA A 427 -11.01 16.45 53.58
C ALA A 427 -9.74 17.09 53.06
N PHE A 428 -8.65 16.32 53.04
CA PHE A 428 -7.36 16.80 52.59
C PHE A 428 -6.73 15.76 51.68
N ARG A 429 -5.82 16.22 50.83
CA ARG A 429 -5.10 15.34 49.92
C ARG A 429 -3.92 16.09 49.31
N GLN A 430 -2.89 15.33 48.95
CA GLN A 430 -1.73 15.87 48.26
C GLN A 430 -1.27 14.85 47.23
N ALA A 431 -1.03 15.30 46.00
CA ALA A 431 -0.62 14.45 44.91
C ALA A 431 0.56 15.09 44.19
N GLN A 432 1.04 14.41 43.14
CA GLN A 432 2.14 14.94 42.36
C GLN A 432 1.77 16.25 41.67
N ARG A 433 0.50 16.38 41.26
CA ARG A 433 -0.02 17.62 40.69
C ARG A 433 -1.45 17.82 41.17
N GLN A 434 -2.06 18.92 40.75
CA GLN A 434 -3.31 19.37 41.36
C GLN A 434 -4.48 18.46 40.99
N GLU A 435 -4.57 18.04 39.72
CA GLU A 435 -5.69 17.23 39.26
C GLU A 435 -5.19 16.03 38.48
N ASN A 436 -6.09 15.06 38.32
CA ASN A 436 -5.85 13.85 37.54
C ASN A 436 -4.54 13.17 37.94
N ALA A 437 -4.36 13.02 39.25
CA ALA A 437 -3.18 12.36 39.80
C ALA A 437 -3.55 11.75 41.13
N LEU A 438 -3.18 10.48 41.33
CA LEU A 438 -3.55 9.78 42.54
C LEU A 438 -2.88 10.40 43.76
N ALA A 439 -3.59 10.37 44.88
CA ALA A 439 -3.10 11.02 46.09
C ALA A 439 -1.93 10.24 46.68
N ILE A 440 -0.90 10.97 47.11
CA ILE A 440 0.14 10.37 47.92
C ILE A 440 -0.40 10.05 49.31
N VAL A 441 -1.01 11.04 49.96
CA VAL A 441 -1.76 10.85 51.19
C VAL A 441 -3.00 11.73 51.12
N ASN A 442 -4.16 11.14 51.44
CA ASN A 442 -5.39 11.91 51.62
C ASN A 442 -5.96 11.58 52.99
N SER A 443 -7.05 12.25 53.36
CA SER A 443 -7.60 12.08 54.69
C SER A 443 -9.05 12.53 54.74
N GLY A 444 -9.76 12.00 55.75
CA GLY A 444 -11.09 12.44 56.10
C GLY A 444 -11.21 12.52 57.62
N MET A 445 -11.70 13.65 58.14
CA MET A 445 -11.76 13.87 59.57
C MET A 445 -13.11 14.45 59.95
N ARG A 446 -13.59 14.09 61.14
CA ARG A 446 -14.86 14.57 61.65
C ARG A 446 -14.78 14.76 63.16
N VAL A 447 -15.41 15.84 63.65
CA VAL A 447 -15.51 16.11 65.07
C VAL A 447 -16.97 16.40 65.42
N PHE A 448 -17.34 16.04 66.64
CA PHE A 448 -18.62 16.44 67.22
C PHE A 448 -18.36 16.94 68.63
N PHE A 449 -18.82 18.15 68.92
CA PHE A 449 -18.57 18.81 70.19
C PHE A 449 -19.82 18.79 71.06
N GLY A 450 -19.62 18.60 72.36
CA GLY A 450 -20.70 18.78 73.31
C GLY A 450 -21.12 20.24 73.35
N GLU A 451 -22.43 20.48 73.23
CA GLU A 451 -22.93 21.83 73.07
C GLU A 451 -22.55 22.72 74.26
N GLY A 452 -22.61 22.17 75.48
CA GLY A 452 -22.43 22.98 76.66
C GLY A 452 -21.12 22.80 77.40
N ASP A 453 -20.03 22.51 76.69
CA ASP A 453 -18.73 22.40 77.32
C ASP A 453 -17.58 22.51 76.31
N GLY A 454 -17.90 22.50 75.03
CA GLY A 454 -16.88 22.55 74.00
C GLY A 454 -15.91 21.39 74.04
N ILE A 455 -16.37 20.23 74.49
CA ILE A 455 -15.54 19.05 74.68
C ILE A 455 -15.77 18.09 73.52
N ILE A 456 -14.70 17.44 73.07
CA ILE A 456 -14.78 16.48 71.97
C ILE A 456 -15.61 15.28 72.43
N ARG A 457 -16.80 15.11 71.85
CA ARG A 457 -17.64 13.95 72.12
C ARG A 457 -17.36 12.81 71.16
N GLU A 458 -17.17 13.12 69.88
CA GLU A 458 -16.87 12.12 68.86
C GLU A 458 -15.73 12.64 67.99
N LEU A 459 -14.89 11.71 67.54
CA LEU A 459 -13.75 12.06 66.71
C LEU A 459 -13.35 10.83 65.90
N CYS A 460 -13.27 10.99 64.58
CA CYS A 460 -12.91 9.89 63.69
C CYS A 460 -12.02 10.43 62.58
N ILE A 461 -10.81 9.88 62.48
CA ILE A 461 -9.83 10.33 61.50
C ILE A 461 -9.42 9.14 60.65
N SER A 462 -9.49 9.30 59.34
CA SER A 462 -9.15 8.24 58.40
C SER A 462 -8.12 8.75 57.39
N TYR A 463 -7.16 7.90 57.06
CA TYR A 463 -6.11 8.25 56.11
C TYR A 463 -6.07 7.24 54.97
N GLY A 464 -5.73 7.73 53.78
CA GLY A 464 -5.55 6.88 52.64
C GLY A 464 -4.17 7.02 52.03
N GLY A 465 -3.74 6.02 51.27
CA GLY A 465 -2.41 6.06 50.69
C GLY A 465 -1.28 5.84 51.67
N VAL A 466 -1.56 5.19 52.81
CA VAL A 466 -0.55 4.96 53.83
C VAL A 466 -0.56 3.48 54.21
N GLY A 467 -1.14 2.65 53.35
CA GLY A 467 -1.20 1.22 53.60
C GLY A 467 -1.95 0.48 52.52
N PRO A 468 -2.14 -0.82 52.70
CA PRO A 468 -2.87 -1.60 51.68
C PRO A 468 -4.31 -1.17 51.53
N ALA A 469 -4.92 -0.65 52.58
CA ALA A 469 -6.31 -0.21 52.55
C ALA A 469 -6.44 1.09 53.34
N THR A 470 -7.60 1.72 53.20
CA THR A 470 -7.91 2.91 53.98
C THR A 470 -8.00 2.53 55.46
N ILE A 471 -7.26 3.26 56.29
CA ILE A 471 -7.19 2.97 57.72
C ILE A 471 -7.88 4.07 58.50
N CYS A 472 -8.21 3.75 59.75
CA CYS A 472 -8.84 4.70 60.67
C CYS A 472 -8.06 4.71 61.97
N ALA A 473 -7.68 5.91 62.43
CA ALA A 473 -6.95 6.07 63.68
C ALA A 473 -7.93 6.05 64.85
N LYS A 474 -8.57 4.90 65.04
CA LYS A 474 -9.65 4.79 66.02
C LYS A 474 -9.12 4.78 67.45
N ASN A 475 -7.90 4.26 67.67
CA ASN A 475 -7.36 4.23 69.02
C ASN A 475 -6.95 5.62 69.49
N SER A 476 -6.22 6.35 68.64
CA SER A 476 -5.84 7.71 68.98
C SER A 476 -7.06 8.60 69.16
N CYS A 477 -8.10 8.39 68.34
CA CYS A 477 -9.32 9.17 68.46
C CYS A 477 -10.03 8.87 69.78
N GLN A 478 -10.05 7.60 70.19
CA GLN A 478 -10.69 7.24 71.45
C GLN A 478 -10.01 7.90 72.63
N LYS A 479 -8.68 8.05 72.56
CA LYS A 479 -7.95 8.67 73.67
C LYS A 479 -8.12 10.18 73.69
N LEU A 480 -8.55 10.79 72.57
CA LEU A 480 -8.76 12.23 72.52
C LEU A 480 -10.18 12.63 72.90
N ILE A 481 -11.09 11.66 73.03
CA ILE A 481 -12.43 11.95 73.52
C ILE A 481 -12.34 12.50 74.94
N GLY A 482 -12.98 13.63 75.17
CA GLY A 482 -12.98 14.26 76.48
C GLY A 482 -12.12 15.52 76.57
N ARG A 483 -11.28 15.78 75.59
CA ARG A 483 -10.42 16.96 75.61
C ARG A 483 -11.11 18.14 74.93
N HIS A 484 -10.47 19.30 75.05
CA HIS A 484 -10.91 20.51 74.37
C HIS A 484 -10.07 20.74 73.12
N TRP A 485 -10.52 21.69 72.29
CA TRP A 485 -9.86 21.98 71.02
C TRP A 485 -8.83 23.08 71.24
N ASN A 486 -7.62 22.67 71.63
CA ASN A 486 -6.53 23.61 71.87
C ASN A 486 -5.24 23.00 71.34
N GLU A 487 -4.16 23.79 71.42
CA GLU A 487 -2.86 23.33 70.93
C GLU A 487 -2.34 22.14 71.72
N GLN A 488 -2.68 22.07 73.01
CA GLN A 488 -2.23 20.95 73.83
C GLN A 488 -2.82 19.64 73.33
N MET A 489 -4.09 19.65 72.92
CA MET A 489 -4.69 18.45 72.32
C MET A 489 -4.06 18.14 70.97
N LEU A 490 -3.70 19.17 70.21
CA LEU A 490 -3.10 18.96 68.90
C LEU A 490 -1.76 18.25 69.01
N ASP A 491 -0.94 18.65 69.98
CA ASP A 491 0.36 17.98 70.18
C ASP A 491 0.17 16.53 70.57
N ILE A 492 -0.77 16.26 71.48
CA ILE A 492 -1.05 14.89 71.89
C ILE A 492 -1.57 14.08 70.71
N ALA A 493 -2.49 14.66 69.94
CA ALA A 493 -3.04 13.97 68.78
C ALA A 493 -1.95 13.61 67.78
N CYS A 494 -1.02 14.54 67.53
CA CYS A 494 0.06 14.29 66.57
C CYS A 494 0.89 13.09 67.00
N ARG A 495 1.35 13.08 68.25
CA ARG A 495 2.16 11.96 68.73
C ARG A 495 1.37 10.66 68.71
N LEU A 496 0.07 10.72 69.01
CA LEU A 496 -0.74 9.51 69.08
C LEU A 496 -0.91 8.89 67.70
N ILE A 497 -1.41 9.66 66.73
CA ILE A 497 -1.66 9.11 65.41
C ILE A 497 -0.37 8.62 64.76
N LEU A 498 0.73 9.36 64.96
CA LEU A 498 2.02 8.93 64.41
C LEU A 498 2.37 7.52 64.87
N ASN A 499 2.07 7.20 66.13
CA ASN A 499 2.27 5.84 66.62
C ASN A 499 1.32 4.86 65.97
N GLU A 500 0.06 5.27 65.77
CA GLU A 500 -0.95 4.35 65.24
C GLU A 500 -0.85 4.19 63.73
N VAL A 501 -0.65 5.29 63.00
CA VAL A 501 -0.63 5.23 61.54
C VAL A 501 0.82 5.14 61.05
N SER A 502 1.55 4.15 61.58
CA SER A 502 2.97 4.02 61.29
C SER A 502 3.20 3.36 59.93
N LEU A 503 4.23 3.83 59.23
CA LEU A 503 4.71 3.22 58.01
C LEU A 503 6.12 2.70 58.22
N LEU A 504 6.43 1.58 57.60
CA LEU A 504 7.81 1.09 57.58
C LEU A 504 8.62 1.90 56.57
N GLY A 505 9.95 1.91 56.76
CA GLY A 505 10.81 2.54 55.79
C GLY A 505 10.75 1.91 54.42
N SER A 506 10.26 0.67 54.33
CA SER A 506 10.12 -0.05 53.08
C SER A 506 8.68 -0.01 52.55
N ALA A 507 7.89 0.96 52.97
CA ALA A 507 6.49 0.99 52.61
C ALA A 507 6.34 1.18 51.11
N PRO A 508 5.46 0.42 50.44
CA PRO A 508 5.23 0.64 49.01
C PRO A 508 4.78 2.06 48.74
N GLY A 509 5.18 2.57 47.58
CA GLY A 509 4.94 3.95 47.21
C GLY A 509 6.05 4.91 47.60
N GLY A 510 6.92 4.51 48.53
CA GLY A 510 8.01 5.37 48.96
C GLY A 510 7.48 6.62 49.65
N LYS A 511 8.31 7.68 49.59
CA LYS A 511 7.97 8.98 50.17
C LYS A 511 7.55 8.84 51.63
N VAL A 512 8.26 7.98 52.37
CA VAL A 512 7.81 7.58 53.69
C VAL A 512 7.82 8.77 54.66
N GLU A 513 8.94 9.48 54.75
CA GLU A 513 8.99 10.64 55.63
C GLU A 513 8.02 11.72 55.18
N PHE A 514 7.85 11.90 53.87
CA PHE A 514 6.87 12.84 53.36
C PHE A 514 5.45 12.44 53.77
N LYS A 515 5.13 11.15 53.66
CA LYS A 515 3.81 10.68 54.08
C LYS A 515 3.60 10.93 55.58
N ARG A 516 4.61 10.65 56.39
CA ARG A 516 4.49 10.86 57.83
C ARG A 516 4.21 12.33 58.14
N THR A 517 4.85 13.24 57.41
CA THR A 517 4.63 14.67 57.65
C THR A 517 3.23 15.10 57.22
N LEU A 518 2.74 14.57 56.10
CA LEU A 518 1.41 14.94 55.62
C LEU A 518 0.32 14.50 56.59
N ILE A 519 0.54 13.40 57.30
CA ILE A 519 -0.49 12.87 58.20
C ILE A 519 -0.76 13.86 59.33
N ILE A 520 0.30 14.40 59.94
CA ILE A 520 0.13 15.38 61.00
C ILE A 520 -0.07 16.78 60.45
N SER A 521 0.34 17.04 59.21
CA SER A 521 0.08 18.35 58.60
C SER A 521 -1.39 18.52 58.28
N PHE A 522 -2.04 17.46 57.79
CA PHE A 522 -3.49 17.51 57.59
C PHE A 522 -4.21 17.68 58.90
N LEU A 523 -3.72 17.02 59.96
CA LEU A 523 -4.30 17.20 61.29
C LEU A 523 -4.18 18.65 61.75
N PHE A 524 -3.08 19.31 61.41
CA PHE A 524 -2.91 20.71 61.77
C PHE A 524 -3.90 21.59 61.01
N LYS A 525 -4.11 21.30 59.72
CA LYS A 525 -5.10 22.05 58.96
C LYS A 525 -6.51 21.83 59.49
N PHE A 526 -6.85 20.56 59.79
CA PHE A 526 -8.15 20.27 60.39
C PHE A 526 -8.31 21.00 61.72
N TYR A 527 -7.22 21.08 62.50
CA TYR A 527 -7.28 21.82 63.76
C TYR A 527 -7.57 23.30 63.52
N LEU A 528 -6.91 23.90 62.53
CA LEU A 528 -7.11 25.32 62.26
C LEU A 528 -8.49 25.57 61.68
N GLU A 529 -8.97 24.69 60.81
CA GLU A 529 -10.32 24.82 60.27
C GLU A 529 -11.35 24.82 61.38
N VAL A 530 -11.28 23.84 62.27
CA VAL A 530 -12.25 23.74 63.37
C VAL A 530 -12.05 24.89 64.36
N SER A 531 -10.81 25.31 64.57
CA SER A 531 -10.54 26.42 65.48
C SER A 531 -11.19 27.71 64.98
N GLN A 532 -11.25 27.90 63.66
CA GLN A 532 -11.80 29.14 63.13
C GLN A 532 -13.32 29.16 63.22
N ILE A 533 -13.97 28.04 62.87
CA ILE A 533 -15.43 28.00 62.93
C ILE A 533 -15.91 28.03 64.38
N LEU A 534 -15.12 27.48 65.31
CA LEU A 534 -15.50 27.56 66.72
C LEU A 534 -15.37 28.97 67.24
N LYS A 535 -14.31 29.68 66.84
CA LYS A 535 -14.16 31.09 67.22
C LYS A 535 -15.28 31.93 66.59
N LYS A 536 -15.69 31.59 65.37
CA LYS A 536 -16.78 32.32 64.73
C LYS A 536 -18.11 32.05 65.42
N MET A 537 -18.35 30.79 65.80
CA MET A 537 -19.62 30.43 66.42
C MET A 537 -19.67 30.78 67.90
N ASP A 538 -18.53 30.67 68.60
CA ASP A 538 -18.47 30.91 70.04
C ASP A 538 -17.24 31.76 70.32
N PRO A 539 -17.36 33.08 70.15
CA PRO A 539 -16.15 33.93 70.25
C PRO A 539 -15.58 34.04 71.65
N VAL A 540 -16.41 33.90 72.70
CA VAL A 540 -15.92 34.16 74.05
C VAL A 540 -15.08 33.01 74.61
N HIS A 541 -15.21 31.80 74.06
CA HIS A 541 -14.54 30.62 74.60
C HIS A 541 -13.24 30.26 73.87
N TYR A 542 -12.98 30.87 72.72
CA TYR A 542 -11.86 30.45 71.89
C TYR A 542 -11.01 31.65 71.51
N PRO A 543 -9.72 31.44 71.29
CA PRO A 543 -8.84 32.54 70.88
C PRO A 543 -8.94 32.80 69.39
N SER A 544 -8.41 33.96 69.00
CA SER A 544 -8.37 34.33 67.59
C SER A 544 -7.19 33.67 66.89
N LEU A 545 -7.37 33.39 65.60
CA LEU A 545 -6.29 32.88 64.80
C LEU A 545 -5.22 33.94 64.60
N ALA A 546 -3.96 33.53 64.63
CA ALA A 546 -2.88 34.44 64.31
C ALA A 546 -2.96 34.85 62.84
N ASP A 547 -2.66 36.12 62.57
CA ASP A 547 -2.86 36.65 61.23
C ASP A 547 -1.96 35.95 60.21
N LYS A 548 -0.73 35.61 60.61
CA LYS A 548 0.17 34.90 59.71
C LYS A 548 -0.28 33.46 59.46
N TYR A 549 -1.13 32.92 60.32
CA TYR A 549 -1.57 31.53 60.21
C TYR A 549 -2.78 31.33 59.31
N GLU A 550 -3.46 32.41 58.91
CA GLU A 550 -4.76 32.28 58.26
C GLU A 550 -4.64 31.71 56.84
N SER A 551 -3.53 31.98 56.15
CA SER A 551 -3.41 31.56 54.76
C SER A 551 -3.39 30.04 54.60
N ALA A 552 -3.07 29.30 55.66
CA ALA A 552 -3.07 27.85 55.58
C ALA A 552 -4.46 27.28 55.30
N LEU A 553 -5.51 28.04 55.59
CA LEU A 553 -6.88 27.58 55.37
C LEU A 553 -7.33 27.76 53.92
N GLU A 554 -6.73 28.68 53.18
CA GLU A 554 -7.03 28.84 51.77
C GLU A 554 -6.21 27.85 50.96
N ASP A 555 -6.85 27.21 49.99
CA ASP A 555 -6.16 26.28 49.11
C ASP A 555 -5.72 26.98 47.82
N LEU A 556 -4.61 26.52 47.26
CA LEU A 556 -4.07 27.09 46.03
C LEU A 556 -4.86 26.57 44.84
N HIS A 557 -5.52 27.47 44.12
CA HIS A 557 -6.28 27.09 42.94
C HIS A 557 -6.56 28.31 42.09
N SER A 558 -6.66 28.08 40.78
CA SER A 558 -7.05 29.13 39.84
C SER A 558 -7.35 28.53 38.47
N LYS A 559 -8.60 28.16 38.22
CA LYS A 559 -9.01 27.70 36.90
C LYS A 559 -9.22 28.85 35.92
N HIS A 560 -8.78 30.06 36.27
CA HIS A 560 -8.82 31.21 35.39
C HIS A 560 -7.46 31.35 34.71
N HIS A 561 -7.48 31.53 33.39
CA HIS A 561 -6.26 31.54 32.59
C HIS A 561 -6.23 32.79 31.71
N CYS A 562 -5.07 33.44 31.67
CA CYS A 562 -4.88 34.66 30.91
C CYS A 562 -3.53 34.60 30.19
N SER A 563 -3.43 35.30 29.06
CA SER A 563 -2.21 35.28 28.27
C SER A 563 -2.20 36.44 27.28
N THR A 564 -1.00 36.90 26.95
CA THR A 564 -0.79 37.90 25.91
C THR A 564 0.41 37.46 25.06
N LEU A 565 0.32 37.76 23.76
CA LEU A 565 1.35 37.39 22.79
C LEU A 565 1.76 38.62 22.00
N LYS A 566 3.06 38.90 21.95
CA LYS A 566 3.60 40.07 21.29
C LYS A 566 4.58 39.64 20.20
N TYR A 567 4.35 40.11 18.98
CA TYR A 567 5.25 39.83 17.87
C TYR A 567 5.22 41.02 16.90
N GLN A 568 5.92 40.87 15.78
CA GLN A 568 6.27 41.95 14.86
C GLN A 568 5.43 41.89 13.60
N ASN A 569 5.65 42.84 12.71
CA ASN A 569 5.01 42.89 11.39
C ASN A 569 6.01 43.31 10.32
N PRO A 572 5.91 46.12 5.73
CA PRO A 572 5.42 47.40 5.21
C PRO A 572 5.37 47.43 3.69
N LYS A 573 6.51 47.21 3.04
CA LYS A 573 6.59 47.13 1.59
C LYS A 573 6.82 45.70 1.11
N GLN A 574 6.41 44.72 1.91
CA GLN A 574 6.47 43.32 1.53
C GLN A 574 5.22 42.95 0.75
N HIS A 575 5.37 42.08 -0.23
CA HIS A 575 4.25 41.67 -1.07
C HIS A 575 3.16 41.03 -0.21
N PRO A 576 1.90 41.42 -0.38
CA PRO A 576 0.83 40.80 0.44
C PRO A 576 0.74 39.29 0.29
N GLU A 577 0.96 38.77 -0.91
CA GLU A 577 0.90 37.34 -1.15
C GLU A 577 2.16 36.61 -0.66
N ASP A 578 3.10 37.31 -0.03
CA ASP A 578 4.27 36.68 0.54
C ASP A 578 3.94 36.19 1.94
N PRO A 579 3.94 34.88 2.22
CA PRO A 579 3.51 34.42 3.53
C PRO A 579 4.61 34.41 4.58
N ILE A 580 5.85 34.70 4.21
CA ILE A 580 6.95 34.66 5.19
C ILE A 580 6.73 35.73 6.24
N GLY A 581 6.67 35.31 7.50
CA GLY A 581 6.43 36.21 8.61
C GLY A 581 5.01 36.24 9.11
N HIS A 582 4.06 35.64 8.37
CA HIS A 582 2.65 35.60 8.75
C HIS A 582 2.36 34.35 9.57
N PRO A 583 1.39 34.42 10.50
CA PRO A 583 1.08 33.26 11.34
C PRO A 583 0.22 32.23 10.62
N ILE A 584 0.85 31.52 9.68
CA ILE A 584 0.13 30.52 8.89
C ILE A 584 -0.14 29.30 9.75
N MET A 585 -1.37 28.79 9.66
CA MET A 585 -1.76 27.61 10.40
C MET A 585 -0.98 26.38 9.94
N HIS A 586 -0.80 25.43 10.85
CA HIS A 586 -0.19 24.15 10.50
C HIS A 586 -1.01 23.49 9.40
N LEU A 587 -0.31 23.00 8.36
CA LEU A 587 -0.98 22.49 7.18
C LEU A 587 -1.95 21.36 7.53
N SER A 588 -1.60 20.53 8.50
CA SER A 588 -2.46 19.44 8.93
C SER A 588 -3.34 19.81 10.11
N GLY A 589 -3.47 21.10 10.42
CA GLY A 589 -4.21 21.50 11.60
C GLY A 589 -5.65 21.04 11.59
N VAL A 590 -6.36 21.29 10.49
CA VAL A 590 -7.74 20.84 10.39
C VAL A 590 -7.80 19.31 10.34
N LYS A 591 -6.87 18.69 9.61
CA LYS A 591 -6.83 17.23 9.57
C LYS A 591 -6.51 16.62 10.92
N HIS A 592 -5.80 17.37 11.79
CA HIS A 592 -5.59 16.92 13.16
C HIS A 592 -6.91 16.89 13.92
N ALA A 593 -7.76 17.90 13.71
CA ALA A 593 -8.99 18.04 14.48
C ALA A 593 -10.12 17.16 13.97
N THR A 594 -10.04 16.67 12.73
CA THR A 594 -11.06 15.81 12.17
C THR A 594 -10.69 14.34 12.24
N GLY A 595 -9.51 14.01 12.78
CA GLY A 595 -9.07 12.63 12.79
C GLY A 595 -8.65 12.09 11.44
N GLU A 596 -8.57 12.94 10.42
CA GLU A 596 -8.20 12.49 9.08
C GLU A 596 -6.70 12.40 8.89
N ALA A 597 -5.91 13.00 9.77
CA ALA A 597 -4.46 12.88 9.68
C ALA A 597 -4.05 11.43 9.94
N ILE A 598 -3.26 10.88 9.04
CA ILE A 598 -2.85 9.48 9.11
C ILE A 598 -1.52 9.40 9.85
N TYR A 599 -1.54 8.80 11.03
CA TYR A 599 -0.32 8.41 11.72
C TYR A 599 0.01 6.96 11.39
N CYS A 600 1.16 6.51 11.88
CA CYS A 600 1.72 5.23 11.43
C CYS A 600 0.78 4.07 11.74
N ASP A 601 0.18 4.07 12.93
CA ASP A 601 -0.72 2.96 13.23
C ASP A 601 -2.08 3.13 12.56
N ASP A 602 -2.39 4.34 12.08
CA ASP A 602 -3.66 4.56 11.38
C ASP A 602 -3.69 3.95 9.99
N MET A 603 -2.57 3.49 9.45
CA MET A 603 -2.58 2.94 8.12
C MET A 603 -3.41 1.66 8.09
N PRO A 604 -4.17 1.42 7.01
CA PRO A 604 -5.09 0.30 6.98
C PRO A 604 -4.36 -1.04 7.07
N LEU A 605 -5.12 -2.06 7.46
CA LEU A 605 -4.62 -3.43 7.50
C LEU A 605 -4.19 -3.90 6.12
N VAL A 606 -2.88 -4.08 5.92
CA VAL A 606 -2.43 -4.68 4.68
C VAL A 606 -2.63 -6.20 4.74
N ASP A 607 -2.70 -6.82 3.57
CA ASP A 607 -3.17 -8.19 3.47
C ASP A 607 -2.25 -9.15 4.22
N GLN A 608 -2.85 -9.90 5.15
CA GLN A 608 -2.18 -10.99 5.87
C GLN A 608 -1.03 -10.50 6.73
N GLU A 609 -1.09 -9.25 7.20
CA GLU A 609 0.01 -8.72 8.00
C GLU A 609 0.02 -9.36 9.39
N LEU A 610 1.22 -9.43 9.97
CA LEU A 610 1.43 -10.02 11.28
C LEU A 610 1.78 -8.92 12.29
N PHE A 611 1.76 -9.29 13.56
CA PHE A 611 2.08 -8.38 14.65
C PHE A 611 3.27 -8.90 15.43
N LEU A 612 4.13 -7.99 15.88
CA LEU A 612 5.31 -8.33 16.66
C LEU A 612 5.28 -7.61 17.99
N THR A 613 5.60 -8.34 19.06
CA THR A 613 5.76 -7.78 20.39
C THR A 613 6.99 -8.40 21.04
N PHE A 614 7.55 -7.69 22.01
CA PHE A 614 8.83 -8.05 22.60
C PHE A 614 8.67 -8.54 24.03
N VAL A 615 9.44 -9.58 24.37
CA VAL A 615 9.66 -9.97 25.75
C VAL A 615 10.91 -9.26 26.23
N THR A 616 10.77 -8.39 27.23
CA THR A 616 11.88 -7.60 27.73
C THR A 616 12.44 -8.22 29.00
N SER A 617 13.58 -7.69 29.43
CA SER A 617 14.25 -8.19 30.63
C SER A 617 13.56 -7.70 31.89
N SER A 618 13.48 -8.58 32.88
CA SER A 618 12.95 -8.23 34.19
C SER A 618 14.04 -8.12 35.25
N ARG A 619 15.31 -8.15 34.85
CA ARG A 619 16.44 -8.03 35.75
C ARG A 619 17.38 -6.94 35.29
N ALA A 620 18.02 -6.27 36.25
CA ALA A 620 18.91 -5.16 35.93
C ALA A 620 20.30 -5.62 35.54
N HIS A 621 20.74 -6.78 36.04
CA HIS A 621 22.06 -7.31 35.70
C HIS A 621 22.07 -8.78 36.11
N ALA A 622 22.00 -9.67 35.13
CA ALA A 622 21.84 -11.09 35.44
C ALA A 622 22.28 -11.94 34.26
N LYS A 623 22.51 -13.21 34.55
CA LYS A 623 22.76 -14.22 33.53
C LYS A 623 21.44 -14.74 32.97
N ILE A 624 21.40 -14.96 31.67
CA ILE A 624 20.26 -15.64 31.05
C ILE A 624 20.56 -17.13 31.08
N VAL A 625 20.03 -17.82 32.09
CA VAL A 625 20.31 -19.24 32.26
C VAL A 625 19.64 -20.06 31.16
N SER A 626 18.34 -19.82 30.95
CA SER A 626 17.59 -20.59 29.97
C SER A 626 16.40 -19.78 29.50
N ILE A 627 15.92 -20.11 28.30
CA ILE A 627 14.70 -19.54 27.74
C ILE A 627 13.84 -20.69 27.23
N ASP A 628 12.59 -20.75 27.68
CA ASP A 628 11.66 -21.80 27.28
C ASP A 628 10.57 -21.17 26.43
N LEU A 629 10.53 -21.53 25.15
CA LEU A 629 9.51 -21.03 24.23
C LEU A 629 8.48 -22.09 23.87
N SER A 630 8.62 -23.31 24.40
CA SER A 630 7.80 -24.43 23.95
C SER A 630 6.30 -24.14 24.09
N GLU A 631 5.89 -23.62 25.25
CA GLU A 631 4.49 -23.31 25.46
C GLU A 631 4.02 -22.18 24.55
N ALA A 632 4.81 -21.10 24.47
CA ALA A 632 4.39 -19.94 23.71
C ALA A 632 4.27 -20.25 22.22
N LEU A 633 5.15 -21.12 21.71
CA LEU A 633 5.12 -21.44 20.28
C LEU A 633 3.85 -22.20 19.90
N SER A 634 3.26 -22.94 20.85
CA SER A 634 2.11 -23.78 20.57
C SER A 634 0.78 -23.07 20.78
N MET A 635 0.79 -21.80 21.18
CA MET A 635 -0.44 -21.09 21.48
C MET A 635 -1.04 -20.51 20.20
N PRO A 636 -2.35 -20.23 20.21
CA PRO A 636 -3.01 -19.77 18.98
C PRO A 636 -2.38 -18.52 18.38
N GLY A 637 -2.29 -18.51 17.05
CA GLY A 637 -1.83 -17.36 16.31
C GLY A 637 -0.33 -17.24 16.18
N VAL A 638 0.45 -17.93 17.00
CA VAL A 638 1.89 -17.73 17.04
C VAL A 638 2.51 -18.28 15.77
N VAL A 639 3.23 -17.43 15.05
CA VAL A 639 3.93 -17.82 13.83
C VAL A 639 5.40 -18.11 14.11
N ASP A 640 6.05 -17.30 14.93
CA ASP A 640 7.48 -17.46 15.20
C ASP A 640 7.83 -16.67 16.46
N ILE A 641 8.91 -17.10 17.10
CA ILE A 641 9.52 -16.39 18.23
C ILE A 641 11.03 -16.40 18.04
N MET A 642 11.63 -15.22 18.07
CA MET A 642 13.05 -15.07 17.80
C MET A 642 13.82 -14.66 19.04
N THR A 643 14.98 -15.26 19.23
CA THR A 643 15.96 -14.87 20.22
C THR A 643 17.23 -14.42 19.51
N ALA A 644 18.27 -14.13 20.30
CA ALA A 644 19.51 -13.65 19.71
C ALA A 644 20.14 -14.70 18.80
N GLU A 645 19.96 -15.99 19.12
CA GLU A 645 20.55 -17.04 18.30
C GLU A 645 19.86 -17.16 16.95
N HIS A 646 18.59 -16.79 16.86
CA HIS A 646 17.85 -16.88 15.60
C HIS A 646 18.19 -15.74 14.65
N LEU A 647 18.87 -14.70 15.13
CA LEU A 647 19.35 -13.62 14.27
C LEU A 647 20.82 -13.79 13.89
N SER A 648 21.50 -14.78 14.48
CA SER A 648 22.88 -15.13 14.13
C SER A 648 23.80 -13.92 14.06
N ASP A 649 24.35 -13.65 12.87
CA ASP A 649 25.39 -12.65 12.71
C ASP A 649 24.85 -11.24 12.44
N VAL A 650 23.54 -11.06 12.38
CA VAL A 650 22.96 -9.74 12.23
C VAL A 650 22.26 -9.29 13.51
N ASN A 651 22.58 -9.93 14.64
CA ASN A 651 22.05 -9.49 15.93
C ASN A 651 22.71 -8.21 16.42
N SER A 652 23.77 -7.76 15.77
CA SER A 652 24.51 -6.57 16.19
C SER A 652 24.52 -5.54 15.07
N PHE A 653 24.93 -4.33 15.44
CA PHE A 653 25.05 -3.22 14.50
C PHE A 653 25.92 -2.14 15.14
N CYS A 654 26.78 -1.51 14.34
CA CYS A 654 27.69 -0.49 14.83
C CYS A 654 27.00 0.86 14.71
N PHE A 655 26.49 1.38 15.83
CA PHE A 655 25.78 2.65 15.82
C PHE A 655 26.75 3.82 15.76
N PHE A 656 27.77 3.82 16.62
CA PHE A 656 28.74 4.90 16.65
C PHE A 656 30.16 4.37 16.76
N THR A 657 30.55 3.99 17.98
CA THR A 657 31.92 3.60 18.27
C THR A 657 32.12 2.08 18.34
N GLU A 658 31.05 1.31 18.55
CA GLU A 658 31.20 -0.12 18.74
C GLU A 658 29.91 -0.82 18.34
N ALA A 659 30.04 -2.11 18.03
CA ALA A 659 28.87 -2.91 17.68
C ALA A 659 28.15 -3.37 18.94
N GLU A 660 26.82 -3.27 18.91
CA GLU A 660 25.99 -3.62 20.05
C GLU A 660 24.81 -4.48 19.58
N LYS A 661 24.31 -5.31 20.50
CA LYS A 661 23.33 -6.33 20.15
C LYS A 661 21.90 -5.76 20.14
N PHE A 662 21.08 -6.29 19.22
CA PHE A 662 19.65 -5.99 19.26
C PHE A 662 18.98 -6.73 20.41
N LEU A 663 19.07 -8.06 20.39
CA LEU A 663 18.47 -8.91 21.41
C LEU A 663 19.55 -9.40 22.37
N ALA A 664 19.19 -9.55 23.63
CA ALA A 664 20.13 -10.01 24.64
C ALA A 664 20.58 -11.43 24.34
N THR A 665 21.85 -11.71 24.60
CA THR A 665 22.44 -13.01 24.31
C THR A 665 22.43 -13.90 25.54
N ASP A 666 23.52 -13.84 26.33
CA ASP A 666 23.62 -14.62 27.55
C ASP A 666 23.46 -13.78 28.82
N LYS A 667 23.40 -12.46 28.69
CA LYS A 667 23.28 -11.57 29.85
C LYS A 667 22.27 -10.48 29.54
N VAL A 668 21.77 -9.87 30.61
CA VAL A 668 20.94 -8.67 30.53
C VAL A 668 21.59 -7.60 31.40
N PHE A 669 21.58 -6.36 30.91
CA PHE A 669 22.27 -5.27 31.58
C PHE A 669 21.33 -4.15 32.03
N CYS A 670 20.02 -4.36 31.96
CA CYS A 670 19.01 -3.43 32.45
C CYS A 670 17.65 -4.06 32.21
N VAL A 671 16.65 -3.61 32.99
CA VAL A 671 15.29 -4.01 32.71
C VAL A 671 14.80 -3.29 31.46
N GLY A 672 13.92 -3.95 30.72
CA GLY A 672 13.44 -3.42 29.45
C GLY A 672 14.30 -3.77 28.25
N GLN A 673 15.45 -4.43 28.46
CA GLN A 673 16.28 -4.85 27.35
C GLN A 673 15.59 -5.95 26.55
N LEU A 674 15.68 -5.86 25.23
CA LEU A 674 14.99 -6.81 24.37
C LEU A 674 15.63 -8.19 24.46
N VAL A 675 14.81 -9.21 24.67
CA VAL A 675 15.25 -10.60 24.75
C VAL A 675 14.62 -11.44 23.65
N CYS A 676 13.30 -11.40 23.52
CA CYS A 676 12.58 -12.19 22.55
C CYS A 676 11.66 -11.30 21.73
N ALA A 677 11.31 -11.80 20.54
CA ALA A 677 10.38 -11.13 19.65
C ALA A 677 9.31 -12.13 19.23
N VAL A 678 8.07 -11.88 19.63
CA VAL A 678 6.96 -12.81 19.39
C VAL A 678 6.18 -12.33 18.18
N LEU A 679 6.05 -13.20 17.19
CA LEU A 679 5.34 -12.90 15.94
C LEU A 679 4.08 -13.75 15.89
N ALA A 680 2.93 -13.09 15.72
CA ALA A 680 1.66 -13.80 15.76
C ALA A 680 0.68 -13.16 14.78
N ASP A 681 -0.45 -13.85 14.59
CA ASP A 681 -1.47 -13.40 13.64
C ASP A 681 -2.18 -12.14 14.11
N SER A 682 -2.18 -11.86 15.42
CA SER A 682 -2.86 -10.69 15.94
C SER A 682 -2.10 -10.18 17.16
N GLU A 683 -2.38 -8.93 17.53
CA GLU A 683 -1.73 -8.33 18.68
C GLU A 683 -2.13 -9.05 19.97
N VAL A 684 -3.41 -9.39 20.10
CA VAL A 684 -3.89 -10.03 21.32
C VAL A 684 -3.21 -11.38 21.52
N GLN A 685 -3.04 -12.14 20.43
CA GLN A 685 -2.40 -13.45 20.55
C GLN A 685 -0.91 -13.30 20.82
N ALA A 686 -0.28 -12.27 20.25
CA ALA A 686 1.15 -12.07 20.45
C ALA A 686 1.46 -11.71 21.90
N LYS A 687 0.65 -10.86 22.51
CA LYS A 687 0.89 -10.46 23.89
C LYS A 687 0.63 -11.62 24.85
N ARG A 688 -0.41 -12.41 24.59
CA ARG A 688 -0.67 -13.58 25.40
C ARG A 688 0.48 -14.58 25.33
N ALA A 689 1.02 -14.79 24.13
CA ALA A 689 2.11 -15.75 23.97
C ALA A 689 3.38 -15.28 24.65
N ALA A 690 3.68 -13.98 24.55
CA ALA A 690 4.89 -13.44 25.15
C ALA A 690 4.91 -13.63 26.66
N LYS A 691 3.75 -13.63 27.30
CA LYS A 691 3.66 -13.77 28.74
C LYS A 691 3.94 -15.18 29.23
N ARG A 692 3.72 -16.19 28.38
CA ARG A 692 4.01 -17.58 28.73
C ARG A 692 5.42 -18.01 28.32
N VAL A 693 6.25 -17.06 27.88
CA VAL A 693 7.66 -17.34 27.66
C VAL A 693 8.37 -17.38 29.02
N LYS A 694 9.13 -18.45 29.26
CA LYS A 694 9.77 -18.68 30.54
C LYS A 694 11.26 -18.39 30.41
N ILE A 695 11.76 -17.42 31.19
CA ILE A 695 13.16 -17.05 31.21
C ILE A 695 13.67 -17.19 32.63
N VAL A 696 14.76 -17.95 32.81
CA VAL A 696 15.37 -18.16 34.11
C VAL A 696 16.62 -17.31 34.20
N TYR A 697 16.71 -16.50 35.26
CA TYR A 697 17.82 -15.58 35.45
C TYR A 697 18.70 -16.02 36.60
N GLN A 698 19.91 -15.45 36.65
CA GLN A 698 20.81 -15.57 37.79
C GLN A 698 21.47 -14.20 37.96
N ASP A 699 21.13 -13.50 39.04
CA ASP A 699 21.56 -12.12 39.21
C ASP A 699 23.08 -12.03 39.30
N LEU A 700 23.63 -10.95 38.74
CA LEU A 700 25.06 -10.72 38.71
C LEU A 700 25.40 -9.47 39.50
N GLU A 701 26.59 -9.47 40.08
CA GLU A 701 27.13 -8.33 40.81
C GLU A 701 28.31 -7.73 40.06
N PRO A 702 28.50 -6.41 40.12
CA PRO A 702 27.71 -5.46 40.91
C PRO A 702 26.47 -4.95 40.18
N LEU A 703 25.50 -4.47 40.95
CA LEU A 703 24.27 -3.87 40.42
C LEU A 703 24.39 -2.36 40.63
N ILE A 704 24.67 -1.65 39.55
CA ILE A 704 24.93 -0.21 39.59
C ILE A 704 23.70 0.53 39.10
N LEU A 705 23.22 1.48 39.89
CA LEU A 705 22.06 2.29 39.54
C LEU A 705 22.34 3.78 39.53
N THR A 706 23.12 4.28 40.48
CA THR A 706 23.35 5.71 40.63
C THR A 706 24.69 6.09 40.03
N ILE A 707 24.89 7.41 39.87
CA ILE A 707 26.13 7.91 39.31
C ILE A 707 27.29 7.68 40.26
N GLU A 708 27.06 7.90 41.56
CA GLU A 708 28.13 7.68 42.54
C GLU A 708 28.53 6.21 42.60
N GLU A 709 27.56 5.30 42.40
CA GLU A 709 27.91 3.88 42.31
C GLU A 709 28.74 3.60 41.07
N SER A 710 28.40 4.25 39.94
CA SER A 710 29.16 4.04 38.72
C SER A 710 30.59 4.55 38.85
N ILE A 711 30.82 5.55 39.70
CA ILE A 711 32.18 6.07 39.90
C ILE A 711 32.96 5.15 40.82
N GLN A 712 32.30 4.59 41.84
CA GLN A 712 32.98 3.71 42.79
C GLN A 712 33.53 2.46 42.13
N HIS A 713 32.86 1.95 41.10
CA HIS A 713 33.18 0.66 40.53
C HIS A 713 33.87 0.73 39.17
N ASN A 714 34.00 1.92 38.59
CA ASN A 714 34.61 2.08 37.26
C ASN A 714 36.10 2.41 37.45
N SER A 715 36.94 1.41 37.24
CA SER A 715 38.39 1.60 37.22
C SER A 715 38.97 1.45 35.82
N SER A 716 38.13 1.42 34.80
CA SER A 716 38.58 1.38 33.42
C SER A 716 38.67 2.79 32.85
N PHE A 717 39.45 2.93 31.77
CA PHE A 717 39.69 4.23 31.17
C PHE A 717 38.39 4.83 30.63
N LYS A 718 38.22 6.13 30.87
CA LYS A 718 37.04 6.86 30.41
C LYS A 718 37.48 8.13 29.69
N PRO A 719 37.05 8.34 28.45
CA PRO A 719 37.42 9.57 27.73
C PRO A 719 36.99 10.84 28.45
N GLU A 720 37.94 11.51 29.08
CA GLU A 720 37.67 12.80 29.70
C GLU A 720 37.48 13.87 28.63
N ARG A 721 36.67 14.87 28.92
CA ARG A 721 36.43 16.02 28.02
C ARG A 721 36.47 17.26 28.90
N LYS A 722 37.17 18.31 28.47
CA LYS A 722 37.47 19.45 29.32
C LYS A 722 37.49 20.75 28.52
N LEU A 723 36.93 21.80 29.11
CA LEU A 723 37.15 23.18 28.68
C LEU A 723 37.95 23.90 29.76
N GLU A 724 38.86 24.77 29.33
CA GLU A 724 39.70 25.52 30.27
C GLU A 724 39.86 26.94 29.77
N TYR A 725 39.34 27.90 30.54
CA TYR A 725 39.44 29.32 30.23
C TYR A 725 40.14 30.02 31.37
N GLY A 726 41.20 30.77 31.06
CA GLY A 726 41.90 31.49 32.10
C GLY A 726 42.75 30.57 32.95
N ASN A 727 42.72 30.79 34.27
CA ASN A 727 43.56 30.03 35.20
C ASN A 727 42.82 30.01 36.54
N VAL A 728 42.09 28.91 36.79
CA VAL A 728 41.25 28.87 37.98
C VAL A 728 42.07 28.63 39.23
N ASP A 729 43.19 27.90 39.12
CA ASP A 729 44.00 27.60 40.30
C ASP A 729 44.64 28.88 40.85
N GLU A 730 45.01 29.81 39.96
CA GLU A 730 45.53 31.09 40.43
C GLU A 730 44.40 32.01 40.88
N ALA A 731 43.25 31.93 40.23
CA ALA A 731 42.14 32.81 40.56
C ALA A 731 41.60 32.55 41.96
N PHE A 732 41.69 31.31 42.43
CA PHE A 732 41.18 30.96 43.76
C PHE A 732 41.98 31.61 44.88
N LYS A 733 43.14 32.20 44.58
CA LYS A 733 43.94 32.87 45.59
C LYS A 733 43.50 34.31 45.83
N VAL A 734 42.85 34.94 44.85
CA VAL A 734 42.41 36.32 45.00
C VAL A 734 40.98 36.42 45.52
N VAL A 735 40.17 35.38 45.33
CA VAL A 735 38.75 35.48 45.63
C VAL A 735 38.52 35.75 47.12
N ASP A 736 37.43 36.47 47.41
CA ASP A 736 37.08 36.76 48.80
C ASP A 736 36.55 35.52 49.51
N GLN A 737 35.68 34.77 48.84
CA GLN A 737 35.05 33.60 49.44
C GLN A 737 35.09 32.43 48.45
N ILE A 738 34.93 31.23 48.99
CA ILE A 738 34.90 30.00 48.21
C ILE A 738 33.78 29.11 48.76
N LEU A 739 33.00 28.52 47.86
CA LEU A 739 31.96 27.58 48.23
C LEU A 739 32.04 26.33 47.37
N GLU A 740 31.62 25.21 47.94
CA GLU A 740 31.53 23.94 47.24
C GLU A 740 30.12 23.40 47.37
N GLY A 741 29.48 23.12 46.24
CA GLY A 741 28.13 22.60 46.25
C GLY A 741 27.92 21.60 45.11
N GLU A 742 26.84 20.85 45.24
CA GLU A 742 26.45 19.89 44.21
C GLU A 742 24.94 19.85 44.13
N ILE A 743 24.44 19.36 42.99
CA ILE A 743 23.00 19.27 42.76
C ILE A 743 22.73 18.08 41.84
N HIS A 744 21.79 17.24 42.26
CA HIS A 744 21.33 16.13 41.44
C HIS A 744 20.14 16.58 40.59
N MET A 745 19.96 15.90 39.47
CA MET A 745 18.89 16.23 38.55
C MET A 745 18.41 14.97 37.86
N GLY A 746 17.12 14.66 38.01
CA GLY A 746 16.57 13.46 37.43
C GLY A 746 16.37 13.56 35.94
N GLY A 747 16.10 12.40 35.33
CA GLY A 747 15.87 12.32 33.90
C GLY A 747 14.50 12.82 33.51
N GLN A 748 14.04 12.35 32.35
CA GLN A 748 12.74 12.74 31.82
C GLN A 748 12.31 11.80 30.71
N GLU A 749 11.05 11.34 30.75
CA GLU A 749 10.51 10.56 29.66
C GLU A 749 9.98 11.48 28.58
N HIS A 750 10.23 11.10 27.32
CA HIS A 750 9.76 11.92 26.20
C HIS A 750 8.24 12.07 26.24
N PHE A 751 7.53 10.98 26.50
CA PHE A 751 6.06 10.96 26.53
C PHE A 751 5.48 11.59 25.28
N TYR A 752 6.02 11.22 24.13
CA TYR A 752 5.32 11.48 22.87
C TYR A 752 3.96 10.81 22.92
N MET A 753 2.92 11.54 22.51
CA MET A 753 1.57 10.99 22.62
C MET A 753 1.39 9.79 21.72
N GLU A 754 2.08 9.74 20.58
CA GLU A 754 2.10 8.55 19.73
C GLU A 754 3.28 7.69 20.14
N THR A 755 2.99 6.47 20.61
CA THR A 755 4.04 5.55 21.02
C THR A 755 4.82 5.06 19.80
N GLN A 756 5.88 4.28 20.07
CA GLN A 756 6.67 3.70 19.00
C GLN A 756 5.79 2.86 18.08
N SER A 757 5.77 3.20 16.80
CA SER A 757 4.88 2.58 15.84
C SER A 757 5.60 2.43 14.50
N MET A 758 5.40 1.28 13.85
CA MET A 758 6.00 1.04 12.55
C MET A 758 5.28 -0.09 11.84
N LEU A 759 5.28 -0.03 10.52
CA LEU A 759 4.72 -1.07 9.66
C LEU A 759 5.72 -1.34 8.55
N VAL A 760 6.29 -2.54 8.54
CA VAL A 760 7.28 -2.94 7.55
C VAL A 760 6.61 -3.89 6.55
N VAL A 761 6.86 -3.66 5.27
CA VAL A 761 6.14 -4.37 4.20
C VAL A 761 7.11 -4.84 3.12
N PRO A 762 7.26 -6.14 2.92
CA PRO A 762 8.07 -6.62 1.80
C PRO A 762 7.30 -6.51 0.48
N LYS A 763 8.02 -6.07 -0.56
CA LYS A 763 7.40 -5.92 -1.87
C LYS A 763 7.17 -7.27 -2.54
N GLY A 764 7.99 -8.27 -2.22
CA GLY A 764 7.94 -9.55 -2.89
C GLY A 764 8.86 -9.68 -4.08
N GLU A 765 9.73 -8.69 -4.31
CA GLU A 765 10.64 -8.69 -5.44
C GLU A 765 12.00 -8.22 -4.99
N ASP A 766 13.04 -8.99 -5.30
CA ASP A 766 14.43 -8.61 -5.06
C ASP A 766 14.67 -8.22 -3.60
N GLN A 767 13.89 -8.81 -2.70
CA GLN A 767 13.97 -8.54 -1.26
C GLN A 767 13.76 -7.06 -0.93
N GLU A 768 12.96 -6.37 -1.74
CA GLU A 768 12.66 -4.97 -1.47
C GLU A 768 11.84 -4.84 -0.20
N MET A 769 12.14 -3.81 0.58
CA MET A 769 11.45 -3.57 1.85
C MET A 769 11.03 -2.11 1.93
N ASP A 770 9.73 -1.90 2.10
CA ASP A 770 9.19 -0.58 2.41
C ASP A 770 8.90 -0.53 3.91
N VAL A 771 9.51 0.45 4.59
CA VAL A 771 9.46 0.53 6.04
C VAL A 771 8.82 1.86 6.39
N TYR A 772 7.62 1.80 6.97
CA TYR A 772 6.87 2.99 7.36
C TYR A 772 6.97 3.12 8.89
N VAL A 773 7.69 4.14 9.34
CA VAL A 773 8.06 4.26 10.74
C VAL A 773 7.76 5.67 11.23
N SER A 774 7.40 5.77 12.51
CA SER A 774 7.36 7.05 13.22
C SER A 774 8.76 7.30 13.76
N THR A 775 9.59 7.95 12.94
CA THR A 775 11.00 8.15 13.28
C THR A 775 11.43 9.56 12.92
N GLN A 776 12.56 9.97 13.50
CA GLN A 776 13.21 11.23 13.19
C GLN A 776 14.34 11.07 12.19
N PHE A 777 14.66 9.84 11.78
CA PHE A 777 15.89 9.55 11.05
C PHE A 777 15.61 8.45 10.03
N PRO A 778 14.95 8.79 8.92
CA PRO A 778 14.68 7.75 7.90
C PRO A 778 15.94 7.13 7.33
N LYS A 779 17.00 7.92 7.17
CA LYS A 779 18.25 7.38 6.64
C LYS A 779 18.84 6.33 7.58
N TYR A 780 18.69 6.53 8.89
CA TYR A 780 19.21 5.56 9.85
C TYR A 780 18.39 4.28 9.84
N ILE A 781 17.06 4.40 9.73
CA ILE A 781 16.22 3.23 9.60
C ILE A 781 16.62 2.43 8.36
N GLN A 782 16.91 3.14 7.27
CA GLN A 782 17.34 2.47 6.04
C GLN A 782 18.64 1.69 6.26
N ASP A 783 19.59 2.28 6.98
CA ASP A 783 20.88 1.63 7.18
C ASP A 783 20.73 0.36 8.02
N ILE A 784 20.07 0.48 9.18
CA ILE A 784 20.03 -0.65 10.11
C ILE A 784 19.13 -1.77 9.59
N VAL A 785 18.10 -1.44 8.82
CA VAL A 785 17.24 -2.49 8.26
C VAL A 785 17.97 -3.22 7.15
N ALA A 786 18.61 -2.49 6.24
CA ALA A 786 19.34 -3.13 5.15
C ALA A 786 20.52 -3.93 5.67
N SER A 787 21.21 -3.43 6.70
CA SER A 787 22.32 -4.17 7.28
C SER A 787 21.84 -5.47 7.93
N THR A 788 20.70 -5.42 8.61
CA THR A 788 20.15 -6.62 9.23
C THR A 788 19.69 -7.63 8.18
N LEU A 789 19.25 -7.15 7.02
CA LEU A 789 18.83 -8.02 5.93
C LEU A 789 19.96 -8.34 4.96
N LYS A 790 21.17 -7.85 5.22
CA LYS A 790 22.33 -8.06 4.34
C LYS A 790 22.03 -7.56 2.92
N LEU A 791 21.42 -6.39 2.82
CA LEU A 791 20.98 -5.85 1.55
C LEU A 791 21.63 -4.51 1.26
N PRO A 792 21.82 -4.16 -0.01
CA PRO A 792 22.20 -2.79 -0.36
C PRO A 792 21.11 -1.81 0.05
N ALA A 793 21.50 -0.55 0.18
CA ALA A 793 20.56 0.48 0.60
C ALA A 793 19.48 0.74 -0.44
N ASN A 794 19.74 0.43 -1.72
CA ASN A 794 18.75 0.68 -2.76
C ASN A 794 17.56 -0.29 -2.71
N LYS A 795 17.62 -1.31 -1.86
CA LYS A 795 16.51 -2.24 -1.71
C LYS A 795 15.58 -1.87 -0.57
N VAL A 796 16.01 -1.03 0.36
CA VAL A 796 15.24 -0.66 1.54
C VAL A 796 14.90 0.83 1.45
N MET A 797 13.62 1.15 1.60
CA MET A 797 13.16 2.53 1.59
C MET A 797 12.33 2.80 2.84
N CYS A 798 12.53 3.96 3.44
CA CYS A 798 11.80 4.39 4.62
C CYS A 798 10.95 5.60 4.27
N HIS A 799 9.67 5.55 4.62
CA HIS A 799 8.72 6.61 4.32
C HIS A 799 8.08 7.10 5.61
N VAL A 800 8.08 8.42 5.80
CA VAL A 800 7.49 9.05 6.98
C VAL A 800 6.64 10.22 6.51
N ARG A 801 5.34 10.17 6.81
CA ARG A 801 4.46 11.30 6.52
C ARG A 801 4.41 12.29 7.69
N ARG A 802 4.24 11.78 8.91
CA ARG A 802 4.18 12.63 10.08
C ARG A 802 4.45 11.78 11.32
N VAL A 803 4.96 12.44 12.36
CA VAL A 803 5.27 11.79 13.63
C VAL A 803 4.49 12.50 14.73
N GLY A 804 3.79 11.71 15.55
CA GLY A 804 3.03 12.28 16.65
C GLY A 804 3.90 12.61 17.84
N GLY A 805 4.82 13.55 17.69
CA GLY A 805 5.76 13.89 18.74
C GLY A 805 6.91 12.91 18.83
N ALA A 806 8.10 13.43 19.14
CA ALA A 806 9.28 12.57 19.24
C ALA A 806 10.24 13.12 20.30
N PHE A 807 10.62 14.39 20.16
CA PHE A 807 11.48 15.07 21.13
C PHE A 807 12.80 14.33 21.33
N GLY A 808 13.32 13.71 20.27
CA GLY A 808 14.55 12.96 20.34
C GLY A 808 14.40 11.49 20.72
N GLY A 809 13.19 11.05 21.07
CA GLY A 809 12.98 9.69 21.51
C GLY A 809 12.62 8.69 20.44
N LYS A 810 12.64 9.07 19.17
CA LYS A 810 12.32 8.14 18.10
C LYS A 810 13.46 8.03 17.11
N VAL A 811 14.63 7.61 17.58
CA VAL A 811 15.81 7.47 16.73
C VAL A 811 16.45 6.11 16.95
N LEU A 812 17.21 5.96 18.03
CA LEU A 812 18.07 4.79 18.22
C LEU A 812 17.25 3.52 18.38
N LYS A 813 16.48 3.42 19.46
CA LYS A 813 15.70 2.21 19.71
C LYS A 813 14.67 1.96 18.61
N THR A 814 14.21 3.02 17.95
CA THR A 814 13.29 2.86 16.84
C THR A 814 13.91 2.02 15.72
N GLY A 815 15.20 2.25 15.44
CA GLY A 815 15.87 1.48 14.41
C GLY A 815 16.10 0.04 14.83
N ILE A 816 16.38 -0.19 16.11
CA ILE A 816 16.57 -1.55 16.59
C ILE A 816 15.28 -2.35 16.44
N ILE A 817 14.15 -1.75 16.83
CA ILE A 817 12.86 -2.41 16.64
C ILE A 817 12.59 -2.62 15.15
N ALA A 818 12.83 -1.58 14.34
CA ALA A 818 12.59 -1.70 12.91
C ALA A 818 13.46 -2.79 12.27
N ALA A 819 14.69 -2.94 12.76
CA ALA A 819 15.56 -3.98 12.22
C ALA A 819 15.03 -5.37 12.57
N VAL A 820 14.50 -5.54 13.78
CA VAL A 820 14.00 -6.84 14.19
C VAL A 820 12.67 -7.15 13.50
N THR A 821 11.81 -6.13 13.35
CA THR A 821 10.56 -6.33 12.60
C THR A 821 10.83 -6.68 11.14
N ALA A 822 11.77 -5.98 10.51
CA ALA A 822 12.07 -6.24 9.11
C ALA A 822 12.67 -7.64 8.93
N PHE A 823 13.47 -8.09 9.89
CA PHE A 823 13.97 -9.46 9.84
C PHE A 823 12.82 -10.46 9.89
N ALA A 824 11.81 -10.18 10.72
CA ALA A 824 10.63 -11.05 10.77
C ALA A 824 9.88 -11.02 9.45
N ALA A 825 9.69 -9.82 8.88
CA ALA A 825 8.93 -9.69 7.65
C ALA A 825 9.58 -10.44 6.51
N ASN A 826 10.89 -10.27 6.34
CA ASN A 826 11.59 -10.94 5.25
C ASN A 826 11.60 -12.46 5.45
N LYS A 827 11.69 -12.91 6.70
CA LYS A 827 11.79 -14.35 6.96
C LYS A 827 10.50 -15.07 6.59
N HIS A 828 9.35 -14.46 6.88
CA HIS A 828 8.06 -15.11 6.68
C HIS A 828 7.29 -14.57 5.49
N GLY A 829 7.90 -13.71 4.68
CA GLY A 829 7.24 -13.17 3.50
C GLY A 829 5.94 -12.45 3.80
N ARG A 830 5.89 -11.73 4.91
CA ARG A 830 4.68 -11.06 5.36
C ARG A 830 5.01 -9.65 5.80
N ALA A 831 4.03 -8.76 5.71
CA ALA A 831 4.16 -7.46 6.34
C ALA A 831 3.96 -7.60 7.84
N VAL A 832 4.74 -6.88 8.62
CA VAL A 832 4.73 -7.00 10.07
C VAL A 832 4.54 -5.61 10.68
N ARG A 833 3.62 -5.51 11.63
CA ARG A 833 3.35 -4.29 12.36
C ARG A 833 3.83 -4.42 13.79
N CYS A 834 4.43 -3.35 14.32
CA CYS A 834 4.89 -3.33 15.70
C CYS A 834 4.52 -1.98 16.31
N VAL A 835 3.62 -2.00 17.29
CA VAL A 835 3.23 -0.80 18.02
C VAL A 835 3.36 -1.11 19.51
N LEU A 836 4.09 -0.26 20.23
CA LEU A 836 4.35 -0.47 21.64
C LEU A 836 3.27 0.16 22.51
N GLU A 837 2.97 -0.49 23.62
CA GLU A 837 2.11 0.10 24.63
C GLU A 837 2.91 1.05 25.50
N ARG A 838 2.19 1.93 26.21
CA ARG A 838 2.85 2.98 26.98
C ARG A 838 3.81 2.41 28.02
N GLY A 839 3.44 1.31 28.66
CA GLY A 839 4.30 0.73 29.67
C GLY A 839 5.61 0.21 29.11
N GLU A 840 5.52 -0.65 28.09
CA GLU A 840 6.73 -1.19 27.48
C GLU A 840 7.49 -0.12 26.70
N ASP A 841 6.80 0.92 26.23
CA ASP A 841 7.48 2.01 25.54
C ASP A 841 8.42 2.75 26.48
N MET A 842 7.95 3.07 27.69
CA MET A 842 8.77 3.77 28.66
C MET A 842 9.93 2.91 29.16
N LEU A 843 9.81 1.59 29.09
CA LEU A 843 10.88 0.72 29.54
C LEU A 843 11.93 0.51 28.46
N ILE A 844 11.49 0.23 27.23
CA ILE A 844 12.42 -0.06 26.15
C ILE A 844 13.19 1.19 25.75
N THR A 845 12.48 2.27 25.43
CA THR A 845 13.15 3.51 25.08
C THR A 845 13.76 4.16 26.32
N GLY A 846 14.74 5.01 26.09
CA GLY A 846 15.41 5.74 27.16
C GLY A 846 14.66 7.01 27.51
N GLY A 847 15.39 7.91 28.17
CA GLY A 847 14.85 9.21 28.52
C GLY A 847 15.94 10.25 28.55
N ARG A 848 15.66 11.41 29.15
CA ARG A 848 16.70 12.41 29.31
C ARG A 848 17.75 11.93 30.31
N HIS A 849 18.99 12.31 30.06
CA HIS A 849 20.08 11.89 30.92
C HIS A 849 19.97 12.55 32.29
N PRO A 850 19.86 11.79 33.38
CA PRO A 850 20.00 12.39 34.70
C PRO A 850 21.42 12.92 34.89
N TYR A 851 21.53 13.99 35.68
CA TYR A 851 22.80 14.70 35.82
C TYR A 851 23.18 14.86 37.27
N LEU A 852 24.49 14.91 37.51
CA LEU A 852 25.05 15.27 38.81
C LEU A 852 26.09 16.35 38.55
N GLY A 853 25.84 17.56 39.06
CA GLY A 853 26.74 18.68 38.91
C GLY A 853 27.47 18.97 40.22
N LYS A 854 28.79 19.09 40.12
CA LYS A 854 29.64 19.39 41.27
C LYS A 854 30.48 20.61 40.94
N TYR A 855 30.39 21.65 41.76
CA TYR A 855 31.09 22.89 41.49
C TYR A 855 31.82 23.40 42.73
N LYS A 856 32.95 24.05 42.48
CA LYS A 856 33.65 24.88 43.46
C LYS A 856 33.76 26.27 42.86
N ALA A 857 33.20 27.27 43.55
CA ALA A 857 33.13 28.63 43.04
C ALA A 857 33.94 29.57 43.91
N GLY A 858 34.73 30.43 43.26
CA GLY A 858 35.42 31.50 43.94
C GLY A 858 34.91 32.84 43.49
N PHE A 859 34.47 33.68 44.43
CA PHE A 859 33.70 34.87 44.08
C PHE A 859 34.07 36.03 44.99
N MET A 860 33.88 37.24 44.46
CA MET A 860 34.03 38.48 45.21
C MET A 860 32.80 38.69 46.12
N ASN A 861 32.93 39.65 47.04
CA ASN A 861 31.83 39.96 47.93
C ASN A 861 30.66 40.62 47.18
N ASP A 862 30.91 41.19 46.01
CA ASP A 862 29.84 41.75 45.20
C ASP A 862 29.11 40.71 44.37
N GLY A 863 29.61 39.48 44.32
CA GLY A 863 28.97 38.40 43.59
C GLY A 863 29.68 37.98 42.32
N ARG A 864 30.79 38.63 41.97
CA ARG A 864 31.51 38.32 40.73
C ARG A 864 32.21 36.98 40.89
N ILE A 865 31.78 35.97 40.12
CA ILE A 865 32.42 34.66 40.13
C ILE A 865 33.65 34.73 39.24
N LEU A 866 34.82 34.91 39.84
CA LEU A 866 36.06 34.97 39.07
C LEU A 866 36.71 33.61 38.88
N ALA A 867 36.24 32.58 39.57
CA ALA A 867 36.80 31.24 39.44
C ALA A 867 35.69 30.21 39.56
N LEU A 868 35.67 29.25 38.65
CA LEU A 868 34.62 28.22 38.63
C LEU A 868 35.25 26.90 38.23
N ASP A 869 35.14 25.90 39.10
CA ASP A 869 35.68 24.56 38.88
C ASP A 869 34.49 23.60 38.85
N MET A 870 34.04 23.26 37.64
CA MET A 870 32.80 22.54 37.40
C MET A 870 33.06 21.08 37.02
N GLU A 871 32.15 20.21 37.45
CA GLU A 871 32.18 18.80 37.10
C GLU A 871 30.79 18.35 36.71
N HIS A 872 30.67 17.71 35.54
CA HIS A 872 29.39 17.20 35.05
C HIS A 872 29.44 15.68 34.99
N TYR A 873 28.39 15.04 35.50
CA TYR A 873 28.23 13.60 35.44
C TYR A 873 26.85 13.28 34.89
N SER A 874 26.79 12.38 33.91
CA SER A 874 25.53 11.99 33.29
C SER A 874 25.30 10.50 33.49
N ASN A 875 24.10 10.17 33.97
CA ASN A 875 23.69 8.78 34.06
C ASN A 875 23.34 8.28 32.66
N ALA A 876 24.22 7.47 32.08
CA ALA A 876 24.09 7.06 30.69
C ALA A 876 23.22 5.82 30.49
N GLY A 877 23.12 4.95 31.49
CA GLY A 877 22.37 3.72 31.32
C GLY A 877 23.26 2.58 30.84
N ALA A 878 22.69 1.63 30.10
CA ALA A 878 23.46 0.46 29.70
C ALA A 878 24.51 0.79 28.64
N SER A 879 24.26 1.79 27.80
CA SER A 879 25.16 2.16 26.72
C SER A 879 25.62 3.60 26.87
N LEU A 880 26.73 3.93 26.21
CA LEU A 880 27.37 5.23 26.37
C LEU A 880 27.41 6.08 25.10
N ASP A 881 26.96 5.56 23.96
CA ASP A 881 27.22 6.23 22.69
C ASP A 881 26.48 7.57 22.62
N GLU A 882 25.22 7.61 23.04
CA GLU A 882 24.47 8.86 22.99
C GLU A 882 24.97 9.86 24.03
N SER A 883 25.55 9.36 25.13
CA SER A 883 25.79 10.22 26.29
C SER A 883 27.03 11.10 26.13
N LEU A 884 28.03 10.64 25.40
CA LEU A 884 29.26 11.42 25.31
C LEU A 884 29.03 12.68 24.47
N PHE A 885 28.05 12.64 23.56
CA PHE A 885 27.67 13.84 22.83
C PHE A 885 26.89 14.83 23.69
N VAL A 886 26.06 14.34 24.61
CA VAL A 886 25.31 15.26 25.47
C VAL A 886 26.24 15.89 26.51
N ILE A 887 27.32 15.21 26.85
CA ILE A 887 28.32 15.80 27.74
C ILE A 887 29.08 16.91 27.02
N GLU A 888 29.45 16.67 25.76
CA GLU A 888 30.10 17.70 24.94
C GLU A 888 29.25 18.97 24.89
N MET A 889 27.98 18.81 24.54
CA MET A 889 27.10 19.96 24.40
C MET A 889 26.86 20.64 25.75
N GLY A 890 26.84 19.87 26.83
CA GLY A 890 26.70 20.47 28.14
C GLY A 890 27.87 21.38 28.49
N LEU A 891 29.09 20.94 28.19
CA LEU A 891 30.25 21.77 28.45
C LEU A 891 30.25 23.02 27.59
N LEU A 892 29.89 22.88 26.32
CA LEU A 892 29.92 24.00 25.39
C LEU A 892 28.80 25.02 25.64
N LYS A 893 27.82 24.68 26.48
CA LYS A 893 26.72 25.58 26.75
C LYS A 893 26.50 25.86 28.22
N MET A 894 27.33 25.31 29.11
CA MET A 894 27.14 25.56 30.54
C MET A 894 27.33 27.02 30.90
N ASP A 895 28.10 27.77 30.10
CA ASP A 895 28.31 29.18 30.39
C ASP A 895 27.00 29.95 30.41
N ASN A 896 26.03 29.52 29.59
CA ASN A 896 24.76 30.23 29.43
C ASN A 896 25.00 31.69 29.09
N ALA A 897 24.58 32.60 29.98
CA ALA A 897 24.66 34.03 29.72
C ALA A 897 25.74 34.71 30.54
N TYR A 898 26.75 33.98 30.99
CA TYR A 898 27.71 34.50 31.95
C TYR A 898 29.13 34.36 31.43
N LYS A 899 29.92 35.43 31.62
CA LYS A 899 31.33 35.44 31.29
C LYS A 899 32.12 35.05 32.54
N PHE A 900 32.53 33.79 32.62
CA PHE A 900 33.37 33.33 33.73
C PHE A 900 34.83 33.51 33.31
N PRO A 901 35.55 34.47 33.89
CA PRO A 901 36.91 34.77 33.40
C PRO A 901 37.88 33.61 33.58
N ASN A 902 37.74 32.83 34.65
CA ASN A 902 38.59 31.69 34.91
C ASN A 902 37.70 30.48 35.17
N LEU A 903 37.61 29.58 34.20
CA LEU A 903 36.68 28.47 34.22
C LEU A 903 37.37 27.17 33.82
N ARG A 904 37.11 26.11 34.57
CA ARG A 904 37.53 24.76 34.21
C ARG A 904 36.33 23.83 34.37
N CYS A 905 35.84 23.29 33.25
CA CYS A 905 34.75 22.33 33.24
C CYS A 905 35.24 20.97 32.75
N ARG A 906 34.66 19.92 33.31
CA ARG A 906 34.96 18.55 32.93
C ARG A 906 33.68 17.73 33.03
N GLY A 907 33.59 16.69 32.19
CA GLY A 907 32.39 15.88 32.14
C GLY A 907 32.69 14.44 31.85
N TRP A 908 31.85 13.55 32.37
CA TRP A 908 31.96 12.11 32.12
C TRP A 908 30.56 11.52 31.99
N ALA A 909 30.46 10.47 31.18
CA ALA A 909 29.25 9.66 31.10
C ALA A 909 29.46 8.38 31.89
N CYS A 910 28.41 7.93 32.58
CA CYS A 910 28.51 6.86 33.56
C CYS A 910 27.55 5.73 33.20
N ARG A 911 28.09 4.52 33.06
CA ARG A 911 27.26 3.35 32.82
C ARG A 911 26.54 2.93 34.10
N THR A 912 25.25 2.62 33.96
CA THR A 912 24.46 2.06 35.04
C THR A 912 23.61 0.94 34.48
N ASN A 913 23.06 0.12 35.37
CA ASN A 913 22.16 -0.97 34.98
C ASN A 913 20.72 -0.47 34.90
N LEU A 914 20.53 0.52 34.04
CA LEU A 914 19.25 1.15 33.76
C LEU A 914 19.08 1.28 32.25
N PRO A 915 17.86 1.49 31.78
CA PRO A 915 17.65 1.72 30.34
C PRO A 915 18.54 2.85 29.83
N SER A 916 19.28 2.57 28.75
CA SER A 916 20.21 3.54 28.21
C SER A 916 19.46 4.77 27.70
N ASN A 917 19.90 5.94 28.15
CA ASN A 917 19.21 7.18 27.85
C ASN A 917 19.62 7.72 26.49
N THR A 918 18.71 8.48 25.88
CA THR A 918 18.87 8.97 24.52
C THR A 918 18.93 10.49 24.52
N ALA A 919 18.89 11.07 23.31
CA ALA A 919 18.84 12.50 23.16
C ALA A 919 17.47 13.03 23.56
N PHE A 920 17.43 14.29 23.98
CA PHE A 920 16.21 14.93 24.42
C PHE A 920 16.29 16.40 24.06
N ARG A 921 15.12 17.03 23.89
CA ARG A 921 15.01 18.46 23.63
C ARG A 921 15.92 19.27 24.54
N GLY A 922 16.92 19.90 23.96
CA GLY A 922 17.91 20.63 24.73
C GLY A 922 19.31 20.09 24.53
N PHE A 923 19.44 18.75 24.53
CA PHE A 923 20.70 18.07 24.27
C PHE A 923 21.79 18.52 25.27
N GLY A 924 21.52 18.27 26.54
CA GLY A 924 22.44 18.57 27.60
C GLY A 924 22.33 19.96 28.19
N PHE A 925 21.73 20.91 27.46
CA PHE A 925 21.65 22.28 27.97
C PHE A 925 20.74 22.42 29.18
N PRO A 926 19.52 21.85 29.21
CA PRO A 926 18.69 21.98 30.42
C PRO A 926 19.37 21.43 31.67
N GLN A 927 20.28 20.47 31.52
CA GLN A 927 21.02 19.96 32.66
C GLN A 927 22.17 20.87 33.02
N ALA A 928 23.05 21.16 32.05
CA ALA A 928 24.26 21.92 32.35
C ALA A 928 23.94 23.33 32.83
N ALA A 929 22.95 23.97 32.22
CA ALA A 929 22.60 25.34 32.63
C ALA A 929 21.94 25.34 34.00
N LEU A 930 21.19 24.30 34.34
CA LEU A 930 20.62 24.20 35.68
C LEU A 930 21.71 24.03 36.74
N ILE A 931 22.81 23.37 36.38
CA ILE A 931 23.94 23.30 37.30
C ILE A 931 24.54 24.68 37.51
N THR A 932 24.66 25.46 36.44
CA THR A 932 25.27 26.79 36.55
C THR A 932 24.40 27.73 37.36
N GLU A 933 23.09 27.74 37.08
CA GLU A 933 22.19 28.61 37.83
C GLU A 933 22.10 28.22 39.30
N SER A 934 22.23 26.92 39.59
CA SER A 934 22.26 26.49 40.99
C SER A 934 23.50 27.01 41.71
N CYS A 935 24.63 27.08 41.00
CA CYS A 935 25.84 27.63 41.60
C CYS A 935 25.72 29.14 41.81
N ILE A 936 25.08 29.83 40.86
CA ILE A 936 24.90 31.28 41.00
C ILE A 936 23.96 31.58 42.16
N THR A 937 22.93 30.75 42.35
CA THR A 937 22.02 30.95 43.47
C THR A 937 22.73 30.73 44.81
N GLU A 938 23.64 29.76 44.87
CA GLU A 938 24.39 29.53 46.10
C GLU A 938 25.38 30.66 46.38
N VAL A 939 25.97 31.22 45.32
CA VAL A 939 26.86 32.37 45.49
C VAL A 939 26.07 33.58 45.99
N ALA A 940 24.84 33.74 45.50
CA ALA A 940 24.01 34.87 45.92
C ALA A 940 23.67 34.79 47.40
N ALA A 941 23.44 33.57 47.91
CA ALA A 941 23.09 33.42 49.32
C ALA A 941 24.26 33.79 50.22
N LYS A 942 25.48 33.46 49.81
CA LYS A 942 26.65 33.75 50.63
C LYS A 942 26.92 35.25 50.70
N CYS A 943 26.74 35.96 49.59
CA CYS A 943 27.05 37.38 49.51
C CYS A 943 25.87 38.27 49.87
N GLY A 944 24.69 37.71 50.10
CA GLY A 944 23.55 38.51 50.54
C GLY A 944 22.90 39.36 49.47
N LEU A 945 22.80 38.84 48.25
CA LEU A 945 22.05 39.49 47.19
C LEU A 945 21.06 38.51 46.59
N SER A 946 20.09 39.07 45.87
CA SER A 946 19.18 38.24 45.10
C SER A 946 19.95 37.57 43.96
N PRO A 947 19.54 36.37 43.56
CA PRO A 947 20.21 35.72 42.41
C PRO A 947 20.16 36.57 41.16
N GLU A 948 19.14 37.42 41.00
CA GLU A 948 19.04 38.26 39.82
C GLU A 948 20.11 39.33 39.79
N LYS A 949 20.49 39.86 40.97
CA LYS A 949 21.58 40.83 41.01
C LYS A 949 22.92 40.20 40.70
N VAL A 950 23.12 38.93 41.11
CA VAL A 950 24.35 38.23 40.79
C VAL A 950 24.39 37.87 39.32
N ARG A 951 23.24 37.53 38.73
CA ARG A 951 23.19 37.21 37.31
C ARG A 951 23.53 38.43 36.46
N ILE A 952 23.06 39.61 36.87
CA ILE A 952 23.28 40.82 36.07
C ILE A 952 24.77 41.15 36.01
N ILE A 953 25.46 41.08 37.14
CA ILE A 953 26.86 41.49 37.18
C ILE A 953 27.80 40.45 36.59
N ASN A 954 27.33 39.21 36.41
CA ASN A 954 28.12 38.16 35.80
C ASN A 954 27.80 37.97 34.33
N MET A 955 26.86 38.73 33.78
CA MET A 955 26.39 38.52 32.42
C MET A 955 27.44 38.94 31.40
N TYR A 956 27.38 38.32 30.23
CA TYR A 956 28.24 38.71 29.12
C TYR A 956 28.04 40.18 28.78
N LYS A 957 29.12 40.83 28.38
CA LYS A 957 29.00 42.17 27.81
C LYS A 957 28.53 42.08 26.36
N GLU A 958 28.27 43.23 25.75
CA GLU A 958 27.74 43.25 24.39
C GLU A 958 28.66 42.51 23.43
N ILE A 959 29.95 42.79 23.50
CA ILE A 959 30.98 42.04 22.78
C ILE A 959 31.80 41.27 23.81
N ASP A 960 31.87 39.96 23.66
CA ASP A 960 32.55 39.13 24.65
C ASP A 960 33.04 37.85 23.97
N GLN A 961 33.58 36.94 24.77
CA GLN A 961 34.20 35.71 24.28
C GLN A 961 33.80 34.55 25.18
N THR A 962 33.57 33.39 24.56
CA THR A 962 33.13 32.20 25.26
C THR A 962 34.32 31.39 25.74
N PRO A 963 34.11 30.42 26.64
CA PRO A 963 35.22 29.55 27.07
C PRO A 963 35.89 28.81 25.92
N TYR A 964 35.18 28.51 24.84
CA TYR A 964 35.76 27.89 23.67
C TYR A 964 36.30 28.92 22.67
N LYS A 965 36.46 30.17 23.10
CA LYS A 965 37.12 31.21 22.32
C LYS A 965 36.35 31.54 21.04
N GLN A 966 35.03 31.64 21.16
CA GLN A 966 34.17 32.13 20.08
C GLN A 966 33.66 33.51 20.44
N GLU A 967 33.87 34.47 19.55
CA GLU A 967 33.36 35.81 19.76
C GLU A 967 31.84 35.82 19.59
N ILE A 968 31.15 36.52 20.49
CA ILE A 968 29.70 36.60 20.47
C ILE A 968 29.26 38.04 20.60
N ASN A 969 28.06 38.32 20.08
CA ASN A 969 27.40 39.62 20.22
C ASN A 969 26.18 39.41 21.09
N ALA A 970 26.24 39.91 22.33
CA ALA A 970 25.22 39.66 23.33
C ALA A 970 24.32 40.88 23.57
N LYS A 971 24.14 41.71 22.55
CA LYS A 971 23.22 42.84 22.68
C LYS A 971 21.79 42.36 22.90
N ASN A 972 21.37 41.32 22.15
CA ASN A 972 20.03 40.79 22.32
C ASN A 972 19.87 40.05 23.64
N LEU A 973 20.97 39.53 24.19
CA LEU A 973 20.92 38.93 25.51
C LEU A 973 20.60 39.97 26.58
N ILE A 974 21.32 41.09 26.54
CA ILE A 974 21.05 42.18 27.48
C ILE A 974 19.65 42.75 27.24
N GLN A 975 19.27 42.88 25.96
CA GLN A 975 17.95 43.44 25.65
C GLN A 975 16.84 42.53 26.16
N CYS A 976 16.96 41.22 25.91
CA CYS A 976 15.95 40.29 26.39
C CYS A 976 15.79 40.37 27.90
N TRP A 977 16.90 40.59 28.62
CA TRP A 977 16.83 40.74 30.07
C TRP A 977 16.18 42.06 30.45
N ARG A 978 16.48 43.13 29.71
CA ARG A 978 15.91 44.44 30.03
C ARG A 978 14.41 44.47 29.76
N GLU A 979 13.99 43.97 28.61
CA GLU A 979 12.57 44.02 28.27
C GLU A 979 11.74 43.04 29.08
N CYS A 980 12.36 41.96 29.57
CA CYS A 980 11.64 41.05 30.46
C CYS A 980 11.40 41.69 31.83
N MET A 981 12.37 42.48 32.30
CA MET A 981 12.17 43.20 33.55
C MET A 981 11.08 44.25 33.42
N ALA A 982 11.00 44.93 32.27
CA ALA A 982 9.98 45.95 32.07
C ALA A 982 8.61 45.32 31.84
N MET A 983 8.55 44.27 31.02
CA MET A 983 7.26 43.65 30.71
C MET A 983 6.63 43.01 31.93
N SER A 984 7.44 42.39 32.79
CA SER A 984 6.95 41.65 33.93
C SER A 984 6.72 42.51 35.17
N SER A 985 7.12 43.78 35.14
CA SER A 985 7.07 44.65 36.32
C SER A 985 7.76 43.98 37.51
N TYR A 986 9.02 43.59 37.29
CA TYR A 986 9.71 42.74 38.26
C TYR A 986 9.90 43.45 39.60
N SER A 987 10.39 44.69 39.56
CA SER A 987 10.73 45.40 40.80
C SER A 987 9.49 45.60 41.67
N LEU A 988 8.34 45.88 41.06
CA LEU A 988 7.11 46.02 41.82
C LEU A 988 6.69 44.68 42.42
N ARG A 989 6.67 43.63 41.60
CA ARG A 989 6.28 42.32 42.10
C ARG A 989 7.25 41.82 43.16
N LYS A 990 8.54 42.10 43.00
CA LYS A 990 9.54 41.71 44.00
C LYS A 990 9.19 42.26 45.36
N VAL A 991 8.69 43.50 45.41
CA VAL A 991 8.26 44.09 46.68
C VAL A 991 7.00 43.42 47.19
N ALA A 992 6.06 43.11 46.28
CA ALA A 992 4.80 42.50 46.69
C ALA A 992 5.01 41.10 47.23
N VAL A 993 5.95 40.35 46.64
CA VAL A 993 6.23 38.99 47.13
C VAL A 993 6.85 39.03 48.52
N GLU A 994 7.79 39.95 48.75
CA GLU A 994 8.37 40.10 50.07
C GLU A 994 7.33 40.56 51.08
N LYS A 995 6.41 41.42 50.66
CA LYS A 995 5.31 41.83 51.53
C LYS A 995 4.42 40.65 51.88
N PHE A 996 4.12 39.80 50.89
CA PHE A 996 3.29 38.63 51.14
C PHE A 996 3.98 37.68 52.10
N ASN A 997 5.27 37.41 51.88
CA ASN A 997 5.99 36.48 52.74
C ASN A 997 6.12 37.00 54.17
N ALA A 998 6.02 38.31 54.36
CA ALA A 998 6.09 38.86 55.71
C ALA A 998 4.78 38.70 56.48
N GLU A 999 3.66 38.66 55.77
CA GLU A 999 2.34 38.57 56.38
C GLU A 999 1.75 37.17 56.34
N ASN A 1000 2.45 36.20 55.75
CA ASN A 1000 1.98 34.82 55.71
C ASN A 1000 3.11 33.89 56.11
N TYR A 1001 2.78 32.90 56.93
CA TYR A 1001 3.74 31.97 57.51
C TYR A 1001 3.72 30.60 56.83
N TRP A 1002 2.53 30.01 56.69
CA TRP A 1002 2.38 28.69 56.10
C TRP A 1002 2.20 28.74 54.60
N LYS A 1003 2.29 29.92 53.98
CA LYS A 1003 2.24 30.07 52.54
C LYS A 1003 3.26 31.12 52.13
N LYS A 1004 4.05 30.80 51.10
CA LYS A 1004 5.10 31.70 50.64
C LYS A 1004 5.04 31.83 49.13
N LYS A 1005 5.20 33.06 48.65
CA LYS A 1005 5.32 33.32 47.22
C LYS A 1005 6.79 33.45 46.84
N GLY A 1006 7.10 33.17 45.59
CA GLY A 1006 8.47 33.20 45.11
C GLY A 1006 8.55 33.80 43.72
N LEU A 1007 9.70 34.41 43.44
CA LEU A 1007 9.91 35.11 42.18
C LEU A 1007 11.35 34.91 41.74
N ALA A 1008 11.55 34.76 40.43
CA ALA A 1008 12.89 34.55 39.88
C ALA A 1008 12.88 34.83 38.39
N MET A 1009 14.04 35.25 37.88
CA MET A 1009 14.24 35.49 36.46
C MET A 1009 15.56 34.84 36.05
N VAL A 1010 15.57 34.12 34.93
CA VAL A 1010 16.78 33.50 34.42
C VAL A 1010 17.03 33.95 32.98
N PRO A 1011 18.29 34.12 32.58
CA PRO A 1011 18.58 34.44 31.17
C PRO A 1011 18.90 33.18 30.37
N LEU A 1012 18.85 33.34 29.04
CA LEU A 1012 19.03 32.20 28.14
C LEU A 1012 19.99 32.58 27.02
N LYS A 1013 20.99 31.72 26.81
CA LYS A 1013 21.85 31.78 25.63
C LYS A 1013 21.95 30.34 25.10
N PHE A 1014 21.08 30.00 24.15
CA PHE A 1014 21.09 28.68 23.56
C PHE A 1014 21.86 28.72 22.25
N PRO A 1015 23.09 28.23 22.21
CA PRO A 1015 23.83 28.20 20.94
C PRO A 1015 23.32 27.07 20.05
N VAL A 1016 23.45 27.28 18.75
CA VAL A 1016 22.91 26.38 17.74
C VAL A 1016 24.04 26.00 16.78
N GLY A 1017 24.36 24.71 16.74
CA GLY A 1017 25.42 24.21 15.88
C GLY A 1017 25.61 22.71 16.08
N LEU A 1018 25.92 21.99 14.99
CA LEU A 1018 25.94 20.54 15.03
C LEU A 1018 27.33 19.95 15.22
N GLY A 1019 28.39 20.76 15.15
CA GLY A 1019 29.74 20.30 15.36
C GLY A 1019 30.52 20.06 14.08
N SER A 1020 29.84 19.75 12.99
CA SER A 1020 30.49 19.54 11.70
C SER A 1020 29.62 20.10 10.59
N ARG A 1021 30.26 20.38 9.45
CA ARG A 1021 29.52 20.91 8.31
C ARG A 1021 28.69 19.82 7.64
N ALA A 1022 29.21 18.59 7.60
CA ALA A 1022 28.49 17.49 6.95
C ALA A 1022 27.20 17.16 7.70
N ALA A 1023 27.18 17.35 9.02
CA ALA A 1023 25.98 17.07 9.79
C ALA A 1023 24.84 18.04 9.50
N GLY A 1024 25.15 19.19 8.93
CA GLY A 1024 24.16 20.21 8.64
C GLY A 1024 23.69 20.30 7.20
N GLN A 1025 24.14 19.39 6.34
CA GLN A 1025 23.69 19.44 4.95
C GLN A 1025 22.27 18.92 4.84
N ALA A 1026 21.54 19.49 3.88
CA ALA A 1026 20.14 19.13 3.63
C ALA A 1026 19.87 19.17 2.14
N ALA A 1027 18.80 18.49 1.73
CA ALA A 1027 18.46 18.38 0.32
C ALA A 1027 16.95 18.40 0.15
N ALA A 1028 16.52 18.68 -1.08
CA ALA A 1028 15.11 18.75 -1.40
C ALA A 1028 14.91 18.40 -2.87
N LEU A 1029 13.66 18.13 -3.23
CA LEU A 1029 13.29 17.79 -4.60
C LEU A 1029 11.96 18.47 -4.91
N VAL A 1030 11.95 19.31 -5.94
CA VAL A 1030 10.78 20.11 -6.30
C VAL A 1030 10.38 19.78 -7.73
N HIS A 1031 9.10 19.49 -7.93
CA HIS A 1031 8.53 19.28 -9.25
C HIS A 1031 7.52 20.37 -9.57
N ILE A 1032 7.55 20.85 -10.81
CA ILE A 1032 6.51 21.72 -11.34
C ILE A 1032 5.79 20.97 -12.46
N TYR A 1033 4.52 20.65 -12.24
CA TYR A 1033 3.75 19.94 -13.25
C TYR A 1033 3.17 20.92 -14.26
N LEU A 1034 2.75 20.38 -15.41
CA LEU A 1034 2.35 21.22 -16.53
C LEU A 1034 1.10 22.04 -16.26
N ASP A 1035 0.33 21.69 -15.23
CA ASP A 1035 -0.82 22.50 -14.84
C ASP A 1035 -0.44 23.65 -13.92
N GLY A 1036 0.85 23.78 -13.57
CA GLY A 1036 1.32 24.85 -12.70
C GLY A 1036 1.50 24.46 -11.25
N SER A 1037 0.95 23.33 -10.81
CA SER A 1037 1.06 22.93 -9.42
C SER A 1037 2.46 22.40 -9.12
N VAL A 1038 2.83 22.47 -7.84
CA VAL A 1038 4.16 22.14 -7.37
C VAL A 1038 4.09 21.06 -6.31
N LEU A 1039 4.97 20.06 -6.42
CA LEU A 1039 5.16 19.05 -5.39
C LEU A 1039 6.57 19.17 -4.85
N VAL A 1040 6.70 19.33 -3.54
CA VAL A 1040 7.98 19.53 -2.89
C VAL A 1040 8.17 18.46 -1.82
N THR A 1041 9.40 17.99 -1.67
CA THR A 1041 9.76 17.09 -0.57
C THR A 1041 11.19 17.41 -0.16
N HIS A 1042 11.52 17.01 1.08
CA HIS A 1042 12.84 17.29 1.64
C HIS A 1042 13.15 16.22 2.69
N GLY A 1043 14.36 16.29 3.24
CA GLY A 1043 14.79 15.31 4.21
C GLY A 1043 14.24 15.49 5.62
N GLY A 1044 13.64 16.64 5.90
CA GLY A 1044 13.14 16.90 7.23
C GLY A 1044 11.91 16.09 7.57
N ILE A 1045 11.70 15.90 8.86
CA ILE A 1045 10.58 15.11 9.38
C ILE A 1045 9.63 16.04 10.13
N GLU A 1046 8.33 15.86 9.91
CA GLU A 1046 7.31 16.60 10.63
C GLU A 1046 6.95 15.83 11.90
N MET A 1047 7.32 16.39 13.05
CA MET A 1047 6.98 15.81 14.34
C MET A 1047 6.07 16.71 15.15
N GLY A 1048 5.49 17.72 14.52
CA GLY A 1048 4.65 18.70 15.21
C GLY A 1048 5.22 20.10 15.21
N GLN A 1049 6.48 20.28 14.81
CA GLN A 1049 7.12 21.58 14.81
C GLN A 1049 6.73 22.43 13.61
N GLY A 1050 6.00 21.86 12.65
CA GLY A 1050 5.53 22.64 11.52
C GLY A 1050 6.56 22.93 10.45
N VAL A 1051 7.48 22.00 10.20
CA VAL A 1051 8.52 22.23 9.21
C VAL A 1051 7.94 22.22 7.80
N HIS A 1052 6.95 21.37 7.55
CA HIS A 1052 6.34 21.32 6.22
C HIS A 1052 5.59 22.60 5.91
N THR A 1053 4.96 23.21 6.92
CA THR A 1053 4.30 24.49 6.72
C THR A 1053 5.31 25.57 6.33
N LYS A 1054 6.45 25.59 7.01
CA LYS A 1054 7.47 26.59 6.70
C LYS A 1054 8.10 26.34 5.34
N MET A 1055 8.26 25.07 4.96
CA MET A 1055 8.83 24.75 3.66
C MET A 1055 7.95 25.25 2.52
N ILE A 1056 6.62 25.12 2.68
CA ILE A 1056 5.71 25.63 1.67
C ILE A 1056 5.63 27.15 1.73
N GLN A 1057 5.82 27.74 2.92
CA GLN A 1057 5.96 29.19 3.01
C GLN A 1057 7.16 29.66 2.20
N VAL A 1058 8.23 28.88 2.16
CA VAL A 1058 9.41 29.24 1.39
C VAL A 1058 9.11 29.15 -0.11
N VAL A 1059 8.51 28.04 -0.55
CA VAL A 1059 8.18 27.88 -1.95
C VAL A 1059 7.25 28.99 -2.42
N SER A 1060 6.29 29.37 -1.58
CA SER A 1060 5.34 30.41 -1.94
C SER A 1060 6.03 31.75 -2.20
N ARG A 1061 7.12 32.02 -1.47
CA ARG A 1061 7.85 33.28 -1.69
C ARG A 1061 8.81 33.16 -2.87
N GLU A 1062 9.64 32.12 -2.88
CA GLU A 1062 10.71 32.03 -3.87
C GLU A 1062 10.18 31.91 -5.28
N LEU A 1063 9.04 31.24 -5.46
CA LEU A 1063 8.45 31.05 -6.77
C LEU A 1063 7.24 31.94 -7.03
N ARG A 1064 6.89 32.79 -6.05
CA ARG A 1064 5.84 33.80 -6.21
C ARG A 1064 4.51 33.18 -6.65
N MET A 1065 4.03 32.25 -5.83
CA MET A 1065 2.74 31.60 -6.02
C MET A 1065 2.09 31.40 -4.67
N PRO A 1066 0.76 31.28 -4.63
CA PRO A 1066 0.09 31.01 -3.35
C PRO A 1066 0.45 29.64 -2.81
N MET A 1067 0.31 29.50 -1.49
CA MET A 1067 0.63 28.23 -0.85
C MET A 1067 -0.30 27.12 -1.28
N SER A 1068 -1.51 27.46 -1.75
CA SER A 1068 -2.45 26.46 -2.22
C SER A 1068 -2.04 25.83 -3.54
N ASN A 1069 -1.05 26.39 -4.24
CA ASN A 1069 -0.56 25.83 -5.49
C ASN A 1069 0.56 24.82 -5.28
N VAL A 1070 1.07 24.69 -4.05
CA VAL A 1070 2.16 23.77 -3.75
C VAL A 1070 1.67 22.77 -2.71
N HIS A 1071 2.09 21.51 -2.87
CA HIS A 1071 1.68 20.45 -1.97
C HIS A 1071 2.90 19.61 -1.59
N LEU A 1072 2.83 19.00 -0.41
CA LEU A 1072 3.85 18.08 0.08
C LEU A 1072 3.16 16.83 0.60
N ARG A 1073 3.74 15.66 0.29
CA ARG A 1073 3.20 14.39 0.72
C ARG A 1073 3.85 13.87 2.00
N GLY A 1074 5.18 13.83 2.03
CA GLY A 1074 5.89 13.35 3.20
C GLY A 1074 7.39 13.30 2.99
N THR A 1075 8.06 12.42 3.72
CA THR A 1075 9.50 12.24 3.63
C THR A 1075 9.81 10.80 3.26
N SER A 1076 10.77 10.61 2.35
CA SER A 1076 11.11 9.28 1.87
C SER A 1076 12.56 9.25 1.42
N THR A 1077 13.23 8.13 1.66
CA THR A 1077 14.57 7.91 1.13
C THR A 1077 14.56 7.60 -0.36
N GLU A 1078 13.38 7.40 -0.95
CA GLU A 1078 13.28 7.16 -2.38
C GLU A 1078 13.30 8.46 -3.19
N THR A 1079 12.96 9.58 -2.57
CA THR A 1079 12.95 10.88 -3.22
C THR A 1079 14.14 11.75 -2.82
N VAL A 1080 14.48 11.82 -1.54
CA VAL A 1080 15.61 12.60 -1.07
C VAL A 1080 16.53 11.69 -0.27
N PRO A 1081 17.70 11.35 -0.79
CA PRO A 1081 18.59 10.42 -0.10
C PRO A 1081 19.60 11.13 0.81
N ASN A 1082 20.17 10.34 1.72
CA ASN A 1082 21.28 10.78 2.57
C ASN A 1082 20.91 11.99 3.42
N ALA A 1083 19.69 11.99 3.94
CA ALA A 1083 19.22 13.09 4.77
C ALA A 1083 19.66 12.88 6.21
N ASN A 1084 20.06 13.98 6.86
CA ASN A 1084 20.53 13.90 8.23
C ASN A 1084 19.36 13.72 9.20
N ILE A 1085 19.69 13.59 10.48
CA ILE A 1085 18.66 13.43 11.50
C ILE A 1085 17.83 14.70 11.59
N SER A 1086 16.53 14.53 11.82
CA SER A 1086 15.62 15.65 12.04
C SER A 1086 15.75 16.06 13.51
N GLY A 1087 16.78 16.84 13.79
CA GLY A 1087 17.04 17.28 15.14
C GLY A 1087 18.14 18.33 15.15
N GLY A 1088 18.43 18.82 16.35
CA GLY A 1088 19.48 19.81 16.50
C GLY A 1088 19.03 21.24 16.32
N SER A 1089 17.73 21.50 16.33
CA SER A 1089 17.13 22.83 16.25
C SER A 1089 17.33 23.48 14.88
N VAL A 1090 17.57 22.71 13.83
CA VAL A 1090 17.94 23.29 12.54
C VAL A 1090 17.20 22.64 11.39
N VAL A 1091 16.13 21.89 11.68
CA VAL A 1091 15.44 21.16 10.63
C VAL A 1091 14.83 22.12 9.62
N ALA A 1092 14.17 23.18 10.09
CA ALA A 1092 13.62 24.17 9.18
C ALA A 1092 14.71 25.03 8.55
N ASP A 1093 15.80 25.28 9.28
CA ASP A 1093 16.89 26.10 8.76
C ASP A 1093 17.47 25.50 7.49
N LEU A 1094 17.92 24.25 7.58
CA LEU A 1094 18.72 23.66 6.50
C LEU A 1094 17.84 23.18 5.36
N ASN A 1095 16.73 22.50 5.66
CA ASN A 1095 15.82 22.09 4.60
C ASN A 1095 15.18 23.30 3.92
N GLY A 1096 15.01 24.40 4.67
CA GLY A 1096 14.52 25.62 4.05
C GLY A 1096 15.50 26.19 3.04
N LEU A 1097 16.79 26.16 3.37
CA LEU A 1097 17.79 26.63 2.42
C LEU A 1097 17.91 25.69 1.22
N ALA A 1098 17.69 24.40 1.42
CA ALA A 1098 17.71 23.46 0.30
C ALA A 1098 16.49 23.64 -0.59
N VAL A 1099 15.31 23.77 0.02
CA VAL A 1099 14.10 24.07 -0.74
C VAL A 1099 14.25 25.39 -1.48
N LYS A 1100 14.85 26.39 -0.82
CA LYS A 1100 15.10 27.67 -1.47
C LYS A 1100 16.06 27.51 -2.65
N ASP A 1101 17.03 26.60 -2.53
CA ASP A 1101 17.98 26.38 -3.62
C ASP A 1101 17.28 25.78 -4.84
N ALA A 1102 16.39 24.81 -4.63
CA ALA A 1102 15.68 24.19 -5.75
C ALA A 1102 14.76 25.19 -6.43
N CYS A 1103 14.10 26.06 -5.65
CA CYS A 1103 13.21 27.03 -6.23
C CYS A 1103 13.97 28.06 -7.08
N GLN A 1104 15.14 28.48 -6.61
CA GLN A 1104 15.93 29.46 -7.36
C GLN A 1104 16.48 28.85 -8.65
N THR A 1105 16.83 27.56 -8.63
CA THR A 1105 17.26 26.90 -9.85
C THR A 1105 16.15 26.88 -10.89
N LEU A 1106 14.91 26.61 -10.45
CA LEU A 1106 13.79 26.59 -11.37
C LEU A 1106 13.46 28.00 -11.89
N LEU A 1107 13.55 29.01 -11.02
CA LEU A 1107 13.25 30.37 -11.45
C LEU A 1107 14.29 30.89 -12.44
N LYS A 1108 15.55 30.46 -12.30
CA LYS A 1108 16.57 30.84 -13.27
C LYS A 1108 16.25 30.26 -14.64
N ARG A 1109 15.82 29.00 -14.70
CA ARG A 1109 15.49 28.37 -15.96
C ARG A 1109 14.30 29.07 -16.63
N LEU A 1110 13.34 29.54 -15.82
CA LEU A 1110 12.09 30.07 -16.34
C LEU A 1110 12.11 31.58 -16.53
N GLU A 1111 13.19 32.26 -16.14
CA GLU A 1111 13.24 33.70 -16.32
C GLU A 1111 13.07 34.15 -17.78
N PRO A 1112 13.68 33.50 -18.78
CA PRO A 1112 13.36 33.88 -20.17
C PRO A 1112 11.88 33.81 -20.48
N ILE A 1113 11.20 32.76 -20.06
CA ILE A 1113 9.77 32.62 -20.34
C ILE A 1113 8.97 33.66 -19.57
N ILE A 1114 9.34 33.91 -18.31
CA ILE A 1114 8.60 34.85 -17.48
C ILE A 1114 8.68 36.26 -18.08
N SER A 1115 9.86 36.67 -18.54
CA SER A 1115 9.99 37.99 -19.12
C SER A 1115 9.22 38.11 -20.44
N LYS A 1116 9.13 37.02 -21.21
CA LYS A 1116 8.38 37.06 -22.46
C LYS A 1116 6.87 37.11 -22.21
N ASN A 1117 6.42 36.60 -21.06
CA ASN A 1117 5.00 36.57 -20.72
C ASN A 1117 4.85 36.87 -19.24
N PRO A 1118 5.02 38.15 -18.85
CA PRO A 1118 4.97 38.48 -17.42
C PRO A 1118 3.58 38.46 -16.83
N LYS A 1119 2.54 38.66 -17.64
CA LYS A 1119 1.17 38.61 -17.16
C LYS A 1119 0.61 37.19 -17.15
N GLY A 1120 1.44 36.19 -17.40
CA GLY A 1120 0.95 34.83 -17.49
C GLY A 1120 0.89 34.12 -16.14
N THR A 1121 0.16 33.02 -16.12
CA THR A 1121 0.03 32.20 -14.93
C THR A 1121 1.13 31.13 -14.90
N TRP A 1122 1.21 30.42 -13.76
CA TRP A 1122 2.19 29.35 -13.65
C TRP A 1122 1.85 28.18 -14.54
N LYS A 1123 0.56 27.97 -14.84
CA LYS A 1123 0.17 26.97 -15.83
C LYS A 1123 0.69 27.34 -17.21
N ASP A 1124 0.62 28.62 -17.56
CA ASP A 1124 1.13 29.06 -18.86
C ASP A 1124 2.64 28.93 -18.91
N TRP A 1125 3.34 29.33 -17.84
CA TRP A 1125 4.79 29.27 -17.83
C TRP A 1125 5.29 27.83 -17.86
N ALA A 1126 4.61 26.93 -17.15
CA ALA A 1126 5.04 25.53 -17.09
C ALA A 1126 4.86 24.85 -18.44
N GLN A 1127 3.70 25.04 -19.07
CA GLN A 1127 3.46 24.43 -20.38
C GLN A 1127 4.41 24.99 -21.42
N THR A 1128 4.73 26.29 -21.33
CA THR A 1128 5.69 26.87 -22.26
C THR A 1128 7.08 26.28 -22.06
N ALA A 1129 7.48 26.06 -20.80
CA ALA A 1129 8.77 25.44 -20.52
C ALA A 1129 8.85 24.03 -21.09
N PHE A 1130 7.76 23.28 -20.99
CA PHE A 1130 7.73 21.94 -21.58
C PHE A 1130 7.85 22.02 -23.10
N ASP A 1131 7.15 22.97 -23.72
CA ASP A 1131 7.21 23.11 -25.17
C ASP A 1131 8.60 23.52 -25.65
N GLU A 1132 9.34 24.26 -24.83
CA GLU A 1132 10.69 24.69 -25.16
C GLU A 1132 11.75 23.75 -24.60
N SER A 1133 11.35 22.58 -24.09
CA SER A 1133 12.26 21.57 -23.57
C SER A 1133 13.13 22.13 -22.45
N ILE A 1134 12.45 22.65 -21.42
CA ILE A 1134 13.10 23.17 -20.22
C ILE A 1134 12.71 22.28 -19.05
N ASN A 1135 13.71 21.74 -18.36
CA ASN A 1135 13.46 20.83 -17.24
C ASN A 1135 12.72 21.55 -16.12
N LEU A 1136 11.66 20.91 -15.62
CA LEU A 1136 10.85 21.47 -14.54
C LEU A 1136 11.04 20.74 -13.22
N SER A 1137 12.04 19.87 -13.12
CA SER A 1137 12.40 19.20 -11.88
C SER A 1137 13.79 19.65 -11.46
N ALA A 1138 13.98 19.87 -10.17
CA ALA A 1138 15.24 20.39 -9.67
C ALA A 1138 15.52 19.85 -8.28
N VAL A 1139 16.78 19.49 -8.04
CA VAL A 1139 17.23 19.06 -6.72
C VAL A 1139 17.83 20.26 -6.00
N GLY A 1140 17.32 20.54 -4.80
CA GLY A 1140 17.89 21.58 -3.95
C GLY A 1140 18.86 20.98 -2.96
N TYR A 1141 19.89 21.75 -2.62
CA TYR A 1141 20.95 21.23 -1.77
C TYR A 1141 21.62 22.36 -1.01
N PHE A 1142 21.82 22.16 0.29
CA PHE A 1142 22.59 23.06 1.13
C PHE A 1142 23.71 22.27 1.79
N ARG A 1143 24.91 22.84 1.79
CA ARG A 1143 26.09 22.12 2.24
C ARG A 1143 26.21 22.06 3.76
N GLY A 1144 25.57 22.96 4.48
CA GLY A 1144 25.64 22.96 5.92
C GLY A 1144 26.46 24.12 6.45
N TYR A 1145 26.11 24.56 7.67
CA TYR A 1145 26.85 25.62 8.32
C TYR A 1145 28.27 25.17 8.63
N GLU A 1146 29.21 26.09 8.54
CA GLU A 1146 30.58 25.81 8.96
C GLU A 1146 30.63 25.63 10.48
N SER A 1147 31.30 24.57 10.92
CA SER A 1147 31.33 24.23 12.34
C SER A 1147 32.53 23.35 12.62
N ASP A 1148 33.20 23.61 13.74
CA ASP A 1148 34.37 22.84 14.13
C ASP A 1148 34.61 23.03 15.62
N MET A 1149 35.14 21.98 16.24
CA MET A 1149 35.47 22.02 17.67
C MET A 1149 36.69 21.15 17.91
N ASN A 1150 37.77 21.75 18.42
CA ASN A 1150 38.99 21.03 18.77
C ASN A 1150 38.96 20.81 20.27
N TRP A 1151 38.59 19.59 20.69
CA TRP A 1151 38.47 19.31 22.11
C TRP A 1151 39.81 19.16 22.80
N GLU A 1152 40.89 18.89 22.05
CA GLU A 1152 42.22 18.86 22.65
C GLU A 1152 42.64 20.24 23.12
N LYS A 1153 42.48 21.25 22.27
CA LYS A 1153 42.75 22.63 22.67
C LYS A 1153 41.61 23.25 23.48
N GLY A 1154 40.39 22.73 23.34
CA GLY A 1154 39.25 23.35 23.97
C GLY A 1154 38.78 24.61 23.28
N GLU A 1155 39.04 24.74 21.98
CA GLU A 1155 38.68 25.94 21.22
C GLU A 1155 38.00 25.53 19.93
N GLY A 1156 37.37 26.50 19.28
CA GLY A 1156 36.73 26.26 18.01
C GLY A 1156 35.55 27.20 17.80
N GLN A 1157 34.91 27.02 16.65
CA GLN A 1157 33.73 27.78 16.25
C GLN A 1157 32.58 26.80 15.99
N PRO A 1158 32.00 26.23 17.04
CA PRO A 1158 31.00 25.16 16.82
C PRO A 1158 29.61 25.65 16.46
N PHE A 1159 29.25 26.88 16.77
CA PHE A 1159 27.88 27.35 16.66
C PHE A 1159 27.75 28.45 15.61
N GLU A 1160 26.65 28.40 14.86
CA GLU A 1160 26.35 29.36 13.80
C GLU A 1160 25.68 30.62 14.33
N TYR A 1161 24.77 30.47 15.31
CA TYR A 1161 24.10 31.62 15.91
C TYR A 1161 23.68 31.23 17.32
N PHE A 1162 23.15 32.21 18.04
CA PHE A 1162 22.77 32.04 19.44
C PHE A 1162 21.35 32.56 19.66
N VAL A 1163 20.52 31.74 20.28
CA VAL A 1163 19.16 32.13 20.66
C VAL A 1163 19.21 32.72 22.06
N TYR A 1164 18.78 33.97 22.20
CA TYR A 1164 18.81 34.67 23.47
C TYR A 1164 17.39 34.84 24.00
N GLY A 1165 17.29 34.98 25.32
CA GLY A 1165 15.99 35.15 25.94
C GLY A 1165 16.11 35.26 27.45
N ALA A 1166 14.97 35.51 28.07
CA ALA A 1166 14.88 35.60 29.53
C ALA A 1166 13.45 35.29 29.94
N ALA A 1167 13.29 34.70 31.12
CA ALA A 1167 11.99 34.27 31.61
C ALA A 1167 11.86 34.58 33.09
N CYS A 1168 10.67 35.06 33.48
CA CYS A 1168 10.36 35.38 34.87
C CYS A 1168 9.12 34.60 35.29
N SER A 1169 9.23 33.88 36.40
CA SER A 1169 8.13 33.07 36.92
C SER A 1169 7.84 33.43 38.37
N GLU A 1170 6.55 33.49 38.71
CA GLU A 1170 6.11 33.73 40.07
C GLU A 1170 5.23 32.57 40.52
N VAL A 1171 5.50 32.05 41.71
CA VAL A 1171 4.79 30.90 42.25
C VAL A 1171 4.35 31.19 43.68
N GLU A 1172 3.46 30.34 44.17
CA GLU A 1172 3.08 30.32 45.58
C GLU A 1172 3.06 28.86 46.03
N ILE A 1173 3.65 28.59 47.20
CA ILE A 1173 3.78 27.23 47.69
C ILE A 1173 2.98 27.06 48.97
N ASP A 1174 2.56 25.83 49.22
CA ASP A 1174 1.93 25.43 50.47
C ASP A 1174 3.01 24.79 51.34
N CYS A 1175 3.41 25.49 52.39
CA CYS A 1175 4.48 24.99 53.26
C CYS A 1175 4.06 23.77 54.06
N LEU A 1176 2.77 23.52 54.20
CA LEU A 1176 2.29 22.38 54.96
C LEU A 1176 2.13 21.11 54.14
N THR A 1177 2.03 21.23 52.82
CA THR A 1177 1.80 20.08 51.96
C THR A 1177 2.77 19.93 50.81
N GLY A 1178 3.58 20.94 50.49
CA GLY A 1178 4.43 20.90 49.33
C GLY A 1178 3.74 21.28 48.03
N ASP A 1179 2.43 21.50 48.04
CA ASP A 1179 1.73 21.96 46.86
C ASP A 1179 2.25 23.33 46.43
N HIS A 1180 2.11 23.62 45.14
CA HIS A 1180 2.54 24.90 44.62
C HIS A 1180 1.71 25.26 43.40
N LYS A 1181 1.59 26.56 43.15
CA LYS A 1181 0.79 27.10 42.05
C LYS A 1181 1.64 28.06 41.24
N ASN A 1182 1.68 27.85 39.92
CA ASN A 1182 2.39 28.75 39.02
C ASN A 1182 1.49 29.94 38.72
N ILE A 1183 1.85 31.10 39.27
CA ILE A 1183 0.99 32.27 39.18
C ILE A 1183 1.14 32.96 37.83
N ARG A 1184 2.38 33.30 37.45
CA ARG A 1184 2.58 34.10 36.25
C ARG A 1184 3.97 33.84 35.70
N THR A 1185 4.08 33.80 34.37
CA THR A 1185 5.35 33.64 33.68
C THR A 1185 5.43 34.64 32.53
N ASP A 1186 6.56 35.34 32.45
CA ASP A 1186 6.82 36.29 31.37
C ASP A 1186 8.07 35.85 30.62
N ILE A 1187 7.98 35.80 29.29
CA ILE A 1187 9.06 35.30 28.46
C ILE A 1187 9.32 36.30 27.33
N VAL A 1188 10.58 36.70 27.19
CA VAL A 1188 11.04 37.47 26.04
C VAL A 1188 12.11 36.64 25.33
N MET A 1189 12.02 36.58 24.00
CA MET A 1189 12.83 35.64 23.22
C MET A 1189 13.39 36.32 21.98
N ASP A 1190 14.68 36.16 21.75
CA ASP A 1190 15.32 36.60 20.51
C ASP A 1190 15.16 35.49 19.48
N VAL A 1191 14.22 35.69 18.55
CA VAL A 1191 13.93 34.70 17.51
C VAL A 1191 14.52 35.12 16.17
N GLY A 1192 14.97 36.37 16.05
CA GLY A 1192 15.39 36.90 14.77
C GLY A 1192 14.17 37.35 13.99
N CYS A 1193 14.09 36.99 12.72
CA CYS A 1193 12.90 37.24 11.90
C CYS A 1193 12.10 35.94 11.86
N SER A 1194 11.01 35.90 12.63
CA SER A 1194 10.20 34.69 12.71
C SER A 1194 9.57 34.40 11.36
N ILE A 1195 9.79 33.18 10.85
CA ILE A 1195 9.16 32.76 9.61
C ILE A 1195 7.67 32.55 9.81
N ASN A 1196 7.28 32.03 10.98
CA ASN A 1196 5.87 31.82 11.32
C ASN A 1196 5.71 32.07 12.81
N PRO A 1197 5.18 33.23 13.19
CA PRO A 1197 5.06 33.55 14.62
C PRO A 1197 4.16 32.59 15.38
N ALA A 1198 3.09 32.10 14.75
CA ALA A 1198 2.20 31.16 15.42
C ALA A 1198 2.94 29.86 15.75
N ILE A 1199 3.71 29.35 14.80
CA ILE A 1199 4.48 28.13 15.04
C ILE A 1199 5.59 28.38 16.06
N ASP A 1200 6.28 29.51 15.95
CA ASP A 1200 7.42 29.77 16.82
C ASP A 1200 6.97 30.03 18.25
N ILE A 1201 5.91 30.81 18.44
CA ILE A 1201 5.40 31.05 19.79
C ILE A 1201 4.92 29.75 20.41
N GLY A 1202 4.28 28.89 19.61
CA GLY A 1202 3.89 27.58 20.10
C GLY A 1202 5.08 26.71 20.46
N GLN A 1203 6.21 26.92 19.79
CA GLN A 1203 7.43 26.19 20.16
C GLN A 1203 7.99 26.69 21.49
N ILE A 1204 7.83 27.98 21.78
CA ILE A 1204 8.29 28.51 23.06
C ILE A 1204 7.41 28.00 24.19
N GLU A 1205 6.08 27.98 23.98
CA GLU A 1205 5.17 27.52 25.02
C GLU A 1205 5.38 26.05 25.32
N GLY A 1206 5.43 25.21 24.29
CA GLY A 1206 5.60 23.79 24.51
C GLY A 1206 6.92 23.44 25.15
N ALA A 1207 8.00 24.09 24.71
CA ALA A 1207 9.31 23.83 25.31
C ALA A 1207 9.35 24.31 26.76
N PHE A 1208 8.75 25.46 27.04
CA PHE A 1208 8.73 25.97 28.41
C PHE A 1208 7.96 25.01 29.33
N ILE A 1209 6.78 24.58 28.90
CA ILE A 1209 5.98 23.67 29.71
C ILE A 1209 6.70 22.33 29.87
N GLN A 1210 7.34 21.85 28.81
CA GLN A 1210 8.08 20.60 28.89
C GLN A 1210 9.27 20.74 29.84
N GLY A 1211 9.93 21.89 29.82
CA GLY A 1211 10.99 22.13 30.80
C GLY A 1211 10.45 22.29 32.20
N MET A 1212 9.31 22.98 32.34
CA MET A 1212 8.70 23.16 33.65
C MET A 1212 8.42 21.82 34.33
N GLY A 1213 7.87 20.87 33.58
CA GLY A 1213 7.65 19.54 34.15
C GLY A 1213 8.94 18.85 34.51
N LEU A 1214 10.00 19.05 33.71
CA LEU A 1214 11.28 18.43 33.99
C LEU A 1214 11.83 18.88 35.34
N TYR A 1215 11.62 20.15 35.69
CA TYR A 1215 12.16 20.72 36.91
C TYR A 1215 11.21 20.62 38.09
N THR A 1216 9.98 20.14 37.90
CA THR A 1216 9.01 20.16 38.99
C THR A 1216 8.35 18.81 39.24
N ILE A 1217 7.45 18.40 38.35
CA ILE A 1217 6.53 17.30 38.68
C ILE A 1217 6.94 15.99 38.03
N GLU A 1218 7.66 16.05 36.91
CA GLU A 1218 8.02 14.82 36.20
C GLU A 1218 9.11 14.09 36.97
N GLU A 1219 8.85 12.84 37.34
CA GLU A 1219 9.71 12.10 38.25
C GLU A 1219 9.67 10.61 37.91
N LEU A 1220 10.85 10.01 37.73
CA LEU A 1220 10.98 8.59 37.50
C LEU A 1220 11.55 7.93 38.76
N ASN A 1221 10.94 6.83 39.19
CA ASN A 1221 11.32 6.15 40.41
C ASN A 1221 11.74 4.73 40.09
N TYR A 1222 12.93 4.35 40.56
CA TYR A 1222 13.47 3.01 40.35
C TYR A 1222 13.70 2.34 41.69
N SER A 1223 13.53 1.01 41.72
CA SER A 1223 13.71 0.23 42.92
C SER A 1223 15.19 -0.11 43.09
N PRO A 1224 15.58 -0.56 44.30
CA PRO A 1224 16.97 -1.03 44.48
C PRO A 1224 17.35 -2.17 43.55
N GLN A 1225 16.37 -2.88 42.99
CA GLN A 1225 16.64 -3.90 41.98
C GLN A 1225 16.66 -3.36 40.57
N GLY A 1226 16.49 -2.04 40.40
CA GLY A 1226 16.55 -1.44 39.09
C GLY A 1226 15.26 -1.50 38.28
N ILE A 1227 14.12 -1.70 38.93
CA ILE A 1227 12.84 -1.81 38.25
C ILE A 1227 12.16 -0.45 38.28
N LEU A 1228 11.68 -0.01 37.12
CA LEU A 1228 10.95 1.26 37.03
C LEU A 1228 9.55 1.08 37.59
N HIS A 1229 9.22 1.86 38.62
CA HIS A 1229 7.90 1.80 39.24
C HIS A 1229 6.92 2.65 38.44
N THR A 1230 5.70 2.14 38.29
CA THR A 1230 4.74 2.75 37.38
C THR A 1230 3.29 2.68 37.87
N ARG A 1231 3.04 2.28 39.11
CA ARG A 1231 1.70 2.09 39.62
C ARG A 1231 1.47 3.02 40.82
N GLY A 1232 0.25 3.56 40.91
CA GLY A 1232 -0.13 4.39 42.03
C GLY A 1232 0.51 5.76 41.98
N PRO A 1233 0.84 6.30 43.16
CA PRO A 1233 1.54 7.59 43.20
C PRO A 1233 2.85 7.63 42.43
N ASP A 1234 3.37 6.48 42.01
CA ASP A 1234 4.58 6.43 41.18
C ASP A 1234 4.29 6.67 39.70
N GLN A 1235 3.04 6.91 39.33
CA GLN A 1235 2.70 7.15 37.93
C GLN A 1235 3.35 8.44 37.44
N TYR A 1236 3.84 8.41 36.21
CA TYR A 1236 4.52 9.56 35.62
C TYR A 1236 3.50 10.61 35.22
N LYS A 1237 3.77 11.86 35.59
CA LYS A 1237 2.84 12.97 35.40
C LYS A 1237 3.50 14.06 34.57
N ILE A 1238 2.99 14.28 33.37
CA ILE A 1238 3.42 15.41 32.54
C ILE A 1238 2.49 16.58 32.85
N PRO A 1239 2.88 17.82 32.57
CA PRO A 1239 2.01 18.95 32.93
C PRO A 1239 0.66 18.89 32.22
N ALA A 1240 -0.39 19.15 32.98
CA ALA A 1240 -1.75 19.26 32.49
C ALA A 1240 -2.15 20.73 32.44
N ILE A 1241 -3.45 20.99 32.23
CA ILE A 1241 -3.94 22.36 32.19
C ILE A 1241 -3.73 23.04 33.53
N CYS A 1242 -3.99 22.32 34.63
CA CYS A 1242 -3.83 22.90 35.96
C CYS A 1242 -2.39 23.29 36.26
N ASP A 1243 -1.41 22.70 35.56
CA ASP A 1243 -0.02 23.06 35.79
C ASP A 1243 0.42 24.28 35.00
N MET A 1244 -0.33 24.65 33.95
CA MET A 1244 0.04 25.80 33.16
C MET A 1244 -0.08 27.08 33.99
N PRO A 1245 0.85 28.03 33.84
CA PRO A 1245 0.75 29.27 34.62
C PRO A 1245 -0.57 29.98 34.38
N THR A 1246 -1.08 30.60 35.46
CA THR A 1246 -2.33 31.35 35.36
C THR A 1246 -2.20 32.50 34.36
N GLU A 1247 -1.08 33.22 34.42
CA GLU A 1247 -0.81 34.34 33.52
C GLU A 1247 0.44 34.00 32.72
N LEU A 1248 0.40 34.25 31.41
CA LEU A 1248 1.51 33.89 30.52
C LEU A 1248 1.69 34.98 29.47
N HIS A 1249 2.72 35.79 29.62
CA HIS A 1249 3.07 36.82 28.65
C HIS A 1249 4.31 36.38 27.89
N ILE A 1250 4.24 36.44 26.56
CA ILE A 1250 5.35 36.05 25.69
C ILE A 1250 5.56 37.15 24.66
N ALA A 1251 6.80 37.57 24.49
CA ALA A 1251 7.16 38.62 23.54
C ALA A 1251 8.37 38.18 22.72
N LEU A 1252 8.31 38.43 21.43
CA LEU A 1252 9.45 38.20 20.54
C LEU A 1252 10.19 39.52 20.35
N LEU A 1253 11.50 39.48 20.53
CA LEU A 1253 12.30 40.70 20.38
C LEU A 1253 12.18 41.23 18.96
N PRO A 1254 12.10 42.55 18.78
CA PRO A 1254 12.18 43.12 17.43
C PRO A 1254 13.43 42.66 16.73
N PRO A 1255 13.34 42.30 15.45
CA PRO A 1255 14.40 41.50 14.82
C PRO A 1255 15.66 42.31 14.55
N SER A 1256 16.78 41.58 14.59
CA SER A 1256 18.08 42.05 14.10
C SER A 1256 18.43 41.28 12.83
N GLN A 1257 19.62 41.54 12.31
CA GLN A 1257 20.04 40.94 11.04
C GLN A 1257 20.86 39.68 11.31
N ASN A 1258 20.52 38.60 10.58
CA ASN A 1258 21.25 37.33 10.63
C ASN A 1258 21.34 36.79 9.21
N SER A 1259 22.18 37.45 8.40
CA SER A 1259 22.24 37.15 6.97
C SER A 1259 22.68 35.72 6.68
N ASN A 1260 23.37 35.06 7.62
CA ASN A 1260 23.85 33.71 7.36
C ASN A 1260 22.71 32.70 7.32
N THR A 1261 21.63 32.95 8.06
CA THR A 1261 20.54 31.99 8.19
C THR A 1261 19.42 32.31 7.20
N LEU A 1262 18.50 31.34 7.08
CA LEU A 1262 17.36 31.46 6.17
C LEU A 1262 16.44 32.61 6.61
N TYR A 1263 16.40 33.67 5.80
CA TYR A 1263 15.52 34.82 6.06
C TYR A 1263 15.79 35.45 7.42
N SER A 1264 17.03 35.41 7.88
CA SER A 1264 17.45 36.00 9.15
C SER A 1264 16.65 35.44 10.32
N SER A 1265 16.28 34.16 10.25
CA SER A 1265 15.54 33.49 11.31
C SER A 1265 16.49 32.71 12.20
N LYS A 1266 15.97 32.29 13.35
CA LYS A 1266 16.74 31.51 14.32
C LYS A 1266 15.95 30.27 14.71
N GLY A 1267 16.58 29.11 14.57
CA GLY A 1267 15.96 27.85 14.93
C GLY A 1267 15.76 27.70 16.42
N LEU A 1268 14.52 27.87 16.88
CA LEU A 1268 14.16 27.69 18.27
C LEU A 1268 13.34 26.40 18.42
N GLY A 1269 12.77 26.21 19.61
CA GLY A 1269 12.05 25.00 19.93
C GLY A 1269 12.77 24.08 20.89
N GLU A 1270 14.10 24.11 20.89
CA GLU A 1270 14.90 23.48 21.94
C GLU A 1270 15.26 24.46 23.06
N SER A 1271 15.14 25.77 22.79
CA SER A 1271 15.69 26.76 23.69
C SER A 1271 14.80 26.97 24.91
N GLY A 1272 13.47 26.93 24.72
CA GLY A 1272 12.54 27.25 25.79
C GLY A 1272 12.51 26.24 26.92
N VAL A 1273 13.15 25.08 26.76
CA VAL A 1273 13.09 24.06 27.81
C VAL A 1273 13.77 24.54 29.08
N PHE A 1274 14.93 25.19 28.94
CA PHE A 1274 15.65 25.68 30.11
C PHE A 1274 14.87 26.79 30.83
N LEU A 1275 14.09 27.57 30.09
CA LEU A 1275 13.32 28.66 30.70
C LEU A 1275 12.32 28.15 31.73
N GLY A 1276 12.00 26.85 31.70
CA GLY A 1276 11.14 26.29 32.74
C GLY A 1276 11.75 26.31 34.12
N CYS A 1277 13.07 26.35 34.21
CA CYS A 1277 13.74 26.43 35.51
C CYS A 1277 13.49 27.75 36.22
N SER A 1278 12.92 28.74 35.53
CA SER A 1278 12.49 29.95 36.21
C SER A 1278 11.40 29.64 37.25
N VAL A 1279 10.58 28.63 36.98
CA VAL A 1279 9.63 28.15 37.99
C VAL A 1279 10.38 27.42 39.10
N PHE A 1280 11.43 26.68 38.74
CA PHE A 1280 12.22 25.96 39.73
C PHE A 1280 12.81 26.92 40.76
N PHE A 1281 13.46 27.98 40.30
CA PHE A 1281 14.10 28.93 41.20
C PHE A 1281 13.11 29.91 41.81
N ALA A 1282 11.88 29.97 41.29
CA ALA A 1282 10.82 30.70 42.00
C ALA A 1282 10.34 29.91 43.21
N ILE A 1283 10.22 28.58 43.07
CA ILE A 1283 9.95 27.73 44.22
C ILE A 1283 11.12 27.79 45.20
N HIS A 1284 12.34 27.81 44.69
CA HIS A 1284 13.52 27.95 45.53
C HIS A 1284 13.47 29.26 46.32
N ASP A 1285 12.96 30.33 45.69
CA ASP A 1285 12.84 31.61 46.39
C ASP A 1285 11.83 31.53 47.52
N ALA A 1286 10.67 30.92 47.26
CA ALA A 1286 9.65 30.81 48.30
C ALA A 1286 10.12 29.92 49.44
N VAL A 1287 10.80 28.81 49.13
CA VAL A 1287 11.31 27.94 50.17
C VAL A 1287 12.34 28.68 51.03
N SER A 1288 13.17 29.52 50.40
CA SER A 1288 14.13 30.31 51.14
C SER A 1288 13.44 31.27 52.09
N ALA A 1289 12.34 31.89 51.65
CA ALA A 1289 11.64 32.86 52.48
C ALA A 1289 11.08 32.21 53.74
N ALA A 1290 10.58 30.98 53.62
CA ALA A 1290 10.08 30.27 54.80
C ALA A 1290 11.24 29.87 55.72
N ARG A 1291 12.31 29.34 55.15
CA ARG A 1291 13.47 28.94 55.96
C ARG A 1291 14.15 30.14 56.61
N GLN A 1292 14.20 31.26 55.90
CA GLN A 1292 14.82 32.46 56.47
C GLN A 1292 13.99 33.02 57.62
N GLU A 1293 12.66 33.07 57.45
CA GLU A 1293 11.80 33.54 58.52
C GLU A 1293 11.87 32.61 59.74
N ARG A 1294 11.99 31.31 59.52
CA ARG A 1294 12.04 30.34 60.60
C ARG A 1294 13.44 30.16 61.18
N GLY A 1295 14.44 30.87 60.66
CA GLY A 1295 15.77 30.80 61.23
C GLY A 1295 16.53 29.52 60.96
N LEU A 1296 16.49 29.04 59.71
CA LEU A 1296 17.22 27.83 59.31
C LEU A 1296 18.19 28.21 58.20
N HIS A 1297 19.44 28.43 58.57
CA HIS A 1297 20.47 28.80 57.60
C HIS A 1297 21.54 27.71 57.50
N LEU A 1300 21.25 25.39 51.61
CA LEU A 1300 20.05 24.98 50.91
C LEU A 1300 20.39 24.38 49.54
N THR A 1301 20.07 23.09 49.37
CA THR A 1301 20.33 22.38 48.13
C THR A 1301 19.04 21.64 47.73
N LEU A 1302 18.28 22.25 46.82
CA LEU A 1302 17.06 21.64 46.29
C LEU A 1302 17.37 21.00 44.95
N ASN A 1303 17.19 19.68 44.88
CA ASN A 1303 17.47 18.97 43.65
C ASN A 1303 16.28 19.01 42.70
N SER A 1304 16.54 18.71 41.44
CA SER A 1304 15.51 18.61 40.42
C SER A 1304 15.15 17.15 40.18
N PRO A 1305 13.86 16.81 40.02
CA PRO A 1305 12.71 17.74 40.02
C PRO A 1305 12.30 18.22 41.41
N LEU A 1306 11.78 19.44 41.48
CA LEU A 1306 11.26 20.00 42.75
C LEU A 1306 9.83 19.51 42.94
N THR A 1307 9.72 18.30 43.48
CA THR A 1307 8.43 17.68 43.72
C THR A 1307 7.80 18.25 44.98
N PRO A 1308 6.51 18.01 45.20
CA PRO A 1308 5.91 18.36 46.50
C PRO A 1308 6.63 17.73 47.68
N GLU A 1309 7.25 16.57 47.47
CA GLU A 1309 8.02 15.93 48.54
C GLU A 1309 9.22 16.78 48.91
N LYS A 1310 9.98 17.25 47.92
CA LYS A 1310 11.17 18.04 48.20
C LYS A 1310 10.81 19.42 48.73
N ILE A 1311 9.70 20.00 48.27
CA ILE A 1311 9.27 21.31 48.74
C ILE A 1311 8.86 21.25 50.21
N ARG A 1312 8.07 20.23 50.56
CA ARG A 1312 7.54 20.13 51.91
C ARG A 1312 8.65 19.94 52.94
N MET A 1313 9.59 19.04 52.66
CA MET A 1313 10.63 18.72 53.62
C MET A 1313 11.62 19.85 53.80
N ALA A 1314 11.77 20.73 52.82
CA ALA A 1314 12.65 21.88 52.98
C ALA A 1314 12.02 22.92 53.90
N CYS A 1315 10.70 22.98 53.96
CA CYS A 1315 9.99 23.87 54.88
C CYS A 1315 9.87 23.18 56.24
N GLU A 1316 11.00 23.13 56.95
CA GLU A 1316 11.04 22.46 58.24
C GLU A 1316 10.24 23.23 59.28
N ASP A 1317 9.60 22.48 60.18
CA ASP A 1317 8.78 23.05 61.23
C ASP A 1317 8.67 22.04 62.36
N LYS A 1318 7.72 22.26 63.27
CA LYS A 1318 7.51 21.34 64.38
C LYS A 1318 7.12 19.95 63.88
N PHE A 1319 6.50 19.87 62.70
CA PHE A 1319 6.01 18.59 62.20
C PHE A 1319 7.14 17.77 61.59
N THR A 1320 7.97 18.38 60.76
CA THR A 1320 9.09 17.66 60.16
C THR A 1320 10.08 17.22 61.23
N LYS A 1321 10.24 18.00 62.30
CA LYS A 1321 11.12 17.64 63.41
C LYS A 1321 10.52 16.58 64.32
N MET A 1322 9.21 16.29 64.19
CA MET A 1322 8.51 15.39 65.09
C MET A 1322 8.36 13.98 64.55
N ILE A 1323 8.34 13.81 63.23
CA ILE A 1323 8.04 12.52 62.61
C ILE A 1323 9.11 11.49 63.00
N PRO A 1324 8.74 10.21 63.09
CA PRO A 1324 9.76 9.19 63.33
C PRO A 1324 10.61 8.98 62.08
N ARG A 1325 11.83 8.51 62.31
CA ARG A 1325 12.77 8.26 61.22
C ARG A 1325 13.46 6.92 61.46
N ASP A 1326 13.84 6.27 60.37
CA ASP A 1326 14.50 4.97 60.42
C ASP A 1326 16.00 5.13 60.19
N GLU A 1327 16.77 4.28 60.83
CA GLU A 1327 18.20 4.25 60.58
C GLU A 1327 18.45 3.85 59.12
N PRO A 1328 19.43 4.46 58.45
CA PRO A 1328 19.48 4.39 56.97
C PRO A 1328 19.58 2.97 56.41
N GLY A 1329 20.30 2.07 57.07
CA GLY A 1329 20.54 0.75 56.54
C GLY A 1329 19.68 -0.37 57.09
N SER A 1330 18.63 -0.05 57.84
CA SER A 1330 17.83 -1.06 58.52
C SER A 1330 16.66 -1.58 57.68
N TYR A 1331 16.57 -1.19 56.41
CA TYR A 1331 15.43 -1.57 55.59
C TYR A 1331 15.80 -1.43 54.12
N VAL A 1332 15.13 -2.21 53.28
CA VAL A 1332 15.29 -2.12 51.83
C VAL A 1332 14.14 -1.28 51.28
N PRO A 1333 14.39 -0.08 50.77
CA PRO A 1333 13.30 0.84 50.44
C PRO A 1333 12.63 0.50 49.12
N TRP A 1334 11.48 1.15 48.90
CA TRP A 1334 10.74 0.97 47.66
C TRP A 1334 11.42 1.69 46.51
N ASN A 1335 12.03 2.84 46.77
CA ASN A 1335 12.73 3.61 45.77
C ASN A 1335 14.16 3.89 46.23
N VAL A 1336 15.01 4.22 45.27
CA VAL A 1336 16.40 4.58 45.58
C VAL A 1336 16.51 6.08 45.78
N ALA B 4 -22.58 -30.37 3.88
CA ALA B 4 -22.02 -31.02 5.07
C ALA B 4 -20.54 -31.32 4.88
N SER B 5 -20.18 -31.74 3.66
CA SER B 5 -18.81 -32.16 3.38
C SER B 5 -17.85 -30.98 3.41
N GLU B 6 -16.57 -31.30 3.61
CA GLU B 6 -15.49 -30.34 3.51
C GLU B 6 -14.69 -30.59 2.24
N LEU B 7 -14.11 -29.53 1.70
CA LEU B 7 -13.27 -29.62 0.50
C LEU B 7 -11.81 -29.66 0.93
N LEU B 8 -11.15 -30.78 0.66
CA LEU B 8 -9.75 -30.99 1.04
C LEU B 8 -8.94 -31.25 -0.22
N PHE B 9 -7.94 -30.40 -0.47
CA PHE B 9 -6.99 -30.64 -1.55
C PHE B 9 -5.70 -29.90 -1.23
N TYR B 10 -4.67 -30.21 -2.00
CA TYR B 10 -3.34 -29.63 -1.81
C TYR B 10 -2.99 -28.73 -2.99
N VAL B 11 -2.26 -27.66 -2.70
CA VAL B 11 -1.64 -26.83 -3.73
C VAL B 11 -0.24 -26.48 -3.26
N ASN B 12 0.76 -26.77 -4.11
CA ASN B 12 2.16 -26.51 -3.81
C ASN B 12 2.61 -27.19 -2.52
N GLY B 13 2.06 -28.38 -2.24
CA GLY B 13 2.47 -29.17 -1.12
C GLY B 13 1.77 -28.87 0.19
N ARG B 14 1.00 -27.79 0.26
CA ARG B 14 0.30 -27.40 1.49
C ARG B 14 -1.17 -27.80 1.41
N LYS B 15 -1.71 -28.25 2.55
CA LYS B 15 -3.08 -28.69 2.62
C LYS B 15 -4.03 -27.49 2.62
N VAL B 16 -5.18 -27.66 1.96
CA VAL B 16 -6.22 -26.63 1.89
C VAL B 16 -7.54 -27.26 2.29
N ILE B 17 -8.17 -26.71 3.31
CA ILE B 17 -9.48 -27.18 3.78
C ILE B 17 -10.46 -26.02 3.69
N GLU B 18 -11.58 -26.25 3.03
CA GLU B 18 -12.64 -25.25 2.89
C GLU B 18 -13.94 -25.85 3.40
N LYS B 19 -14.51 -25.22 4.42
CA LYS B 19 -15.77 -25.63 5.00
C LYS B 19 -16.89 -24.72 4.48
N ASN B 20 -18.00 -25.32 4.10
CA ASN B 20 -19.12 -24.60 3.46
C ASN B 20 -18.64 -23.82 2.25
N VAL B 21 -17.98 -24.54 1.33
CA VAL B 21 -17.40 -23.91 0.16
C VAL B 21 -18.51 -23.56 -0.84
N ASP B 22 -18.29 -22.46 -1.58
CA ASP B 22 -19.18 -22.08 -2.66
C ASP B 22 -18.84 -22.91 -3.89
N PRO B 23 -19.74 -23.77 -4.35
CA PRO B 23 -19.40 -24.65 -5.49
C PRO B 23 -19.08 -23.89 -6.77
N GLU B 24 -19.48 -22.64 -6.89
CA GLU B 24 -19.16 -21.83 -8.06
C GLU B 24 -17.73 -21.29 -8.03
N THR B 25 -16.99 -21.51 -6.96
CA THR B 25 -15.63 -21.00 -6.88
C THR B 25 -14.73 -21.72 -7.88
N MET B 26 -13.89 -20.94 -8.57
CA MET B 26 -13.03 -21.44 -9.62
C MET B 26 -11.57 -21.38 -9.15
N LEU B 27 -10.74 -22.25 -9.72
CA LEU B 27 -9.38 -22.41 -9.21
C LEU B 27 -8.53 -21.17 -9.46
N LEU B 28 -8.69 -20.52 -10.61
CA LEU B 28 -7.86 -19.36 -10.92
C LEU B 28 -8.10 -18.20 -9.96
N PRO B 29 -9.34 -17.73 -9.71
CA PRO B 29 -9.51 -16.68 -8.71
C PRO B 29 -9.23 -17.16 -7.29
N TYR B 30 -9.37 -18.46 -7.03
CA TYR B 30 -9.08 -18.97 -5.71
C TYR B 30 -7.59 -18.90 -5.40
N LEU B 31 -6.75 -19.31 -6.35
CA LEU B 31 -5.31 -19.26 -6.15
C LEU B 31 -4.83 -17.83 -5.92
N ARG B 32 -5.38 -16.89 -6.69
CA ARG B 32 -4.85 -15.52 -6.70
C ARG B 32 -5.35 -14.73 -5.49
N LYS B 33 -6.63 -14.86 -5.14
CA LYS B 33 -7.23 -14.02 -4.11
C LYS B 33 -7.33 -14.70 -2.75
N LYS B 34 -7.62 -16.00 -2.72
CA LYS B 34 -7.72 -16.69 -1.42
C LYS B 34 -6.35 -17.14 -0.93
N LEU B 35 -5.57 -17.80 -1.80
CA LEU B 35 -4.26 -18.31 -1.41
C LEU B 35 -3.14 -17.33 -1.67
N ARG B 36 -3.42 -16.19 -2.31
CA ARG B 36 -2.43 -15.15 -2.57
C ARG B 36 -1.26 -15.68 -3.41
N LEU B 37 -1.58 -16.55 -4.37
CA LEU B 37 -0.59 -17.11 -5.29
C LEU B 37 -0.90 -16.56 -6.68
N THR B 38 -0.35 -15.38 -6.97
CA THR B 38 -0.68 -14.63 -8.17
C THR B 38 0.21 -14.98 -9.36
N GLY B 39 1.02 -16.04 -9.26
CA GLY B 39 1.80 -16.46 -10.42
C GLY B 39 0.93 -16.92 -11.57
N THR B 40 -0.16 -17.63 -11.25
CA THR B 40 -1.10 -18.04 -12.28
C THR B 40 -1.92 -16.85 -12.74
N LYS B 41 -1.96 -16.63 -14.05
CA LYS B 41 -2.50 -15.42 -14.65
C LYS B 41 -3.84 -15.68 -15.32
N TYR B 42 -4.56 -14.58 -15.56
CA TYR B 42 -5.76 -14.58 -16.38
C TYR B 42 -5.40 -14.04 -17.77
N GLY B 43 -5.82 -14.76 -18.81
CA GLY B 43 -5.53 -14.34 -20.16
C GLY B 43 -6.78 -14.17 -21.01
N CYS B 44 -7.73 -15.08 -20.86
CA CYS B 44 -8.96 -15.02 -21.64
C CYS B 44 -10.10 -15.75 -20.93
N GLY B 45 -9.76 -16.70 -20.06
CA GLY B 45 -10.77 -17.44 -19.35
C GLY B 45 -11.59 -18.40 -20.19
N GLY B 46 -11.06 -18.83 -21.33
CA GLY B 46 -11.78 -19.75 -22.18
C GLY B 46 -11.02 -21.03 -22.48
N GLY B 47 -9.80 -21.13 -21.94
CA GLY B 47 -8.98 -22.31 -22.13
C GLY B 47 -8.12 -22.30 -23.37
N GLY B 48 -7.93 -21.15 -24.02
CA GLY B 48 -7.21 -21.11 -25.28
C GLY B 48 -5.83 -20.51 -25.21
N CYS B 49 -5.56 -19.68 -24.21
CA CYS B 49 -4.29 -18.97 -24.15
C CYS B 49 -3.24 -19.68 -23.30
N GLY B 50 -3.65 -20.37 -22.25
CA GLY B 50 -2.72 -21.14 -21.44
C GLY B 50 -1.96 -20.37 -20.39
N ALA B 51 -2.34 -19.12 -20.12
CA ALA B 51 -1.66 -18.35 -19.08
C ALA B 51 -1.99 -18.85 -17.68
N CYS B 52 -3.06 -19.64 -17.53
CA CYS B 52 -3.47 -20.18 -16.25
C CYS B 52 -3.08 -21.65 -16.09
N THR B 53 -2.06 -22.10 -16.82
CA THR B 53 -1.69 -23.51 -16.82
C THR B 53 -1.15 -23.91 -15.45
N VAL B 54 -1.72 -24.99 -14.89
CA VAL B 54 -1.23 -25.58 -13.65
C VAL B 54 -1.12 -27.09 -13.86
N MET B 55 -0.58 -27.78 -12.86
CA MET B 55 -0.45 -29.22 -12.89
C MET B 55 -1.37 -29.85 -11.87
N ILE B 56 -2.11 -30.87 -12.28
CA ILE B 56 -3.02 -31.62 -11.42
C ILE B 56 -2.43 -33.02 -11.22
N SER B 57 -2.35 -33.44 -9.96
CA SER B 57 -1.82 -34.75 -9.60
C SER B 57 -2.87 -35.54 -8.84
N ARG B 58 -3.03 -36.80 -9.22
CA ARG B 58 -3.97 -37.70 -8.56
C ARG B 58 -3.32 -39.06 -8.37
N TYR B 59 -3.72 -39.75 -7.31
CA TYR B 59 -3.20 -41.08 -7.00
C TYR B 59 -4.31 -42.10 -7.24
N ASN B 60 -4.07 -43.03 -8.15
CA ASN B 60 -5.01 -44.11 -8.43
C ASN B 60 -4.73 -45.26 -7.47
N PRO B 61 -5.61 -45.53 -6.51
CA PRO B 61 -5.33 -46.62 -5.55
C PRO B 61 -5.38 -48.01 -6.16
N ILE B 62 -6.06 -48.17 -7.31
CA ILE B 62 -6.11 -49.49 -7.94
C ILE B 62 -4.78 -49.81 -8.60
N THR B 63 -4.29 -48.90 -9.44
CA THR B 63 -2.99 -49.10 -10.09
C THR B 63 -1.82 -48.66 -9.22
N LYS B 64 -2.08 -48.00 -8.10
CA LYS B 64 -1.03 -47.54 -7.18
C LYS B 64 -0.01 -46.68 -7.90
N ARG B 65 -0.48 -45.82 -8.79
CA ARG B 65 0.37 -44.95 -9.57
C ARG B 65 -0.12 -43.50 -9.49
N ILE B 66 0.82 -42.57 -9.50
CA ILE B 66 0.52 -41.15 -9.47
C ILE B 66 0.54 -40.61 -10.90
N ARG B 67 -0.53 -39.93 -11.30
CA ARG B 67 -0.66 -39.37 -12.63
C ARG B 67 -0.59 -37.86 -12.58
N HIS B 68 0.23 -37.28 -13.45
CA HIS B 68 0.35 -35.83 -13.59
C HIS B 68 -0.16 -35.41 -14.96
N HIS B 69 -0.95 -34.34 -14.99
CA HIS B 69 -1.48 -33.84 -16.25
C HIS B 69 -1.72 -32.34 -16.15
N PRO B 70 -1.49 -31.59 -17.21
CA PRO B 70 -1.72 -30.14 -17.17
C PRO B 70 -3.19 -29.82 -17.33
N ALA B 71 -3.54 -28.59 -16.91
CA ALA B 71 -4.93 -28.15 -16.98
C ALA B 71 -4.96 -26.63 -16.88
N ASN B 72 -6.03 -26.05 -17.42
CA ASN B 72 -6.26 -24.62 -17.34
C ASN B 72 -7.07 -24.31 -16.09
N ALA B 73 -6.48 -23.53 -15.18
CA ALA B 73 -7.11 -23.27 -13.89
C ALA B 73 -8.39 -22.45 -14.01
N CYS B 74 -8.54 -21.67 -15.07
CA CYS B 74 -9.72 -20.83 -15.24
C CYS B 74 -10.99 -21.64 -15.46
N LEU B 75 -10.89 -22.93 -15.76
CA LEU B 75 -12.05 -23.76 -16.03
C LEU B 75 -12.23 -24.89 -15.02
N ILE B 76 -11.46 -24.89 -13.93
CA ILE B 76 -11.48 -25.96 -12.95
C ILE B 76 -12.25 -25.48 -11.72
N PRO B 77 -13.48 -25.92 -11.50
CA PRO B 77 -14.15 -25.64 -10.23
C PRO B 77 -13.46 -26.40 -9.10
N ILE B 78 -13.16 -25.68 -8.00
CA ILE B 78 -12.34 -26.25 -6.95
C ILE B 78 -13.01 -27.44 -6.27
N CYS B 79 -14.33 -27.58 -6.40
CA CYS B 79 -15.02 -28.72 -5.82
C CYS B 79 -14.66 -30.02 -6.51
N SER B 80 -14.09 -29.96 -7.72
CA SER B 80 -13.66 -31.14 -8.44
C SER B 80 -12.21 -31.52 -8.14
N LEU B 81 -11.59 -30.88 -7.14
CA LEU B 81 -10.20 -31.12 -6.81
C LEU B 81 -10.03 -31.94 -5.54
N TYR B 82 -11.10 -32.51 -5.00
CA TYR B 82 -11.03 -33.23 -3.74
C TYR B 82 -10.02 -34.38 -3.82
N GLY B 83 -9.08 -34.40 -2.87
CA GLY B 83 -8.08 -35.44 -2.84
C GLY B 83 -7.00 -35.34 -3.90
N ALA B 84 -6.89 -34.21 -4.58
CA ALA B 84 -5.90 -33.99 -5.63
C ALA B 84 -4.88 -32.96 -5.18
N ALA B 85 -3.83 -32.80 -5.99
CA ALA B 85 -2.74 -31.89 -5.68
C ALA B 85 -2.51 -30.96 -6.86
N VAL B 86 -2.62 -29.66 -6.62
CA VAL B 86 -2.36 -28.65 -7.63
C VAL B 86 -0.92 -28.17 -7.48
N THR B 87 -0.28 -27.87 -8.60
CA THR B 87 1.07 -27.29 -8.60
C THR B 87 1.07 -26.07 -9.50
N THR B 88 1.42 -24.93 -8.95
CA THR B 88 1.54 -23.70 -9.70
C THR B 88 3.01 -23.39 -9.96
N VAL B 89 3.25 -22.25 -10.61
CA VAL B 89 4.63 -21.85 -10.91
C VAL B 89 5.42 -21.62 -9.64
N GLU B 90 4.77 -21.10 -8.58
CA GLU B 90 5.45 -20.89 -7.32
C GLU B 90 5.82 -22.19 -6.63
N GLY B 91 5.15 -23.29 -6.95
CA GLY B 91 5.41 -24.54 -6.26
C GLY B 91 6.71 -25.21 -6.66
N ILE B 92 7.16 -24.98 -7.89
CA ILE B 92 8.35 -25.67 -8.37
C ILE B 92 9.65 -24.90 -8.11
N GLY B 93 9.57 -23.62 -7.74
CA GLY B 93 10.78 -22.87 -7.49
C GLY B 93 10.49 -21.42 -7.22
N SER B 94 11.48 -20.75 -6.65
CA SER B 94 11.38 -19.33 -6.33
C SER B 94 12.79 -18.80 -6.07
N THR B 95 12.91 -17.47 -6.02
CA THR B 95 14.19 -16.84 -5.76
C THR B 95 14.59 -16.88 -4.29
N HIS B 96 13.64 -17.12 -3.38
CA HIS B 96 13.93 -17.24 -1.97
C HIS B 96 14.01 -18.69 -1.52
N THR B 97 14.01 -19.64 -2.46
CA THR B 97 14.21 -21.05 -2.12
C THR B 97 15.22 -21.68 -3.08
N ARG B 98 14.77 -22.04 -4.28
CA ARG B 98 15.62 -22.70 -5.26
C ARG B 98 14.97 -22.58 -6.62
N ILE B 99 15.73 -22.14 -7.62
CA ILE B 99 15.20 -21.98 -8.97
C ILE B 99 15.16 -23.33 -9.66
N HIS B 100 13.99 -23.68 -10.19
CA HIS B 100 13.87 -24.90 -10.97
C HIS B 100 14.52 -24.72 -12.34
N PRO B 101 15.14 -25.78 -12.89
CA PRO B 101 15.76 -25.66 -14.22
C PRO B 101 14.84 -25.09 -15.29
N VAL B 102 13.54 -25.45 -15.26
CA VAL B 102 12.60 -24.89 -16.24
C VAL B 102 12.53 -23.38 -16.10
N GLN B 103 12.47 -22.89 -14.86
CA GLN B 103 12.41 -21.45 -14.63
C GLN B 103 13.70 -20.76 -15.05
N GLU B 104 14.84 -21.37 -14.72
CA GLU B 104 16.13 -20.75 -15.03
C GLU B 104 16.35 -20.63 -16.53
N ARG B 105 16.02 -21.68 -17.28
CA ARG B 105 16.38 -21.73 -18.70
C ARG B 105 15.46 -20.86 -19.55
N ILE B 106 14.15 -20.86 -19.27
CA ILE B 106 13.25 -20.02 -20.04
C ILE B 106 13.57 -18.55 -19.82
N ALA B 107 14.14 -18.20 -18.66
CA ALA B 107 14.53 -16.83 -18.39
C ALA B 107 15.87 -16.49 -19.03
N LYS B 108 16.86 -17.38 -18.87
CA LYS B 108 18.20 -17.11 -19.36
C LYS B 108 18.32 -17.27 -20.88
N CYS B 109 17.45 -18.06 -21.49
CA CYS B 109 17.38 -18.12 -22.95
C CYS B 109 16.58 -16.97 -23.55
N HIS B 110 16.15 -16.02 -22.72
CA HIS B 110 15.39 -14.85 -23.16
C HIS B 110 14.02 -15.25 -23.73
N GLY B 111 13.42 -16.28 -23.14
CA GLY B 111 12.07 -16.68 -23.47
C GLY B 111 10.98 -15.85 -22.81
N THR B 112 11.36 -14.77 -22.15
CA THR B 112 10.41 -13.86 -21.52
C THR B 112 10.69 -12.44 -21.99
N GLN B 113 9.63 -11.67 -22.20
CA GLN B 113 9.76 -10.25 -22.47
C GLN B 113 8.91 -9.47 -21.49
N CYS B 114 7.59 -9.45 -21.71
CA CYS B 114 6.69 -8.90 -20.71
C CYS B 114 6.49 -9.88 -19.56
N GLY B 115 6.64 -11.19 -19.81
CA GLY B 115 6.64 -12.20 -18.78
C GLY B 115 5.28 -12.65 -18.31
N PHE B 116 4.18 -12.15 -18.90
CA PHE B 116 2.86 -12.53 -18.43
C PHE B 116 2.51 -13.96 -18.79
N CYS B 117 2.99 -14.45 -19.94
CA CYS B 117 2.75 -15.82 -20.36
C CYS B 117 3.76 -16.81 -19.80
N THR B 118 4.79 -16.33 -19.11
CA THR B 118 5.85 -17.24 -18.68
C THR B 118 5.39 -18.27 -17.66
N PRO B 119 4.61 -17.94 -16.62
CA PRO B 119 4.18 -18.98 -15.69
C PRO B 119 3.41 -20.11 -16.36
N GLY B 120 2.59 -19.79 -17.37
CA GLY B 120 1.91 -20.83 -18.12
C GLY B 120 2.87 -21.66 -18.95
N MET B 121 3.88 -21.00 -19.56
CA MET B 121 4.89 -21.72 -20.32
C MET B 121 5.70 -22.64 -19.40
N VAL B 122 6.01 -22.17 -18.19
CA VAL B 122 6.80 -22.97 -17.26
C VAL B 122 6.04 -24.22 -16.86
N MET B 123 4.76 -24.06 -16.51
CA MET B 123 3.99 -25.21 -16.02
C MET B 123 3.70 -26.22 -17.12
N SER B 124 3.56 -25.76 -18.37
CA SER B 124 3.38 -26.70 -19.47
C SER B 124 4.65 -27.51 -19.73
N ILE B 125 5.81 -26.85 -19.65
CA ILE B 125 7.07 -27.56 -19.81
C ILE B 125 7.34 -28.46 -18.61
N TYR B 126 7.09 -27.93 -17.40
CA TYR B 126 7.36 -28.70 -16.18
C TYR B 126 6.51 -29.97 -16.12
N THR B 127 5.22 -29.85 -16.45
CA THR B 127 4.35 -31.02 -16.41
C THR B 127 4.78 -32.05 -17.45
N LEU B 128 5.26 -31.60 -18.60
CA LEU B 128 5.77 -32.53 -19.61
C LEU B 128 7.00 -33.27 -19.10
N LEU B 129 7.90 -32.56 -18.42
CA LEU B 129 9.13 -33.19 -17.94
C LEU B 129 8.85 -34.18 -16.81
N ARG B 130 7.76 -33.98 -16.07
CA ARG B 130 7.41 -34.94 -15.01
C ARG B 130 6.99 -36.28 -15.60
N ASN B 131 6.23 -36.26 -16.70
CA ASN B 131 5.83 -37.50 -17.36
C ASN B 131 6.91 -38.05 -18.27
N HIS B 132 7.74 -37.17 -18.84
CA HIS B 132 8.80 -37.59 -19.76
C HIS B 132 10.07 -36.82 -19.43
N PRO B 133 10.90 -37.35 -18.53
CA PRO B 133 12.12 -36.62 -18.14
C PRO B 133 13.18 -36.56 -19.22
N GLU B 134 13.17 -37.50 -20.18
CA GLU B 134 14.09 -37.50 -21.31
C GLU B 134 13.25 -37.39 -22.58
N PRO B 135 12.73 -36.20 -22.88
CA PRO B 135 11.74 -36.07 -23.96
C PRO B 135 12.38 -35.69 -25.29
N THR B 136 11.57 -35.79 -26.33
CA THR B 136 11.90 -35.24 -27.63
C THR B 136 11.36 -33.82 -27.74
N LEU B 137 11.90 -33.08 -28.71
CA LEU B 137 11.39 -31.72 -28.94
C LEU B 137 9.93 -31.73 -29.37
N ASP B 138 9.51 -32.79 -30.07
CA ASP B 138 8.11 -32.89 -30.49
C ASP B 138 7.17 -32.92 -29.29
N GLN B 139 7.57 -33.65 -28.23
CA GLN B 139 6.72 -33.72 -27.04
C GLN B 139 6.61 -32.38 -26.35
N LEU B 140 7.68 -31.58 -26.36
CA LEU B 140 7.67 -30.30 -25.69
C LEU B 140 6.91 -29.24 -26.49
N THR B 141 7.08 -29.23 -27.81
CA THR B 141 6.32 -28.30 -28.64
C THR B 141 4.82 -28.64 -28.61
N ASP B 142 4.48 -29.93 -28.51
CA ASP B 142 3.08 -30.31 -28.39
C ASP B 142 2.50 -29.82 -27.07
N ALA B 143 3.29 -29.88 -26.00
CA ALA B 143 2.81 -29.42 -24.70
C ALA B 143 2.53 -27.92 -24.69
N LEU B 144 3.26 -27.16 -25.51
CA LEU B 144 3.09 -25.72 -25.61
C LEU B 144 2.12 -25.30 -26.70
N GLY B 145 1.43 -26.27 -27.33
CA GLY B 145 0.52 -25.93 -28.40
C GLY B 145 -0.64 -25.05 -27.96
N GLY B 146 -1.01 -25.13 -26.69
CA GLY B 146 -2.09 -24.31 -26.16
C GLY B 146 -1.60 -23.15 -25.33
N ASN B 147 -0.35 -22.75 -25.52
CA ASN B 147 0.25 -21.63 -24.82
C ASN B 147 0.54 -20.52 -25.81
N LEU B 148 0.08 -19.32 -25.51
CA LEU B 148 0.19 -18.17 -26.41
C LEU B 148 1.14 -17.14 -25.85
N CYS B 149 1.93 -16.54 -26.73
CA CYS B 149 2.84 -15.45 -26.38
C CYS B 149 2.77 -14.38 -27.47
N ARG B 150 2.64 -13.13 -27.04
CA ARG B 150 2.54 -12.00 -27.95
C ARG B 150 3.86 -11.25 -28.11
N CYS B 151 4.89 -11.62 -27.36
CA CYS B 151 6.12 -10.84 -27.26
C CYS B 151 7.32 -11.46 -27.94
N THR B 152 7.54 -12.77 -27.76
CA THR B 152 8.84 -13.38 -28.07
C THR B 152 8.92 -13.99 -29.46
N GLY B 153 7.81 -14.43 -30.04
CA GLY B 153 7.89 -15.19 -31.26
C GLY B 153 8.22 -16.66 -31.08
N TYR B 154 8.25 -17.13 -29.83
CA TYR B 154 8.35 -18.54 -29.46
C TYR B 154 9.74 -19.14 -29.66
N ARG B 155 10.58 -18.50 -30.47
CA ARG B 155 11.91 -19.06 -30.74
C ARG B 155 12.74 -19.24 -29.48
N PRO B 156 12.91 -18.26 -28.60
CA PRO B 156 13.74 -18.50 -27.41
C PRO B 156 13.15 -19.54 -26.46
N ILE B 157 11.83 -19.66 -26.42
CA ILE B 157 11.20 -20.67 -25.58
C ILE B 157 11.50 -22.07 -26.11
N ILE B 158 11.55 -22.21 -27.43
CA ILE B 158 11.93 -23.49 -28.02
C ILE B 158 13.41 -23.78 -27.78
N ASP B 159 14.24 -22.74 -27.80
CA ASP B 159 15.66 -22.93 -27.47
C ASP B 159 15.82 -23.45 -26.04
N ALA B 160 15.00 -22.97 -25.11
CA ALA B 160 15.04 -23.49 -23.76
C ALA B 160 14.53 -24.93 -23.70
N CYS B 161 13.52 -25.25 -24.52
CA CYS B 161 13.03 -26.62 -24.58
C CYS B 161 14.06 -27.56 -25.17
N LYS B 162 14.87 -27.08 -26.12
CA LYS B 162 15.85 -27.95 -26.77
C LYS B 162 16.92 -28.42 -25.79
N THR B 163 17.24 -27.60 -24.77
CA THR B 163 18.28 -27.98 -23.82
C THR B 163 17.89 -29.19 -22.99
N PHE B 164 16.60 -29.52 -22.90
CA PHE B 164 16.14 -30.68 -22.16
C PHE B 164 16.14 -31.94 -23.00
N CYS B 165 16.57 -31.87 -24.26
CA CYS B 165 16.67 -33.03 -25.14
C CYS B 165 18.13 -33.30 -25.44
N LYS B 166 18.54 -34.56 -25.35
CA LYS B 166 19.93 -34.95 -25.54
C LYS B 166 20.42 -34.64 -26.95
N PRO B 199 28.56 -17.36 -32.06
CA PRO B 199 28.22 -16.61 -30.85
C PRO B 199 26.76 -16.78 -30.44
N LYS B 200 26.52 -17.24 -29.22
CA LYS B 200 25.20 -17.50 -28.71
C LYS B 200 24.80 -16.45 -27.68
N LEU B 201 23.51 -16.40 -27.37
CA LEU B 201 22.97 -15.41 -26.45
C LEU B 201 22.89 -15.91 -25.01
N PHE B 202 23.18 -17.19 -24.76
CA PHE B 202 23.11 -17.74 -23.41
C PHE B 202 24.12 -18.86 -23.28
N ALA B 203 24.62 -19.03 -22.05
CA ALA B 203 25.59 -20.08 -21.74
C ALA B 203 24.82 -21.31 -21.27
N GLU B 204 24.55 -22.21 -22.21
CA GLU B 204 23.79 -23.42 -21.88
C GLU B 204 24.55 -24.31 -20.90
N GLU B 205 25.87 -24.35 -21.03
CA GLU B 205 26.68 -25.21 -20.17
C GLU B 205 26.66 -24.79 -18.70
N GLU B 206 26.16 -23.59 -18.39
CA GLU B 206 26.08 -23.12 -17.02
C GLU B 206 24.71 -23.36 -16.38
N PHE B 207 23.76 -23.93 -17.13
CA PHE B 207 22.43 -24.17 -16.60
C PHE B 207 22.47 -25.27 -15.54
N LEU B 208 21.59 -25.15 -14.56
CA LEU B 208 21.49 -26.17 -13.52
C LEU B 208 21.00 -27.47 -14.13
N PRO B 209 21.62 -28.61 -13.82
CA PRO B 209 21.16 -29.88 -14.41
C PRO B 209 19.84 -30.32 -13.79
N LEU B 210 19.04 -31.01 -14.60
CA LEU B 210 17.76 -31.51 -14.15
C LEU B 210 17.94 -32.75 -13.30
N ASP B 211 17.38 -32.73 -12.09
CA ASP B 211 17.40 -33.90 -11.22
C ASP B 211 16.00 -34.51 -11.20
N PRO B 212 15.78 -35.65 -11.85
CA PRO B 212 14.47 -36.30 -11.75
C PRO B 212 14.12 -36.72 -10.34
N THR B 213 15.11 -36.97 -9.50
CA THR B 213 14.88 -37.11 -8.07
C THR B 213 14.91 -35.73 -7.43
N GLN B 214 14.64 -35.67 -6.11
CA GLN B 214 14.37 -34.43 -5.40
C GLN B 214 13.46 -33.49 -6.20
N GLU B 215 12.48 -34.06 -6.89
CA GLU B 215 11.37 -33.29 -7.42
C GLU B 215 10.29 -33.17 -6.35
N LEU B 216 9.16 -32.58 -6.71
CA LEU B 216 8.09 -32.41 -5.73
C LEU B 216 7.48 -33.76 -5.38
N ILE B 217 7.36 -34.04 -4.09
CA ILE B 217 6.78 -35.28 -3.61
C ILE B 217 5.26 -35.13 -3.56
N PHE B 218 4.55 -36.12 -4.10
CA PHE B 218 3.11 -36.13 -3.99
C PHE B 218 2.70 -36.19 -2.52
N PRO B 219 1.76 -35.36 -2.09
CA PRO B 219 1.40 -35.30 -0.66
C PRO B 219 1.03 -36.66 -0.12
N PRO B 220 1.73 -37.14 0.91
CA PRO B 220 1.44 -38.48 1.43
C PRO B 220 0.03 -38.65 1.97
N GLU B 221 -0.58 -37.57 2.47
CA GLU B 221 -1.92 -37.68 3.03
C GLU B 221 -2.93 -38.05 1.95
N LEU B 222 -2.75 -37.52 0.73
CA LEU B 222 -3.65 -37.86 -0.36
C LEU B 222 -3.56 -39.33 -0.72
N MET B 223 -2.36 -39.90 -0.63
CA MET B 223 -2.20 -41.33 -0.85
C MET B 223 -3.00 -42.13 0.17
N ILE B 224 -3.00 -41.70 1.44
CA ILE B 224 -3.73 -42.40 2.49
C ILE B 224 -5.23 -42.32 2.24
N MET B 225 -5.74 -41.14 1.90
CA MET B 225 -7.16 -40.98 1.63
C MET B 225 -7.59 -41.85 0.45
N ALA B 226 -6.75 -41.94 -0.58
CA ALA B 226 -7.09 -42.78 -1.72
C ALA B 226 -7.09 -44.26 -1.35
N GLU B 227 -6.21 -44.67 -0.43
CA GLU B 227 -6.21 -46.06 0.01
C GLU B 227 -7.49 -46.43 0.72
N LYS B 228 -8.11 -45.48 1.44
CA LYS B 228 -9.31 -45.76 2.20
C LYS B 228 -10.53 -45.99 1.32
N GLN B 229 -10.46 -45.61 0.04
CA GLN B 229 -11.46 -45.92 -0.97
C GLN B 229 -12.88 -45.73 -0.45
N SER B 230 -13.15 -44.50 -0.02
CA SER B 230 -14.47 -44.17 0.50
C SER B 230 -15.50 -44.18 -0.61
N GLN B 231 -16.68 -44.72 -0.30
CA GLN B 231 -17.79 -44.78 -1.24
C GLN B 231 -18.78 -43.63 -1.06
N ARG B 232 -18.55 -42.76 -0.10
CA ARG B 232 -19.51 -41.73 0.25
C ARG B 232 -19.53 -40.62 -0.79
N THR B 233 -20.74 -40.19 -1.15
CA THR B 233 -20.92 -39.07 -2.07
C THR B 233 -20.67 -37.75 -1.34
N ARG B 234 -19.84 -36.89 -1.94
CA ARG B 234 -19.55 -35.59 -1.37
C ARG B 234 -20.58 -34.57 -1.83
N VAL B 235 -20.99 -33.69 -0.91
CA VAL B 235 -22.03 -32.70 -1.16
C VAL B 235 -21.50 -31.33 -0.79
N PHE B 236 -21.70 -30.36 -1.68
CA PHE B 236 -21.42 -28.96 -1.42
C PHE B 236 -22.62 -28.14 -1.88
N GLY B 237 -22.78 -26.94 -1.32
CA GLY B 237 -23.94 -26.15 -1.67
C GLY B 237 -23.80 -24.70 -1.27
N SER B 238 -24.74 -23.91 -1.77
CA SER B 238 -24.87 -22.50 -1.45
C SER B 238 -26.32 -22.11 -1.70
N GLU B 239 -26.62 -20.81 -1.63
CA GLU B 239 -27.96 -20.35 -1.95
C GLU B 239 -28.29 -20.54 -3.42
N ARG B 240 -27.27 -20.55 -4.28
CA ARG B 240 -27.47 -20.60 -5.73
C ARG B 240 -27.29 -21.99 -6.32
N MET B 241 -26.34 -22.78 -5.83
CA MET B 241 -25.96 -24.03 -6.47
C MET B 241 -25.84 -25.16 -5.45
N MET B 242 -26.16 -26.36 -5.92
CA MET B 242 -25.92 -27.59 -5.17
C MET B 242 -25.01 -28.49 -6.00
N TRP B 243 -23.99 -29.05 -5.36
CA TRP B 243 -22.95 -29.82 -6.05
C TRP B 243 -22.88 -31.21 -5.42
N PHE B 244 -23.07 -32.23 -6.25
CA PHE B 244 -23.00 -33.63 -5.81
C PHE B 244 -21.86 -34.32 -6.53
N SER B 245 -20.99 -34.99 -5.77
CA SER B 245 -19.83 -35.71 -6.30
C SER B 245 -19.95 -37.18 -5.91
N PRO B 246 -20.61 -38.00 -6.72
CA PRO B 246 -20.71 -39.43 -6.39
C PRO B 246 -19.40 -40.14 -6.69
N VAL B 247 -19.08 -41.12 -5.84
CA VAL B 247 -17.84 -41.88 -5.97
C VAL B 247 -18.09 -43.30 -6.46
N THR B 248 -19.34 -43.77 -6.46
CA THR B 248 -19.69 -45.05 -7.02
C THR B 248 -20.56 -44.87 -8.25
N LEU B 249 -20.62 -45.91 -9.08
CA LEU B 249 -21.52 -45.89 -10.23
C LEU B 249 -22.97 -45.81 -9.78
N LYS B 250 -23.35 -46.64 -8.80
CA LYS B 250 -24.73 -46.67 -8.33
C LYS B 250 -25.19 -45.30 -7.86
N GLU B 251 -24.32 -44.56 -7.18
CA GLU B 251 -24.69 -43.22 -6.73
C GLU B 251 -24.80 -42.24 -7.89
N LEU B 252 -24.00 -42.45 -8.95
CA LEU B 252 -24.11 -41.59 -10.12
C LEU B 252 -25.45 -41.76 -10.81
N LEU B 253 -25.91 -43.02 -10.94
CA LEU B 253 -27.22 -43.25 -11.53
C LEU B 253 -28.35 -42.72 -10.66
N GLU B 254 -28.18 -42.77 -9.33
CA GLU B 254 -29.23 -42.28 -8.44
C GLU B 254 -29.40 -40.77 -8.58
N PHE B 255 -28.28 -40.03 -8.71
CA PHE B 255 -28.37 -38.59 -8.87
C PHE B 255 -28.77 -38.20 -10.28
N LYS B 256 -28.42 -39.02 -11.28
CA LYS B 256 -28.93 -38.80 -12.63
C LYS B 256 -30.44 -38.91 -12.68
N PHE B 257 -31.03 -39.74 -11.81
CA PHE B 257 -32.48 -39.90 -11.81
C PHE B 257 -33.16 -38.80 -11.00
N LYS B 258 -32.64 -38.51 -9.80
CA LYS B 258 -33.28 -37.51 -8.94
C LYS B 258 -33.19 -36.12 -9.54
N TYR B 259 -32.12 -35.82 -10.29
CA TYR B 259 -31.93 -34.53 -10.93
C TYR B 259 -31.64 -34.77 -12.40
N PRO B 260 -32.68 -35.06 -13.20
CA PRO B 260 -32.45 -35.41 -14.61
C PRO B 260 -31.85 -34.28 -15.43
N GLN B 261 -32.26 -33.04 -15.17
CA GLN B 261 -31.78 -31.90 -15.95
C GLN B 261 -30.42 -31.39 -15.49
N ALA B 262 -29.83 -32.01 -14.48
CA ALA B 262 -28.53 -31.54 -14.00
C ALA B 262 -27.41 -32.07 -14.89
N PRO B 263 -26.46 -31.23 -15.28
CA PRO B 263 -25.37 -31.68 -16.13
C PRO B 263 -24.35 -32.51 -15.37
N VAL B 264 -23.76 -33.47 -16.08
CA VAL B 264 -22.72 -34.33 -15.52
C VAL B 264 -21.40 -33.79 -16.06
N ILE B 265 -20.83 -32.84 -15.33
CA ILE B 265 -19.59 -32.20 -15.77
C ILE B 265 -18.41 -33.11 -15.47
N MET B 266 -17.47 -33.17 -16.41
CA MET B 266 -16.23 -33.92 -16.23
C MET B 266 -15.02 -33.02 -16.37
N GLY B 267 -14.82 -32.41 -17.53
CA GLY B 267 -13.70 -31.50 -17.72
C GLY B 267 -14.12 -30.05 -17.72
N ASN B 268 -15.43 -29.80 -17.77
CA ASN B 268 -16.01 -28.46 -17.74
C ASN B 268 -15.54 -27.59 -18.89
N THR B 269 -15.03 -28.19 -19.96
CA THR B 269 -14.55 -27.42 -21.11
C THR B 269 -15.66 -27.07 -22.10
N SER B 270 -16.86 -27.60 -21.91
CA SER B 270 -18.03 -27.22 -22.70
C SER B 270 -19.06 -26.47 -21.87
N VAL B 271 -19.39 -26.99 -20.68
CA VAL B 271 -20.32 -26.29 -19.80
C VAL B 271 -19.69 -25.02 -19.26
N GLY B 272 -18.40 -25.07 -18.94
CA GLY B 272 -17.68 -23.94 -18.38
C GLY B 272 -17.78 -22.68 -19.21
N PRO B 273 -17.26 -22.73 -20.45
CA PRO B 273 -17.38 -21.56 -21.33
C PRO B 273 -18.82 -21.13 -21.58
N GLU B 274 -19.76 -22.07 -21.61
CA GLU B 274 -21.15 -21.69 -21.83
C GLU B 274 -21.72 -20.90 -20.65
N VAL B 275 -21.33 -21.28 -19.42
CA VAL B 275 -21.78 -20.55 -18.26
C VAL B 275 -21.18 -19.15 -18.23
N LYS B 276 -19.92 -19.02 -18.64
CA LYS B 276 -19.21 -17.75 -18.51
C LYS B 276 -19.64 -16.75 -19.57
N PHE B 277 -19.81 -17.18 -20.82
CA PHE B 277 -20.01 -16.26 -21.93
C PHE B 277 -21.45 -16.21 -22.46
N LYS B 278 -22.25 -17.25 -22.25
CA LYS B 278 -23.59 -17.30 -22.81
C LYS B 278 -24.68 -17.37 -21.75
N GLY B 279 -24.37 -16.94 -20.52
CA GLY B 279 -25.39 -16.78 -19.49
C GLY B 279 -26.11 -18.03 -19.08
N VAL B 280 -25.48 -19.19 -19.22
CA VAL B 280 -26.11 -20.45 -18.81
C VAL B 280 -25.86 -20.66 -17.32
N PHE B 281 -26.89 -21.10 -16.60
CA PHE B 281 -26.80 -21.33 -15.17
C PHE B 281 -27.46 -22.66 -14.82
N HIS B 282 -26.80 -23.43 -13.96
CA HIS B 282 -27.31 -24.72 -13.51
C HIS B 282 -27.42 -24.71 -11.99
N PRO B 283 -28.63 -24.89 -11.43
CA PRO B 283 -28.75 -24.89 -9.96
C PRO B 283 -28.20 -26.15 -9.31
N VAL B 284 -28.14 -27.26 -10.03
CA VAL B 284 -27.64 -28.53 -9.49
C VAL B 284 -26.58 -29.06 -10.44
N ILE B 285 -25.44 -29.46 -9.88
CA ILE B 285 -24.32 -29.99 -10.66
C ILE B 285 -24.01 -31.40 -10.15
N ILE B 286 -23.85 -32.34 -11.08
CA ILE B 286 -23.36 -33.67 -10.77
C ILE B 286 -21.96 -33.79 -11.37
N SER B 287 -20.98 -34.14 -10.54
CA SER B 287 -19.60 -34.27 -10.98
C SER B 287 -18.99 -35.50 -10.34
N PRO B 288 -19.02 -36.64 -11.03
CA PRO B 288 -18.50 -37.87 -10.45
C PRO B 288 -16.98 -37.85 -10.36
N ASP B 289 -16.46 -38.62 -9.40
CA ASP B 289 -15.03 -38.84 -9.31
C ASP B 289 -14.60 -39.87 -10.34
N ARG B 290 -13.52 -40.59 -10.09
CA ARG B 290 -13.03 -41.59 -11.05
C ARG B 290 -13.86 -42.86 -10.89
N ILE B 291 -14.91 -42.95 -11.70
CA ILE B 291 -15.73 -44.16 -11.77
C ILE B 291 -15.03 -45.14 -12.71
N GLU B 292 -14.69 -46.33 -12.18
CA GLU B 292 -13.93 -47.30 -12.97
C GLU B 292 -14.68 -47.71 -14.24
N GLU B 293 -16.00 -47.83 -14.14
CA GLU B 293 -16.80 -48.24 -15.29
C GLU B 293 -16.81 -47.19 -16.40
N LEU B 294 -16.50 -45.94 -16.08
CA LEU B 294 -16.45 -44.88 -17.08
C LEU B 294 -15.06 -44.69 -17.68
N SER B 295 -14.08 -45.48 -17.27
CA SER B 295 -12.71 -45.37 -17.76
C SER B 295 -12.21 -46.71 -18.32
N VAL B 296 -13.11 -47.55 -18.80
CA VAL B 296 -12.74 -48.87 -19.30
C VAL B 296 -12.07 -48.73 -20.66
N VAL B 297 -11.14 -49.66 -20.92
CA VAL B 297 -10.46 -49.75 -22.22
C VAL B 297 -10.46 -51.21 -22.64
N ASN B 298 -11.47 -51.63 -23.39
CA ASN B 298 -11.67 -53.03 -23.75
C ASN B 298 -11.21 -53.25 -25.18
N HIS B 299 -10.25 -54.15 -25.37
CA HIS B 299 -9.76 -54.54 -26.69
C HIS B 299 -10.56 -55.75 -27.14
N ALA B 300 -11.68 -55.50 -27.81
CA ALA B 300 -12.59 -56.56 -28.20
C ALA B 300 -12.09 -57.25 -29.47
N TYR B 301 -12.85 -58.25 -29.92
CA TYR B 301 -12.51 -58.98 -31.14
C TYR B 301 -12.97 -58.24 -32.37
N ASN B 302 -14.17 -57.65 -32.33
CA ASN B 302 -14.70 -56.90 -33.46
C ASN B 302 -14.26 -55.45 -33.45
N GLY B 303 -13.95 -54.89 -32.28
CA GLY B 303 -13.57 -53.50 -32.20
C GLY B 303 -12.93 -53.08 -30.90
N LEU B 304 -13.31 -51.90 -30.40
CA LEU B 304 -12.66 -51.30 -29.24
C LEU B 304 -13.69 -50.45 -28.49
N THR B 305 -13.67 -50.55 -27.17
CA THR B 305 -14.62 -49.85 -26.31
C THR B 305 -13.84 -48.92 -25.39
N LEU B 306 -14.17 -47.62 -25.44
CA LEU B 306 -13.50 -46.60 -24.64
C LEU B 306 -14.50 -45.96 -23.70
N GLY B 307 -14.13 -45.83 -22.42
CA GLY B 307 -15.03 -45.27 -21.44
C GLY B 307 -15.26 -43.79 -21.64
N ALA B 308 -16.42 -43.31 -21.18
CA ALA B 308 -16.76 -41.91 -21.39
C ALA B 308 -15.93 -40.99 -20.50
N GLY B 309 -15.45 -41.49 -19.36
CA GLY B 309 -14.64 -40.70 -18.46
C GLY B 309 -13.20 -40.52 -18.88
N LEU B 310 -12.78 -41.20 -19.95
CA LEU B 310 -11.41 -41.03 -20.43
C LEU B 310 -11.22 -39.64 -21.02
N SER B 311 -10.06 -39.05 -20.76
CA SER B 311 -9.73 -37.78 -21.35
C SER B 311 -9.31 -37.95 -22.81
N LEU B 312 -9.40 -36.86 -23.57
CA LEU B 312 -8.98 -36.91 -24.97
C LEU B 312 -7.49 -37.20 -25.10
N ALA B 313 -6.70 -36.77 -24.12
CA ALA B 313 -5.28 -37.08 -24.14
C ALA B 313 -5.04 -38.57 -23.88
N GLN B 314 -5.85 -39.17 -23.01
CA GLN B 314 -5.75 -40.60 -22.77
C GLN B 314 -6.19 -41.39 -23.99
N VAL B 315 -7.29 -40.97 -24.63
CA VAL B 315 -7.75 -41.63 -25.84
C VAL B 315 -6.71 -41.50 -26.95
N LYS B 316 -6.06 -40.33 -27.03
CA LYS B 316 -4.99 -40.14 -28.00
C LYS B 316 -3.86 -41.13 -27.80
N ASP B 317 -3.53 -41.42 -26.53
CA ASP B 317 -2.46 -42.38 -26.24
C ASP B 317 -2.90 -43.82 -26.44
N ILE B 318 -4.17 -44.13 -26.14
CA ILE B 318 -4.68 -45.47 -26.37
C ILE B 318 -4.72 -45.77 -27.87
N LEU B 319 -5.25 -44.84 -28.66
CA LEU B 319 -5.33 -45.05 -30.10
C LEU B 319 -3.94 -45.08 -30.74
N ALA B 320 -3.00 -44.31 -30.19
CA ALA B 320 -1.64 -44.34 -30.72
C ALA B 320 -0.97 -45.69 -30.48
N ASP B 321 -1.39 -46.42 -29.44
CA ASP B 321 -0.80 -47.71 -29.15
C ASP B 321 -1.45 -48.82 -29.95
N VAL B 322 -2.79 -48.82 -30.04
CA VAL B 322 -3.48 -49.89 -30.74
C VAL B 322 -3.16 -49.85 -32.22
N VAL B 323 -2.82 -48.67 -32.75
CA VAL B 323 -2.50 -48.55 -34.17
C VAL B 323 -1.11 -49.05 -34.49
N GLN B 324 -0.30 -49.34 -33.47
CA GLN B 324 1.01 -49.96 -33.65
C GLN B 324 0.96 -51.48 -33.49
N LYS B 325 0.03 -51.98 -32.70
CA LYS B 325 -0.08 -53.40 -32.40
C LYS B 325 -0.95 -54.16 -33.38
N LEU B 326 -1.73 -53.46 -34.21
CA LEU B 326 -2.70 -54.10 -35.08
C LEU B 326 -2.39 -53.84 -36.54
N PRO B 327 -2.85 -54.70 -37.45
CA PRO B 327 -2.65 -54.44 -38.89
C PRO B 327 -3.40 -53.19 -39.32
N GLU B 328 -2.94 -52.62 -40.45
CA GLU B 328 -3.43 -51.32 -40.86
C GLU B 328 -4.84 -51.36 -41.45
N GLU B 329 -5.30 -52.53 -41.93
CA GLU B 329 -6.64 -52.61 -42.49
C GLU B 329 -7.72 -52.61 -41.41
N LYS B 330 -7.35 -52.87 -40.15
CA LYS B 330 -8.28 -52.87 -39.04
C LYS B 330 -8.30 -51.54 -38.28
N THR B 331 -7.23 -50.75 -38.39
CA THR B 331 -7.08 -49.52 -37.62
C THR B 331 -7.45 -48.28 -38.44
N GLN B 332 -8.44 -48.39 -39.32
CA GLN B 332 -8.81 -47.26 -40.16
C GLN B 332 -9.52 -46.19 -39.35
N MET B 333 -10.48 -46.59 -38.51
CA MET B 333 -11.23 -45.62 -37.71
C MET B 333 -10.32 -44.91 -36.71
N TYR B 334 -9.34 -45.62 -36.15
CA TYR B 334 -8.48 -45.04 -35.14
C TYR B 334 -7.44 -44.10 -35.74
N HIS B 335 -6.97 -44.39 -36.95
CA HIS B 335 -6.10 -43.46 -37.66
C HIS B 335 -6.77 -42.10 -37.82
N ALA B 336 -8.04 -42.09 -38.24
CA ALA B 336 -8.75 -40.83 -38.47
C ALA B 336 -8.94 -40.07 -37.16
N LEU B 337 -9.31 -40.77 -36.09
CA LEU B 337 -9.46 -40.11 -34.80
C LEU B 337 -8.11 -39.62 -34.28
N LEU B 338 -7.05 -40.40 -34.48
CA LEU B 338 -5.71 -39.97 -34.07
C LEU B 338 -5.30 -38.71 -34.80
N LYS B 339 -5.72 -38.56 -36.06
CA LYS B 339 -5.34 -37.39 -36.85
C LYS B 339 -5.94 -36.11 -36.27
N HIS B 340 -7.26 -36.12 -36.01
CA HIS B 340 -7.93 -34.92 -35.52
C HIS B 340 -7.70 -34.71 -34.02
N LEU B 341 -7.28 -35.73 -33.29
CA LEU B 341 -6.95 -35.54 -31.88
C LEU B 341 -5.64 -34.76 -31.72
N GLY B 342 -4.74 -34.86 -32.70
CA GLY B 342 -3.47 -34.16 -32.63
C GLY B 342 -3.58 -32.66 -32.88
N THR B 343 -4.67 -32.21 -33.49
CA THR B 343 -4.91 -30.80 -33.73
C THR B 343 -6.00 -30.23 -32.82
N LEU B 344 -6.60 -31.05 -31.97
CA LEU B 344 -7.72 -30.61 -31.12
C LEU B 344 -7.17 -29.79 -29.96
N ALA B 345 -7.37 -28.49 -30.00
CA ALA B 345 -7.04 -27.56 -28.91
C ALA B 345 -5.56 -27.74 -28.54
N GLY B 346 -5.22 -27.54 -27.27
CA GLY B 346 -3.89 -27.77 -26.77
C GLY B 346 -3.83 -28.95 -25.83
N SER B 347 -2.67 -29.10 -25.19
CA SER B 347 -2.46 -30.22 -24.28
C SER B 347 -3.31 -30.08 -23.01
N GLN B 348 -3.55 -28.85 -22.57
CA GLN B 348 -4.31 -28.64 -21.33
C GLN B 348 -5.76 -29.07 -21.50
N ILE B 349 -6.39 -28.66 -22.61
CA ILE B 349 -7.80 -28.99 -22.83
C ILE B 349 -7.96 -30.48 -23.12
N ARG B 350 -7.02 -31.07 -23.86
CA ARG B 350 -7.10 -32.49 -24.15
C ARG B 350 -7.01 -33.33 -22.88
N ASN B 351 -6.26 -32.86 -21.88
CA ASN B 351 -6.14 -33.59 -20.62
C ASN B 351 -7.31 -33.32 -19.68
N MET B 352 -8.12 -32.30 -19.96
CA MET B 352 -9.32 -31.99 -19.19
C MET B 352 -10.58 -32.58 -19.79
N ALA B 353 -10.77 -32.41 -21.10
CA ALA B 353 -12.00 -32.81 -21.75
C ALA B 353 -12.14 -34.33 -21.78
N SER B 354 -13.36 -34.81 -21.56
CA SER B 354 -13.67 -36.23 -21.57
C SER B 354 -14.22 -36.65 -22.92
N LEU B 355 -14.09 -37.95 -23.20
CA LEU B 355 -14.63 -38.50 -24.45
C LEU B 355 -16.14 -38.46 -24.46
N GLY B 356 -16.77 -38.85 -23.35
CA GLY B 356 -18.23 -38.81 -23.28
C GLY B 356 -18.76 -37.40 -23.37
N GLY B 357 -18.09 -36.44 -22.75
CA GLY B 357 -18.50 -35.05 -22.85
C GLY B 357 -18.44 -34.54 -24.28
N HIS B 358 -17.44 -34.99 -25.04
CA HIS B 358 -17.33 -34.59 -26.44
C HIS B 358 -18.54 -35.05 -27.24
N ILE B 359 -18.96 -36.30 -27.05
CA ILE B 359 -20.07 -36.85 -27.82
C ILE B 359 -21.38 -36.20 -27.40
N ILE B 360 -21.58 -35.97 -26.10
CA ILE B 360 -22.85 -35.45 -25.62
C ILE B 360 -22.97 -33.95 -25.90
N SER B 361 -21.86 -33.22 -25.82
CA SER B 361 -21.90 -31.78 -26.08
C SER B 361 -22.44 -31.48 -27.46
N ARG B 362 -22.13 -32.34 -28.44
CA ARG B 362 -22.63 -32.22 -29.80
C ARG B 362 -22.33 -30.85 -30.39
N HIS B 363 -21.07 -30.44 -30.26
CA HIS B 363 -20.64 -29.19 -30.87
C HIS B 363 -20.71 -29.32 -32.39
N PRO B 364 -21.26 -28.32 -33.09
CA PRO B 364 -21.30 -28.40 -34.55
C PRO B 364 -19.92 -28.44 -35.17
N ASP B 365 -18.94 -27.76 -34.57
CA ASP B 365 -17.57 -27.75 -35.05
C ASP B 365 -16.73 -28.87 -34.46
N SER B 366 -17.36 -29.90 -33.90
CA SER B 366 -16.63 -31.02 -33.32
C SER B 366 -15.78 -31.71 -34.39
N ASP B 367 -14.56 -32.09 -34.01
CA ASP B 367 -13.65 -32.76 -34.93
C ASP B 367 -13.72 -34.27 -34.85
N LEU B 368 -14.33 -34.81 -33.78
CA LEU B 368 -14.39 -36.25 -33.58
C LEU B 368 -15.76 -36.84 -33.91
N ASN B 369 -16.84 -36.15 -33.56
CA ASN B 369 -18.18 -36.64 -33.89
C ASN B 369 -18.38 -36.92 -35.37
N PRO B 370 -17.89 -36.10 -36.32
CA PRO B 370 -18.04 -36.47 -37.74
C PRO B 370 -17.33 -37.78 -38.09
N ILE B 371 -16.20 -38.07 -37.46
CA ILE B 371 -15.51 -39.34 -37.71
C ILE B 371 -16.31 -40.49 -37.11
N LEU B 372 -16.78 -40.32 -35.86
CA LEU B 372 -17.57 -41.36 -35.22
C LEU B 372 -18.89 -41.59 -35.94
N ALA B 373 -19.45 -40.54 -36.54
CA ALA B 373 -20.75 -40.66 -37.20
C ALA B 373 -20.69 -41.60 -38.39
N VAL B 374 -19.52 -41.76 -39.01
CA VAL B 374 -19.39 -42.56 -40.21
C VAL B 374 -18.74 -43.92 -39.92
N GLY B 375 -18.58 -44.28 -38.64
CA GLY B 375 -17.83 -45.47 -38.32
C GLY B 375 -18.62 -46.56 -37.62
N ASN B 376 -19.95 -46.48 -37.68
CA ASN B 376 -20.84 -47.46 -37.05
C ASN B 376 -20.55 -47.60 -35.56
N CYS B 377 -20.50 -46.47 -34.87
CA CYS B 377 -20.22 -46.46 -33.44
C CYS B 377 -21.52 -46.52 -32.64
N THR B 378 -21.49 -47.24 -31.53
CA THR B 378 -22.64 -47.38 -30.65
C THR B 378 -22.29 -46.86 -29.26
N LEU B 379 -23.29 -46.31 -28.58
CA LEU B 379 -23.12 -45.73 -27.26
C LEU B 379 -23.69 -46.68 -26.22
N ASN B 380 -22.87 -47.04 -25.23
CA ASN B 380 -23.29 -47.89 -24.13
C ASN B 380 -23.86 -47.01 -23.03
N LEU B 381 -25.18 -47.04 -22.87
CA LEU B 381 -25.87 -46.24 -21.87
C LEU B 381 -26.19 -47.09 -20.64
N LEU B 382 -26.57 -46.41 -19.57
CA LEU B 382 -26.88 -47.09 -18.30
C LEU B 382 -27.76 -46.18 -17.46
N SER B 383 -28.71 -46.78 -16.76
CA SER B 383 -29.60 -46.06 -15.87
C SER B 383 -29.96 -46.95 -14.70
N LYS B 384 -30.69 -46.37 -13.74
CA LYS B 384 -31.26 -47.17 -12.66
C LYS B 384 -32.13 -48.30 -13.21
N GLU B 385 -32.78 -48.06 -14.35
CA GLU B 385 -33.51 -49.10 -15.04
C GLU B 385 -32.58 -50.25 -15.46
N GLY B 386 -31.61 -49.95 -16.31
CA GLY B 386 -30.66 -50.97 -16.73
C GLY B 386 -29.79 -50.47 -17.87
N LYS B 387 -29.30 -51.43 -18.64
CA LYS B 387 -28.43 -51.12 -19.76
C LYS B 387 -29.24 -50.76 -21.00
N ARG B 388 -28.59 -50.08 -21.93
CA ARG B 388 -29.21 -49.67 -23.18
C ARG B 388 -28.12 -49.28 -24.16
N GLN B 389 -28.31 -49.65 -25.44
CA GLN B 389 -27.31 -49.41 -26.47
C GLN B 389 -27.97 -48.75 -27.67
N ILE B 390 -27.45 -47.60 -28.08
CA ILE B 390 -28.01 -46.85 -29.21
C ILE B 390 -26.90 -46.52 -30.19
N PRO B 391 -27.21 -46.35 -31.48
CA PRO B 391 -26.17 -45.99 -32.45
C PRO B 391 -25.85 -44.50 -32.41
N LEU B 392 -24.57 -44.20 -32.66
CA LEU B 392 -24.10 -42.82 -32.78
C LEU B 392 -24.28 -42.42 -34.24
N ASN B 393 -25.49 -41.97 -34.55
CA ASN B 393 -25.89 -41.67 -35.93
C ASN B 393 -26.23 -40.18 -36.08
N GLU B 394 -26.80 -39.84 -37.23
CA GLU B 394 -27.16 -38.45 -37.51
C GLU B 394 -28.27 -37.97 -36.60
N GLN B 395 -29.26 -38.84 -36.33
CA GLN B 395 -30.38 -38.43 -35.48
C GLN B 395 -29.91 -38.08 -34.07
N PHE B 396 -28.96 -38.86 -33.53
CA PHE B 396 -28.43 -38.57 -32.21
C PHE B 396 -27.73 -37.22 -32.18
N LEU B 397 -26.88 -36.96 -33.18
CA LEU B 397 -26.14 -35.70 -33.23
C LEU B 397 -27.06 -34.51 -33.45
N SER B 398 -28.27 -34.72 -33.98
CA SER B 398 -29.25 -33.66 -34.14
C SER B 398 -30.15 -33.50 -32.92
N LYS B 399 -29.91 -34.27 -31.86
CA LYS B 399 -30.65 -34.18 -30.60
C LYS B 399 -32.13 -34.53 -30.77
N CYS B 400 -32.43 -35.45 -31.68
CA CYS B 400 -33.79 -35.98 -31.78
C CYS B 400 -34.07 -36.83 -30.55
N PRO B 401 -35.15 -36.56 -29.81
CA PRO B 401 -35.43 -37.36 -28.60
C PRO B 401 -35.61 -38.84 -28.88
N ASN B 402 -36.00 -39.20 -30.10
CA ASN B 402 -36.16 -40.60 -30.44
C ASN B 402 -34.81 -41.34 -30.47
N ALA B 403 -33.72 -40.62 -30.74
CA ALA B 403 -32.40 -41.22 -30.80
C ALA B 403 -31.44 -40.65 -29.77
N ASP B 404 -31.93 -39.88 -28.81
CA ASP B 404 -31.11 -39.27 -27.78
C ASP B 404 -31.10 -40.13 -26.53
N LEU B 405 -30.31 -39.72 -25.55
CA LEU B 405 -30.34 -40.34 -24.24
C LEU B 405 -31.61 -39.94 -23.50
N LYS B 406 -32.12 -40.85 -22.68
CA LYS B 406 -33.18 -40.49 -21.76
C LYS B 406 -32.61 -39.57 -20.67
N PRO B 407 -33.45 -38.70 -20.09
CA PRO B 407 -32.93 -37.76 -19.08
C PRO B 407 -32.28 -38.44 -17.89
N GLN B 408 -32.56 -39.71 -17.63
CA GLN B 408 -32.10 -40.38 -16.41
C GLN B 408 -30.91 -41.30 -16.63
N GLU B 409 -30.36 -41.37 -17.83
CA GLU B 409 -29.25 -42.28 -18.10
C GLU B 409 -27.97 -41.50 -18.40
N ILE B 410 -26.84 -42.22 -18.32
CA ILE B 410 -25.53 -41.66 -18.59
C ILE B 410 -24.89 -42.44 -19.73
N LEU B 411 -23.88 -41.81 -20.34
CA LEU B 411 -23.03 -42.46 -21.31
C LEU B 411 -21.88 -43.14 -20.58
N VAL B 412 -21.79 -44.45 -20.68
CA VAL B 412 -20.73 -45.21 -20.01
C VAL B 412 -19.50 -45.34 -20.88
N SER B 413 -19.67 -45.81 -22.11
CA SER B 413 -18.55 -46.03 -23.01
C SER B 413 -19.06 -46.02 -24.44
N VAL B 414 -18.13 -45.96 -25.39
CA VAL B 414 -18.45 -45.93 -26.80
C VAL B 414 -17.70 -47.06 -27.50
N ASN B 415 -18.35 -47.69 -28.46
CA ASN B 415 -17.77 -48.80 -29.22
C ASN B 415 -17.33 -48.31 -30.59
N ILE B 416 -16.06 -48.51 -30.91
CA ILE B 416 -15.52 -48.14 -32.22
C ILE B 416 -14.97 -49.40 -32.88
N PRO B 417 -15.63 -49.90 -33.93
CA PRO B 417 -15.26 -51.22 -34.47
C PRO B 417 -14.00 -51.16 -35.31
N TYR B 418 -13.38 -52.32 -35.46
CA TYR B 418 -12.32 -52.48 -36.44
C TYR B 418 -12.89 -52.31 -37.85
N SER B 419 -12.02 -51.92 -38.77
CA SER B 419 -12.41 -51.81 -40.16
C SER B 419 -12.17 -53.13 -40.88
N ARG B 420 -12.93 -53.36 -41.95
CA ARG B 420 -12.75 -54.54 -42.78
C ARG B 420 -11.78 -54.24 -43.91
N LYS B 421 -11.37 -55.29 -44.61
CA LYS B 421 -10.62 -55.10 -45.84
C LYS B 421 -11.52 -54.44 -46.87
N TRP B 422 -10.92 -53.58 -47.71
CA TRP B 422 -11.62 -52.74 -48.67
C TRP B 422 -12.51 -51.70 -48.01
N GLU B 423 -12.26 -51.39 -46.73
CA GLU B 423 -12.96 -50.33 -46.01
C GLU B 423 -11.96 -49.25 -45.63
N PHE B 424 -12.25 -48.01 -46.01
CA PHE B 424 -11.33 -46.91 -45.81
C PHE B 424 -12.06 -45.71 -45.20
N VAL B 425 -11.35 -44.99 -44.33
CA VAL B 425 -11.91 -43.86 -43.59
C VAL B 425 -10.91 -42.71 -43.63
N SER B 426 -11.41 -41.50 -43.86
CA SER B 426 -10.56 -40.32 -43.90
C SER B 426 -11.22 -39.21 -43.09
N ALA B 427 -10.38 -38.29 -42.60
CA ALA B 427 -10.84 -37.14 -41.84
C ALA B 427 -10.14 -35.89 -42.35
N PHE B 428 -10.91 -34.82 -42.53
CA PHE B 428 -10.39 -33.55 -43.03
C PHE B 428 -10.90 -32.41 -42.17
N ARG B 429 -10.18 -31.30 -42.21
CA ARG B 429 -10.57 -30.10 -41.47
C ARG B 429 -9.73 -28.93 -41.96
N GLN B 430 -10.29 -27.73 -41.84
CA GLN B 430 -9.59 -26.49 -42.13
C GLN B 430 -10.02 -25.44 -41.13
N ALA B 431 -9.04 -24.76 -40.53
CA ALA B 431 -9.30 -23.73 -39.53
C ALA B 431 -8.49 -22.49 -39.88
N GLN B 432 -8.56 -21.49 -39.00
CA GLN B 432 -7.78 -20.28 -39.21
C GLN B 432 -6.29 -20.54 -39.14
N ARG B 433 -5.87 -21.49 -38.30
CA ARG B 433 -4.48 -21.90 -38.22
C ARG B 433 -4.44 -23.42 -37.99
N GLN B 434 -3.22 -23.95 -37.87
CA GLN B 434 -3.03 -25.39 -37.92
C GLN B 434 -3.62 -26.09 -36.71
N GLU B 435 -3.37 -25.57 -35.50
CA GLU B 435 -3.84 -26.22 -34.28
C GLU B 435 -4.37 -25.16 -33.32
N ASN B 436 -5.08 -25.64 -32.30
CA ASN B 436 -5.70 -24.78 -31.29
C ASN B 436 -6.58 -23.72 -31.92
N ALA B 437 -7.38 -24.15 -32.90
CA ALA B 437 -8.31 -23.26 -33.59
C ALA B 437 -9.48 -24.09 -34.08
N LEU B 438 -10.69 -23.62 -33.82
CA LEU B 438 -11.89 -24.37 -34.18
C LEU B 438 -12.02 -24.47 -35.69
N ALA B 439 -12.51 -25.62 -36.16
CA ALA B 439 -12.61 -25.86 -37.58
C ALA B 439 -13.69 -24.99 -38.21
N ILE B 440 -13.36 -24.42 -39.37
CA ILE B 440 -14.39 -23.78 -40.19
C ILE B 440 -15.30 -24.84 -40.80
N VAL B 441 -14.70 -25.85 -41.45
CA VAL B 441 -15.40 -27.04 -41.91
C VAL B 441 -14.49 -28.24 -41.67
N ASN B 442 -15.05 -29.31 -41.10
CA ASN B 442 -14.37 -30.59 -41.00
C ASN B 442 -15.26 -31.67 -41.58
N SER B 443 -14.76 -32.90 -41.64
CA SER B 443 -15.51 -33.97 -42.28
C SER B 443 -15.01 -35.33 -41.82
N GLY B 444 -15.87 -36.33 -42.02
CA GLY B 444 -15.53 -37.72 -41.85
C GLY B 444 -16.19 -38.55 -42.93
N MET B 445 -15.42 -39.40 -43.61
CA MET B 445 -15.92 -40.15 -44.75
C MET B 445 -15.47 -41.60 -44.65
N ARG B 446 -16.32 -42.51 -45.15
CA ARG B 446 -16.01 -43.94 -45.13
C ARG B 446 -16.57 -44.60 -46.38
N VAL B 447 -15.81 -45.55 -46.92
CA VAL B 447 -16.23 -46.35 -48.07
C VAL B 447 -16.03 -47.82 -47.75
N PHE B 448 -16.89 -48.66 -48.33
CA PHE B 448 -16.71 -50.11 -48.32
C PHE B 448 -16.99 -50.64 -49.72
N PHE B 449 -16.04 -51.38 -50.27
CA PHE B 449 -16.12 -51.85 -51.64
C PHE B 449 -16.49 -53.32 -51.74
N GLY B 450 -15.84 -54.18 -50.97
CA GLY B 450 -16.10 -55.61 -51.04
C GLY B 450 -15.49 -56.25 -52.26
N GLU B 451 -14.97 -57.47 -52.10
CA GLU B 451 -14.32 -58.16 -53.20
C GLU B 451 -15.32 -58.49 -54.31
N GLY B 452 -14.78 -58.90 -55.45
CA GLY B 452 -15.60 -59.20 -56.61
C GLY B 452 -15.53 -58.09 -57.65
N ASP B 453 -15.62 -56.86 -57.19
CA ASP B 453 -15.50 -55.69 -58.07
C ASP B 453 -15.15 -54.48 -57.21
N GLY B 454 -14.81 -53.39 -57.88
CA GLY B 454 -14.48 -52.14 -57.21
C GLY B 454 -15.69 -51.24 -57.09
N ILE B 455 -16.77 -51.81 -56.59
CA ILE B 455 -18.07 -51.15 -56.58
C ILE B 455 -18.37 -50.70 -55.15
N ILE B 456 -19.04 -49.55 -55.03
CA ILE B 456 -19.33 -48.96 -53.73
C ILE B 456 -20.49 -49.72 -53.08
N ARG B 457 -20.20 -50.44 -52.00
CA ARG B 457 -21.21 -51.17 -51.26
C ARG B 457 -21.74 -50.40 -50.06
N GLU B 458 -20.92 -49.54 -49.45
CA GLU B 458 -21.36 -48.66 -48.37
C GLU B 458 -20.65 -47.32 -48.51
N LEU B 459 -21.33 -46.26 -48.10
CA LEU B 459 -20.79 -44.91 -48.21
C LEU B 459 -21.61 -43.98 -47.32
N CYS B 460 -20.92 -43.26 -46.44
CA CYS B 460 -21.59 -42.28 -45.58
C CYS B 460 -20.61 -41.16 -45.27
N ILE B 461 -20.98 -39.93 -45.61
CA ILE B 461 -20.13 -38.76 -45.44
C ILE B 461 -20.83 -37.82 -44.46
N SER B 462 -20.06 -37.30 -43.52
CA SER B 462 -20.57 -36.36 -42.52
C SER B 462 -19.70 -35.12 -42.48
N TYR B 463 -20.33 -33.96 -42.31
CA TYR B 463 -19.64 -32.68 -42.25
C TYR B 463 -19.98 -31.96 -40.96
N GLY B 464 -19.00 -31.19 -40.47
CA GLY B 464 -19.21 -30.35 -39.31
C GLY B 464 -18.94 -28.89 -39.60
N GLY B 465 -19.45 -28.00 -38.75
CA GLY B 465 -19.26 -26.58 -38.97
C GLY B 465 -20.03 -26.03 -40.15
N VAL B 466 -21.13 -26.67 -40.55
CA VAL B 466 -21.92 -26.23 -41.68
C VAL B 466 -23.40 -26.21 -41.29
N GLY B 467 -23.66 -26.21 -39.98
CA GLY B 467 -25.02 -26.18 -39.49
C GLY B 467 -25.07 -26.20 -37.97
N PRO B 468 -26.28 -26.23 -37.41
CA PRO B 468 -26.40 -26.28 -35.94
C PRO B 468 -25.80 -27.54 -35.34
N ALA B 469 -25.77 -28.63 -36.09
CA ALA B 469 -25.22 -29.89 -35.62
C ALA B 469 -24.48 -30.57 -36.76
N THR B 470 -23.75 -31.63 -36.42
CA THR B 470 -23.10 -32.45 -37.43
C THR B 470 -24.14 -33.13 -38.29
N ILE B 471 -24.02 -32.96 -39.60
CA ILE B 471 -24.99 -33.52 -40.55
C ILE B 471 -24.32 -34.62 -41.36
N CYS B 472 -25.14 -35.52 -41.87
CA CYS B 472 -24.70 -36.63 -42.70
C CYS B 472 -25.39 -36.56 -44.05
N ALA B 473 -24.61 -36.60 -45.12
CA ALA B 473 -25.15 -36.58 -46.48
C ALA B 473 -25.63 -37.98 -46.88
N LYS B 474 -26.66 -38.44 -46.17
CA LYS B 474 -27.14 -39.81 -46.37
C LYS B 474 -27.86 -39.98 -47.69
N ASN B 475 -28.54 -38.93 -48.17
CA ASN B 475 -29.28 -39.05 -49.43
C ASN B 475 -28.34 -39.12 -50.62
N SER B 476 -27.37 -38.21 -50.68
CA SER B 476 -26.39 -38.25 -51.77
C SER B 476 -25.60 -39.55 -51.75
N CYS B 477 -25.30 -40.06 -50.55
CA CYS B 477 -24.56 -41.31 -50.44
C CYS B 477 -25.40 -42.49 -50.93
N GLN B 478 -26.69 -42.49 -50.59
CA GLN B 478 -27.57 -43.58 -51.03
C GLN B 478 -27.63 -43.66 -52.55
N LYS B 479 -27.58 -42.51 -53.22
CA LYS B 479 -27.62 -42.47 -54.68
C LYS B 479 -26.30 -42.87 -55.32
N LEU B 480 -25.20 -42.79 -54.58
CA LEU B 480 -23.90 -43.20 -55.07
C LEU B 480 -23.64 -44.69 -54.86
N ILE B 481 -24.46 -45.37 -54.07
CA ILE B 481 -24.36 -46.82 -53.95
C ILE B 481 -24.62 -47.44 -55.32
N GLY B 482 -23.71 -48.29 -55.77
CA GLY B 482 -23.83 -48.94 -57.05
C GLY B 482 -22.77 -48.54 -58.06
N ARG B 483 -22.06 -47.45 -57.82
CA ARG B 483 -21.12 -46.92 -58.80
C ARG B 483 -19.70 -47.41 -58.51
N HIS B 484 -18.79 -47.06 -59.41
CA HIS B 484 -17.38 -47.33 -59.24
C HIS B 484 -16.65 -46.06 -58.81
N TRP B 485 -15.38 -46.22 -58.45
CA TRP B 485 -14.57 -45.10 -57.94
C TRP B 485 -13.82 -44.49 -59.11
N ASN B 486 -14.47 -43.54 -59.79
CA ASN B 486 -13.87 -42.86 -60.93
C ASN B 486 -14.25 -41.39 -60.89
N GLU B 487 -13.67 -40.62 -61.83
CA GLU B 487 -13.96 -39.19 -61.92
C GLU B 487 -15.42 -38.92 -62.22
N GLN B 488 -16.08 -39.80 -62.99
CA GLN B 488 -17.50 -39.63 -63.25
C GLN B 488 -18.28 -39.60 -61.94
N MET B 489 -18.10 -40.63 -61.10
CA MET B 489 -18.75 -40.67 -59.80
C MET B 489 -18.45 -39.40 -59.00
N LEU B 490 -17.21 -38.93 -59.04
CA LEU B 490 -16.83 -37.75 -58.27
C LEU B 490 -17.63 -36.52 -58.68
N ASP B 491 -17.87 -36.35 -59.98
CA ASP B 491 -18.65 -35.21 -60.44
C ASP B 491 -20.09 -35.30 -59.96
N ILE B 492 -20.70 -36.49 -60.04
CA ILE B 492 -22.06 -36.65 -59.55
C ILE B 492 -22.11 -36.46 -58.04
N ALA B 493 -21.11 -36.97 -57.32
CA ALA B 493 -21.08 -36.82 -55.87
C ALA B 493 -21.01 -35.35 -55.47
N CYS B 494 -20.21 -34.57 -56.18
CA CYS B 494 -20.07 -33.15 -55.86
C CYS B 494 -21.39 -32.41 -56.03
N ARG B 495 -22.04 -32.59 -57.18
CA ARG B 495 -23.32 -31.93 -57.43
C ARG B 495 -24.37 -32.37 -56.43
N LEU B 496 -24.36 -33.65 -56.04
CA LEU B 496 -25.35 -34.16 -55.10
C LEU B 496 -25.13 -33.58 -53.71
N ILE B 497 -23.91 -33.68 -53.18
CA ILE B 497 -23.64 -33.25 -51.82
C ILE B 497 -23.86 -31.75 -51.67
N LEU B 498 -23.51 -30.97 -52.70
CA LEU B 498 -23.77 -29.54 -52.67
C LEU B 498 -25.25 -29.25 -52.50
N ASN B 499 -26.11 -30.05 -53.16
CA ASN B 499 -27.55 -29.88 -53.02
C ASN B 499 -28.02 -30.25 -51.62
N GLU B 500 -27.49 -31.34 -51.07
CA GLU B 500 -27.93 -31.81 -49.76
C GLU B 500 -27.32 -30.99 -48.63
N VAL B 501 -26.01 -30.77 -48.67
CA VAL B 501 -25.33 -29.97 -47.65
C VAL B 501 -25.33 -28.52 -48.10
N SER B 502 -26.49 -27.87 -48.03
CA SER B 502 -26.65 -26.51 -48.49
C SER B 502 -26.62 -25.53 -47.32
N LEU B 503 -25.95 -24.40 -47.52
CA LEU B 503 -25.94 -23.32 -46.55
C LEU B 503 -26.63 -22.10 -47.13
N LEU B 504 -27.33 -21.37 -46.28
CA LEU B 504 -27.86 -20.08 -46.69
C LEU B 504 -26.73 -19.05 -46.74
N GLY B 505 -26.94 -18.02 -47.55
CA GLY B 505 -25.98 -16.93 -47.57
C GLY B 505 -25.84 -16.22 -46.23
N SER B 506 -26.83 -16.38 -45.35
CA SER B 506 -26.83 -15.80 -44.02
C SER B 506 -26.42 -16.79 -42.94
N ALA B 507 -25.71 -17.85 -43.32
CA ALA B 507 -25.39 -18.90 -42.35
C ALA B 507 -24.48 -18.36 -41.26
N PRO B 508 -24.75 -18.66 -39.99
CA PRO B 508 -23.84 -18.23 -38.92
C PRO B 508 -22.43 -18.76 -39.14
N GLY B 509 -21.45 -17.96 -38.73
CA GLY B 509 -20.06 -18.24 -38.99
C GLY B 509 -19.51 -17.61 -40.25
N GLY B 510 -20.38 -17.19 -41.17
CA GLY B 510 -19.94 -16.61 -42.42
C GLY B 510 -19.16 -17.59 -43.27
N LYS B 511 -18.32 -17.03 -44.13
CA LYS B 511 -17.44 -17.81 -45.00
C LYS B 511 -18.22 -18.84 -45.80
N VAL B 512 -19.39 -18.42 -46.30
CA VAL B 512 -20.33 -19.37 -46.91
C VAL B 512 -19.74 -19.99 -48.16
N GLU B 513 -19.26 -19.15 -49.08
CA GLU B 513 -18.67 -19.67 -50.32
C GLU B 513 -17.39 -20.45 -50.03
N PHE B 514 -16.67 -20.10 -48.96
CA PHE B 514 -15.50 -20.89 -48.57
C PHE B 514 -15.93 -22.24 -48.01
N LYS B 515 -16.98 -22.27 -47.20
CA LYS B 515 -17.48 -23.54 -46.67
C LYS B 515 -17.95 -24.45 -47.80
N ARG B 516 -18.70 -23.89 -48.76
CA ARG B 516 -19.20 -24.70 -49.86
C ARG B 516 -18.07 -25.34 -50.64
N THR B 517 -16.97 -24.60 -50.87
CA THR B 517 -15.85 -25.16 -51.60
C THR B 517 -15.13 -26.24 -50.80
N LEU B 518 -15.00 -26.04 -49.48
CA LEU B 518 -14.35 -27.03 -48.64
C LEU B 518 -15.12 -28.33 -48.62
N ILE B 519 -16.44 -28.28 -48.75
CA ILE B 519 -17.27 -29.48 -48.76
C ILE B 519 -16.83 -30.41 -49.88
N ILE B 520 -16.76 -29.88 -51.10
CA ILE B 520 -16.38 -30.71 -52.24
C ILE B 520 -14.87 -30.85 -52.39
N SER B 521 -14.09 -29.96 -51.77
CA SER B 521 -12.64 -30.11 -51.81
C SER B 521 -12.19 -31.27 -50.94
N PHE B 522 -12.80 -31.43 -49.76
CA PHE B 522 -12.52 -32.60 -48.94
C PHE B 522 -12.95 -33.87 -49.66
N LEU B 523 -14.09 -33.82 -50.36
CA LEU B 523 -14.53 -34.97 -51.14
C LEU B 523 -13.52 -35.33 -52.23
N PHE B 524 -12.87 -34.32 -52.81
CA PHE B 524 -11.85 -34.57 -53.81
C PHE B 524 -10.62 -35.22 -53.19
N LYS B 525 -10.23 -34.78 -51.99
CA LYS B 525 -9.10 -35.41 -51.30
C LYS B 525 -9.43 -36.85 -50.91
N PHE B 526 -10.63 -37.08 -50.37
CA PHE B 526 -11.05 -38.44 -50.06
C PHE B 526 -11.06 -39.32 -51.30
N TYR B 527 -11.44 -38.75 -52.44
CA TYR B 527 -11.41 -39.50 -53.69
C TYR B 527 -9.98 -39.87 -54.07
N LEU B 528 -9.04 -38.93 -53.91
CA LEU B 528 -7.66 -39.21 -54.26
C LEU B 528 -7.03 -40.19 -53.29
N GLU B 529 -7.36 -40.08 -52.00
CA GLU B 529 -6.84 -41.03 -51.02
C GLU B 529 -7.28 -42.45 -51.35
N VAL B 530 -8.58 -42.65 -51.58
CA VAL B 530 -9.08 -43.97 -51.91
C VAL B 530 -8.58 -44.43 -53.27
N SER B 531 -8.42 -43.50 -54.22
CA SER B 531 -7.93 -43.88 -55.54
C SER B 531 -6.52 -44.42 -55.48
N GLN B 532 -5.69 -43.86 -54.59
CA GLN B 532 -4.30 -44.33 -54.49
C GLN B 532 -4.22 -45.68 -53.80
N ILE B 533 -4.99 -45.87 -52.73
CA ILE B 533 -4.96 -47.13 -52.00
C ILE B 533 -5.52 -48.25 -52.86
N LEU B 534 -6.55 -47.96 -53.65
CA LEU B 534 -7.10 -48.97 -54.56
C LEU B 534 -6.09 -49.33 -55.64
N LYS B 535 -5.38 -48.34 -56.18
CA LYS B 535 -4.34 -48.63 -57.15
C LYS B 535 -3.20 -49.43 -56.53
N LYS B 536 -2.89 -49.14 -55.26
CA LYS B 536 -1.86 -49.91 -54.57
C LYS B 536 -2.31 -51.34 -54.33
N MET B 537 -3.56 -51.53 -53.89
CA MET B 537 -4.04 -52.87 -53.56
C MET B 537 -4.42 -53.66 -54.81
N ASP B 538 -4.93 -53.00 -55.84
CA ASP B 538 -5.38 -53.66 -57.06
C ASP B 538 -4.87 -52.88 -58.25
N PRO B 539 -3.61 -53.11 -58.66
CA PRO B 539 -3.01 -52.26 -59.70
C PRO B 539 -3.62 -52.46 -61.08
N VAL B 540 -4.14 -53.65 -61.39
CA VAL B 540 -4.60 -53.93 -62.76
C VAL B 540 -5.93 -53.26 -63.09
N HIS B 541 -6.74 -52.95 -62.09
CA HIS B 541 -8.09 -52.43 -62.33
C HIS B 541 -8.19 -50.92 -62.21
N TYR B 542 -7.15 -50.25 -61.75
CA TYR B 542 -7.24 -48.82 -61.48
C TYR B 542 -6.09 -48.08 -62.14
N PRO B 543 -6.30 -46.83 -62.54
CA PRO B 543 -5.22 -46.04 -63.13
C PRO B 543 -4.30 -45.45 -62.08
N SER B 544 -3.13 -45.03 -62.52
CA SER B 544 -2.17 -44.38 -61.64
C SER B 544 -2.55 -42.92 -61.43
N LEU B 545 -2.20 -42.40 -60.26
CA LEU B 545 -2.39 -40.99 -59.99
C LEU B 545 -1.47 -40.16 -60.88
N ALA B 546 -2.00 -39.04 -61.38
CA ALA B 546 -1.18 -38.10 -62.11
C ALA B 546 -0.11 -37.54 -61.19
N ASP B 547 1.11 -37.38 -61.73
CA ASP B 547 2.24 -36.99 -60.90
C ASP B 547 2.03 -35.63 -60.25
N LYS B 548 1.39 -34.71 -60.97
CA LYS B 548 1.15 -33.37 -60.43
C LYS B 548 0.08 -33.39 -59.34
N TYR B 549 -0.68 -34.47 -59.21
CA TYR B 549 -1.77 -34.56 -58.26
C TYR B 549 -1.38 -35.24 -56.96
N GLU B 550 -0.18 -35.77 -56.90
CA GLU B 550 0.31 -36.51 -55.73
C GLU B 550 0.58 -35.75 -54.44
N SER B 551 0.87 -34.47 -54.52
CA SER B 551 1.15 -33.69 -53.31
C SER B 551 -0.11 -33.28 -52.55
N ALA B 552 -1.26 -33.45 -53.16
CA ALA B 552 -2.50 -33.13 -52.55
C ALA B 552 -2.80 -34.06 -51.40
N LEU B 553 -2.15 -35.21 -51.36
CA LEU B 553 -2.47 -36.21 -50.35
C LEU B 553 -1.61 -36.09 -49.09
N GLU B 554 -0.51 -35.36 -49.16
CA GLU B 554 0.31 -35.09 -47.98
C GLU B 554 -0.04 -33.70 -47.44
N ASP B 555 -0.29 -33.62 -46.14
CA ASP B 555 -0.68 -32.36 -45.54
C ASP B 555 0.55 -31.54 -45.18
N LEU B 556 0.32 -30.26 -44.89
CA LEU B 556 1.39 -29.34 -44.54
C LEU B 556 1.78 -29.60 -43.08
N HIS B 557 2.90 -30.29 -42.88
CA HIS B 557 3.31 -30.71 -41.55
C HIS B 557 4.51 -29.91 -41.05
N SER B 558 5.65 -30.60 -40.90
CA SER B 558 6.89 -30.01 -40.41
C SER B 558 6.75 -29.46 -39.00
N LYS B 559 7.05 -30.30 -38.01
CA LYS B 559 7.13 -29.87 -36.61
C LYS B 559 8.55 -29.48 -36.21
N HIS B 560 9.41 -29.18 -37.18
CA HIS B 560 10.78 -28.80 -36.92
C HIS B 560 10.86 -27.28 -36.73
N HIS B 561 11.74 -26.85 -35.84
CA HIS B 561 11.94 -25.42 -35.55
C HIS B 561 13.43 -25.17 -35.39
N CYS B 562 14.07 -24.72 -36.47
CA CYS B 562 15.48 -24.39 -36.48
C CYS B 562 15.66 -22.87 -36.57
N SER B 563 16.80 -22.39 -36.10
CA SER B 563 17.07 -20.96 -36.09
C SER B 563 18.56 -20.71 -35.92
N THR B 564 19.01 -19.57 -36.45
CA THR B 564 20.37 -19.08 -36.28
C THR B 564 20.32 -17.58 -36.04
N LEU B 565 21.22 -17.09 -35.17
CA LEU B 565 21.27 -15.69 -34.81
C LEU B 565 22.69 -15.18 -34.98
N LYS B 566 22.84 -14.06 -35.66
CA LYS B 566 24.14 -13.47 -35.98
C LYS B 566 24.17 -12.03 -35.48
N TYR B 567 25.20 -11.68 -34.71
CA TYR B 567 25.34 -10.33 -34.19
C TYR B 567 26.83 -10.03 -33.99
N GLN B 568 27.11 -8.85 -33.44
CA GLN B 568 28.44 -8.26 -33.42
C GLN B 568 29.17 -8.60 -32.12
N ASN B 569 30.18 -7.83 -31.78
CA ASN B 569 30.98 -8.05 -30.57
C ASN B 569 31.40 -6.72 -29.94
N PRO B 572 36.51 -6.06 -27.86
CA PRO B 572 37.95 -6.32 -28.03
C PRO B 572 38.81 -5.44 -27.12
N LYS B 573 38.71 -4.13 -27.30
CA LYS B 573 39.39 -3.16 -26.44
C LYS B 573 38.45 -2.50 -25.45
N GLN B 574 37.23 -3.02 -25.30
CA GLN B 574 36.26 -2.51 -24.35
C GLN B 574 36.46 -3.19 -23.00
N HIS B 575 36.20 -2.44 -21.93
CA HIS B 575 36.34 -2.98 -20.58
C HIS B 575 35.45 -4.20 -20.41
N PRO B 576 35.94 -5.26 -19.75
CA PRO B 576 35.06 -6.42 -19.53
C PRO B 576 33.90 -6.13 -18.61
N GLU B 577 34.06 -5.20 -17.67
CA GLU B 577 32.97 -4.81 -16.78
C GLU B 577 31.95 -3.90 -17.45
N ASP B 578 32.14 -3.54 -18.71
CA ASP B 578 31.20 -2.69 -19.43
C ASP B 578 30.13 -3.56 -20.05
N PRO B 579 28.87 -3.47 -19.63
CA PRO B 579 27.84 -4.38 -20.17
C PRO B 579 27.22 -3.91 -21.47
N ILE B 580 27.54 -2.71 -21.95
CA ILE B 580 26.95 -2.20 -23.17
C ILE B 580 27.38 -3.07 -24.34
N GLY B 581 26.40 -3.63 -25.06
CA GLY B 581 26.66 -4.50 -26.18
C GLY B 581 26.56 -5.98 -25.88
N HIS B 582 26.52 -6.36 -24.58
CA HIS B 582 26.41 -7.75 -24.14
C HIS B 582 24.95 -8.18 -24.03
N PRO B 583 24.66 -9.46 -24.30
CA PRO B 583 23.26 -9.93 -24.23
C PRO B 583 22.79 -10.16 -22.80
N ILE B 584 22.56 -9.05 -22.09
CA ILE B 584 22.14 -9.13 -20.69
C ILE B 584 20.68 -9.55 -20.63
N MET B 585 20.39 -10.51 -19.75
CA MET B 585 19.02 -10.99 -19.57
C MET B 585 18.14 -9.88 -18.99
N HIS B 586 16.86 -9.93 -19.35
CA HIS B 586 15.86 -9.03 -18.76
C HIS B 586 15.89 -9.13 -17.24
N LEU B 587 15.93 -7.96 -16.59
CA LEU B 587 16.11 -7.93 -15.15
C LEU B 587 15.05 -8.73 -14.41
N SER B 588 13.83 -8.76 -14.92
CA SER B 588 12.75 -9.51 -14.32
C SER B 588 12.57 -10.89 -14.94
N GLY B 589 13.56 -11.36 -15.72
CA GLY B 589 13.41 -12.63 -16.42
C GLY B 589 13.13 -13.79 -15.48
N VAL B 590 13.97 -13.94 -14.45
CA VAL B 590 13.76 -15.02 -13.49
C VAL B 590 12.47 -14.80 -12.72
N LYS B 591 12.18 -13.54 -12.35
CA LYS B 591 10.93 -13.25 -11.65
C LYS B 591 9.72 -13.49 -12.53
N HIS B 592 9.87 -13.36 -13.85
CA HIS B 592 8.80 -13.76 -14.76
C HIS B 592 8.55 -15.26 -14.68
N ALA B 593 9.63 -16.05 -14.60
CA ALA B 593 9.53 -17.50 -14.63
C ALA B 593 9.15 -18.12 -13.29
N THR B 594 9.22 -17.37 -12.20
CA THR B 594 8.85 -17.87 -10.89
C THR B 594 7.49 -17.34 -10.42
N GLY B 595 6.83 -16.53 -11.23
CA GLY B 595 5.58 -15.91 -10.81
C GLY B 595 5.73 -14.84 -9.76
N GLU B 596 6.96 -14.44 -9.44
CA GLU B 596 7.19 -13.43 -8.42
C GLU B 596 7.05 -12.00 -8.96
N ALA B 597 7.09 -11.83 -10.27
CA ALA B 597 6.87 -10.50 -10.86
C ALA B 597 5.46 -10.03 -10.56
N ILE B 598 5.34 -8.82 -10.02
CA ILE B 598 4.06 -8.27 -9.61
C ILE B 598 3.51 -7.43 -10.76
N TYR B 599 2.45 -7.93 -11.39
CA TYR B 599 1.67 -7.12 -12.30
C TYR B 599 0.54 -6.43 -11.54
N CYS B 600 -0.21 -5.58 -12.23
CA CYS B 600 -1.18 -4.73 -11.58
C CYS B 600 -2.18 -5.54 -10.76
N ASP B 601 -2.88 -6.48 -11.40
CA ASP B 601 -3.88 -7.26 -10.67
C ASP B 601 -3.24 -8.16 -9.61
N ASP B 602 -1.93 -8.38 -9.66
CA ASP B 602 -1.26 -9.17 -8.64
C ASP B 602 -1.11 -8.43 -7.32
N MET B 603 -1.36 -7.12 -7.28
CA MET B 603 -1.18 -6.38 -6.05
C MET B 603 -2.18 -6.87 -5.00
N PRO B 604 -1.75 -7.00 -3.75
CA PRO B 604 -2.62 -7.60 -2.72
C PRO B 604 -3.89 -6.78 -2.50
N LEU B 605 -4.89 -7.45 -1.95
CA LEU B 605 -6.15 -6.81 -1.59
C LEU B 605 -5.94 -5.72 -0.55
N VAL B 606 -6.13 -4.47 -0.95
CA VAL B 606 -6.09 -3.39 0.03
C VAL B 606 -7.43 -3.31 0.77
N ASP B 607 -7.38 -2.75 1.98
CA ASP B 607 -8.50 -2.88 2.90
C ASP B 607 -9.77 -2.26 2.35
N GLN B 608 -10.83 -3.07 2.30
CA GLN B 608 -12.19 -2.62 1.96
C GLN B 608 -12.27 -2.08 0.53
N GLU B 609 -11.45 -2.60 -0.38
CA GLU B 609 -11.48 -2.12 -1.75
C GLU B 609 -12.69 -2.65 -2.48
N LEU B 610 -13.16 -1.88 -3.46
CA LEU B 610 -14.32 -2.21 -4.26
C LEU B 610 -13.89 -2.56 -5.69
N PHE B 611 -14.83 -3.12 -6.44
CA PHE B 611 -14.60 -3.52 -7.82
C PHE B 611 -15.54 -2.77 -8.75
N LEU B 612 -15.03 -2.37 -9.92
CA LEU B 612 -15.80 -1.63 -10.90
C LEU B 612 -15.83 -2.40 -12.22
N THR B 613 -17.02 -2.51 -12.80
CA THR B 613 -17.20 -3.10 -14.11
C THR B 613 -18.19 -2.25 -14.90
N PHE B 614 -18.10 -2.34 -16.23
CA PHE B 614 -18.80 -1.43 -17.11
C PHE B 614 -19.91 -2.15 -17.87
N VAL B 615 -21.04 -1.46 -18.04
CA VAL B 615 -22.08 -1.86 -18.98
C VAL B 615 -21.81 -1.12 -20.28
N THR B 616 -21.51 -1.85 -21.34
CA THR B 616 -21.18 -1.25 -22.62
C THR B 616 -22.37 -1.29 -23.56
N SER B 617 -22.24 -0.56 -24.67
CA SER B 617 -23.31 -0.46 -25.65
C SER B 617 -23.41 -1.73 -26.49
N SER B 618 -24.65 -2.14 -26.76
CA SER B 618 -24.93 -3.28 -27.63
C SER B 618 -25.42 -2.84 -29.01
N ARG B 619 -25.41 -1.53 -29.29
CA ARG B 619 -25.84 -0.99 -30.56
C ARG B 619 -24.75 -0.11 -31.14
N ALA B 620 -24.64 -0.12 -32.46
CA ALA B 620 -23.60 0.64 -33.15
C ALA B 620 -23.99 2.09 -33.40
N HIS B 621 -25.27 2.41 -33.43
CA HIS B 621 -25.72 3.80 -33.58
C HIS B 621 -27.20 3.83 -33.22
N ALA B 622 -27.50 4.33 -32.02
CA ALA B 622 -28.88 4.28 -31.55
C ALA B 622 -29.10 5.37 -30.49
N LYS B 623 -30.38 5.61 -30.21
CA LYS B 623 -30.81 6.48 -29.14
C LYS B 623 -30.93 5.71 -27.84
N ILE B 624 -30.45 6.29 -26.75
CA ILE B 624 -30.66 5.74 -25.41
C ILE B 624 -31.95 6.35 -24.88
N VAL B 625 -33.05 5.59 -25.00
CA VAL B 625 -34.34 6.15 -24.60
C VAL B 625 -34.56 5.99 -23.10
N SER B 626 -33.97 4.98 -22.47
CA SER B 626 -34.16 4.78 -21.04
C SER B 626 -33.11 3.83 -20.51
N ILE B 627 -32.77 4.01 -19.24
CA ILE B 627 -31.89 3.12 -18.49
C ILE B 627 -32.54 2.83 -17.14
N ASP B 628 -32.68 1.56 -16.81
CA ASP B 628 -33.29 1.13 -15.55
C ASP B 628 -32.23 0.44 -14.70
N LEU B 629 -31.89 1.07 -13.57
CA LEU B 629 -30.92 0.52 -12.63
C LEU B 629 -31.57 -0.04 -11.38
N SER B 630 -32.89 0.03 -11.27
CA SER B 630 -33.58 -0.25 -10.01
C SER B 630 -33.27 -1.65 -9.50
N GLU B 631 -33.34 -2.65 -10.39
CA GLU B 631 -33.03 -4.02 -9.98
C GLU B 631 -31.55 -4.17 -9.64
N ALA B 632 -30.67 -3.60 -10.45
CA ALA B 632 -29.24 -3.78 -10.25
C ALA B 632 -28.77 -3.14 -8.94
N LEU B 633 -29.37 -2.01 -8.57
CA LEU B 633 -28.95 -1.33 -7.35
C LEU B 633 -29.31 -2.13 -6.10
N SER B 634 -30.37 -2.93 -6.16
CA SER B 634 -30.87 -3.66 -5.01
C SER B 634 -30.22 -5.02 -4.83
N MET B 635 -29.27 -5.39 -5.68
CA MET B 635 -28.72 -6.73 -5.64
C MET B 635 -27.50 -6.80 -4.73
N PRO B 636 -27.12 -8.01 -4.29
CA PRO B 636 -26.08 -8.14 -3.27
C PRO B 636 -24.76 -7.50 -3.69
N GLY B 637 -24.15 -6.78 -2.74
CA GLY B 637 -22.84 -6.20 -2.92
C GLY B 637 -22.80 -4.87 -3.63
N VAL B 638 -23.88 -4.47 -4.29
CA VAL B 638 -23.86 -3.27 -5.13
C VAL B 638 -23.78 -2.04 -4.25
N VAL B 639 -22.77 -1.21 -4.48
CA VAL B 639 -22.59 0.03 -3.75
C VAL B 639 -23.13 1.23 -4.52
N ASP B 640 -22.88 1.27 -5.83
CA ASP B 640 -23.28 2.41 -6.64
C ASP B 640 -23.22 2.03 -8.11
N ILE B 641 -24.01 2.74 -8.92
CA ILE B 641 -23.99 2.62 -10.37
C ILE B 641 -24.02 4.03 -10.95
N MET B 642 -23.06 4.34 -11.82
CA MET B 642 -22.91 5.67 -12.38
C MET B 642 -23.24 5.70 -13.86
N THR B 643 -23.96 6.73 -14.27
CA THR B 643 -24.18 7.06 -15.67
C THR B 643 -23.54 8.42 -15.96
N ALA B 644 -23.72 8.90 -17.19
CA ALA B 644 -23.16 10.19 -17.55
C ALA B 644 -23.73 11.32 -16.70
N GLU B 645 -24.98 11.18 -16.25
CA GLU B 645 -25.59 12.21 -15.42
C GLU B 645 -24.92 12.29 -14.06
N HIS B 646 -24.48 11.15 -13.51
CA HIS B 646 -23.84 11.13 -12.20
C HIS B 646 -22.45 11.74 -12.21
N LEU B 647 -21.84 11.93 -13.37
CA LEU B 647 -20.53 12.56 -13.47
C LEU B 647 -20.63 14.03 -13.82
N SER B 648 -21.82 14.54 -14.12
CA SER B 648 -22.08 15.96 -14.37
C SER B 648 -21.07 16.58 -15.33
N ASP B 649 -20.31 17.55 -14.85
CA ASP B 649 -19.45 18.37 -15.70
C ASP B 649 -18.06 17.77 -15.91
N VAL B 650 -17.76 16.62 -15.30
CA VAL B 650 -16.48 15.95 -15.53
C VAL B 650 -16.67 14.67 -16.33
N ASN B 651 -17.80 14.53 -17.03
CA ASN B 651 -17.99 13.42 -17.94
C ASN B 651 -17.17 13.55 -19.21
N SER B 652 -16.54 14.70 -19.44
CA SER B 652 -15.79 14.96 -20.65
C SER B 652 -14.34 15.32 -20.32
N PHE B 653 -13.50 15.29 -21.35
CA PHE B 653 -12.10 15.65 -21.23
C PHE B 653 -11.55 15.90 -22.62
N CYS B 654 -10.80 16.98 -22.79
CA CYS B 654 -10.23 17.35 -24.08
C CYS B 654 -8.96 16.52 -24.31
N PHE B 655 -9.09 15.46 -25.10
CA PHE B 655 -7.95 14.57 -25.34
C PHE B 655 -6.95 15.23 -26.29
N PHE B 656 -7.43 15.74 -27.43
CA PHE B 656 -6.54 16.35 -28.40
C PHE B 656 -7.12 17.68 -28.88
N THR B 657 -8.01 17.62 -29.88
CA THR B 657 -8.57 18.82 -30.49
C THR B 657 -9.96 19.17 -29.96
N GLU B 658 -10.63 18.26 -29.27
CA GLU B 658 -11.99 18.51 -28.82
C GLU B 658 -12.27 17.68 -27.58
N ALA B 659 -13.25 18.15 -26.79
CA ALA B 659 -13.68 17.43 -25.60
C ALA B 659 -14.61 16.29 -25.97
N GLU B 660 -14.44 15.15 -25.30
CA GLU B 660 -15.24 13.96 -25.58
C GLU B 660 -15.63 13.31 -24.26
N LYS B 661 -16.68 12.50 -24.34
CA LYS B 661 -17.36 11.97 -23.16
C LYS B 661 -16.73 10.66 -22.70
N PHE B 662 -16.71 10.45 -21.39
CA PHE B 662 -16.34 9.15 -20.84
C PHE B 662 -17.49 8.16 -21.02
N LEU B 663 -18.65 8.49 -20.47
CA LEU B 663 -19.84 7.66 -20.53
C LEU B 663 -20.83 8.24 -21.53
N ALA B 664 -21.55 7.36 -22.23
CA ALA B 664 -22.55 7.80 -23.18
C ALA B 664 -23.70 8.50 -22.46
N THR B 665 -24.30 9.48 -23.15
CA THR B 665 -25.42 10.22 -22.59
C THR B 665 -26.74 9.79 -23.19
N ASP B 666 -27.16 10.44 -24.27
CA ASP B 666 -28.42 10.12 -24.92
C ASP B 666 -28.24 9.27 -26.17
N LYS B 667 -27.02 9.05 -26.63
CA LYS B 667 -26.77 8.28 -27.84
C LYS B 667 -25.56 7.38 -27.64
N VAL B 668 -25.50 6.34 -28.47
CA VAL B 668 -24.33 5.47 -28.58
C VAL B 668 -23.88 5.47 -30.03
N PHE B 669 -22.57 5.49 -30.25
CA PHE B 669 -22.02 5.61 -31.59
C PHE B 669 -21.18 4.40 -31.99
N CYS B 670 -21.18 3.34 -31.20
CA CYS B 670 -20.51 2.08 -31.50
C CYS B 670 -20.81 1.10 -30.38
N VAL B 671 -20.69 -0.19 -30.69
CA VAL B 671 -20.77 -1.19 -29.65
C VAL B 671 -19.51 -1.13 -28.80
N GLY B 672 -19.65 -1.44 -27.51
CA GLY B 672 -18.55 -1.34 -26.58
C GLY B 672 -18.35 0.02 -25.95
N GLN B 673 -19.13 1.02 -26.34
CA GLN B 673 -19.03 2.33 -25.72
C GLN B 673 -19.53 2.27 -24.28
N LEU B 674 -18.80 2.92 -23.38
CA LEU B 674 -19.14 2.89 -21.96
C LEU B 674 -20.42 3.69 -21.72
N VAL B 675 -21.35 3.12 -20.97
CA VAL B 675 -22.60 3.80 -20.66
C VAL B 675 -22.86 3.77 -19.16
N CYS B 676 -22.46 2.68 -18.50
CA CYS B 676 -22.65 2.54 -17.06
C CYS B 676 -21.39 2.00 -16.41
N ALA B 677 -21.25 2.31 -15.12
CA ALA B 677 -20.15 1.81 -14.31
C ALA B 677 -20.73 1.26 -13.01
N VAL B 678 -20.59 -0.05 -12.81
CA VAL B 678 -21.18 -0.74 -11.66
C VAL B 678 -20.10 -0.93 -10.61
N LEU B 679 -20.38 -0.44 -9.40
CA LEU B 679 -19.47 -0.54 -8.26
C LEU B 679 -20.05 -1.47 -7.22
N ALA B 680 -19.29 -2.49 -6.83
CA ALA B 680 -19.80 -3.49 -5.91
C ALA B 680 -18.69 -3.97 -4.98
N ASP B 681 -19.09 -4.75 -3.98
CA ASP B 681 -18.14 -5.27 -3.00
C ASP B 681 -17.19 -6.30 -3.58
N SER B 682 -17.57 -6.96 -4.68
CA SER B 682 -16.74 -7.98 -5.28
C SER B 682 -16.96 -7.99 -6.78
N GLU B 683 -16.03 -8.64 -7.49
CA GLU B 683 -16.13 -8.72 -8.95
C GLU B 683 -17.33 -9.55 -9.37
N VAL B 684 -17.58 -10.67 -8.69
CA VAL B 684 -18.68 -11.54 -9.08
C VAL B 684 -20.02 -10.86 -8.87
N GLN B 685 -20.13 -10.00 -7.86
CA GLN B 685 -21.38 -9.28 -7.65
C GLN B 685 -21.54 -8.13 -8.63
N ALA B 686 -20.43 -7.47 -8.99
CA ALA B 686 -20.51 -6.35 -9.92
C ALA B 686 -20.94 -6.81 -11.31
N LYS B 687 -20.42 -7.96 -11.78
CA LYS B 687 -20.77 -8.43 -13.11
C LYS B 687 -22.19 -8.99 -13.14
N ARG B 688 -22.62 -9.65 -12.07
CA ARG B 688 -24.01 -10.07 -11.98
C ARG B 688 -24.95 -8.88 -12.00
N ALA B 689 -24.56 -7.79 -11.31
CA ALA B 689 -25.41 -6.61 -11.26
C ALA B 689 -25.49 -5.91 -12.61
N ALA B 690 -24.35 -5.84 -13.31
CA ALA B 690 -24.33 -5.17 -14.62
C ALA B 690 -25.23 -5.89 -15.62
N LYS B 691 -25.43 -7.19 -15.46
CA LYS B 691 -26.24 -7.94 -16.41
C LYS B 691 -27.72 -7.61 -16.29
N ARG B 692 -28.17 -7.23 -15.11
CA ARG B 692 -29.58 -6.89 -14.89
C ARG B 692 -29.87 -5.41 -15.04
N VAL B 693 -28.88 -4.61 -15.46
CA VAL B 693 -29.16 -3.26 -15.92
C VAL B 693 -29.87 -3.33 -17.26
N LYS B 694 -31.01 -2.65 -17.38
CA LYS B 694 -31.81 -2.71 -18.60
C LYS B 694 -31.74 -1.37 -19.32
N ILE B 695 -31.31 -1.41 -20.58
CA ILE B 695 -31.20 -0.24 -21.43
C ILE B 695 -32.03 -0.49 -22.67
N VAL B 696 -32.92 0.45 -22.98
CA VAL B 696 -33.77 0.36 -24.17
C VAL B 696 -33.19 1.31 -25.23
N TYR B 697 -33.00 0.79 -26.43
CA TYR B 697 -32.41 1.54 -27.53
C TYR B 697 -33.45 1.84 -28.60
N GLN B 698 -33.09 2.78 -29.48
CA GLN B 698 -33.83 3.03 -30.71
C GLN B 698 -32.80 3.33 -31.79
N ASP B 699 -32.66 2.41 -32.75
CA ASP B 699 -31.58 2.49 -33.72
C ASP B 699 -31.69 3.75 -34.56
N LEU B 700 -30.55 4.33 -34.90
CA LEU B 700 -30.47 5.56 -35.67
C LEU B 700 -29.80 5.30 -37.01
N GLU B 701 -30.18 6.09 -38.01
CA GLU B 701 -29.59 6.06 -39.33
C GLU B 701 -28.75 7.32 -39.57
N PRO B 702 -27.65 7.23 -40.32
CA PRO B 702 -27.18 6.02 -41.01
C PRO B 702 -26.27 5.15 -40.15
N LEU B 703 -26.15 3.88 -40.52
CA LEU B 703 -25.25 2.94 -39.86
C LEU B 703 -24.04 2.75 -40.76
N ILE B 704 -22.94 3.38 -40.38
CA ILE B 704 -21.71 3.38 -41.18
C ILE B 704 -20.73 2.38 -40.58
N LEU B 705 -20.18 1.52 -41.43
CA LEU B 705 -19.24 0.49 -40.98
C LEU B 705 -17.96 0.46 -41.80
N THR B 706 -18.05 0.61 -43.11
CA THR B 706 -16.89 0.53 -43.98
C THR B 706 -16.39 1.93 -44.33
N ILE B 707 -15.19 1.98 -44.92
CA ILE B 707 -14.61 3.25 -45.34
C ILE B 707 -15.40 3.84 -46.50
N GLU B 708 -15.84 2.99 -47.45
CA GLU B 708 -16.61 3.47 -48.58
C GLU B 708 -17.93 4.09 -48.12
N GLU B 709 -18.56 3.50 -47.10
CA GLU B 709 -19.78 4.10 -46.55
C GLU B 709 -19.47 5.43 -45.89
N SER B 710 -18.32 5.54 -45.22
CA SER B 710 -17.95 6.80 -44.59
C SER B 710 -17.71 7.89 -45.62
N ILE B 711 -17.28 7.53 -46.82
CA ILE B 711 -17.10 8.53 -47.87
C ILE B 711 -18.44 8.94 -48.46
N GLN B 712 -19.36 7.99 -48.61
CA GLN B 712 -20.66 8.28 -49.21
C GLN B 712 -21.45 9.28 -48.38
N HIS B 713 -21.33 9.22 -47.05
CA HIS B 713 -22.17 9.99 -46.16
C HIS B 713 -21.47 11.20 -45.56
N ASN B 714 -20.17 11.36 -45.76
CA ASN B 714 -19.43 12.49 -45.21
C ASN B 714 -19.48 13.63 -46.22
N SER B 715 -20.23 14.68 -45.89
CA SER B 715 -20.28 15.90 -46.67
C SER B 715 -19.71 17.09 -45.91
N SER B 716 -19.14 16.87 -44.73
CA SER B 716 -18.52 17.92 -43.95
C SER B 716 -17.04 18.02 -44.28
N PHE B 717 -16.45 19.16 -43.91
CA PHE B 717 -15.05 19.41 -44.22
C PHE B 717 -14.16 18.44 -43.46
N LYS B 718 -13.13 17.93 -44.15
CA LYS B 718 -12.17 17.02 -43.56
C LYS B 718 -10.76 17.55 -43.81
N PRO B 719 -9.90 17.60 -42.77
CA PRO B 719 -8.53 18.10 -42.98
C PRO B 719 -7.71 17.21 -43.90
N GLU B 720 -7.42 17.71 -45.09
CA GLU B 720 -6.60 16.97 -46.05
C GLU B 720 -5.14 17.00 -45.65
N ARG B 721 -4.45 15.89 -45.91
CA ARG B 721 -3.02 15.77 -45.68
C ARG B 721 -2.36 15.28 -46.95
N LYS B 722 -1.33 16.00 -47.41
CA LYS B 722 -0.78 15.76 -48.74
C LYS B 722 0.74 15.94 -48.75
N LEU B 723 1.42 15.03 -49.44
CA LEU B 723 2.80 15.18 -49.84
C LEU B 723 2.87 15.27 -51.35
N GLU B 724 3.79 16.09 -51.87
CA GLU B 724 3.93 16.29 -53.30
C GLU B 724 5.41 16.38 -53.64
N TYR B 725 5.88 15.44 -54.44
CA TYR B 725 7.26 15.42 -54.94
C TYR B 725 7.23 15.41 -56.45
N GLY B 726 8.03 16.28 -57.07
CA GLY B 726 8.10 16.31 -58.53
C GLY B 726 6.82 16.82 -59.15
N ASN B 727 6.43 16.21 -60.27
CA ASN B 727 5.24 16.62 -61.01
C ASN B 727 4.60 15.36 -61.59
N VAL B 728 3.59 14.85 -60.89
CA VAL B 728 2.98 13.58 -61.28
C VAL B 728 2.08 13.76 -62.50
N ASP B 729 1.43 14.91 -62.65
CA ASP B 729 0.56 15.13 -63.80
C ASP B 729 1.34 15.14 -65.11
N GLU B 730 2.55 15.71 -65.08
CA GLU B 730 3.40 15.71 -66.26
C GLU B 730 4.04 14.34 -66.48
N ALA B 731 4.36 13.64 -65.40
CA ALA B 731 5.07 12.36 -65.52
C ALA B 731 4.21 11.30 -66.19
N PHE B 732 2.88 11.36 -66.01
CA PHE B 732 2.00 10.37 -66.62
C PHE B 732 1.99 10.44 -68.14
N LYS B 733 2.53 11.49 -68.74
CA LYS B 733 2.58 11.61 -70.19
C LYS B 733 3.76 10.86 -70.80
N VAL B 734 4.81 10.61 -70.02
CA VAL B 734 6.00 9.93 -70.53
C VAL B 734 5.94 8.42 -70.28
N VAL B 735 5.19 7.97 -69.29
CA VAL B 735 5.24 6.57 -68.87
C VAL B 735 4.79 5.64 -69.99
N ASP B 736 5.34 4.43 -69.99
CA ASP B 736 4.97 3.43 -71.00
C ASP B 736 3.61 2.83 -70.71
N GLN B 737 3.31 2.57 -69.43
CA GLN B 737 2.06 1.95 -69.04
C GLN B 737 1.52 2.66 -67.80
N ILE B 738 0.22 2.50 -67.58
CA ILE B 738 -0.47 3.05 -66.42
C ILE B 738 -1.38 1.97 -65.84
N LEU B 739 -1.37 1.84 -64.52
CA LEU B 739 -2.17 0.84 -63.83
C LEU B 739 -2.89 1.48 -62.65
N GLU B 740 -4.13 1.07 -62.43
CA GLU B 740 -4.93 1.52 -61.30
C GLU B 740 -5.35 0.31 -60.47
N GLY B 741 -5.06 0.36 -59.17
CA GLY B 741 -5.40 -0.73 -58.28
C GLY B 741 -5.70 -0.22 -56.89
N GLU B 742 -6.30 -1.10 -56.09
CA GLU B 742 -6.59 -0.79 -54.70
C GLU B 742 -6.45 -2.08 -53.88
N ILE B 743 -6.25 -1.90 -52.57
CA ILE B 743 -6.13 -3.04 -51.66
C ILE B 743 -6.74 -2.64 -50.32
N HIS B 744 -7.54 -3.55 -49.76
CA HIS B 744 -8.09 -3.37 -48.43
C HIS B 744 -7.20 -4.08 -47.41
N MET B 745 -7.24 -3.58 -46.19
CA MET B 745 -6.39 -4.13 -45.13
C MET B 745 -7.11 -4.03 -43.81
N GLY B 746 -7.31 -5.17 -43.15
CA GLY B 746 -8.03 -5.20 -41.89
C GLY B 746 -7.21 -4.68 -40.72
N GLY B 747 -7.90 -4.47 -39.61
CA GLY B 747 -7.26 -3.99 -38.40
C GLY B 747 -6.53 -5.09 -37.66
N GLN B 748 -6.34 -4.86 -36.36
CA GLN B 748 -5.61 -5.80 -35.52
C GLN B 748 -5.84 -5.50 -34.04
N GLU B 749 -6.13 -6.53 -33.26
CA GLU B 749 -6.22 -6.37 -31.82
C GLU B 749 -4.83 -6.47 -31.19
N HIS B 750 -4.56 -5.59 -30.23
CA HIS B 750 -3.27 -5.63 -29.55
C HIS B 750 -3.01 -6.99 -28.92
N PHE B 751 -4.03 -7.54 -28.25
CA PHE B 751 -3.95 -8.81 -27.55
C PHE B 751 -2.72 -8.88 -26.64
N TYR B 752 -2.54 -7.82 -25.86
CA TYR B 752 -1.65 -7.90 -24.72
C TYR B 752 -2.13 -9.02 -23.79
N MET B 753 -1.19 -9.83 -23.31
CA MET B 753 -1.59 -10.97 -22.48
C MET B 753 -2.19 -10.51 -21.16
N GLU B 754 -1.74 -9.38 -20.64
CA GLU B 754 -2.36 -8.77 -19.47
C GLU B 754 -3.43 -7.78 -19.93
N THR B 755 -4.68 -8.07 -19.59
CA THR B 755 -5.77 -7.18 -19.97
C THR B 755 -5.68 -5.87 -19.19
N GLN B 756 -6.54 -4.93 -19.54
CA GLN B 756 -6.61 -3.64 -18.86
C GLN B 756 -6.80 -3.84 -17.37
N SER B 757 -5.87 -3.29 -16.59
CA SER B 757 -5.87 -3.51 -15.15
C SER B 757 -5.41 -2.26 -14.43
N MET B 758 -6.08 -1.91 -13.33
CA MET B 758 -5.71 -0.76 -12.54
C MET B 758 -6.30 -0.88 -11.14
N LEU B 759 -5.54 -0.38 -10.16
CA LEU B 759 -5.99 -0.26 -8.79
C LEU B 759 -5.85 1.20 -8.38
N VAL B 760 -6.95 1.78 -7.91
CA VAL B 760 -7.03 3.21 -7.65
C VAL B 760 -7.33 3.40 -6.17
N VAL B 761 -6.40 4.07 -5.46
CA VAL B 761 -6.40 4.11 -4.02
C VAL B 761 -6.37 5.55 -3.51
N PRO B 762 -7.37 6.01 -2.77
CA PRO B 762 -7.27 7.32 -2.12
C PRO B 762 -6.47 7.24 -0.83
N LYS B 763 -5.68 8.28 -0.56
CA LYS B 763 -4.86 8.32 0.64
C LYS B 763 -5.66 8.66 1.87
N GLY B 764 -6.70 9.49 1.73
CA GLY B 764 -7.45 9.98 2.87
C GLY B 764 -7.03 11.34 3.37
N GLU B 765 -6.11 12.01 2.67
CA GLU B 765 -5.62 13.31 3.07
C GLU B 765 -5.57 14.22 1.85
N ASP B 766 -6.20 15.39 1.95
CA ASP B 766 -6.14 16.42 0.90
C ASP B 766 -6.57 15.88 -0.46
N GLN B 767 -7.46 14.90 -0.45
CA GLN B 767 -7.94 14.24 -1.68
C GLN B 767 -6.79 13.68 -2.52
N GLU B 768 -5.73 13.24 -1.85
CA GLU B 768 -4.60 12.64 -2.56
C GLU B 768 -5.03 11.33 -3.21
N MET B 769 -4.47 11.04 -4.38
CA MET B 769 -4.85 9.85 -5.13
C MET B 769 -3.62 9.16 -5.67
N ASP B 770 -3.50 7.87 -5.35
CA ASP B 770 -2.49 7.00 -5.95
C ASP B 770 -3.20 6.05 -6.91
N VAL B 771 -2.82 6.09 -8.18
CA VAL B 771 -3.37 5.20 -9.20
C VAL B 771 -2.26 4.25 -9.66
N TYR B 772 -2.49 2.96 -9.49
CA TYR B 772 -1.59 1.91 -9.96
C TYR B 772 -2.26 1.28 -11.17
N VAL B 773 -1.69 1.49 -12.35
CA VAL B 773 -2.37 1.19 -13.60
C VAL B 773 -1.35 0.65 -14.60
N SER B 774 -1.79 -0.32 -15.39
CA SER B 774 -1.00 -0.86 -16.50
C SER B 774 -1.16 0.08 -17.69
N THR B 775 -0.25 1.03 -17.82
CA THR B 775 -0.35 2.07 -18.83
C THR B 775 1.01 2.37 -19.43
N GLN B 776 0.99 3.02 -20.59
CA GLN B 776 2.18 3.53 -21.26
C GLN B 776 2.43 5.00 -20.99
N PHE B 777 1.51 5.68 -20.30
CA PHE B 777 1.50 7.14 -20.22
C PHE B 777 1.08 7.56 -18.82
N PRO B 778 1.97 7.44 -17.84
CA PRO B 778 1.59 7.85 -16.47
C PRO B 778 1.21 9.32 -16.36
N LYS B 779 1.88 10.18 -17.12
CA LYS B 779 1.56 11.61 -17.07
C LYS B 779 0.14 11.87 -17.56
N TYR B 780 -0.32 11.10 -18.55
CA TYR B 780 -1.67 11.29 -19.06
C TYR B 780 -2.71 10.78 -18.07
N ILE B 781 -2.44 9.65 -17.43
CA ILE B 781 -3.32 9.16 -16.36
C ILE B 781 -3.45 10.21 -15.27
N GLN B 782 -2.34 10.85 -14.91
CA GLN B 782 -2.36 11.91 -13.91
C GLN B 782 -3.27 13.05 -14.35
N ASP B 783 -3.20 13.45 -15.61
CA ASP B 783 -3.98 14.59 -16.09
C ASP B 783 -5.48 14.28 -16.05
N ILE B 784 -5.88 13.14 -16.64
CA ILE B 784 -7.30 12.85 -16.79
C ILE B 784 -7.94 12.52 -15.45
N VAL B 785 -7.18 11.91 -14.52
CA VAL B 785 -7.73 11.61 -13.20
C VAL B 785 -7.90 12.88 -12.39
N ALA B 786 -6.88 13.74 -12.38
CA ALA B 786 -6.97 14.99 -11.63
C ALA B 786 -8.05 15.89 -12.21
N SER B 787 -8.16 15.95 -13.53
CA SER B 787 -9.20 16.77 -14.16
C SER B 787 -10.59 16.29 -13.80
N THR B 788 -10.78 14.96 -13.77
CA THR B 788 -12.08 14.41 -13.40
C THR B 788 -12.39 14.67 -11.93
N LEU B 789 -11.37 14.76 -11.09
CA LEU B 789 -11.55 15.04 -9.67
C LEU B 789 -11.45 16.53 -9.34
N LYS B 790 -11.25 17.38 -10.34
CA LYS B 790 -11.09 18.83 -10.14
C LYS B 790 -9.95 19.12 -9.16
N LEU B 791 -8.82 18.43 -9.36
CA LEU B 791 -7.68 18.54 -8.46
C LEU B 791 -6.44 18.99 -9.21
N PRO B 792 -5.54 19.71 -8.54
CA PRO B 792 -4.22 19.97 -9.13
C PRO B 792 -3.47 18.67 -9.36
N ALA B 793 -2.47 18.73 -10.24
CA ALA B 793 -1.69 17.55 -10.56
C ALA B 793 -0.86 17.05 -9.38
N ASN B 794 -0.53 17.92 -8.43
CA ASN B 794 0.28 17.52 -7.29
C ASN B 794 -0.48 16.63 -6.31
N LYS B 795 -1.78 16.45 -6.49
CA LYS B 795 -2.57 15.59 -5.62
C LYS B 795 -2.72 14.18 -6.17
N VAL B 796 -2.51 13.98 -7.47
CA VAL B 796 -2.68 12.69 -8.12
C VAL B 796 -1.32 12.19 -8.58
N MET B 797 -0.99 10.95 -8.22
CA MET B 797 0.26 10.33 -8.62
C MET B 797 -0.01 8.98 -9.27
N CYS B 798 0.73 8.68 -10.32
CA CYS B 798 0.58 7.44 -11.07
C CYS B 798 1.87 6.64 -10.95
N HIS B 799 1.74 5.36 -10.56
CA HIS B 799 2.88 4.49 -10.36
C HIS B 799 2.74 3.25 -11.24
N VAL B 800 3.79 2.93 -11.99
CA VAL B 800 3.81 1.76 -12.87
C VAL B 800 5.13 1.04 -12.68
N ARG B 801 5.06 -0.22 -12.23
CA ARG B 801 6.26 -1.04 -12.14
C ARG B 801 6.54 -1.79 -13.43
N ARG B 802 5.51 -2.38 -14.03
CA ARG B 802 5.67 -3.12 -15.28
C ARG B 802 4.30 -3.28 -15.93
N VAL B 803 4.32 -3.49 -17.23
CA VAL B 803 3.12 -3.69 -18.03
C VAL B 803 3.27 -5.00 -18.80
N GLY B 804 2.28 -5.87 -18.69
CA GLY B 804 2.30 -7.13 -19.40
C GLY B 804 1.92 -6.98 -20.86
N GLY B 805 2.74 -6.26 -21.62
CA GLY B 805 2.44 -5.98 -23.01
C GLY B 805 1.42 -4.88 -23.18
N ALA B 806 1.57 -4.07 -24.23
CA ALA B 806 0.62 -3.00 -24.50
C ALA B 806 0.53 -2.72 -25.99
N PHE B 807 1.68 -2.52 -26.64
CA PHE B 807 1.75 -2.31 -28.09
C PHE B 807 0.88 -1.14 -28.54
N GLY B 808 0.82 -0.10 -27.70
CA GLY B 808 0.02 1.07 -27.99
C GLY B 808 -1.43 0.99 -27.53
N GLY B 809 -1.87 -0.14 -27.00
CA GLY B 809 -3.24 -0.33 -26.58
C GLY B 809 -3.55 0.02 -25.14
N LYS B 810 -2.58 0.57 -24.40
CA LYS B 810 -2.83 0.95 -23.02
C LYS B 810 -2.52 2.42 -22.79
N VAL B 811 -3.23 3.29 -23.51
CA VAL B 811 -3.05 4.73 -23.38
C VAL B 811 -4.40 5.41 -23.19
N LEU B 812 -5.12 5.64 -24.30
CA LEU B 812 -6.31 6.49 -24.27
C LEU B 812 -7.42 5.89 -23.42
N LYS B 813 -7.95 4.74 -23.82
CA LYS B 813 -9.05 4.12 -23.09
C LYS B 813 -8.65 3.78 -21.66
N THR B 814 -7.35 3.53 -21.43
CA THR B 814 -6.87 3.28 -20.07
C THR B 814 -7.13 4.49 -19.17
N GLY B 815 -6.90 5.69 -19.70
CA GLY B 815 -7.16 6.88 -18.91
C GLY B 815 -8.63 7.12 -18.65
N ILE B 816 -9.48 6.80 -19.63
CA ILE B 816 -10.92 6.96 -19.44
C ILE B 816 -11.41 6.03 -18.33
N ILE B 817 -10.94 4.79 -18.32
CA ILE B 817 -11.33 3.86 -17.27
C ILE B 817 -10.74 4.31 -15.93
N ALA B 818 -9.51 4.82 -15.94
CA ALA B 818 -8.90 5.29 -14.70
C ALA B 818 -9.61 6.52 -14.16
N ALA B 819 -10.08 7.39 -15.05
CA ALA B 819 -10.81 8.58 -14.60
C ALA B 819 -12.14 8.20 -13.97
N VAL B 820 -12.87 7.27 -14.58
CA VAL B 820 -14.15 6.84 -14.03
C VAL B 820 -13.93 6.05 -12.74
N THR B 821 -12.88 5.21 -12.71
CA THR B 821 -12.57 4.47 -11.49
C THR B 821 -12.19 5.41 -10.35
N ALA B 822 -11.36 6.41 -10.64
CA ALA B 822 -10.96 7.36 -9.60
C ALA B 822 -12.14 8.17 -9.10
N PHE B 823 -13.08 8.52 -10.00
CA PHE B 823 -14.28 9.21 -9.58
C PHE B 823 -15.08 8.37 -8.59
N ALA B 824 -15.17 7.07 -8.84
CA ALA B 824 -15.83 6.17 -7.89
C ALA B 824 -15.07 6.11 -6.58
N ALA B 825 -13.74 6.00 -6.64
CA ALA B 825 -12.93 5.87 -5.43
C ALA B 825 -13.06 7.09 -4.54
N ASN B 826 -13.00 8.29 -5.14
CA ASN B 826 -13.11 9.51 -4.35
C ASN B 826 -14.52 9.68 -3.78
N LYS B 827 -15.54 9.27 -4.55
CA LYS B 827 -16.92 9.49 -4.11
C LYS B 827 -17.26 8.67 -2.87
N HIS B 828 -16.77 7.44 -2.80
CA HIS B 828 -17.14 6.53 -1.72
C HIS B 828 -16.02 6.33 -0.71
N GLY B 829 -14.91 7.06 -0.85
CA GLY B 829 -13.83 6.95 0.12
C GLY B 829 -13.22 5.56 0.21
N ARG B 830 -13.15 4.85 -0.91
CA ARG B 830 -12.62 3.50 -0.95
C ARG B 830 -11.64 3.37 -2.10
N ALA B 831 -10.74 2.41 -2.00
CA ALA B 831 -9.93 2.01 -3.13
C ALA B 831 -10.78 1.16 -4.07
N VAL B 832 -10.59 1.35 -5.37
CA VAL B 832 -11.40 0.67 -6.38
C VAL B 832 -10.47 -0.03 -7.36
N ARG B 833 -10.78 -1.29 -7.67
CA ARG B 833 -10.04 -2.07 -8.64
C ARG B 833 -10.89 -2.28 -9.88
N CYS B 834 -10.26 -2.18 -11.05
CA CYS B 834 -10.94 -2.38 -12.32
C CYS B 834 -10.05 -3.20 -13.23
N VAL B 835 -10.45 -4.45 -13.47
CA VAL B 835 -9.74 -5.35 -14.38
C VAL B 835 -10.74 -5.89 -15.40
N LEU B 836 -10.41 -5.75 -16.68
CA LEU B 836 -11.32 -6.14 -17.74
C LEU B 836 -11.09 -7.58 -18.16
N GLU B 837 -12.19 -8.25 -18.53
CA GLU B 837 -12.10 -9.56 -19.14
C GLU B 837 -11.78 -9.44 -20.61
N ARG B 838 -11.27 -10.54 -21.20
CA ARG B 838 -10.78 -10.51 -22.57
C ARG B 838 -11.86 -10.05 -23.55
N GLY B 839 -13.09 -10.51 -23.35
CA GLY B 839 -14.19 -10.13 -24.22
C GLY B 839 -14.50 -8.64 -24.18
N GLU B 840 -14.78 -8.12 -22.99
CA GLU B 840 -15.08 -6.69 -22.86
C GLU B 840 -13.85 -5.84 -23.15
N ASP B 841 -12.64 -6.38 -22.93
CA ASP B 841 -11.43 -5.65 -23.29
C ASP B 841 -11.39 -5.37 -24.79
N MET B 842 -11.47 -6.43 -25.61
CA MET B 842 -11.38 -6.28 -27.05
C MET B 842 -12.46 -5.34 -27.59
N LEU B 843 -13.59 -5.22 -26.89
CA LEU B 843 -14.67 -4.36 -27.35
C LEU B 843 -14.46 -2.91 -26.94
N ILE B 844 -14.00 -2.68 -25.71
CA ILE B 844 -13.86 -1.32 -25.21
C ILE B 844 -12.68 -0.62 -25.89
N THR B 845 -11.50 -1.23 -25.81
CA THR B 845 -10.35 -0.63 -26.48
C THR B 845 -10.46 -0.86 -27.99
N GLY B 846 -9.73 -0.03 -28.74
CA GLY B 846 -9.71 -0.16 -30.18
C GLY B 846 -8.67 -1.16 -30.64
N GLY B 847 -8.29 -1.03 -31.91
CA GLY B 847 -7.24 -1.85 -32.47
C GLY B 847 -6.45 -1.08 -33.51
N ARG B 848 -5.71 -1.80 -34.36
CA ARG B 848 -5.01 -1.12 -35.45
C ARG B 848 -6.02 -0.61 -36.46
N HIS B 849 -5.70 0.54 -37.06
CA HIS B 849 -6.58 1.16 -38.03
C HIS B 849 -6.66 0.31 -39.30
N PRO B 850 -7.85 -0.15 -39.70
CA PRO B 850 -7.98 -0.75 -41.03
C PRO B 850 -7.73 0.30 -42.09
N TYR B 851 -7.20 -0.13 -43.23
CA TYR B 851 -6.76 0.78 -44.27
C TYR B 851 -7.37 0.42 -45.62
N LEU B 852 -7.55 1.44 -46.44
CA LEU B 852 -7.91 1.28 -47.85
C LEU B 852 -6.93 2.12 -48.67
N GLY B 853 -6.13 1.46 -49.48
CA GLY B 853 -5.15 2.11 -50.32
C GLY B 853 -5.58 2.09 -51.78
N LYS B 854 -5.59 3.27 -52.39
CA LYS B 854 -5.94 3.44 -53.80
C LYS B 854 -4.77 4.08 -54.52
N TYR B 855 -4.29 3.45 -55.59
CA TYR B 855 -3.11 3.93 -56.29
C TYR B 855 -3.32 3.95 -57.80
N LYS B 856 -2.62 4.90 -58.43
CA LYS B 856 -2.49 4.97 -59.88
C LYS B 856 -1.01 5.14 -60.18
N ALA B 857 -0.42 4.13 -60.82
CA ALA B 857 1.03 4.10 -61.05
C ALA B 857 1.33 4.23 -62.55
N GLY B 858 2.33 5.05 -62.85
CA GLY B 858 2.86 5.16 -64.20
C GLY B 858 4.29 4.67 -64.22
N PHE B 859 4.59 3.70 -65.08
CA PHE B 859 5.86 2.99 -65.01
C PHE B 859 6.39 2.68 -66.40
N MET B 860 7.71 2.56 -66.48
CA MET B 860 8.39 2.12 -67.69
C MET B 860 8.24 0.61 -67.86
N ASN B 861 8.63 0.11 -69.02
CA ASN B 861 8.58 -1.33 -69.27
C ASN B 861 9.59 -2.10 -68.44
N ASP B 862 10.63 -1.43 -67.94
CA ASP B 862 11.63 -2.09 -67.11
C ASP B 862 11.24 -2.17 -65.64
N GLY B 863 10.12 -1.55 -65.25
CA GLY B 863 9.67 -1.58 -63.87
C GLY B 863 9.88 -0.30 -63.09
N ARG B 864 10.44 0.74 -63.70
CA ARG B 864 10.68 2.00 -63.01
C ARG B 864 9.38 2.77 -62.86
N ILE B 865 8.96 3.01 -61.63
CA ILE B 865 7.73 3.75 -61.35
C ILE B 865 8.10 5.23 -61.33
N LEU B 866 7.86 5.91 -62.45
CA LEU B 866 8.17 7.33 -62.58
C LEU B 866 7.05 8.23 -62.12
N ALA B 867 5.88 7.69 -61.81
CA ALA B 867 4.75 8.49 -61.38
C ALA B 867 3.87 7.64 -60.46
N LEU B 868 3.45 8.22 -59.34
CA LEU B 868 2.64 7.51 -58.36
C LEU B 868 1.62 8.46 -57.76
N ASP B 869 0.34 8.12 -57.88
CA ASP B 869 -0.76 8.93 -57.36
C ASP B 869 -1.48 8.08 -56.30
N MET B 870 -1.19 8.36 -55.03
CA MET B 870 -1.57 7.49 -53.93
C MET B 870 -2.67 8.13 -53.09
N GLU B 871 -3.53 7.26 -52.54
CA GLU B 871 -4.60 7.69 -51.65
C GLU B 871 -4.67 6.72 -50.48
N HIS B 872 -4.65 7.25 -49.27
CA HIS B 872 -4.74 6.46 -48.04
C HIS B 872 -6.04 6.78 -47.32
N TYR B 873 -6.76 5.74 -46.91
CA TYR B 873 -7.98 5.87 -46.12
C TYR B 873 -7.87 4.97 -44.91
N SER B 874 -8.16 5.51 -43.73
CA SER B 874 -8.08 4.77 -42.48
C SER B 874 -9.46 4.71 -41.84
N ASN B 875 -9.88 3.52 -41.46
CA ASN B 875 -11.11 3.33 -40.69
C ASN B 875 -10.81 3.75 -39.25
N ALA B 876 -11.36 4.90 -38.84
CA ALA B 876 -11.00 5.51 -37.57
C ALA B 876 -11.89 5.08 -36.41
N GLY B 877 -13.10 4.63 -36.69
CA GLY B 877 -14.04 4.32 -35.63
C GLY B 877 -14.86 5.52 -35.21
N ALA B 878 -15.26 5.56 -33.93
CA ALA B 878 -16.13 6.62 -33.46
C ALA B 878 -15.40 7.96 -33.37
N SER B 879 -14.09 7.94 -33.14
CA SER B 879 -13.31 9.16 -32.96
C SER B 879 -12.17 9.21 -33.97
N LEU B 880 -11.66 10.43 -34.21
CA LEU B 880 -10.66 10.66 -35.24
C LEU B 880 -9.36 11.30 -34.73
N ASP B 881 -9.23 11.54 -33.43
CA ASP B 881 -8.09 12.31 -32.94
C ASP B 881 -6.79 11.53 -33.09
N GLU B 882 -6.80 10.24 -32.77
CA GLU B 882 -5.60 9.43 -32.93
C GLU B 882 -5.33 9.07 -34.38
N SER B 883 -6.36 9.08 -35.22
CA SER B 883 -6.21 8.59 -36.59
C SER B 883 -5.50 9.61 -37.48
N LEU B 884 -5.63 10.90 -37.17
CA LEU B 884 -4.95 11.91 -37.98
C LEU B 884 -3.44 11.77 -37.90
N PHE B 885 -2.93 11.38 -36.72
CA PHE B 885 -1.50 11.17 -36.58
C PHE B 885 -1.04 9.93 -37.33
N VAL B 886 -1.88 8.88 -37.36
CA VAL B 886 -1.52 7.66 -38.08
C VAL B 886 -1.45 7.93 -39.58
N ILE B 887 -2.40 8.70 -40.10
CA ILE B 887 -2.37 9.07 -41.51
C ILE B 887 -1.11 9.87 -41.83
N GLU B 888 -0.75 10.80 -40.95
CA GLU B 888 0.44 11.62 -41.17
C GLU B 888 1.69 10.76 -41.24
N MET B 889 1.84 9.82 -40.31
CA MET B 889 3.00 8.92 -40.34
C MET B 889 2.95 7.98 -41.53
N GLY B 890 1.76 7.60 -41.98
CA GLY B 890 1.66 6.75 -43.15
C GLY B 890 2.19 7.42 -44.40
N LEU B 891 1.85 8.70 -44.59
CA LEU B 891 2.35 9.44 -45.75
C LEU B 891 3.85 9.62 -45.68
N LEU B 892 4.38 9.91 -44.48
CA LEU B 892 5.81 10.16 -44.31
C LEU B 892 6.67 8.92 -44.44
N LYS B 893 6.06 7.72 -44.42
CA LYS B 893 6.82 6.48 -44.50
C LYS B 893 6.35 5.57 -45.63
N MET B 894 5.39 6.00 -46.44
CA MET B 894 4.91 5.13 -47.51
C MET B 894 5.98 4.86 -48.56
N ASP B 895 6.95 5.77 -48.69
CA ASP B 895 7.99 5.59 -49.71
C ASP B 895 8.82 4.34 -49.44
N ASN B 896 8.97 3.97 -48.18
CA ASN B 896 9.77 2.81 -47.78
C ASN B 896 11.17 2.88 -48.37
N ALA B 897 11.57 1.86 -49.14
CA ALA B 897 12.92 1.78 -49.65
C ALA B 897 13.06 2.31 -51.07
N TYR B 898 12.06 3.03 -51.57
CA TYR B 898 11.97 3.36 -52.99
C TYR B 898 12.00 4.86 -53.21
N LYS B 899 12.81 5.30 -54.16
CA LYS B 899 12.84 6.69 -54.61
C LYS B 899 11.79 6.84 -55.70
N PHE B 900 10.64 7.42 -55.35
CA PHE B 900 9.61 7.72 -56.32
C PHE B 900 9.75 9.17 -56.78
N PRO B 901 10.28 9.42 -57.98
CA PRO B 901 10.14 10.76 -58.55
C PRO B 901 8.71 10.98 -59.00
N ASN B 902 8.25 12.22 -58.89
CA ASN B 902 6.88 12.58 -59.25
C ASN B 902 5.88 11.76 -58.45
N LEU B 903 5.68 12.11 -57.19
CA LEU B 903 4.83 11.36 -56.27
C LEU B 903 3.79 12.29 -55.65
N ARG B 904 2.56 11.79 -55.57
CA ARG B 904 1.47 12.49 -54.91
C ARG B 904 0.77 11.53 -53.97
N CYS B 905 0.84 11.82 -52.67
CA CYS B 905 0.17 11.02 -51.64
C CYS B 905 -0.82 11.89 -50.86
N ARG B 906 -1.98 11.30 -50.55
CA ARG B 906 -3.01 11.96 -49.79
C ARG B 906 -3.67 10.97 -48.85
N GLY B 907 -4.15 11.47 -47.72
CA GLY B 907 -4.74 10.61 -46.71
C GLY B 907 -5.88 11.28 -45.98
N TRP B 908 -6.85 10.47 -45.56
CA TRP B 908 -7.98 10.92 -44.76
C TRP B 908 -8.33 9.86 -43.74
N ALA B 909 -8.85 10.32 -42.60
CA ALA B 909 -9.42 9.43 -41.58
C ALA B 909 -10.93 9.47 -41.68
N CYS B 910 -11.56 8.33 -41.46
CA CYS B 910 -12.99 8.15 -41.73
C CYS B 910 -13.70 7.67 -40.47
N ARG B 911 -14.73 8.43 -40.07
CA ARG B 911 -15.57 8.01 -38.95
C ARG B 911 -16.46 6.84 -39.35
N THR B 912 -16.56 5.85 -38.46
CA THR B 912 -17.49 4.74 -38.61
C THR B 912 -18.13 4.45 -37.27
N ASN B 913 -19.21 3.67 -37.30
CA ASN B 913 -19.89 3.25 -36.07
C ASN B 913 -19.27 1.95 -35.54
N LEU B 914 -17.98 2.04 -35.25
CA LEU B 914 -17.19 0.93 -34.72
C LEU B 914 -16.33 1.47 -33.59
N PRO B 915 -15.80 0.58 -32.75
CA PRO B 915 -14.87 1.04 -31.70
C PRO B 915 -13.74 1.86 -32.28
N SER B 916 -13.51 3.03 -31.71
CA SER B 916 -12.49 3.94 -32.21
C SER B 916 -11.11 3.31 -32.07
N ASN B 917 -10.37 3.30 -33.17
CA ASN B 917 -9.09 2.60 -33.22
C ASN B 917 -7.99 3.46 -32.62
N THR B 918 -6.93 2.79 -32.16
CA THR B 918 -5.88 3.38 -31.35
C THR B 918 -4.54 3.30 -32.10
N ALA B 919 -3.49 3.76 -31.42
CA ALA B 919 -2.14 3.59 -31.93
C ALA B 919 -1.72 2.12 -31.80
N PHE B 920 -0.78 1.72 -32.66
CA PHE B 920 -0.35 0.34 -32.71
C PHE B 920 1.11 0.31 -33.16
N ARG B 921 1.80 -0.77 -32.79
CA ARG B 921 3.18 -1.02 -33.21
C ARG B 921 3.35 -0.77 -34.71
N GLY B 922 4.08 0.27 -35.06
CA GLY B 922 4.27 0.64 -36.45
C GLY B 922 3.77 2.04 -36.75
N PHE B 923 2.61 2.38 -36.19
CA PHE B 923 2.03 3.71 -36.29
C PHE B 923 1.84 4.12 -37.77
N GLY B 924 1.02 3.34 -38.46
CA GLY B 924 0.67 3.61 -39.84
C GLY B 924 1.62 3.00 -40.86
N PHE B 925 2.84 2.64 -40.47
CA PHE B 925 3.79 2.10 -41.44
C PHE B 925 3.39 0.72 -41.94
N PRO B 926 2.98 -0.25 -41.10
CA PRO B 926 2.59 -1.55 -41.66
C PRO B 926 1.45 -1.46 -42.65
N GLN B 927 0.59 -0.45 -42.53
CA GLN B 927 -0.46 -0.24 -43.52
C GLN B 927 0.09 0.44 -44.77
N ALA B 928 0.70 1.62 -44.60
CA ALA B 928 1.12 2.42 -45.75
C ALA B 928 2.14 1.68 -46.61
N ALA B 929 3.07 0.95 -45.97
CA ALA B 929 4.08 0.23 -46.74
C ALA B 929 3.48 -0.98 -47.46
N LEU B 930 2.47 -1.62 -46.86
CA LEU B 930 1.78 -2.70 -47.55
C LEU B 930 1.06 -2.19 -48.79
N ILE B 931 0.54 -0.95 -48.74
CA ILE B 931 -0.08 -0.38 -49.93
C ILE B 931 0.96 -0.17 -51.03
N THR B 932 2.16 0.28 -50.65
CA THR B 932 3.21 0.53 -51.63
C THR B 932 3.71 -0.77 -52.24
N GLU B 933 3.96 -1.78 -51.41
CA GLU B 933 4.43 -3.06 -51.93
C GLU B 933 3.39 -3.74 -52.79
N SER B 934 2.11 -3.55 -52.48
CA SER B 934 1.05 -4.09 -53.34
C SER B 934 1.06 -3.43 -54.70
N CYS B 935 1.36 -2.14 -54.76
CA CYS B 935 1.44 -1.44 -56.04
C CYS B 935 2.65 -1.92 -56.84
N ILE B 936 3.77 -2.15 -56.16
CA ILE B 936 4.98 -2.62 -56.84
C ILE B 936 4.76 -4.02 -57.40
N THR B 937 4.09 -4.88 -56.64
CA THR B 937 3.80 -6.24 -57.12
C THR B 937 2.88 -6.21 -58.33
N GLU B 938 1.91 -5.29 -58.35
CA GLU B 938 1.01 -5.17 -59.49
C GLU B 938 1.74 -4.64 -60.72
N VAL B 939 2.67 -3.70 -60.53
CA VAL B 939 3.49 -3.21 -61.63
C VAL B 939 4.36 -4.33 -62.17
N ALA B 940 4.88 -5.18 -61.28
CA ALA B 940 5.73 -6.29 -61.71
C ALA B 940 4.97 -7.25 -62.61
N ALA B 941 3.69 -7.48 -62.32
CA ALA B 941 2.90 -8.40 -63.14
C ALA B 941 2.72 -7.86 -64.55
N LYS B 942 2.58 -6.54 -64.69
CA LYS B 942 2.40 -5.95 -66.02
C LYS B 942 3.70 -5.99 -66.81
N CYS B 943 4.84 -5.84 -66.13
CA CYS B 943 6.13 -5.79 -66.81
C CYS B 943 6.71 -7.17 -67.09
N GLY B 944 6.10 -8.23 -66.58
CA GLY B 944 6.69 -9.55 -66.73
C GLY B 944 7.96 -9.71 -65.93
N LEU B 945 8.01 -9.16 -64.72
CA LEU B 945 9.17 -9.21 -63.86
C LEU B 945 8.77 -9.69 -62.48
N SER B 946 9.70 -10.32 -61.78
CA SER B 946 9.45 -10.67 -60.40
C SER B 946 9.41 -9.41 -59.55
N PRO B 947 8.59 -9.38 -58.49
CA PRO B 947 8.53 -8.18 -57.65
C PRO B 947 9.89 -7.79 -57.08
N GLU B 948 10.76 -8.76 -56.81
CA GLU B 948 12.08 -8.46 -56.26
C GLU B 948 12.92 -7.67 -57.26
N LYS B 949 12.79 -7.98 -58.55
CA LYS B 949 13.51 -7.20 -59.55
C LYS B 949 13.00 -5.78 -59.62
N VAL B 950 11.67 -5.61 -59.68
CA VAL B 950 11.08 -4.26 -59.70
C VAL B 950 11.49 -3.48 -58.45
N ARG B 951 11.62 -4.15 -57.31
CA ARG B 951 12.00 -3.46 -56.08
C ARG B 951 13.41 -2.90 -56.16
N ILE B 952 14.35 -3.67 -56.73
CA ILE B 952 15.74 -3.24 -56.71
C ILE B 952 16.02 -2.15 -57.73
N ILE B 953 15.25 -2.08 -58.83
CA ILE B 953 15.42 -0.99 -59.77
C ILE B 953 14.79 0.30 -59.25
N ASN B 954 13.83 0.21 -58.33
CA ASN B 954 13.16 1.37 -57.76
C ASN B 954 13.77 1.81 -56.44
N MET B 955 14.78 1.12 -55.94
CA MET B 955 15.30 1.37 -54.61
C MET B 955 16.09 2.68 -54.56
N TYR B 956 16.09 3.30 -53.38
CA TYR B 956 16.91 4.49 -53.14
C TYR B 956 18.37 4.20 -53.46
N LYS B 957 19.06 5.21 -53.98
CA LYS B 957 20.51 5.13 -54.13
C LYS B 957 21.17 5.40 -52.78
N GLU B 958 22.49 5.27 -52.74
CA GLU B 958 23.21 5.43 -51.47
C GLU B 958 22.94 6.80 -50.86
N ILE B 959 23.02 7.85 -51.66
CA ILE B 959 22.65 9.21 -51.25
C ILE B 959 21.43 9.60 -52.07
N ASP B 960 20.34 9.93 -51.39
CA ASP B 960 19.10 10.24 -52.08
C ASP B 960 18.26 11.19 -51.21
N GLN B 961 17.03 11.43 -51.65
CA GLN B 961 16.15 12.41 -51.02
C GLN B 961 14.74 11.85 -50.95
N THR B 962 14.07 12.12 -49.84
CA THR B 962 12.72 11.61 -49.58
C THR B 962 11.69 12.57 -50.15
N PRO B 963 10.42 12.12 -50.23
CA PRO B 963 9.37 13.05 -50.68
C PRO B 963 9.25 14.30 -49.83
N TYR B 964 9.58 14.24 -48.54
CA TYR B 964 9.55 15.40 -47.68
C TYR B 964 10.87 16.16 -47.67
N LYS B 965 11.72 15.93 -48.67
CA LYS B 965 12.94 16.71 -48.90
C LYS B 965 13.93 16.56 -47.75
N GLN B 966 14.09 15.34 -47.25
CA GLN B 966 15.11 15.02 -46.25
C GLN B 966 16.16 14.14 -46.89
N GLU B 967 17.42 14.54 -46.76
CA GLU B 967 18.51 13.74 -47.31
C GLU B 967 18.75 12.51 -46.44
N ILE B 968 18.98 11.37 -47.10
CA ILE B 968 19.19 10.10 -46.42
C ILE B 968 20.43 9.42 -46.97
N ASN B 969 21.03 8.56 -46.14
CA ASN B 969 22.13 7.69 -46.55
C ASN B 969 21.60 6.26 -46.52
N ALA B 970 21.39 5.69 -47.71
CA ALA B 970 20.80 4.37 -47.84
C ALA B 970 21.83 3.29 -48.13
N LYS B 971 23.07 3.49 -47.66
CA LYS B 971 24.09 2.45 -47.82
C LYS B 971 23.68 1.17 -47.06
N ASN B 972 23.16 1.33 -45.85
CA ASN B 972 22.74 0.16 -45.07
C ASN B 972 21.48 -0.47 -45.63
N LEU B 973 20.66 0.31 -46.34
CA LEU B 973 19.49 -0.26 -47.00
C LEU B 973 19.92 -1.20 -48.12
N ILE B 974 20.84 -0.75 -48.97
CA ILE B 974 21.36 -1.61 -50.03
C ILE B 974 22.09 -2.80 -49.43
N GLN B 975 22.88 -2.57 -48.38
CA GLN B 975 23.65 -3.66 -47.77
C GLN B 975 22.73 -4.69 -47.14
N CYS B 976 21.65 -4.25 -46.50
CA CYS B 976 20.70 -5.21 -45.92
C CYS B 976 20.06 -6.07 -46.99
N TRP B 977 19.79 -5.50 -48.17
CA TRP B 977 19.24 -6.27 -49.27
C TRP B 977 20.27 -7.23 -49.83
N ARG B 978 21.52 -6.78 -49.99
CA ARG B 978 22.57 -7.65 -50.53
C ARG B 978 22.82 -8.83 -49.60
N GLU B 979 22.98 -8.56 -48.31
CA GLU B 979 23.32 -9.62 -47.37
C GLU B 979 22.15 -10.59 -47.18
N CYS B 980 20.91 -10.10 -47.28
CA CYS B 980 19.76 -10.98 -47.16
C CYS B 980 19.68 -11.93 -48.36
N MET B 981 20.03 -11.44 -49.55
CA MET B 981 20.06 -12.31 -50.73
C MET B 981 21.12 -13.38 -50.59
N ALA B 982 22.29 -13.02 -50.03
CA ALA B 982 23.37 -14.00 -49.88
C ALA B 982 23.06 -14.99 -48.76
N MET B 983 22.56 -14.50 -47.63
CA MET B 983 22.32 -15.38 -46.48
C MET B 983 21.20 -16.37 -46.76
N SER B 984 20.16 -15.94 -47.50
CA SER B 984 19.01 -16.78 -47.74
C SER B 984 19.15 -17.69 -48.95
N SER B 985 20.22 -17.54 -49.73
CA SER B 985 20.41 -18.29 -50.98
C SER B 985 19.19 -18.12 -51.89
N TYR B 986 18.82 -16.86 -52.13
CA TYR B 986 17.56 -16.55 -52.78
C TYR B 986 17.51 -17.14 -54.20
N SER B 987 18.54 -16.88 -55.00
CA SER B 987 18.52 -17.31 -56.40
C SER B 987 18.39 -18.81 -56.53
N LEU B 988 19.03 -19.56 -55.62
CA LEU B 988 18.90 -21.02 -55.65
C LEU B 988 17.49 -21.46 -55.25
N ARG B 989 16.99 -20.94 -54.12
CA ARG B 989 15.64 -21.29 -53.69
C ARG B 989 14.60 -20.85 -54.71
N LYS B 990 14.83 -19.71 -55.37
CA LYS B 990 13.91 -19.24 -56.39
C LYS B 990 13.73 -20.29 -57.49
N VAL B 991 14.84 -20.87 -57.95
CA VAL B 991 14.77 -21.90 -58.98
C VAL B 991 14.04 -23.13 -58.45
N ALA B 992 14.32 -23.51 -57.20
CA ALA B 992 13.70 -24.70 -56.62
C ALA B 992 12.20 -24.52 -56.44
N VAL B 993 11.74 -23.30 -56.12
CA VAL B 993 10.31 -23.08 -55.93
C VAL B 993 9.58 -23.16 -57.26
N GLU B 994 10.16 -22.62 -58.33
CA GLU B 994 9.54 -22.72 -59.66
C GLU B 994 9.57 -24.16 -60.17
N LYS B 995 10.59 -24.93 -59.81
CA LYS B 995 10.61 -26.34 -60.18
C LYS B 995 9.54 -27.12 -59.42
N PHE B 996 9.30 -26.76 -58.15
CA PHE B 996 8.24 -27.40 -57.39
C PHE B 996 6.87 -27.06 -57.97
N ASN B 997 6.64 -25.78 -58.27
CA ASN B 997 5.35 -25.37 -58.83
C ASN B 997 5.10 -25.97 -60.20
N ALA B 998 6.16 -26.34 -60.93
CA ALA B 998 5.97 -26.98 -62.23
C ALA B 998 5.60 -28.46 -62.10
N GLU B 999 5.98 -29.10 -61.00
CA GLU B 999 5.73 -30.51 -60.78
C GLU B 999 4.53 -30.79 -59.90
N ASN B 1000 3.87 -29.75 -59.37
CA ASN B 1000 2.74 -29.94 -58.48
C ASN B 1000 1.63 -28.97 -58.86
N TYR B 1001 0.39 -29.46 -58.81
CA TYR B 1001 -0.79 -28.73 -59.23
C TYR B 1001 -1.65 -28.24 -58.08
N TRP B 1002 -1.85 -29.07 -57.06
CA TRP B 1002 -2.69 -28.72 -55.93
C TRP B 1002 -1.91 -28.20 -54.73
N LYS B 1003 -0.58 -28.07 -54.86
CA LYS B 1003 0.25 -27.48 -53.81
C LYS B 1003 1.29 -26.60 -54.48
N LYS B 1004 1.44 -25.38 -53.97
CA LYS B 1004 2.37 -24.41 -54.56
C LYS B 1004 3.24 -23.81 -53.46
N LYS B 1005 4.51 -23.64 -53.77
CA LYS B 1005 5.44 -22.92 -52.90
C LYS B 1005 5.60 -21.49 -53.39
N GLY B 1006 5.92 -20.60 -52.47
CA GLY B 1006 6.06 -19.18 -52.79
C GLY B 1006 7.26 -18.59 -52.08
N LEU B 1007 7.85 -17.57 -52.72
CA LEU B 1007 9.04 -16.91 -52.21
C LEU B 1007 8.95 -15.42 -52.49
N ALA B 1008 9.40 -14.62 -51.53
CA ALA B 1008 9.34 -13.18 -51.66
C ALA B 1008 10.33 -12.53 -50.69
N MET B 1009 10.78 -11.33 -51.05
CA MET B 1009 11.68 -10.55 -50.22
C MET B 1009 11.29 -9.08 -50.28
N VAL B 1010 11.21 -8.44 -49.12
CA VAL B 1010 10.82 -7.04 -49.04
C VAL B 1010 11.90 -6.23 -48.32
N PRO B 1011 12.14 -4.99 -48.71
CA PRO B 1011 13.10 -4.14 -47.98
C PRO B 1011 12.42 -3.29 -46.93
N LEU B 1012 13.20 -2.66 -46.05
CA LEU B 1012 12.66 -1.94 -44.91
C LEU B 1012 13.39 -0.62 -44.72
N LYS B 1013 12.64 0.49 -44.71
CA LYS B 1013 13.12 1.77 -44.23
C LYS B 1013 12.09 2.27 -43.22
N PHE B 1014 12.34 2.01 -41.93
CA PHE B 1014 11.46 2.50 -40.88
C PHE B 1014 12.06 3.77 -40.29
N PRO B 1015 11.58 4.95 -40.66
CA PRO B 1015 12.13 6.18 -40.06
C PRO B 1015 11.64 6.32 -38.63
N VAL B 1016 12.51 6.90 -37.80
CA VAL B 1016 12.26 7.04 -36.37
C VAL B 1016 12.33 8.52 -36.02
N GLY B 1017 11.22 9.04 -35.50
CA GLY B 1017 11.16 10.44 -35.13
C GLY B 1017 9.78 10.92 -34.78
N LEU B 1018 9.67 11.69 -33.70
CA LEU B 1018 8.42 12.30 -33.30
C LEU B 1018 8.23 13.65 -33.99
N GLY B 1019 7.03 14.21 -33.88
CA GLY B 1019 6.69 15.41 -34.62
C GLY B 1019 7.45 16.64 -34.17
N SER B 1020 7.87 16.68 -32.91
CA SER B 1020 8.49 17.88 -32.35
C SER B 1020 9.65 17.49 -31.44
N ARG B 1021 10.42 18.50 -31.03
CA ARG B 1021 11.49 18.28 -30.07
C ARG B 1021 10.96 18.09 -28.66
N ALA B 1022 9.88 18.80 -28.31
CA ALA B 1022 9.31 18.65 -26.98
C ALA B 1022 8.73 17.26 -26.75
N ALA B 1023 8.26 16.61 -27.82
CA ALA B 1023 7.72 15.26 -27.69
C ALA B 1023 8.79 14.22 -27.39
N GLY B 1024 10.06 14.55 -27.63
CA GLY B 1024 11.15 13.63 -27.42
C GLY B 1024 11.96 13.85 -26.16
N GLN B 1025 11.57 14.80 -25.31
CA GLN B 1025 12.32 15.05 -24.09
C GLN B 1025 12.08 13.94 -23.07
N ALA B 1026 13.10 13.67 -22.26
CA ALA B 1026 13.04 12.63 -21.25
C ALA B 1026 13.82 13.10 -20.02
N ALA B 1027 13.49 12.50 -18.87
CA ALA B 1027 14.11 12.88 -17.61
C ALA B 1027 14.35 11.63 -16.77
N ALA B 1028 15.24 11.77 -15.79
CA ALA B 1028 15.60 10.68 -14.90
C ALA B 1028 16.04 11.24 -13.56
N LEU B 1029 16.08 10.35 -12.57
CA LEU B 1029 16.49 10.71 -11.21
C LEU B 1029 17.36 9.59 -10.66
N VAL B 1030 18.59 9.92 -10.30
CA VAL B 1030 19.57 8.93 -9.83
C VAL B 1030 20.01 9.32 -8.43
N HIS B 1031 19.99 8.34 -7.52
CA HIS B 1031 20.48 8.51 -6.15
C HIS B 1031 21.67 7.59 -5.93
N ILE B 1032 22.67 8.11 -5.22
CA ILE B 1032 23.79 7.31 -4.74
C ILE B 1032 23.75 7.33 -3.22
N TYR B 1033 23.50 6.17 -2.62
CA TYR B 1033 23.47 6.07 -1.16
C TYR B 1033 24.87 5.85 -0.61
N LEU B 1034 25.02 6.11 0.68
CA LEU B 1034 26.35 6.14 1.30
C LEU B 1034 27.02 4.78 1.34
N ASP B 1035 26.29 3.69 1.12
CA ASP B 1035 26.92 2.38 1.02
C ASP B 1035 27.44 2.08 -0.38
N GLY B 1036 27.23 2.99 -1.33
CA GLY B 1036 27.71 2.83 -2.69
C GLY B 1036 26.64 2.40 -3.69
N SER B 1037 25.50 1.91 -3.21
CA SER B 1037 24.45 1.45 -4.11
C SER B 1037 23.73 2.62 -4.77
N VAL B 1038 23.11 2.34 -5.90
CA VAL B 1038 22.49 3.36 -6.73
C VAL B 1038 21.03 2.98 -7.00
N LEU B 1039 20.14 3.96 -6.87
CA LEU B 1039 18.74 3.83 -7.25
C LEU B 1039 18.48 4.78 -8.41
N VAL B 1040 17.93 4.25 -9.51
CA VAL B 1040 17.68 5.02 -10.72
C VAL B 1040 16.21 4.85 -11.11
N THR B 1041 15.62 5.93 -11.63
CA THR B 1041 14.28 5.88 -12.20
C THR B 1041 14.21 6.89 -13.33
N HIS B 1042 13.23 6.69 -14.21
CA HIS B 1042 13.06 7.53 -15.39
C HIS B 1042 11.60 7.49 -15.80
N GLY B 1043 11.28 8.26 -16.85
CA GLY B 1043 9.92 8.35 -17.32
C GLY B 1043 9.44 7.21 -18.20
N GLY B 1044 10.35 6.34 -18.63
CA GLY B 1044 9.95 5.24 -19.49
C GLY B 1044 9.20 4.15 -18.76
N ILE B 1045 8.41 3.42 -19.52
CA ILE B 1045 7.57 2.35 -18.99
C ILE B 1045 8.09 1.02 -19.52
N GLU B 1046 8.16 0.02 -18.63
CA GLU B 1046 8.53 -1.33 -19.01
C GLU B 1046 7.30 -2.07 -19.49
N MET B 1047 7.24 -2.35 -20.79
CA MET B 1047 6.17 -3.15 -21.38
C MET B 1047 6.66 -4.52 -21.81
N GLY B 1048 7.89 -4.87 -21.48
CA GLY B 1048 8.52 -6.09 -21.96
C GLY B 1048 9.64 -5.87 -22.95
N GLN B 1049 9.89 -4.62 -23.34
CA GLN B 1049 10.93 -4.29 -24.32
C GLN B 1049 12.32 -4.19 -23.70
N GLY B 1050 12.45 -4.30 -22.38
CA GLY B 1050 13.75 -4.31 -21.75
C GLY B 1050 14.36 -2.95 -21.52
N VAL B 1051 13.54 -1.91 -21.32
CA VAL B 1051 14.08 -0.56 -21.17
C VAL B 1051 14.78 -0.41 -19.84
N HIS B 1052 14.25 -1.03 -18.78
CA HIS B 1052 14.90 -0.93 -17.48
C HIS B 1052 16.23 -1.68 -17.45
N THR B 1053 16.32 -2.79 -18.17
CA THR B 1053 17.59 -3.49 -18.30
C THR B 1053 18.62 -2.62 -19.01
N LYS B 1054 18.21 -1.94 -20.09
CA LYS B 1054 19.13 -1.07 -20.81
C LYS B 1054 19.52 0.15 -19.99
N MET B 1055 18.60 0.65 -19.16
CA MET B 1055 18.91 1.81 -18.32
C MET B 1055 20.01 1.47 -17.31
N ILE B 1056 19.93 0.29 -16.70
CA ILE B 1056 20.96 -0.11 -15.74
C ILE B 1056 22.24 -0.49 -16.47
N GLN B 1057 22.14 -0.96 -17.72
CA GLN B 1057 23.33 -1.13 -18.54
C GLN B 1057 24.05 0.20 -18.75
N VAL B 1058 23.28 1.29 -18.87
CA VAL B 1058 23.88 2.61 -19.05
C VAL B 1058 24.56 3.07 -17.78
N VAL B 1059 23.88 2.93 -16.64
CA VAL B 1059 24.46 3.34 -15.36
C VAL B 1059 25.73 2.56 -15.08
N SER B 1060 25.73 1.27 -15.40
CA SER B 1060 26.91 0.43 -15.14
C SER B 1060 28.12 0.92 -15.93
N ARG B 1061 27.90 1.48 -17.11
CA ARG B 1061 29.02 2.01 -17.89
C ARG B 1061 29.42 3.40 -17.43
N GLU B 1062 28.44 4.29 -17.25
CA GLU B 1062 28.74 5.69 -16.98
C GLU B 1062 29.36 5.88 -15.61
N LEU B 1063 28.93 5.11 -14.62
CA LEU B 1063 29.49 5.19 -13.28
C LEU B 1063 30.55 4.13 -13.01
N ARG B 1064 30.84 3.28 -13.98
CA ARG B 1064 31.88 2.25 -13.88
C ARG B 1064 31.69 1.40 -12.63
N MET B 1065 30.55 0.71 -12.59
CA MET B 1065 30.17 -0.14 -11.48
C MET B 1065 29.34 -1.29 -12.00
N PRO B 1066 29.35 -2.44 -11.34
CA PRO B 1066 28.57 -3.58 -11.81
C PRO B 1066 27.06 -3.30 -11.75
N MET B 1067 26.33 -4.01 -12.59
CA MET B 1067 24.88 -3.84 -12.62
C MET B 1067 24.22 -4.25 -11.31
N SER B 1068 24.87 -5.15 -10.56
CA SER B 1068 24.32 -5.58 -9.28
C SER B 1068 24.38 -4.48 -8.22
N ASN B 1069 25.15 -3.42 -8.45
CA ASN B 1069 25.19 -2.28 -7.56
C ASN B 1069 24.10 -1.25 -7.88
N VAL B 1070 23.34 -1.47 -8.95
CA VAL B 1070 22.28 -0.56 -9.36
C VAL B 1070 20.94 -1.28 -9.22
N HIS B 1071 19.91 -0.51 -8.86
CA HIS B 1071 18.57 -1.06 -8.76
C HIS B 1071 17.57 -0.01 -9.23
N LEU B 1072 16.45 -0.50 -9.79
CA LEU B 1072 15.34 0.33 -10.21
C LEU B 1072 14.05 -0.28 -9.70
N ARG B 1073 13.17 0.58 -9.18
CA ARG B 1073 11.88 0.11 -8.65
C ARG B 1073 10.78 0.16 -9.69
N GLY B 1074 10.62 1.28 -10.37
CA GLY B 1074 9.61 1.43 -11.40
C GLY B 1074 9.48 2.84 -11.94
N THR B 1075 8.28 3.25 -12.33
CA THR B 1075 8.03 4.57 -12.89
C THR B 1075 6.94 5.26 -12.09
N SER B 1076 7.14 6.54 -11.80
CA SER B 1076 6.20 7.28 -10.98
C SER B 1076 6.25 8.75 -11.35
N THR B 1077 5.08 9.41 -11.31
CA THR B 1077 5.02 10.84 -11.49
C THR B 1077 5.48 11.62 -10.27
N GLU B 1078 5.73 10.93 -9.15
CA GLU B 1078 6.24 11.56 -7.94
C GLU B 1078 7.76 11.70 -7.95
N THR B 1079 8.45 10.91 -8.76
CA THR B 1079 9.91 10.99 -8.87
C THR B 1079 10.37 11.66 -10.15
N VAL B 1080 9.75 11.35 -11.28
CA VAL B 1080 10.10 11.97 -12.56
C VAL B 1080 8.84 12.58 -13.16
N PRO B 1081 8.70 13.91 -13.15
CA PRO B 1081 7.48 14.53 -13.65
C PRO B 1081 7.52 14.85 -15.13
N ASN B 1082 6.33 15.03 -15.70
CA ASN B 1082 6.16 15.53 -17.06
C ASN B 1082 6.84 14.62 -18.09
N ALA B 1083 6.73 13.31 -17.89
CA ALA B 1083 7.32 12.36 -18.82
C ALA B 1083 6.40 12.13 -20.00
N ASN B 1084 6.99 11.96 -21.18
CA ASN B 1084 6.21 11.75 -22.39
C ASN B 1084 5.72 10.30 -22.46
N ILE B 1085 4.91 10.02 -23.49
CA ILE B 1085 4.37 8.69 -23.67
C ILE B 1085 5.50 7.69 -23.93
N SER B 1086 5.37 6.49 -23.38
CA SER B 1086 6.31 5.41 -23.65
C SER B 1086 5.93 4.79 -24.99
N GLY B 1087 6.42 5.43 -26.05
CA GLY B 1087 6.12 4.97 -27.40
C GLY B 1087 6.95 5.72 -28.41
N GLY B 1088 6.70 5.41 -29.68
CA GLY B 1088 7.43 6.03 -30.76
C GLY B 1088 8.77 5.39 -31.06
N SER B 1089 9.04 4.20 -30.52
CA SER B 1089 10.26 3.44 -30.81
C SER B 1089 11.51 4.16 -30.31
N VAL B 1090 11.38 4.96 -29.24
CA VAL B 1090 12.50 5.78 -28.77
C VAL B 1090 12.58 5.78 -27.25
N VAL B 1091 11.88 4.85 -26.59
CA VAL B 1091 11.79 4.89 -25.13
C VAL B 1091 13.17 4.71 -24.50
N ALA B 1092 13.91 3.70 -24.96
CA ALA B 1092 15.25 3.48 -24.43
C ALA B 1092 16.21 4.57 -24.91
N ASP B 1093 15.97 5.11 -26.11
CA ASP B 1093 16.85 6.14 -26.67
C ASP B 1093 16.89 7.37 -25.77
N LEU B 1094 15.73 7.96 -25.49
CA LEU B 1094 15.68 9.25 -24.82
C LEU B 1094 15.92 9.12 -23.32
N ASN B 1095 15.29 8.13 -22.68
CA ASN B 1095 15.55 7.91 -21.26
C ASN B 1095 16.98 7.45 -21.01
N GLY B 1096 17.60 6.80 -22.00
CA GLY B 1096 19.00 6.46 -21.89
C GLY B 1096 19.89 7.69 -21.86
N LEU B 1097 19.59 8.68 -22.70
CA LEU B 1097 20.35 9.92 -22.70
C LEU B 1097 20.10 10.71 -21.43
N ALA B 1098 18.89 10.64 -20.87
CA ALA B 1098 18.61 11.33 -19.62
C ALA B 1098 19.32 10.65 -18.45
N VAL B 1099 19.26 9.32 -18.39
CA VAL B 1099 20.00 8.58 -17.37
C VAL B 1099 21.49 8.83 -17.50
N LYS B 1100 21.98 8.85 -18.74
CA LYS B 1100 23.40 9.16 -18.98
C LYS B 1100 23.74 10.56 -18.50
N ASP B 1101 22.81 11.51 -18.65
CA ASP B 1101 23.05 12.88 -18.22
C ASP B 1101 23.18 12.96 -16.70
N ALA B 1102 22.32 12.26 -15.97
CA ALA B 1102 22.40 12.27 -14.51
C ALA B 1102 23.68 11.63 -14.02
N CYS B 1103 24.10 10.52 -14.66
CA CYS B 1103 25.32 9.85 -14.25
C CYS B 1103 26.55 10.73 -14.48
N GLN B 1104 26.58 11.47 -15.58
CA GLN B 1104 27.72 12.33 -15.87
C GLN B 1104 27.77 13.51 -14.90
N THR B 1105 26.60 14.02 -14.51
CA THR B 1105 26.57 15.09 -13.50
C THR B 1105 27.16 14.61 -12.18
N LEU B 1106 26.83 13.37 -11.78
CA LEU B 1106 27.37 12.83 -10.54
C LEU B 1106 28.86 12.57 -10.65
N LEU B 1107 29.31 12.06 -11.80
CA LEU B 1107 30.74 11.76 -11.97
C LEU B 1107 31.57 13.03 -12.00
N LYS B 1108 31.01 14.14 -12.48
CA LYS B 1108 31.74 15.41 -12.46
C LYS B 1108 31.89 15.93 -11.03
N ARG B 1109 30.82 15.87 -10.25
CA ARG B 1109 30.89 16.32 -8.86
C ARG B 1109 31.94 15.55 -8.07
N LEU B 1110 32.02 14.25 -8.29
CA LEU B 1110 32.87 13.37 -7.49
C LEU B 1110 34.31 13.36 -7.94
N GLU B 1111 34.59 13.64 -9.22
CA GLU B 1111 35.92 13.53 -9.83
C GLU B 1111 37.05 13.97 -8.93
N PRO B 1112 36.95 15.10 -8.20
CA PRO B 1112 38.01 15.40 -7.21
C PRO B 1112 38.21 14.31 -6.18
N ILE B 1113 37.16 13.56 -5.85
CA ILE B 1113 37.26 12.53 -4.82
C ILE B 1113 37.85 11.23 -5.40
N ILE B 1114 37.44 10.81 -6.60
CA ILE B 1114 38.03 9.61 -7.18
C ILE B 1114 39.51 9.82 -7.48
N SER B 1115 39.88 10.98 -8.02
CA SER B 1115 41.29 11.22 -8.31
C SER B 1115 42.14 11.26 -7.04
N LYS B 1116 41.53 11.62 -5.90
CA LYS B 1116 42.26 11.58 -4.63
C LYS B 1116 42.35 10.16 -4.08
N ASN B 1117 41.40 9.30 -4.42
CA ASN B 1117 41.40 7.90 -3.97
C ASN B 1117 40.99 7.01 -5.13
N PRO B 1118 41.87 6.84 -6.13
CA PRO B 1118 41.48 6.04 -7.30
C PRO B 1118 41.32 4.56 -6.99
N LYS B 1119 42.00 4.06 -5.96
CA LYS B 1119 41.89 2.66 -5.59
C LYS B 1119 40.67 2.36 -4.73
N GLY B 1120 39.83 3.37 -4.45
CA GLY B 1120 38.72 3.18 -3.55
C GLY B 1120 37.49 2.57 -4.20
N THR B 1121 36.56 2.15 -3.36
CA THR B 1121 35.29 1.61 -3.81
C THR B 1121 34.24 2.72 -3.90
N TRP B 1122 33.07 2.37 -4.43
CA TRP B 1122 31.99 3.35 -4.50
C TRP B 1122 31.43 3.66 -3.12
N LYS B 1123 31.54 2.72 -2.18
CA LYS B 1123 31.18 3.02 -0.80
C LYS B 1123 32.12 4.05 -0.19
N ASP B 1124 33.42 3.95 -0.50
CA ASP B 1124 34.38 4.92 0.00
C ASP B 1124 34.13 6.30 -0.62
N TRP B 1125 33.90 6.33 -1.94
CA TRP B 1125 33.70 7.60 -2.63
C TRP B 1125 32.41 8.27 -2.18
N ALA B 1126 31.36 7.49 -1.93
CA ALA B 1126 30.07 8.07 -1.53
C ALA B 1126 30.15 8.65 -0.12
N GLN B 1127 30.75 7.90 0.81
CA GLN B 1127 30.88 8.40 2.17
C GLN B 1127 31.78 9.62 2.23
N THR B 1128 32.83 9.66 1.41
CA THR B 1128 33.69 10.83 1.36
C THR B 1128 32.94 12.03 0.80
N ALA B 1129 32.07 11.81 -0.19
CA ALA B 1129 31.28 12.90 -0.74
C ALA B 1129 30.34 13.49 0.29
N PHE B 1130 29.73 12.62 1.11
CA PHE B 1130 28.88 13.11 2.18
C PHE B 1130 29.68 13.92 3.20
N ASP B 1131 30.87 13.45 3.54
CA ASP B 1131 31.70 14.15 4.51
C ASP B 1131 32.16 15.51 4.00
N GLU B 1132 32.33 15.64 2.69
CA GLU B 1132 32.74 16.90 2.07
C GLU B 1132 31.56 17.71 1.54
N SER B 1133 30.33 17.32 1.89
CA SER B 1133 29.11 18.04 1.50
C SER B 1133 28.99 18.14 -0.02
N ILE B 1134 29.02 16.98 -0.67
CA ILE B 1134 28.82 16.86 -2.10
C ILE B 1134 27.50 16.15 -2.34
N ASN B 1135 26.61 16.80 -3.08
CA ASN B 1135 25.29 16.24 -3.35
C ASN B 1135 25.42 14.95 -4.16
N LEU B 1136 24.72 13.90 -3.71
CA LEU B 1136 24.75 12.61 -4.37
C LEU B 1136 23.43 12.28 -5.07
N SER B 1137 22.57 13.27 -5.27
CA SER B 1137 21.35 13.11 -6.05
C SER B 1137 21.41 14.03 -7.26
N ALA B 1138 20.90 13.57 -8.39
CA ALA B 1138 21.00 14.33 -9.63
C ALA B 1138 19.84 14.01 -10.55
N VAL B 1139 19.25 15.05 -11.13
CA VAL B 1139 18.20 14.90 -12.12
C VAL B 1139 18.84 14.91 -13.51
N GLY B 1140 18.57 13.85 -14.27
CA GLY B 1140 19.02 13.78 -15.65
C GLY B 1140 17.95 14.28 -16.59
N TYR B 1141 18.38 14.90 -17.69
CA TYR B 1141 17.43 15.52 -18.60
C TYR B 1141 17.98 15.53 -20.02
N PHE B 1142 17.17 15.11 -20.98
CA PHE B 1142 17.47 15.23 -22.40
C PHE B 1142 16.37 16.04 -23.06
N ARG B 1143 16.76 17.00 -23.91
CA ARG B 1143 15.80 17.94 -24.48
C ARG B 1143 15.01 17.36 -25.63
N GLY B 1144 15.48 16.30 -26.26
CA GLY B 1144 14.75 15.70 -27.36
C GLY B 1144 15.43 15.95 -28.70
N TYR B 1145 15.21 15.03 -29.63
CA TYR B 1145 15.76 15.18 -30.97
C TYR B 1145 15.12 16.36 -31.69
N GLU B 1146 15.90 17.00 -32.56
CA GLU B 1146 15.36 18.05 -33.40
C GLU B 1146 14.43 17.43 -34.45
N SER B 1147 13.24 18.00 -34.59
CA SER B 1147 12.24 17.42 -35.48
C SER B 1147 11.22 18.49 -35.86
N ASP B 1148 10.85 18.50 -37.14
CA ASP B 1148 9.86 19.45 -37.62
C ASP B 1148 9.27 18.93 -38.92
N MET B 1149 8.00 19.23 -39.15
CA MET B 1149 7.32 18.85 -40.38
C MET B 1149 6.33 19.94 -40.75
N ASN B 1150 6.53 20.55 -41.91
CA ASN B 1150 5.65 21.60 -42.43
C ASN B 1150 4.71 20.93 -43.43
N TRP B 1151 3.49 20.63 -42.99
CA TRP B 1151 2.54 19.93 -43.84
C TRP B 1151 1.97 20.82 -44.93
N GLU B 1152 2.06 22.15 -44.78
CA GLU B 1152 1.67 23.04 -45.86
C GLU B 1152 2.58 22.87 -47.07
N LYS B 1153 3.88 23.00 -46.86
CA LYS B 1153 4.85 22.80 -47.94
C LYS B 1153 5.08 21.33 -48.26
N GLY B 1154 4.79 20.43 -47.31
CA GLY B 1154 5.12 19.03 -47.51
C GLY B 1154 6.59 18.72 -47.37
N GLU B 1155 7.32 19.53 -46.58
CA GLU B 1155 8.75 19.38 -46.41
C GLU B 1155 9.08 19.44 -44.92
N GLY B 1156 10.30 19.06 -44.59
CA GLY B 1156 10.77 19.12 -43.22
C GLY B 1156 11.77 18.02 -42.94
N GLN B 1157 12.26 18.02 -41.69
CA GLN B 1157 13.19 17.02 -41.18
C GLN B 1157 12.55 16.36 -39.97
N PRO B 1158 11.61 15.44 -40.18
CA PRO B 1158 10.89 14.87 -39.02
C PRO B 1158 11.61 13.75 -38.30
N PHE B 1159 12.59 13.10 -38.94
CA PHE B 1159 13.16 11.86 -38.40
C PHE B 1159 14.63 12.03 -38.07
N GLU B 1160 15.04 11.39 -36.96
CA GLU B 1160 16.42 11.50 -36.50
C GLU B 1160 17.32 10.47 -37.16
N TYR B 1161 16.80 9.26 -37.38
CA TYR B 1161 17.56 8.20 -38.03
C TYR B 1161 16.58 7.23 -38.68
N PHE B 1162 17.13 6.27 -39.42
CA PHE B 1162 16.34 5.33 -40.19
C PHE B 1162 16.81 3.92 -39.91
N VAL B 1163 15.87 3.04 -39.56
CA VAL B 1163 16.16 1.63 -39.36
C VAL B 1163 15.96 0.90 -40.68
N TYR B 1164 17.03 0.27 -41.18
CA TYR B 1164 17.00 -0.42 -42.46
C TYR B 1164 17.00 -1.93 -42.25
N GLY B 1165 16.48 -2.64 -43.23
CA GLY B 1165 16.43 -4.09 -43.14
C GLY B 1165 15.80 -4.69 -44.38
N ALA B 1166 15.84 -6.02 -44.42
CA ALA B 1166 15.23 -6.79 -45.50
C ALA B 1166 14.89 -8.17 -44.98
N ALA B 1167 13.78 -8.73 -45.48
CA ALA B 1167 13.30 -10.03 -45.02
C ALA B 1167 12.84 -10.86 -46.21
N CYS B 1168 13.21 -12.14 -46.20
CA CYS B 1168 12.84 -13.09 -47.24
C CYS B 1168 12.13 -14.28 -46.61
N SER B 1169 10.92 -14.57 -47.08
CA SER B 1169 10.11 -15.64 -46.51
C SER B 1169 9.71 -16.63 -47.60
N GLU B 1170 9.63 -17.90 -47.24
CA GLU B 1170 9.22 -18.97 -48.14
C GLU B 1170 8.06 -19.73 -47.51
N VAL B 1171 7.02 -19.99 -48.30
CA VAL B 1171 5.82 -20.66 -47.82
C VAL B 1171 5.42 -21.74 -48.81
N GLU B 1172 4.53 -22.62 -48.35
CA GLU B 1172 3.84 -23.59 -49.18
C GLU B 1172 2.36 -23.54 -48.84
N ILE B 1173 1.51 -23.54 -49.86
CA ILE B 1173 0.07 -23.39 -49.67
C ILE B 1173 -0.63 -24.64 -50.16
N ASP B 1174 -1.79 -24.91 -49.56
CA ASP B 1174 -2.69 -25.97 -50.00
C ASP B 1174 -3.78 -25.32 -50.85
N CYS B 1175 -3.72 -25.55 -52.17
CA CYS B 1175 -4.67 -24.92 -53.08
C CYS B 1175 -6.08 -25.46 -52.91
N LEU B 1176 -6.25 -26.62 -52.27
CA LEU B 1176 -7.57 -27.20 -52.08
C LEU B 1176 -8.25 -26.76 -50.79
N THR B 1177 -7.49 -26.27 -49.81
CA THR B 1177 -8.06 -25.88 -48.52
C THR B 1177 -7.71 -24.47 -48.08
N GLY B 1178 -6.75 -23.81 -48.71
CA GLY B 1178 -6.30 -22.51 -48.24
C GLY B 1178 -5.28 -22.56 -47.13
N ASP B 1179 -4.96 -23.75 -46.62
CA ASP B 1179 -3.91 -23.90 -45.61
C ASP B 1179 -2.56 -23.47 -46.18
N HIS B 1180 -1.67 -23.04 -45.29
CA HIS B 1180 -0.33 -22.64 -45.71
C HIS B 1180 0.64 -22.86 -44.56
N LYS B 1181 1.90 -23.10 -44.92
CA LYS B 1181 2.95 -23.39 -43.95
C LYS B 1181 4.12 -22.44 -44.19
N ASN B 1182 4.60 -21.80 -43.12
CA ASN B 1182 5.75 -20.92 -43.21
C ASN B 1182 7.02 -21.75 -43.13
N ILE B 1183 7.73 -21.86 -44.25
CA ILE B 1183 8.86 -22.78 -44.33
C ILE B 1183 10.13 -22.12 -43.75
N ARG B 1184 10.47 -20.93 -44.22
CA ARG B 1184 11.73 -20.32 -43.83
C ARG B 1184 11.64 -18.81 -43.98
N THR B 1185 12.24 -18.10 -43.02
CA THR B 1185 12.33 -16.64 -43.05
C THR B 1185 13.74 -16.22 -42.72
N ASP B 1186 14.30 -15.30 -43.51
CA ASP B 1186 15.64 -14.75 -43.30
C ASP B 1186 15.52 -13.24 -43.15
N ILE B 1187 16.18 -12.69 -42.13
CA ILE B 1187 16.05 -11.29 -41.78
C ILE B 1187 17.43 -10.69 -41.54
N VAL B 1188 17.72 -9.60 -42.24
CA VAL B 1188 18.89 -8.75 -41.95
C VAL B 1188 18.38 -7.39 -41.52
N MET B 1189 18.95 -6.85 -40.46
CA MET B 1189 18.48 -5.59 -39.88
C MET B 1189 19.65 -4.68 -39.57
N ASP B 1190 19.52 -3.40 -39.93
CA ASP B 1190 20.48 -2.37 -39.53
C ASP B 1190 20.04 -1.86 -38.16
N VAL B 1191 20.73 -2.31 -37.11
CA VAL B 1191 20.40 -1.92 -35.74
C VAL B 1191 21.35 -0.83 -35.22
N GLY B 1192 22.47 -0.60 -35.92
CA GLY B 1192 23.48 0.29 -35.39
C GLY B 1192 24.38 -0.48 -34.44
N CYS B 1193 24.66 0.11 -33.29
CA CYS B 1193 25.37 -0.58 -32.22
C CYS B 1193 24.34 -1.03 -31.20
N SER B 1194 24.01 -2.32 -31.23
CA SER B 1194 22.99 -2.85 -30.34
C SER B 1194 23.46 -2.76 -28.89
N ILE B 1195 22.66 -2.09 -28.06
CA ILE B 1195 22.98 -2.01 -26.64
C ILE B 1195 22.81 -3.36 -25.97
N ASN B 1196 21.82 -4.14 -26.41
CA ASN B 1196 21.57 -5.48 -25.88
C ASN B 1196 21.09 -6.34 -27.03
N PRO B 1197 21.96 -7.19 -27.60
CA PRO B 1197 21.55 -8.01 -28.75
C PRO B 1197 20.43 -8.99 -28.43
N ALA B 1198 20.41 -9.55 -27.22
CA ALA B 1198 19.34 -10.48 -26.85
C ALA B 1198 17.99 -9.78 -26.85
N ILE B 1199 17.93 -8.59 -26.25
CA ILE B 1199 16.68 -7.84 -26.23
C ILE B 1199 16.31 -7.39 -27.65
N ASP B 1200 17.29 -6.92 -28.41
CA ASP B 1200 17.00 -6.37 -29.74
C ASP B 1200 16.57 -7.46 -30.71
N ILE B 1201 17.25 -8.61 -30.68
CA ILE B 1201 16.85 -9.72 -31.55
C ILE B 1201 15.46 -10.20 -31.17
N GLY B 1202 15.15 -10.22 -29.88
CA GLY B 1202 13.80 -10.56 -29.45
C GLY B 1202 12.77 -9.54 -29.90
N GLN B 1203 13.18 -8.27 -30.06
CA GLN B 1203 12.27 -7.27 -30.59
C GLN B 1203 11.99 -7.49 -32.08
N ILE B 1204 12.99 -7.97 -32.82
CA ILE B 1204 12.78 -8.27 -34.23
C ILE B 1204 11.84 -9.46 -34.39
N GLU B 1205 12.05 -10.50 -33.58
CA GLU B 1205 11.24 -11.71 -33.68
C GLU B 1205 9.79 -11.43 -33.33
N GLY B 1206 9.56 -10.78 -32.19
CA GLY B 1206 8.21 -10.48 -31.77
C GLY B 1206 7.47 -9.58 -32.73
N ALA B 1207 8.15 -8.55 -33.23
CA ALA B 1207 7.53 -7.65 -34.20
C ALA B 1207 7.24 -8.37 -35.51
N PHE B 1208 8.15 -9.23 -35.96
CA PHE B 1208 7.93 -9.97 -37.19
C PHE B 1208 6.73 -10.90 -37.06
N ILE B 1209 6.67 -11.66 -35.97
CA ILE B 1209 5.55 -12.57 -35.76
C ILE B 1209 4.26 -11.78 -35.58
N GLN B 1210 4.33 -10.66 -34.87
CA GLN B 1210 3.15 -9.80 -34.71
C GLN B 1210 2.70 -9.25 -36.06
N GLY B 1211 3.65 -8.81 -36.89
CA GLY B 1211 3.29 -8.37 -38.22
C GLY B 1211 2.78 -9.51 -39.08
N MET B 1212 3.40 -10.69 -38.96
CA MET B 1212 2.96 -11.86 -39.71
C MET B 1212 1.47 -12.11 -39.51
N GLY B 1213 1.06 -12.26 -38.25
CA GLY B 1213 -0.35 -12.49 -37.95
C GLY B 1213 -1.26 -11.40 -38.50
N LEU B 1214 -0.78 -10.15 -38.49
CA LEU B 1214 -1.56 -9.05 -39.06
C LEU B 1214 -1.86 -9.29 -40.53
N TYR B 1215 -0.92 -9.90 -41.26
CA TYR B 1215 -1.06 -10.09 -42.70
C TYR B 1215 -1.65 -11.44 -43.08
N THR B 1216 -1.82 -12.38 -42.15
CA THR B 1216 -2.30 -13.69 -42.57
C THR B 1216 -3.51 -14.20 -41.78
N ILE B 1217 -3.42 -14.35 -40.47
CA ILE B 1217 -4.42 -15.10 -39.71
C ILE B 1217 -5.26 -14.21 -38.80
N GLU B 1218 -4.74 -13.09 -38.32
CA GLU B 1218 -5.51 -12.25 -37.41
C GLU B 1218 -6.61 -11.54 -38.17
N GLU B 1219 -7.85 -11.73 -37.74
CA GLU B 1219 -9.01 -11.28 -38.49
C GLU B 1219 -10.14 -10.94 -37.53
N LEU B 1220 -10.66 -9.71 -37.64
CA LEU B 1220 -11.81 -9.27 -36.87
C LEU B 1220 -13.05 -9.26 -37.76
N ASN B 1221 -14.14 -9.82 -37.25
CA ASN B 1221 -15.38 -9.95 -38.02
C ASN B 1221 -16.48 -9.18 -37.32
N TYR B 1222 -17.13 -8.28 -38.06
CA TYR B 1222 -18.24 -7.50 -37.57
C TYR B 1222 -19.49 -7.81 -38.37
N SER B 1223 -20.64 -7.71 -37.72
CA SER B 1223 -21.92 -7.96 -38.35
C SER B 1223 -22.43 -6.72 -39.05
N PRO B 1224 -23.41 -6.86 -39.95
CA PRO B 1224 -24.03 -5.66 -40.55
C PRO B 1224 -24.63 -4.71 -39.53
N GLN B 1225 -24.90 -5.18 -38.32
CA GLN B 1225 -25.35 -4.32 -37.23
C GLN B 1225 -24.20 -3.73 -36.43
N GLY B 1226 -22.95 -4.04 -36.79
CA GLY B 1226 -21.81 -3.46 -36.12
C GLY B 1226 -21.34 -4.19 -34.88
N ILE B 1227 -21.72 -5.46 -34.71
CA ILE B 1227 -21.38 -6.23 -33.53
C ILE B 1227 -20.15 -7.07 -33.83
N LEU B 1228 -19.15 -7.01 -32.95
CA LEU B 1228 -17.96 -7.82 -33.10
C LEU B 1228 -18.26 -9.28 -32.74
N HIS B 1229 -18.04 -10.18 -33.69
CA HIS B 1229 -18.28 -11.60 -33.49
C HIS B 1229 -17.05 -12.25 -32.84
N THR B 1230 -17.29 -13.08 -31.82
CA THR B 1230 -16.21 -13.60 -31.01
C THR B 1230 -16.33 -15.09 -30.70
N ARG B 1231 -17.30 -15.81 -31.27
CA ARG B 1231 -17.55 -17.20 -30.93
C ARG B 1231 -17.30 -18.10 -32.13
N GLY B 1232 -16.89 -19.33 -31.83
CA GLY B 1232 -16.67 -20.34 -32.84
C GLY B 1232 -15.52 -20.02 -33.76
N PRO B 1233 -15.71 -20.28 -35.06
CA PRO B 1233 -14.66 -19.95 -36.04
C PRO B 1233 -14.38 -18.45 -36.14
N ASP B 1234 -15.18 -17.60 -35.51
CA ASP B 1234 -14.92 -16.17 -35.49
C ASP B 1234 -13.94 -15.78 -34.39
N GLN B 1235 -13.43 -16.73 -33.61
CA GLN B 1235 -12.49 -16.42 -32.54
C GLN B 1235 -11.21 -15.84 -33.11
N TYR B 1236 -10.67 -14.84 -32.42
CA TYR B 1236 -9.46 -14.16 -32.86
C TYR B 1236 -8.25 -15.04 -32.58
N LYS B 1237 -7.37 -15.18 -33.57
CA LYS B 1237 -6.22 -16.08 -33.47
C LYS B 1237 -4.94 -15.29 -33.69
N ILE B 1238 -4.11 -15.22 -32.65
CA ILE B 1238 -2.77 -14.67 -32.77
C ILE B 1238 -1.82 -15.83 -33.10
N PRO B 1239 -0.64 -15.57 -33.67
CA PRO B 1239 0.25 -16.68 -34.03
C PRO B 1239 0.65 -17.52 -32.82
N ALA B 1240 0.62 -18.83 -33.00
CA ALA B 1240 1.07 -19.81 -32.02
C ALA B 1240 2.41 -20.38 -32.46
N ILE B 1241 2.83 -21.48 -31.81
CA ILE B 1241 4.07 -22.12 -32.18
C ILE B 1241 3.99 -22.69 -33.60
N CYS B 1242 2.84 -23.27 -33.96
CA CYS B 1242 2.69 -23.86 -35.28
C CYS B 1242 2.77 -22.81 -36.38
N ASP B 1243 2.45 -21.55 -36.07
CA ASP B 1243 2.53 -20.48 -37.05
C ASP B 1243 3.96 -19.96 -37.25
N MET B 1244 4.84 -20.19 -36.27
CA MET B 1244 6.20 -19.70 -36.38
C MET B 1244 6.92 -20.41 -37.54
N PRO B 1245 7.75 -19.70 -38.30
CA PRO B 1245 8.47 -20.34 -39.41
C PRO B 1245 9.31 -21.51 -38.94
N THR B 1246 9.40 -22.54 -39.80
CA THR B 1246 10.21 -23.70 -39.48
C THR B 1246 11.69 -23.32 -39.34
N GLU B 1247 12.19 -22.50 -40.25
CA GLU B 1247 13.57 -22.03 -40.23
C GLU B 1247 13.57 -20.52 -40.11
N LEU B 1248 14.42 -19.99 -39.23
CA LEU B 1248 14.45 -18.56 -38.95
C LEU B 1248 15.89 -18.11 -38.75
N HIS B 1249 16.43 -17.42 -39.75
CA HIS B 1249 17.78 -16.85 -39.69
C HIS B 1249 17.67 -15.34 -39.52
N ILE B 1250 18.39 -14.81 -38.54
CA ILE B 1250 18.38 -13.38 -38.24
C ILE B 1250 19.82 -12.90 -38.09
N ALA B 1251 20.15 -11.81 -38.78
CA ALA B 1251 21.49 -11.26 -38.76
C ALA B 1251 21.41 -9.75 -38.57
N LEU B 1252 22.27 -9.23 -37.71
CA LEU B 1252 22.39 -7.79 -37.49
C LEU B 1252 23.58 -7.27 -38.29
N LEU B 1253 23.36 -6.17 -39.01
CA LEU B 1253 24.43 -5.60 -39.82
C LEU B 1253 25.58 -5.15 -38.92
N PRO B 1254 26.83 -5.42 -39.31
CA PRO B 1254 27.97 -4.77 -38.66
C PRO B 1254 27.75 -3.27 -38.56
N PRO B 1255 28.07 -2.66 -37.43
CA PRO B 1255 27.55 -1.32 -37.12
C PRO B 1255 28.22 -0.22 -37.94
N SER B 1256 27.45 0.84 -38.16
CA SER B 1256 27.95 2.12 -38.61
C SER B 1256 27.88 3.09 -37.43
N GLN B 1257 28.29 4.34 -37.66
CA GLN B 1257 28.35 5.34 -36.61
C GLN B 1257 27.15 6.27 -36.68
N ASN B 1258 26.49 6.45 -35.52
CA ASN B 1258 25.34 7.33 -35.38
C ASN B 1258 25.54 8.15 -34.11
N SER B 1259 26.47 9.11 -34.18
CA SER B 1259 26.89 9.86 -33.00
C SER B 1259 25.74 10.61 -32.34
N ASN B 1260 24.66 10.89 -33.06
CA ASN B 1260 23.56 11.66 -32.50
C ASN B 1260 22.77 10.85 -31.47
N THR B 1261 22.72 9.53 -31.62
CA THR B 1261 21.92 8.68 -30.76
C THR B 1261 22.78 8.10 -29.63
N LEU B 1262 22.10 7.52 -28.65
CA LEU B 1262 22.74 6.92 -27.49
C LEU B 1262 23.60 5.73 -27.88
N TYR B 1263 24.93 5.89 -27.77
CA TYR B 1263 25.89 4.84 -28.08
C TYR B 1263 25.74 4.31 -29.50
N SER B 1264 25.37 5.20 -30.43
CA SER B 1264 25.23 4.86 -31.85
C SER B 1264 24.23 3.72 -32.07
N SER B 1265 23.19 3.69 -31.26
CA SER B 1265 22.16 2.68 -31.36
C SER B 1265 20.94 3.21 -32.10
N LYS B 1266 20.07 2.30 -32.51
CA LYS B 1266 18.83 2.62 -33.19
C LYS B 1266 17.68 1.92 -32.49
N GLY B 1267 16.62 2.67 -32.18
CA GLY B 1267 15.44 2.07 -31.56
C GLY B 1267 14.68 1.25 -32.59
N LEU B 1268 14.50 -0.05 -32.33
CA LEU B 1268 13.98 -0.96 -33.34
C LEU B 1268 12.79 -1.77 -32.84
N GLY B 1269 12.04 -1.27 -31.85
CA GLY B 1269 10.92 -2.03 -31.32
C GLY B 1269 9.70 -2.03 -32.21
N GLU B 1270 9.66 -1.15 -33.20
CA GLU B 1270 8.52 -1.04 -34.11
C GLU B 1270 8.82 -1.53 -35.51
N SER B 1271 10.08 -1.79 -35.85
CA SER B 1271 10.45 -1.91 -37.26
C SER B 1271 10.01 -3.24 -37.85
N GLY B 1272 10.15 -4.33 -37.10
CA GLY B 1272 9.98 -5.66 -37.66
C GLY B 1272 8.57 -6.04 -38.03
N VAL B 1273 7.58 -5.19 -37.71
CA VAL B 1273 6.19 -5.55 -37.98
C VAL B 1273 5.95 -5.65 -39.48
N PHE B 1274 6.46 -4.69 -40.26
CA PHE B 1274 6.24 -4.71 -41.70
C PHE B 1274 6.93 -5.90 -42.36
N LEU B 1275 8.04 -6.38 -41.79
CA LEU B 1275 8.76 -7.51 -42.37
C LEU B 1275 7.91 -8.77 -42.40
N GLY B 1276 6.81 -8.81 -41.66
CA GLY B 1276 5.90 -9.94 -41.73
C GLY B 1276 5.18 -10.07 -43.05
N CYS B 1277 5.05 -8.96 -43.80
CA CYS B 1277 4.42 -9.02 -45.10
C CYS B 1277 5.24 -9.77 -46.14
N SER B 1278 6.50 -10.09 -45.83
CA SER B 1278 7.25 -11.01 -46.68
C SER B 1278 6.57 -12.36 -46.76
N VAL B 1279 5.91 -12.79 -45.69
CA VAL B 1279 5.07 -13.98 -45.73
C VAL B 1279 3.84 -13.73 -46.60
N PHE B 1280 3.26 -12.53 -46.48
CA PHE B 1280 2.08 -12.17 -47.27
C PHE B 1280 2.36 -12.31 -48.76
N PHE B 1281 3.45 -11.71 -49.23
CA PHE B 1281 3.78 -11.74 -50.65
C PHE B 1281 4.43 -13.05 -51.07
N ALA B 1282 4.84 -13.89 -50.12
CA ALA B 1282 5.23 -15.25 -50.47
C ALA B 1282 3.99 -16.09 -50.78
N ILE B 1283 2.93 -15.93 -50.00
CA ILE B 1283 1.65 -16.55 -50.33
C ILE B 1283 1.12 -16.00 -51.65
N HIS B 1284 1.28 -14.69 -51.87
CA HIS B 1284 0.89 -14.08 -53.13
C HIS B 1284 1.65 -14.71 -54.30
N ASP B 1285 2.92 -15.04 -54.08
CA ASP B 1285 3.71 -15.68 -55.13
C ASP B 1285 3.17 -17.07 -55.45
N ALA B 1286 2.86 -17.86 -54.41
CA ALA B 1286 2.35 -19.20 -54.63
C ALA B 1286 0.98 -19.18 -55.29
N VAL B 1287 0.12 -18.26 -54.87
CA VAL B 1287 -1.21 -18.14 -55.49
C VAL B 1287 -1.07 -17.75 -56.95
N SER B 1288 -0.11 -16.87 -57.26
CA SER B 1288 0.13 -16.49 -58.66
C SER B 1288 0.56 -17.70 -59.49
N ALA B 1289 1.40 -18.56 -58.92
CA ALA B 1289 1.89 -19.72 -59.66
C ALA B 1289 0.75 -20.65 -60.04
N ALA B 1290 -0.21 -20.85 -59.14
CA ALA B 1290 -1.36 -21.68 -59.44
C ALA B 1290 -2.26 -21.03 -60.48
N ARG B 1291 -2.53 -19.72 -60.32
CA ARG B 1291 -3.38 -19.01 -61.26
C ARG B 1291 -2.73 -18.92 -62.64
N GLN B 1292 -1.40 -18.73 -62.67
CA GLN B 1292 -0.70 -18.66 -63.95
C GLN B 1292 -0.73 -20.01 -64.66
N GLU B 1293 -0.47 -21.09 -63.92
CA GLU B 1293 -0.53 -22.42 -64.52
C GLU B 1293 -1.93 -22.75 -65.01
N ARG B 1294 -2.96 -22.28 -64.31
CA ARG B 1294 -4.34 -22.55 -64.66
C ARG B 1294 -4.92 -21.56 -65.67
N GLY B 1295 -4.13 -20.58 -66.10
CA GLY B 1295 -4.57 -19.66 -67.14
C GLY B 1295 -5.59 -18.64 -66.70
N LEU B 1296 -5.40 -18.03 -65.53
CA LEU B 1296 -6.30 -16.99 -65.02
C LEU B 1296 -5.49 -15.71 -64.87
N HIS B 1297 -5.55 -14.86 -65.89
CA HIS B 1297 -4.79 -13.61 -65.90
C HIS B 1297 -5.65 -12.46 -65.41
N GLY B 1298 -5.02 -11.30 -65.25
CA GLY B 1298 -5.75 -10.08 -65.02
C GLY B 1298 -5.62 -9.54 -63.61
N PRO B 1299 -6.76 -9.13 -63.02
CA PRO B 1299 -6.70 -8.40 -61.75
C PRO B 1299 -6.65 -9.32 -60.53
N LEU B 1300 -5.45 -9.69 -60.10
CA LEU B 1300 -5.27 -10.45 -58.86
C LEU B 1300 -4.83 -9.49 -57.77
N THR B 1301 -5.78 -9.10 -56.91
CA THR B 1301 -5.50 -8.27 -55.75
C THR B 1301 -5.94 -9.03 -54.50
N LEU B 1302 -4.98 -9.50 -53.72
CA LEU B 1302 -5.25 -10.23 -52.49
C LEU B 1302 -5.20 -9.25 -51.32
N ASN B 1303 -6.30 -9.13 -50.60
CA ASN B 1303 -6.37 -8.21 -49.48
C ASN B 1303 -5.79 -8.83 -48.22
N SER B 1304 -5.43 -7.97 -47.27
CA SER B 1304 -4.93 -8.39 -45.98
C SER B 1304 -6.04 -8.33 -44.94
N PRO B 1305 -6.14 -9.33 -44.04
CA PRO B 1305 -5.24 -10.48 -43.90
C PRO B 1305 -5.49 -11.58 -44.93
N LEU B 1306 -4.41 -12.25 -45.35
CA LEU B 1306 -4.49 -13.37 -46.29
C LEU B 1306 -4.88 -14.63 -45.51
N THR B 1307 -6.17 -14.77 -45.27
CA THR B 1307 -6.71 -15.89 -44.53
C THR B 1307 -6.79 -17.13 -45.43
N PRO B 1308 -6.98 -18.32 -44.84
CA PRO B 1308 -7.25 -19.49 -45.68
C PRO B 1308 -8.45 -19.30 -46.60
N GLU B 1309 -9.42 -18.47 -46.19
CA GLU B 1309 -10.57 -18.18 -47.05
C GLU B 1309 -10.13 -17.45 -48.31
N LYS B 1310 -9.30 -16.41 -48.16
CA LYS B 1310 -8.86 -15.64 -49.31
C LYS B 1310 -7.87 -16.42 -50.18
N ILE B 1311 -7.04 -17.27 -49.57
CA ILE B 1311 -6.10 -18.07 -50.33
C ILE B 1311 -6.84 -19.09 -51.18
N ARG B 1312 -7.83 -19.77 -50.59
CA ARG B 1312 -8.53 -20.84 -51.30
C ARG B 1312 -9.32 -20.30 -52.48
N MET B 1313 -10.03 -19.18 -52.30
CA MET B 1313 -10.87 -18.65 -53.37
C MET B 1313 -10.06 -18.08 -54.52
N ALA B 1314 -8.82 -17.65 -54.28
CA ALA B 1314 -7.99 -17.17 -55.37
C ALA B 1314 -7.48 -18.32 -56.24
N CYS B 1315 -7.34 -19.51 -55.66
CA CYS B 1315 -6.95 -20.70 -56.41
C CYS B 1315 -8.18 -21.32 -57.05
N GLU B 1316 -8.67 -20.65 -58.09
CA GLU B 1316 -9.90 -21.08 -58.76
C GLU B 1316 -9.67 -22.39 -59.51
N ASP B 1317 -10.69 -23.25 -59.51
CA ASP B 1317 -10.61 -24.54 -60.15
C ASP B 1317 -12.01 -25.00 -60.50
N LYS B 1318 -12.19 -26.30 -60.75
CA LYS B 1318 -13.52 -26.83 -61.04
C LYS B 1318 -14.44 -26.66 -59.85
N PHE B 1319 -13.90 -26.66 -58.63
CA PHE B 1319 -14.72 -26.62 -57.43
C PHE B 1319 -15.25 -25.22 -57.15
N THR B 1320 -14.37 -24.21 -57.21
CA THR B 1320 -14.83 -22.84 -56.99
C THR B 1320 -15.81 -22.39 -58.07
N LYS B 1321 -15.64 -22.90 -59.29
CA LYS B 1321 -16.56 -22.57 -60.37
C LYS B 1321 -17.90 -23.28 -60.22
N MET B 1322 -17.96 -24.34 -59.42
CA MET B 1322 -19.12 -25.21 -59.36
C MET B 1322 -20.07 -24.89 -58.22
N ILE B 1323 -19.57 -24.32 -57.12
CA ILE B 1323 -20.38 -24.09 -55.92
C ILE B 1323 -21.56 -23.17 -56.23
N PRO B 1324 -22.67 -23.31 -55.52
CA PRO B 1324 -23.78 -22.35 -55.69
C PRO B 1324 -23.44 -21.01 -55.07
N ARG B 1325 -24.07 -19.97 -55.60
CA ARG B 1325 -23.84 -18.61 -55.13
C ARG B 1325 -25.17 -17.88 -55.03
N ASP B 1326 -25.28 -17.02 -54.02
CA ASP B 1326 -26.45 -16.18 -53.82
C ASP B 1326 -26.17 -14.80 -54.39
N GLU B 1327 -27.19 -14.21 -55.01
CA GLU B 1327 -27.05 -12.85 -55.54
C GLU B 1327 -26.96 -11.87 -54.38
N PRO B 1328 -26.10 -10.85 -54.48
CA PRO B 1328 -25.95 -9.90 -53.37
C PRO B 1328 -27.24 -9.13 -53.12
N GLY B 1329 -27.56 -8.96 -51.84
CA GLY B 1329 -28.76 -8.25 -51.43
C GLY B 1329 -29.95 -9.13 -51.12
N SER B 1330 -29.93 -10.39 -51.51
CA SER B 1330 -31.03 -11.32 -51.26
C SER B 1330 -30.97 -11.94 -49.87
N TYR B 1331 -30.03 -11.50 -49.02
CA TYR B 1331 -29.84 -12.07 -47.70
C TYR B 1331 -29.00 -11.11 -46.87
N VAL B 1332 -29.20 -11.15 -45.56
CA VAL B 1332 -28.42 -10.35 -44.63
C VAL B 1332 -27.29 -11.24 -44.08
N PRO B 1333 -26.04 -10.99 -44.42
CA PRO B 1333 -24.97 -11.93 -44.07
C PRO B 1333 -24.56 -11.83 -42.60
N TRP B 1334 -23.81 -12.84 -42.17
CA TRP B 1334 -23.30 -12.86 -40.81
C TRP B 1334 -22.21 -11.82 -40.61
N ASN B 1335 -21.30 -11.70 -41.56
CA ASN B 1335 -20.20 -10.74 -41.49
C ASN B 1335 -20.21 -9.85 -42.73
N VAL B 1336 -19.72 -8.62 -42.56
CA VAL B 1336 -19.60 -7.69 -43.68
C VAL B 1336 -18.24 -7.86 -44.35
FE1 FES C . -1.05 17.71 21.63
FE2 FES C . 1.13 16.84 20.31
S1 FES C . 0.14 15.91 22.05
S2 FES C . -0.21 18.50 19.75
FE1 FES D . -5.20 7.27 27.07
FE2 FES D . -7.43 5.78 26.91
S1 FES D . -7.10 7.58 28.14
S2 FES D . -5.66 5.69 25.60
N1 MTE E . 7.72 20.17 18.50
C2 MTE E . 6.81 19.20 18.48
N2 MTE E . 5.52 19.50 18.34
N3 MTE E . 7.16 17.88 18.58
C4 MTE E . 8.47 17.48 18.72
O4 MTE E . 8.72 16.28 18.82
N5 MTE E . 10.78 18.20 18.92
C6 MTE E . 11.72 19.24 19.28
C7 MTE E . 11.36 20.53 18.52
N8 MTE E . 9.95 20.82 18.68
C9 MTE E . 9.44 18.49 18.77
C10 MTE E . 9.03 19.82 18.65
C1' MTE E . 13.12 18.83 18.93
S1' MTE E . 13.87 17.54 19.84
C2' MTE E . 13.81 19.44 17.91
S2' MTE E . 15.54 19.17 17.73
C3' MTE E . 13.12 20.34 16.93
O3' MTE E . 11.70 20.40 17.14
C4' MTE E . 13.36 19.87 15.50
O4' MTE E . 12.68 20.68 14.51
P MTE E . 13.20 22.19 14.21
O1P MTE E . 12.76 23.03 15.39
O2P MTE E . 14.70 22.09 14.08
O3P MTE E . 12.51 22.61 12.93
MO MOS F . 16.12 17.22 19.03
S MOS F . 17.01 15.81 20.69
O1 MOS F . 17.86 17.49 18.39
O2 MOS F . 15.95 15.76 17.90
PA FAD G . -15.70 -1.36 38.17
O1A FAD G . -14.33 -1.42 37.57
O2A FAD G . -16.86 -1.49 37.25
O5B FAD G . -15.82 -2.45 39.34
C5B FAD G . -14.86 -2.44 40.42
C4B FAD G . -15.32 -3.39 41.50
O4B FAD G . -16.59 -2.92 42.02
C3B FAD G . -15.55 -4.85 41.07
O3B FAD G . -15.13 -5.73 42.11
C2B FAD G . -17.08 -4.91 40.95
O2B FAD G . -17.62 -6.21 41.05
C1B FAD G . -17.47 -4.02 42.12
N9A FAD G . -18.84 -3.49 42.04
C8A FAD G . -19.29 -2.47 41.24
N7A FAD G . -20.56 -2.22 41.40
C5A FAD G . -20.97 -3.14 42.37
C6A FAD G . -22.22 -3.39 42.98
N6A FAD G . -23.33 -2.71 42.69
N1A FAD G . -22.28 -4.38 43.90
C2A FAD G . -21.15 -5.06 44.18
N3A FAD G . -19.92 -4.91 43.68
C4A FAD G . -19.91 -3.92 42.76
N1 FAD G . -9.93 7.24 42.51
C2 FAD G . -9.76 8.24 43.41
O2 FAD G . -10.21 8.15 44.56
N3 FAD G . -9.10 9.38 43.10
C4 FAD G . -8.56 9.59 41.85
O4 FAD G . -7.96 10.64 41.61
C4X FAD G . -8.70 8.58 40.89
N5 FAD G . -8.20 8.75 39.70
C5X FAD G . -8.36 7.75 38.79
C6 FAD G . -7.81 7.93 37.50
C7 FAD G . -7.93 6.96 36.53
C7M FAD G . -7.32 7.18 35.16
C8 FAD G . -8.61 5.75 36.83
C8M FAD G . -8.76 4.68 35.78
C9 FAD G . -9.15 5.57 38.08
C9A FAD G . -9.04 6.55 39.09
N10 FAD G . -9.57 6.40 40.36
C10 FAD G . -9.42 7.39 41.31
C1' FAD G . -10.28 5.15 40.71
C2' FAD G . -11.76 5.19 40.37
O2' FAD G . -12.42 6.19 41.15
C3' FAD G . -12.40 3.82 40.62
O3' FAD G . -11.69 2.84 39.87
C4' FAD G . -13.88 3.75 40.25
O4' FAD G . -14.63 4.62 41.09
C5' FAD G . -14.43 2.34 40.34
O5' FAD G . -15.80 2.34 39.85
P FAD G . -16.16 1.51 38.51
O1P FAD G . -15.20 1.90 37.44
O2P FAD G . -17.62 1.66 38.26
O3P FAD G . -15.86 0.01 38.98
C1 MLI H . 4.07 7.77 9.13
C2 MLI H . 4.55 6.97 7.91
C3 MLI H . 2.66 8.30 8.86
O6 MLI H . 5.19 5.90 8.07
O7 MLI H . 4.31 7.39 6.74
O8 MLI H . 2.39 9.50 9.09
O9 MLI H . 1.78 7.52 8.41
C1 MLI I . -19.57 3.37 28.62
C2 MLI I . -20.20 4.46 29.48
C3 MLI I . -19.91 2.00 29.21
O6 MLI I . -19.45 5.22 30.14
O7 MLI I . -21.45 4.59 29.51
O8 MLI I . -19.10 1.42 29.97
O9 MLI I . -21.01 1.45 28.93
C1 MLI J . 34.25 19.44 43.40
C2 MLI J . 35.21 18.46 44.09
C3 MLI J . 35.00 20.26 42.36
O6 MLI J . 34.92 17.99 45.22
O7 MLI J . 36.27 18.14 43.51
O8 MLI J . 35.86 21.10 42.73
O9 MLI J . 34.77 20.08 41.13
C1 RAL K . 23.48 11.42 15.52
C2 RAL K . 22.87 11.92 16.64
C3 RAL K . 22.01 11.13 17.41
O3 RAL K . 21.45 11.69 18.52
C4 RAL K . 21.76 9.82 17.07
C5 RAL K . 22.37 9.31 15.93
S6 RAL K . 22.20 7.70 15.29
C7 RAL K . 23.22 8.05 13.93
C8 RAL K . 23.43 6.99 12.92
C9 RAL K . 23.61 5.67 13.30
C10 RAL K . 23.80 4.65 12.37
C11 RAL K . 23.78 4.96 11.02
O11 RAL K . 23.96 3.98 10.09
C12 RAL K . 23.59 6.28 10.62
C13 RAL K . 23.41 7.27 11.57
C14 RAL K . 23.23 10.10 15.13
C15 RAL K . 23.75 9.33 14.00
C16 RAL K . 24.78 9.80 13.08
O16 RAL K . 24.58 10.85 12.47
C17 RAL K . 26.10 9.13 12.86
C18 RAL K . 26.47 8.07 13.68
C19 RAL K . 27.68 7.43 13.51
C20 RAL K . 28.54 7.85 12.50
C21 RAL K . 28.19 8.90 11.67
C22 RAL K . 26.97 9.54 11.85
O23 RAL K . 29.73 7.18 12.38
C24 RAL K . 30.31 7.09 11.07
C25 RAL K . 30.86 5.70 10.91
N26 RAL K . 29.87 4.67 10.50
C27 RAL K . 28.77 4.55 11.47
C28 RAL K . 27.73 3.57 10.98
C29 RAL K . 28.34 2.21 10.74
C30 RAL K . 29.52 2.35 9.79
C31 RAL K . 30.51 3.38 10.30
C1 RAL L . -17.11 26.03 78.18
C2 RAL L . -18.40 25.92 77.71
C3 RAL L . -18.67 25.77 76.34
O3 RAL L . -19.96 25.66 75.94
C4 RAL L . -17.64 25.73 75.43
C5 RAL L . -16.32 25.84 75.90
S6 RAL L . -14.88 25.82 74.95
C7 RAL L . -13.85 25.91 76.35
C8 RAL L . -12.40 25.79 76.16
C9 RAL L . -11.81 26.16 74.95
C10 RAL L . -10.44 26.06 74.75
C11 RAL L . -9.63 25.55 75.76
O11 RAL L . -8.28 25.44 75.57
C12 RAL L . -10.20 25.17 76.97
C13 RAL L . -11.57 25.28 77.15
C14 RAL L . -16.05 25.99 77.27
C15 RAL L . -14.60 26.10 77.51
C16 RAL L . -14.01 26.41 78.82
O16 RAL L . -14.41 25.77 79.78
C17 RAL L . -13.00 27.47 79.07
C18 RAL L . -12.26 27.49 80.24
C19 RAL L . -11.32 28.46 80.48
C20 RAL L . -11.13 29.48 79.56
C21 RAL L . -11.87 29.50 78.38
C22 RAL L . -12.79 28.50 78.15
O23 RAL L . -10.19 30.45 79.81
C24 RAL L . -10.40 31.74 79.24
C25 RAL L . -9.05 32.40 79.12
N26 RAL L . -8.19 32.20 80.29
C27 RAL L . -8.21 33.36 81.18
C28 RAL L . -7.36 33.13 82.42
C29 RAL L . -5.94 32.79 82.04
C30 RAL L . -5.93 31.62 81.08
C31 RAL L . -6.81 31.91 79.88
FE1 FES M . 4.91 -13.89 -23.55
FE2 FES M . 4.95 -11.21 -23.28
S1 FES M . 6.56 -12.63 -22.84
S2 FES M . 3.22 -12.48 -23.74
FE1 FES N . -6.45 -18.27 -20.75
FE2 FES N . -7.33 -19.89 -18.81
S1 FES N . -6.40 -20.47 -20.72
S2 FES N . -7.07 -17.70 -18.72
N1 MTE O . 7.78 -5.25 -26.74
C2 MTE O . 7.06 -5.86 -25.81
N2 MTE O . 7.49 -6.99 -25.25
N3 MTE O . 5.84 -5.36 -25.39
C4 MTE O . 5.32 -4.19 -25.92
O4 MTE O . 4.22 -3.80 -25.51
N5 MTE O . 5.64 -2.37 -27.49
C6 MTE O . 6.22 -1.95 -28.75
C7 MTE O . 7.75 -2.14 -28.68
N8 MTE O . 8.06 -3.48 -28.23
C9 MTE O . 6.07 -3.55 -26.90
C10 MTE O . 7.30 -4.08 -27.29
C1' MTE O . 5.91 -0.50 -29.01
S1' MTE O . 4.27 -0.08 -29.48
C2' MTE O . 6.87 0.46 -28.90
S2' MTE O . 6.56 2.10 -29.46
C3' MTE O . 8.22 0.16 -28.29
O3' MTE O . 8.31 -1.18 -27.79
C4' MTE O . 8.50 1.11 -27.14
O4' MTE O . 9.75 0.80 -26.45
P MTE O . 11.17 1.10 -27.17
O1P MTE O . 12.21 0.96 -26.07
O2P MTE O . 11.06 2.51 -27.71
O3P MTE O . 11.33 0.05 -28.26
MO MOS P . 4.19 2.29 -29.86
S MOS P . 2.03 2.61 -30.74
O1 MOS P . 4.73 3.88 -30.66
O2 MOS P . 3.66 3.22 -28.33
PA FAD Q . -18.31 -31.09 -19.89
O1A FAD Q . -17.85 -31.60 -18.56
O2A FAD Q . -18.25 -29.62 -20.15
O5B FAD Q . -19.80 -31.61 -20.16
C5B FAD Q . -20.48 -31.21 -21.38
C4B FAD Q . -21.80 -31.94 -21.49
O4B FAD Q . -21.53 -33.37 -21.49
C3B FAD Q . -22.81 -31.72 -20.34
O3B FAD Q . -24.12 -31.63 -20.87
C2B FAD Q . -22.67 -33.01 -19.53
O2B FAD Q . -23.79 -33.30 -18.72
C1B FAD Q . -22.45 -34.02 -20.65
N9A FAD Q . -21.84 -35.27 -20.21
C8A FAD Q . -20.52 -35.50 -19.93
N7A FAD Q . -20.29 -36.73 -19.56
C5A FAD Q . -21.53 -37.36 -19.62
C6A FAD Q . -21.94 -38.67 -19.35
N6A FAD Q . -21.13 -39.64 -18.95
N1A FAD Q . -23.26 -38.95 -19.51
C2A FAD Q . -24.08 -37.97 -19.91
N3A FAD Q . -23.80 -36.70 -20.18
C4A FAD Q . -22.49 -36.46 -20.02
N1 FAD Q . -13.55 -29.55 -29.85
C2 FAD Q . -13.15 -30.00 -31.06
O2 FAD Q . -13.74 -30.91 -31.63
N3 FAD Q . -12.07 -29.47 -31.70
C4 FAD Q . -11.33 -28.45 -31.16
O4 FAD Q . -10.37 -28.01 -31.77
C4X FAD Q . -11.72 -27.96 -29.90
N5 FAD Q . -11.03 -26.99 -29.37
C5X FAD Q . -11.42 -26.51 -28.15
C6 FAD Q . -10.69 -25.47 -27.57
C7 FAD Q . -11.04 -24.94 -26.34
C7M FAD Q . -10.22 -23.82 -25.74
C8 FAD Q . -12.15 -25.47 -25.65
C8M FAD Q . -12.55 -24.92 -24.30
C9 FAD Q . -12.88 -26.50 -26.20
C9A FAD Q . -12.54 -27.04 -27.46
N10 FAD Q . -13.25 -28.09 -28.06
C10 FAD Q . -12.87 -28.58 -29.29
C1' FAD Q . -14.43 -28.65 -27.37
C2' FAD Q . -14.08 -29.81 -26.46
O2' FAD Q . -13.59 -30.90 -27.22
C3' FAD Q . -15.32 -30.23 -25.66
O3' FAD Q . -15.81 -29.11 -24.93
C4' FAD Q . -15.08 -31.38 -24.69
O4' FAD Q . -14.74 -32.57 -25.41
C5' FAD Q . -16.28 -31.65 -23.80
O5' FAD Q . -15.93 -32.63 -22.79
P FAD Q . -15.95 -32.19 -21.24
O1P FAD Q . -15.59 -33.37 -20.41
O2P FAD Q . -15.17 -30.93 -21.09
O3P FAD Q . -17.51 -31.86 -21.03
C1 MLI R . -6.09 -9.76 -5.48
C2 MLI R . -6.50 -9.98 -6.94
C3 MLI R . -4.71 -10.34 -5.23
O6 MLI R . -6.08 -10.99 -7.57
O7 MLI R . -7.24 -9.14 -7.51
O8 MLI R . -4.52 -11.17 -4.30
O9 MLI R . -3.73 -9.99 -5.96
C1 RAL S . 0.04 10.99 -27.81
C2 RAL S . -0.11 9.83 -28.54
C3 RAL S . -1.18 8.96 -28.29
O3 RAL S . -1.28 7.83 -29.04
C4 RAL S . -2.11 9.24 -27.30
C5 RAL S . -1.95 10.41 -26.57
S6 RAL S . -2.98 10.97 -25.29
C7 RAL S . -2.01 12.38 -25.01
C8 RAL S . -2.41 13.30 -23.93
C9 RAL S . -3.76 13.60 -23.71
C10 RAL S . -4.16 14.45 -22.70
C11 RAL S . -3.21 15.01 -21.85
O11 RAL S . -3.59 15.85 -20.85
C12 RAL S . -1.86 14.72 -22.04
C13 RAL S . -1.48 13.87 -23.06
C14 RAL S . -0.88 11.29 -26.80
C15 RAL S . -0.95 12.45 -25.91
C16 RAL S . -0.05 13.61 -25.97
O16 RAL S . 1.16 13.41 -25.83
C17 RAL S . -0.51 15.00 -26.26
C18 RAL S . -1.82 15.23 -26.65
C19 RAL S . -2.27 16.50 -26.92
C20 RAL S . -1.42 17.57 -26.77
C21 RAL S . -0.11 17.38 -26.38
C22 RAL S . 0.34 16.09 -26.12
O23 RAL S . -1.91 18.82 -27.04
C24 RAL S . -1.52 19.87 -26.15
C25 RAL S . -2.74 20.75 -25.96
N26 RAL S . -3.00 21.09 -24.56
C27 RAL S . -1.78 21.61 -23.91
C28 RAL S . -2.11 22.53 -22.77
C29 RAL S . -2.76 23.80 -23.26
C30 RAL S . -3.60 23.49 -24.49
C31 RAL S . -4.10 22.06 -24.43
C1 RAL T . -13.41 -55.36 -61.95
C2 RAL T . -13.11 -56.30 -60.98
C3 RAL T . -12.60 -55.90 -59.74
O3 RAL T . -12.33 -56.87 -58.82
C4 RAL T . -12.38 -54.58 -59.45
C5 RAL T . -12.68 -53.62 -60.43
S6 RAL T . -12.47 -51.90 -60.30
C7 RAL T . -13.17 -51.63 -61.87
C8 RAL T . -13.35 -50.24 -62.33
C9 RAL T . -12.49 -49.23 -61.91
C10 RAL T . -12.66 -47.92 -62.33
C11 RAL T . -13.71 -47.60 -63.19
O11 RAL T . -13.88 -46.31 -63.61
C12 RAL T . -14.58 -48.59 -63.61
C13 RAL T . -14.40 -49.89 -63.18
C14 RAL T . -13.20 -54.01 -61.69
C15 RAL T . -13.40 -52.83 -62.54
C16 RAL T . -13.76 -52.90 -63.97
O16 RAL T . -14.72 -53.59 -64.28
C17 RAL T . -12.98 -52.26 -65.06
C18 RAL T . -13.36 -52.41 -66.39
C19 RAL T . -12.62 -51.82 -67.41
C20 RAL T . -11.50 -51.06 -67.10
C21 RAL T . -11.09 -50.93 -65.79
C22 RAL T . -11.83 -51.52 -64.78
O23 RAL T . -10.75 -50.49 -68.09
C24 RAL T . -10.54 -51.27 -69.27
C25 RAL T . -9.97 -50.37 -70.32
N26 RAL T . -10.93 -49.38 -70.83
C27 RAL T . -10.99 -49.42 -72.29
C28 RAL T . -12.06 -48.47 -72.81
C29 RAL T . -11.79 -47.06 -72.35
C30 RAL T . -11.64 -47.03 -70.84
C31 RAL T . -10.60 -48.02 -70.38
#